data_6RPB
#
_entry.id   6RPB
#
_cell.length_a   75.342
_cell.length_b   77.134
_cell.length_c   184.632
_cell.angle_alpha   93.02
_cell.angle_beta   93.45
_cell.angle_gamma   108.16
#
_symmetry.space_group_name_H-M   'P 1'
#
loop_
_entity.id
_entity.type
_entity.pdbx_description
1 polymer 'HLA class I histocompatibility antigen, A-2 alpha chain'
2 polymer Beta-2-microglobulin
3 polymer 'Heteroclitic NY-ESO-1 157-165 peptide'
4 polymer 'T-cell receptor alpha chain'
5 polymer 'T-cell receptor beta chain'
6 water water
#
loop_
_entity_poly.entity_id
_entity_poly.type
_entity_poly.pdbx_seq_one_letter_code
_entity_poly.pdbx_strand_id
1 'polypeptide(L)'
;MGSHSMRYFFTSVSRPGRGEPRFIAVGYVDDTQFVRFDSDAASQRMEPRAPWIEQEGPEYWDGETRKVKAHSQTHRVDLG
TLRGYYNQSEAGSHTVQRMYGCDVGSDWRFLRGYHQYAYDGKDYIALKEDLRSWTAADMAAQTTKHKWEAAHVAEQLRAY
LEGTCVEWLRRYLENGKETLQRTDAPKTHMTHHAVSDHEATLRCWALSFYPAEITLTWQRDGEDQTQDTELVETRPAGDG
TFQKWAAVVVPSGQEQRYTCHVQHEGLPKPLTLRWEP
;
A,F,K,P
2 'polypeptide(L)'
;MIQRTPKIQVYSRHPAENGKSNFLNCYVSGFHPSDIEVDLLKNGERIEKVEHSDLSFSKDWSFYLLYYTEFTPTEKDEYA
CRVNHVTLSQPKIVKWDRDM
;
B,G,L,Q
3 'polypeptide(L)' SLLMWITQV C,H,M,R
4 'polypeptide(L)'
;MQKEVEQNSGPLSVPEGAIASLNCTYSDRGSQSFFWYRQYSGKSPELIMFIYSDGDKEDGRFTAQLNRASQYVSLLIRDS
QPSDSATYLCAVKSGGSYIPTFGRGTSLIVHPYIQNPDPAVYQLRDSKSSDKSVCLFTDFDSQTNVSQSKDSDVYITDKC
VLDMRSMDFKSNSAVAWSNKSDFACANAFNNSIIPEDTFFPSPESS
;
D,I,N,S
5 'polypeptide(L)'
;MNAGVTQTPKFQVLKTGQSMTLQCAQDMNHEYMSWYRQDPGMGLRLIHYSVGAGITDKGEVPNGYNVSRSTTEDFPLRLL
SAAPSQTSVYFCASSYLNRDSALDFGPGTRLTVLEDLKNVFPPEVAVFEPSEAEISHTQKATLVCLATGFYPDHVELSWW
VNGKEVHSGVCTDPQPLKEQPALNDSRYALSSRLRVSATFWQDPRNHFRCQVQFYGLSENDEWTQDRAKPVTQIVSAEAW
GRAD
;
E,J,O,T
#
# COMPACT_ATOMS: atom_id res chain seq x y z
N GLY A 2 28.23 -40.94 45.88
CA GLY A 2 29.41 -41.27 45.01
C GLY A 2 29.07 -41.10 43.53
N SER A 3 29.62 -42.00 42.71
CA SER A 3 29.38 -42.00 41.27
C SER A 3 27.98 -42.54 40.96
N HIS A 4 27.28 -41.92 40.00
CA HIS A 4 25.93 -42.34 39.60
C HIS A 4 25.76 -42.39 38.08
N SER A 5 24.70 -43.07 37.64
CA SER A 5 24.43 -43.27 36.21
C SER A 5 22.94 -43.41 35.91
N MET A 6 22.57 -43.10 34.66
CA MET A 6 21.22 -43.36 34.14
C MET A 6 21.38 -44.05 32.79
N ARG A 7 20.67 -45.15 32.60
CA ARG A 7 20.73 -45.92 31.36
C ARG A 7 19.33 -46.21 30.86
N TYR A 8 19.19 -46.30 29.54
CA TYR A 8 17.98 -46.79 28.90
C TYR A 8 18.36 -47.97 28.02
N PHE A 9 17.51 -48.99 28.01
CA PHE A 9 17.76 -50.22 27.27
C PHE A 9 16.55 -50.53 26.40
N PHE A 10 16.78 -50.72 25.10
CA PHE A 10 15.72 -50.92 24.13
C PHE A 10 15.94 -52.21 23.41
N THR A 11 14.89 -53.02 23.33
CA THR A 11 14.95 -54.31 22.66
C THR A 11 13.84 -54.32 21.62
N SER A 12 14.22 -54.61 20.39
CA SER A 12 13.32 -54.59 19.25
C SER A 12 13.48 -55.92 18.53
N VAL A 13 12.39 -56.66 18.39
CA VAL A 13 12.44 -58.02 17.84
C VAL A 13 11.37 -58.19 16.77
N SER A 14 11.79 -58.70 15.61
CA SER A 14 10.85 -58.94 14.51
C SER A 14 10.10 -60.24 14.69
N ARG A 15 8.87 -60.28 14.17
CA ARG A 15 7.98 -61.43 14.29
C ARG A 15 7.34 -61.75 12.93
N PRO A 16 8.09 -62.46 12.05
CA PRO A 16 7.65 -62.82 10.70
C PRO A 16 6.31 -63.54 10.63
N GLY A 17 5.41 -63.08 9.76
CA GLY A 17 4.07 -63.64 9.65
C GLY A 17 3.21 -63.56 10.90
N ARG A 18 3.59 -62.70 11.85
CA ARG A 18 2.80 -62.40 13.06
C ARG A 18 2.68 -60.88 13.24
N GLY A 19 2.79 -60.13 12.14
CA GLY A 19 2.63 -58.68 12.13
C GLY A 19 3.65 -57.90 12.95
N GLU A 20 3.15 -56.97 13.75
CA GLU A 20 3.93 -55.96 14.49
C GLU A 20 5.16 -56.55 15.21
N PRO A 21 6.32 -55.89 15.14
CA PRO A 21 7.47 -56.35 15.93
C PRO A 21 7.32 -56.00 17.41
N ARG A 22 8.05 -56.73 18.23
CA ARG A 22 8.02 -56.55 19.68
C ARG A 22 8.95 -55.42 20.04
N PHE A 23 8.50 -54.52 20.91
CA PHE A 23 9.35 -53.44 21.40
C PHE A 23 9.25 -53.32 22.91
N ILE A 24 10.39 -53.41 23.58
CA ILE A 24 10.47 -53.31 25.03
C ILE A 24 11.52 -52.27 25.36
N ALA A 25 11.20 -51.39 26.32
CA ALA A 25 12.13 -50.35 26.75
C ALA A 25 12.10 -50.23 28.25
N VAL A 26 13.28 -50.09 28.85
CA VAL A 26 13.44 -50.03 30.29
C VAL A 26 14.45 -48.96 30.67
N GLY A 27 14.13 -48.19 31.71
CA GLY A 27 15.03 -47.16 32.22
C GLY A 27 15.51 -47.47 33.63
N TYR A 28 16.82 -47.31 33.83
CA TYR A 28 17.47 -47.53 35.13
C TYR A 28 18.14 -46.27 35.64
N VAL A 29 18.13 -46.09 36.95
CA VAL A 29 19.07 -45.20 37.63
C VAL A 29 19.93 -46.09 38.54
N ASP A 30 21.23 -46.16 38.26
CA ASP A 30 22.15 -47.11 38.90
C ASP A 30 21.65 -48.56 38.66
N ASP A 31 21.39 -49.35 39.70
CA ASP A 31 20.83 -50.69 39.55
C ASP A 31 19.32 -50.76 39.85
N THR A 32 18.67 -49.61 39.97
CA THR A 32 17.23 -49.52 40.24
C THR A 32 16.47 -49.14 38.95
N GLN A 33 15.64 -50.06 38.47
CA GLN A 33 14.71 -49.79 37.37
C GLN A 33 13.62 -48.83 37.84
N PHE A 34 13.31 -47.82 37.02
CA PHE A 34 12.29 -46.81 37.35
C PHE A 34 11.17 -46.60 36.33
N VAL A 35 11.38 -46.98 35.07
CA VAL A 35 10.33 -46.88 34.04
C VAL A 35 10.41 -48.05 33.07
N ARG A 36 9.31 -48.31 32.38
CA ARG A 36 9.29 -49.31 31.32
C ARG A 36 8.20 -49.01 30.28
N PHE A 37 8.43 -49.54 29.08
CA PHE A 37 7.42 -49.59 28.03
C PHE A 37 7.50 -50.96 27.38
N ASP A 38 6.33 -51.51 27.04
CA ASP A 38 6.22 -52.79 26.36
C ASP A 38 5.13 -52.62 25.32
N SER A 39 5.45 -52.93 24.06
CA SER A 39 4.49 -52.82 22.97
C SER A 39 3.33 -53.82 23.12
N ASP A 40 3.60 -54.96 23.76
CA ASP A 40 2.57 -55.98 24.02
C ASP A 40 1.69 -55.73 25.24
N ALA A 41 2.11 -54.83 26.14
CA ALA A 41 1.29 -54.46 27.31
C ALA A 41 0.00 -53.73 26.90
N ALA A 42 -0.96 -53.68 27.83
CA ALA A 42 -2.28 -53.11 27.56
C ALA A 42 -2.25 -51.59 27.37
N SER A 43 -1.51 -50.90 28.23
CA SER A 43 -1.56 -49.43 28.33
C SER A 43 -1.12 -48.65 27.07
N GLN A 44 -0.06 -49.10 26.41
CA GLN A 44 0.62 -48.32 25.35
C GLN A 44 1.17 -46.99 25.90
N ARG A 45 1.63 -47.02 27.13
CA ARG A 45 2.16 -45.84 27.83
C ARG A 45 3.49 -46.22 28.46
N MET A 46 4.35 -45.23 28.66
CA MET A 46 5.50 -45.42 29.53
C MET A 46 4.95 -45.51 30.96
N GLU A 47 5.22 -46.62 31.63
CA GLU A 47 4.68 -46.90 32.96
C GLU A 47 5.75 -46.73 34.06
N PRO A 48 5.33 -46.35 35.28
CA PRO A 48 6.28 -46.27 36.38
C PRO A 48 6.62 -47.65 36.95
N ARG A 49 7.85 -47.80 37.43
CA ARG A 49 8.35 -49.04 38.05
C ARG A 49 9.10 -48.73 39.35
N ALA A 50 8.70 -47.67 40.03
CA ALA A 50 9.32 -47.23 41.29
C ALA A 50 8.43 -46.20 41.95
N PRO A 51 8.54 -46.03 43.28
CA PRO A 51 7.66 -45.07 43.96
C PRO A 51 8.01 -43.60 43.67
N TRP A 52 9.30 -43.27 43.70
CA TRP A 52 9.77 -41.89 43.54
C TRP A 52 9.49 -41.25 42.16
N ILE A 53 9.34 -42.06 41.12
CA ILE A 53 9.01 -41.52 39.78
C ILE A 53 7.52 -41.14 39.65
N GLU A 54 6.65 -41.77 40.44
CA GLU A 54 5.19 -41.54 40.34
C GLU A 54 4.75 -40.11 40.66
N GLN A 55 5.56 -39.35 41.41
CA GLN A 55 5.28 -37.93 41.68
C GLN A 55 5.46 -36.98 40.47
N GLU A 56 6.01 -37.48 39.35
CA GLU A 56 6.06 -36.71 38.10
C GLU A 56 4.64 -36.61 37.52
N GLY A 57 4.29 -35.43 37.02
CA GLY A 57 2.93 -35.14 36.55
C GLY A 57 2.59 -35.71 35.18
N PRO A 58 1.34 -35.49 34.72
CA PRO A 58 0.86 -35.99 33.42
C PRO A 58 1.70 -35.56 32.22
N GLU A 59 2.27 -34.34 32.29
CA GLU A 59 3.12 -33.78 31.23
C GLU A 59 4.35 -34.63 30.96
N TYR A 60 4.99 -35.11 32.03
CA TYR A 60 6.13 -36.02 31.94
C TYR A 60 5.76 -37.33 31.23
N TRP A 61 4.64 -37.92 31.63
CA TRP A 61 4.21 -39.23 31.09
C TRP A 61 3.76 -39.16 29.61
N ASP A 62 3.06 -38.09 29.24
CA ASP A 62 2.72 -37.87 27.82
C ASP A 62 3.97 -37.67 26.97
N GLY A 63 4.95 -36.95 27.50
CA GLY A 63 6.20 -36.68 26.80
C GLY A 63 7.05 -37.91 26.57
N GLU A 64 7.22 -38.72 27.62
CA GLU A 64 8.01 -39.95 27.55
C GLU A 64 7.32 -41.01 26.68
N THR A 65 5.99 -41.11 26.81
CA THR A 65 5.21 -42.02 25.99
C THR A 65 5.37 -41.69 24.51
N ARG A 66 5.21 -40.41 24.17
CA ARG A 66 5.40 -39.95 22.81
C ARG A 66 6.82 -40.23 22.31
N LYS A 67 7.82 -39.96 23.15
CA LYS A 67 9.22 -40.24 22.81
C LYS A 67 9.51 -41.71 22.60
N VAL A 68 9.00 -42.58 23.47
CA VAL A 68 9.24 -44.03 23.36
C VAL A 68 8.52 -44.63 22.14
N LYS A 69 7.30 -44.16 21.87
CA LYS A 69 6.59 -44.56 20.63
C LYS A 69 7.37 -44.14 19.37
N ALA A 70 8.05 -42.99 19.43
CA ALA A 70 8.93 -42.55 18.35
C ALA A 70 10.18 -43.42 18.21
N HIS A 71 10.72 -43.89 19.34
CA HIS A 71 11.81 -44.89 19.34
C HIS A 71 11.36 -46.17 18.64
N SER A 72 10.16 -46.64 18.96
CA SER A 72 9.66 -47.90 18.40
C SER A 72 9.48 -47.81 16.88
N GLN A 73 9.03 -46.65 16.40
CA GLN A 73 8.85 -46.43 14.95
C GLN A 73 10.19 -46.45 14.19
N THR A 74 11.19 -45.76 14.74
CA THR A 74 12.56 -45.82 14.22
C THR A 74 13.07 -47.26 14.16
N HIS A 75 12.88 -47.98 15.26
CA HIS A 75 13.33 -49.37 15.37
C HIS A 75 12.61 -50.31 14.43
N ARG A 76 11.30 -50.12 14.26
CA ARG A 76 10.51 -50.87 13.28
C ARG A 76 11.08 -50.76 11.87
N VAL A 77 11.48 -49.55 11.47
CA VAL A 77 12.11 -49.33 10.17
C VAL A 77 13.50 -49.95 10.12
N ASP A 78 14.30 -49.72 11.17
CA ASP A 78 15.67 -50.24 11.26
C ASP A 78 15.77 -51.75 11.00
N LEU A 79 14.83 -52.52 11.54
CA LEU A 79 14.75 -53.96 11.29
C LEU A 79 14.68 -54.27 9.79
N GLY A 80 13.82 -53.55 9.07
CA GLY A 80 13.71 -53.71 7.62
C GLY A 80 14.96 -53.26 6.86
N THR A 81 15.57 -52.18 7.33
CA THR A 81 16.79 -51.64 6.70
C THR A 81 17.97 -52.60 6.89
N LEU A 82 18.14 -53.09 8.11
CA LEU A 82 19.21 -54.04 8.45
C LEU A 82 19.04 -55.39 7.73
N ARG A 83 17.79 -55.80 7.52
CA ARG A 83 17.48 -56.97 6.69
C ARG A 83 18.04 -56.80 5.27
N GLY A 84 17.84 -55.61 4.70
CA GLY A 84 18.37 -55.27 3.38
C GLY A 84 19.90 -55.29 3.31
N TYR A 85 20.55 -54.68 4.31
CA TYR A 85 22.02 -54.58 4.34
C TYR A 85 22.70 -55.92 4.33
N TYR A 86 22.21 -56.84 5.16
CA TYR A 86 22.76 -58.21 5.24
C TYR A 86 22.09 -59.20 4.28
N ASN A 87 21.10 -58.74 3.49
CA ASN A 87 20.39 -59.56 2.50
C ASN A 87 19.79 -60.85 3.11
N GLN A 88 19.05 -60.65 4.20
CA GLN A 88 18.42 -61.73 4.95
C GLN A 88 16.97 -61.89 4.51
N SER A 89 16.42 -63.07 4.77
CA SER A 89 15.04 -63.41 4.39
C SER A 89 14.02 -62.68 5.27
N GLU A 90 12.80 -62.57 4.75
CA GLU A 90 11.68 -62.01 5.52
C GLU A 90 11.17 -62.96 6.62
N ALA A 91 11.39 -64.27 6.45
CA ALA A 91 10.84 -65.30 7.33
C ALA A 91 11.60 -65.55 8.64
N GLY A 92 12.75 -64.92 8.83
CA GLY A 92 13.56 -65.11 10.05
C GLY A 92 13.40 -63.96 11.02
N SER A 93 13.37 -64.27 12.31
CA SER A 93 13.28 -63.27 13.38
C SER A 93 14.66 -62.73 13.70
N HIS A 94 14.76 -61.39 13.83
CA HIS A 94 16.00 -60.72 14.14
C HIS A 94 15.79 -59.71 15.26
N THR A 95 16.88 -59.41 15.96
CA THR A 95 16.83 -58.60 17.18
C THR A 95 17.73 -57.39 17.01
N VAL A 96 17.21 -56.24 17.41
CA VAL A 96 17.98 -55.01 17.51
C VAL A 96 17.96 -54.57 18.97
N GLN A 97 19.10 -54.09 19.45
CA GLN A 97 19.23 -53.56 20.80
C GLN A 97 19.93 -52.21 20.77
N ARG A 98 19.51 -51.32 21.66
CA ARG A 98 20.13 -50.01 21.83
C ARG A 98 20.24 -49.70 23.31
N MET A 99 21.42 -49.22 23.71
CA MET A 99 21.66 -48.72 25.04
C MET A 99 22.24 -47.31 24.95
N TYR A 100 21.69 -46.37 25.70
CA TYR A 100 22.32 -45.05 25.88
C TYR A 100 22.12 -44.51 27.29
N GLY A 101 22.95 -43.53 27.65
CA GLY A 101 22.93 -42.97 28.99
C GLY A 101 24.16 -42.17 29.33
N CYS A 102 24.21 -41.70 30.58
CA CYS A 102 25.29 -40.83 31.05
C CYS A 102 25.68 -41.16 32.49
N ASP A 103 26.96 -40.98 32.79
CA ASP A 103 27.50 -41.10 34.14
C ASP A 103 27.69 -39.70 34.73
N VAL A 104 27.68 -39.63 36.07
CA VAL A 104 28.10 -38.43 36.79
C VAL A 104 28.96 -38.81 37.99
N GLY A 105 29.95 -37.98 38.31
CA GLY A 105 30.85 -38.22 39.43
C GLY A 105 30.26 -37.86 40.77
N SER A 106 31.11 -37.79 41.79
CA SER A 106 30.72 -37.44 43.16
C SER A 106 30.06 -36.06 43.27
N ASP A 107 30.55 -35.12 42.47
CA ASP A 107 30.01 -33.74 42.42
C ASP A 107 28.79 -33.57 41.50
N TRP A 108 28.24 -34.66 40.96
CA TRP A 108 27.07 -34.66 40.07
C TRP A 108 27.29 -33.95 38.72
N ARG A 109 28.55 -33.79 38.31
CA ARG A 109 28.88 -33.23 37.00
C ARG A 109 29.06 -34.37 36.00
N PHE A 110 28.88 -34.06 34.71
CA PHE A 110 29.04 -35.03 33.62
C PHE A 110 30.42 -35.70 33.68
N LEU A 111 30.43 -37.02 33.52
CA LEU A 111 31.64 -37.83 33.55
C LEU A 111 31.86 -38.54 32.22
N ARG A 112 30.85 -39.29 31.78
CA ARG A 112 30.91 -40.04 30.51
C ARG A 112 29.50 -40.23 29.95
N GLY A 113 29.44 -40.49 28.64
CA GLY A 113 28.18 -40.79 27.95
C GLY A 113 28.35 -41.97 27.01
N TYR A 114 27.22 -42.55 26.63
CA TYR A 114 27.18 -43.82 25.90
C TYR A 114 26.06 -43.83 24.89
N HIS A 115 26.34 -44.36 23.70
CA HIS A 115 25.28 -44.78 22.79
C HIS A 115 25.76 -45.92 21.92
N GLN A 116 25.26 -47.13 22.23
CA GLN A 116 25.64 -48.36 21.55
C GLN A 116 24.43 -49.01 20.89
N TYR A 117 24.70 -49.76 19.83
CA TYR A 117 23.65 -50.32 18.98
C TYR A 117 24.10 -51.69 18.49
N ALA A 118 23.24 -52.70 18.64
CA ALA A 118 23.56 -54.08 18.25
C ALA A 118 22.51 -54.67 17.31
N TYR A 119 22.97 -55.59 16.46
CA TYR A 119 22.10 -56.39 15.60
C TYR A 119 22.41 -57.87 15.80
N ASP A 120 21.35 -58.66 16.04
CA ASP A 120 21.46 -60.10 16.33
C ASP A 120 22.58 -60.40 17.35
N GLY A 121 22.54 -59.70 18.47
CA GLY A 121 23.48 -59.88 19.57
C GLY A 121 24.95 -59.55 19.32
N LYS A 122 25.24 -58.74 18.31
CA LYS A 122 26.61 -58.34 17.95
C LYS A 122 26.68 -56.83 17.82
N ASP A 123 27.81 -56.26 18.21
CA ASP A 123 28.07 -54.82 18.02
C ASP A 123 27.80 -54.45 16.56
N TYR A 124 27.05 -53.37 16.35
CA TYR A 124 26.82 -52.82 15.02
C TYR A 124 27.53 -51.48 14.90
N ILE A 125 27.12 -50.50 15.72
CA ILE A 125 27.76 -49.18 15.74
C ILE A 125 27.64 -48.54 17.13
N ALA A 126 28.73 -47.90 17.55
CA ALA A 126 28.82 -47.28 18.87
C ALA A 126 29.50 -45.92 18.81
N LEU A 127 29.07 -45.03 19.71
CA LEU A 127 29.65 -43.71 19.86
C LEU A 127 30.85 -43.81 20.79
N LYS A 128 31.98 -43.23 20.39
CA LYS A 128 33.22 -43.26 21.21
C LYS A 128 33.09 -42.33 22.42
N GLU A 129 34.04 -42.43 23.33
CA GLU A 129 34.05 -41.62 24.56
C GLU A 129 34.14 -40.11 24.32
N ASP A 130 34.78 -39.70 23.20
CA ASP A 130 34.80 -38.28 22.80
C ASP A 130 33.42 -37.71 22.43
N LEU A 131 32.47 -38.58 22.07
CA LEU A 131 31.09 -38.25 21.71
C LEU A 131 30.97 -37.49 20.38
N ARG A 132 31.97 -37.66 19.52
CA ARG A 132 32.06 -37.00 18.22
C ARG A 132 32.34 -37.97 17.06
N SER A 133 32.36 -39.27 17.35
CA SER A 133 33.02 -40.24 16.49
C SER A 133 32.40 -41.64 16.69
N TRP A 134 32.41 -42.44 15.63
CA TRP A 134 31.71 -43.71 15.59
C TRP A 134 32.65 -44.88 15.33
N THR A 135 32.46 -45.98 16.08
CA THR A 135 33.08 -47.26 15.77
C THR A 135 32.04 -48.12 15.05
N ALA A 136 32.33 -48.50 13.81
CA ALA A 136 31.50 -49.41 13.04
C ALA A 136 32.13 -50.80 13.08
N ALA A 137 31.32 -51.81 13.35
CA ALA A 137 31.79 -53.20 13.52
C ALA A 137 31.97 -54.01 12.23
N ASP A 138 31.31 -53.61 11.15
CA ASP A 138 31.45 -54.28 9.84
C ASP A 138 31.11 -53.34 8.67
N MET A 139 31.15 -53.86 7.42
CA MET A 139 30.89 -53.05 6.22
C MET A 139 29.50 -52.42 6.20
N ALA A 140 28.51 -53.13 6.71
CA ALA A 140 27.14 -52.61 6.78
C ALA A 140 27.02 -51.42 7.72
N ALA A 141 27.71 -51.47 8.86
CA ALA A 141 27.70 -50.38 9.83
C ALA A 141 28.50 -49.14 9.38
N GLN A 142 29.43 -49.32 8.46
CA GLN A 142 30.14 -48.18 7.84
C GLN A 142 29.24 -47.36 6.93
N THR A 143 28.25 -48.00 6.30
CA THR A 143 27.20 -47.27 5.59
C THR A 143 26.45 -46.36 6.56
N THR A 144 26.05 -46.93 7.70
CA THR A 144 25.39 -46.19 8.77
C THR A 144 26.28 -45.09 9.37
N LYS A 145 27.58 -45.37 9.46
CA LYS A 145 28.55 -44.39 9.94
C LYS A 145 28.54 -43.13 9.05
N HIS A 146 28.72 -43.32 7.74
CA HIS A 146 28.75 -42.20 6.77
C HIS A 146 27.42 -41.45 6.74
N LYS A 147 26.31 -42.17 6.90
CA LYS A 147 24.99 -41.57 6.96
C LYS A 147 24.80 -40.73 8.24
N TRP A 148 25.32 -41.20 9.36
CA TRP A 148 25.18 -40.50 10.66
C TRP A 148 26.16 -39.34 10.81
N GLU A 149 27.31 -39.43 10.15
CA GLU A 149 28.24 -38.31 10.04
C GLU A 149 27.63 -37.18 9.21
N ALA A 150 26.98 -37.53 8.11
CA ALA A 150 26.32 -36.55 7.23
C ALA A 150 25.15 -35.84 7.90
N ALA A 151 24.36 -36.58 8.69
CA ALA A 151 23.21 -36.01 9.41
C ALA A 151 23.54 -35.46 10.81
N HIS A 152 24.83 -35.36 11.15
CA HIS A 152 25.31 -34.75 12.40
C HIS A 152 24.66 -35.37 13.65
N VAL A 153 24.58 -36.70 13.66
CA VAL A 153 23.92 -37.44 14.74
C VAL A 153 24.70 -37.30 16.06
N ALA A 154 26.03 -37.46 15.98
CA ALA A 154 26.91 -37.39 17.16
C ALA A 154 26.71 -36.09 17.94
N GLU A 155 26.70 -34.98 17.22
CA GLU A 155 26.44 -33.64 17.78
C GLU A 155 25.12 -33.56 18.56
N GLN A 156 24.06 -34.12 17.98
CA GLN A 156 22.73 -34.11 18.60
C GLN A 156 22.67 -35.01 19.83
N LEU A 157 23.32 -36.17 19.75
CA LEU A 157 23.46 -37.06 20.91
C LEU A 157 24.29 -36.43 22.01
N ARG A 158 25.41 -35.82 21.65
CA ARG A 158 26.29 -35.18 22.63
C ARG A 158 25.57 -34.07 23.41
N ALA A 159 24.63 -33.39 22.75
CA ALA A 159 23.81 -32.37 23.41
C ALA A 159 22.90 -33.00 24.48
N TYR A 160 22.24 -34.10 24.12
CA TYR A 160 21.40 -34.85 25.07
C TYR A 160 22.20 -35.43 26.25
N LEU A 161 23.31 -36.08 25.93
CA LEU A 161 24.13 -36.78 26.93
C LEU A 161 24.78 -35.83 27.96
N GLU A 162 25.27 -34.68 27.49
CA GLU A 162 25.90 -33.67 28.37
C GLU A 162 24.91 -32.72 29.05
N GLY A 163 23.66 -32.67 28.57
CA GLY A 163 22.69 -31.67 29.02
C GLY A 163 21.46 -32.27 29.67
N THR A 164 20.55 -32.79 28.84
CA THR A 164 19.27 -33.34 29.30
C THR A 164 19.47 -34.55 30.23
N CYS A 165 20.31 -35.49 29.80
CA CYS A 165 20.59 -36.71 30.55
C CYS A 165 21.10 -36.43 31.97
N VAL A 166 22.06 -35.51 32.11
CA VAL A 166 22.62 -35.18 33.43
C VAL A 166 21.66 -34.38 34.30
N GLU A 167 20.85 -33.51 33.68
CA GLU A 167 19.89 -32.71 34.45
C GLU A 167 18.76 -33.57 35.03
N TRP A 168 18.25 -34.50 34.23
CA TRP A 168 17.21 -35.42 34.69
C TRP A 168 17.71 -36.47 35.69
N LEU A 169 18.96 -36.93 35.52
CA LEU A 169 19.62 -37.83 36.48
C LEU A 169 19.73 -37.17 37.85
N ARG A 170 20.22 -35.93 37.90
CA ARG A 170 20.27 -35.15 39.13
C ARG A 170 18.88 -34.95 39.76
N ARG A 171 17.87 -34.73 38.92
CA ARG A 171 16.49 -34.58 39.37
C ARG A 171 15.93 -35.86 40.00
N TYR A 172 16.19 -37.00 39.36
CA TYR A 172 15.75 -38.30 39.89
C TYR A 172 16.47 -38.65 41.19
N LEU A 173 17.78 -38.35 41.25
CA LEU A 173 18.58 -38.55 42.48
C LEU A 173 18.07 -37.74 43.67
N GLU A 174 17.54 -36.55 43.42
CA GLU A 174 16.94 -35.72 44.48
C GLU A 174 15.53 -36.18 44.87
N ASN A 175 14.76 -36.66 43.90
CA ASN A 175 13.40 -37.17 44.16
C ASN A 175 13.40 -38.52 44.88
N GLY A 176 14.19 -39.46 44.39
CA GLY A 176 14.34 -40.79 44.99
C GLY A 176 15.59 -40.89 45.85
N LYS A 177 15.75 -39.94 46.78
CA LYS A 177 16.98 -39.81 47.56
C LYS A 177 17.20 -41.01 48.48
N GLU A 178 16.18 -41.35 49.25
CA GLU A 178 16.28 -42.47 50.20
C GLU A 178 16.35 -43.86 49.55
N THR A 179 15.96 -43.96 48.28
CA THR A 179 16.14 -45.20 47.50
C THR A 179 17.51 -45.24 46.81
N LEU A 180 17.82 -44.17 46.06
CA LEU A 180 18.97 -44.17 45.15
C LEU A 180 20.32 -43.82 45.81
N GLN A 181 20.30 -42.94 46.81
CA GLN A 181 21.52 -42.57 47.54
C GLN A 181 21.77 -43.42 48.81
N ARG A 182 21.05 -44.53 48.97
CA ARG A 182 21.36 -45.50 50.03
C ARG A 182 22.50 -46.43 49.62
N THR A 183 23.06 -47.13 50.59
CA THR A 183 24.09 -48.14 50.35
C THR A 183 23.96 -49.26 51.41
N ASP A 184 23.32 -50.36 51.02
CA ASP A 184 23.11 -51.51 51.90
C ASP A 184 24.31 -52.44 51.85
N ALA A 185 24.99 -52.60 52.98
CA ALA A 185 26.15 -53.51 53.07
C ALA A 185 25.68 -54.97 53.00
N PRO A 186 26.54 -55.87 52.47
CA PRO A 186 26.17 -57.29 52.42
C PRO A 186 26.19 -57.95 53.80
N LYS A 187 25.15 -58.74 54.09
CA LYS A 187 25.13 -59.62 55.26
C LYS A 187 25.75 -60.93 54.81
N THR A 188 26.78 -61.38 55.52
CA THR A 188 27.60 -62.51 55.08
C THR A 188 27.64 -63.66 56.08
N HIS A 189 27.77 -64.88 55.54
CA HIS A 189 28.02 -66.08 56.33
C HIS A 189 28.65 -67.16 55.47
N MET A 190 29.11 -68.23 56.11
CA MET A 190 29.72 -69.37 55.42
C MET A 190 28.99 -70.67 55.76
N THR A 191 28.82 -71.51 54.75
CA THR A 191 28.30 -72.87 54.94
C THR A 191 29.36 -73.89 54.57
N HIS A 192 29.29 -75.05 55.22
CA HIS A 192 30.20 -76.17 55.02
C HIS A 192 29.39 -77.44 54.72
N HIS A 193 29.79 -78.16 53.69
CA HIS A 193 29.20 -79.46 53.37
C HIS A 193 30.27 -80.42 52.85
N ALA A 194 30.21 -81.67 53.32
CA ALA A 194 31.09 -82.73 52.82
C ALA A 194 30.63 -83.17 51.44
N VAL A 195 31.58 -83.55 50.59
CA VAL A 195 31.29 -84.16 49.28
C VAL A 195 31.97 -85.53 49.13
N SER A 196 32.66 -85.99 50.17
CA SER A 196 33.64 -87.07 50.05
C SER A 196 34.22 -87.34 51.44
N ASP A 197 35.00 -88.41 51.55
CA ASP A 197 35.79 -88.67 52.75
C ASP A 197 36.98 -87.70 52.83
N HIS A 198 37.54 -87.32 51.67
CA HIS A 198 38.75 -86.51 51.59
C HIS A 198 38.54 -85.04 51.21
N GLU A 199 37.31 -84.64 50.88
CA GLU A 199 37.02 -83.29 50.38
C GLU A 199 35.76 -82.68 51.02
N ALA A 200 35.61 -81.36 50.85
CA ALA A 200 34.51 -80.59 51.45
C ALA A 200 34.38 -79.22 50.78
N THR A 201 33.14 -78.77 50.59
CA THR A 201 32.86 -77.47 49.96
C THR A 201 32.67 -76.38 51.01
N LEU A 202 33.38 -75.26 50.84
CA LEU A 202 33.16 -74.05 51.64
C LEU A 202 32.48 -73.06 50.71
N ARG A 203 31.26 -72.65 51.05
CA ARG A 203 30.54 -71.62 50.30
C ARG A 203 30.44 -70.35 51.11
N CYS A 204 30.69 -69.23 50.46
CA CYS A 204 30.71 -67.91 51.09
C CYS A 204 29.59 -67.06 50.51
N TRP A 205 28.72 -66.53 51.37
CA TRP A 205 27.51 -65.81 50.95
C TRP A 205 27.60 -64.32 51.17
N ALA A 206 27.03 -63.56 50.24
CA ALA A 206 26.76 -62.14 50.40
C ALA A 206 25.28 -61.91 50.05
N LEU A 207 24.52 -61.30 50.97
CA LEU A 207 23.07 -61.13 50.83
C LEU A 207 22.63 -59.72 51.21
N SER A 208 21.50 -59.30 50.62
CA SER A 208 20.85 -58.01 50.92
C SER A 208 21.74 -56.76 50.71
N PHE A 209 22.48 -56.75 49.60
CA PHE A 209 23.38 -55.63 49.31
C PHE A 209 22.90 -54.80 48.11
N TYR A 210 23.19 -53.50 48.18
CA TYR A 210 22.96 -52.55 47.08
C TYR A 210 24.07 -51.49 47.11
N PRO A 211 24.68 -51.14 45.97
CA PRO A 211 24.37 -51.65 44.62
C PRO A 211 25.02 -53.02 44.31
N ALA A 212 24.81 -53.52 43.10
CA ALA A 212 25.22 -54.87 42.69
C ALA A 212 26.72 -55.12 42.51
N GLU A 213 27.52 -54.05 42.40
CA GLU A 213 28.97 -54.20 42.23
C GLU A 213 29.57 -54.76 43.52
N ILE A 214 30.16 -55.95 43.42
CA ILE A 214 30.71 -56.65 44.57
C ILE A 214 31.79 -57.65 44.14
N THR A 215 32.78 -57.86 45.01
CA THR A 215 33.87 -58.79 44.75
C THR A 215 33.96 -59.84 45.86
N LEU A 216 33.84 -61.11 45.48
CA LEU A 216 34.05 -62.26 46.36
C LEU A 216 35.24 -63.04 45.84
N THR A 217 36.27 -63.21 46.67
CA THR A 217 37.48 -63.96 46.29
C THR A 217 37.99 -64.81 47.44
N TRP A 218 38.55 -65.97 47.11
CA TRP A 218 39.17 -66.85 48.11
C TRP A 218 40.67 -66.62 48.21
N GLN A 219 41.22 -67.02 49.35
CA GLN A 219 42.66 -66.99 49.60
C GLN A 219 43.05 -68.22 50.39
N ARG A 220 44.27 -68.69 50.17
CA ARG A 220 44.87 -69.72 51.00
C ARG A 220 46.10 -69.10 51.68
N ASP A 221 46.18 -69.23 53.00
CA ASP A 221 47.19 -68.56 53.84
C ASP A 221 46.80 -67.10 53.92
N GLN A 227 41.93 -72.09 42.09
CA GLN A 227 41.86 -73.56 41.98
C GLN A 227 40.47 -74.05 42.39
N ASP A 228 39.74 -74.67 41.44
CA ASP A 228 38.42 -75.24 41.71
C ASP A 228 37.40 -74.25 42.33
N THR A 229 37.55 -72.96 42.04
CA THR A 229 36.68 -71.92 42.58
C THR A 229 35.43 -71.79 41.71
N GLU A 230 34.26 -71.81 42.34
CA GLU A 230 32.99 -71.60 41.66
C GLU A 230 32.45 -70.23 42.05
N LEU A 231 31.81 -69.54 41.11
CA LEU A 231 31.30 -68.20 41.32
C LEU A 231 30.05 -67.99 40.47
N VAL A 232 28.90 -67.79 41.12
CA VAL A 232 27.64 -67.53 40.40
C VAL A 232 27.50 -66.06 40.03
N GLU A 233 26.69 -65.84 38.99
CA GLU A 233 26.34 -64.50 38.52
C GLU A 233 25.55 -63.78 39.61
N THR A 234 25.85 -62.51 39.84
CA THR A 234 25.12 -61.69 40.81
C THR A 234 23.65 -61.66 40.40
N ARG A 235 22.77 -61.79 41.39
CA ARG A 235 21.36 -62.05 41.13
C ARG A 235 20.46 -61.16 41.99
N PRO A 236 19.29 -60.77 41.45
CA PRO A 236 18.36 -59.92 42.19
C PRO A 236 17.60 -60.71 43.25
N ALA A 237 17.50 -60.15 44.46
CA ALA A 237 16.65 -60.71 45.50
C ALA A 237 15.14 -60.51 45.18
N GLY A 238 14.82 -59.48 44.41
CA GLY A 238 13.45 -59.14 44.05
C GLY A 238 12.85 -58.00 44.87
N ASP A 239 13.61 -57.51 45.87
CA ASP A 239 13.17 -56.42 46.76
C ASP A 239 14.09 -55.19 46.67
N GLY A 240 14.82 -55.06 45.57
CA GLY A 240 15.79 -53.99 45.39
C GLY A 240 17.25 -54.39 45.64
N THR A 241 17.48 -55.36 46.53
CA THR A 241 18.84 -55.80 46.87
C THR A 241 19.32 -56.99 46.01
N PHE A 242 20.60 -57.30 46.13
CA PHE A 242 21.24 -58.34 45.31
C PHE A 242 21.93 -59.39 46.16
N GLN A 243 22.25 -60.52 45.53
CA GLN A 243 22.88 -61.67 46.19
C GLN A 243 24.02 -62.21 45.33
N LYS A 244 25.00 -62.84 46.00
CA LYS A 244 26.08 -63.56 45.33
C LYS A 244 26.73 -64.55 46.29
N TRP A 245 27.12 -65.72 45.79
CA TRP A 245 27.98 -66.64 46.56
C TRP A 245 29.19 -67.11 45.75
N ALA A 246 30.21 -67.53 46.48
CA ALA A 246 31.45 -68.07 45.92
C ALA A 246 31.82 -69.32 46.72
N ALA A 247 32.27 -70.36 46.03
CA ALA A 247 32.61 -71.63 46.68
C ALA A 247 33.95 -72.21 46.23
N VAL A 248 34.54 -73.03 47.10
CA VAL A 248 35.77 -73.78 46.80
C VAL A 248 35.69 -75.19 47.40
N VAL A 249 36.21 -76.16 46.68
CA VAL A 249 36.34 -77.53 47.16
C VAL A 249 37.74 -77.65 47.76
N VAL A 250 37.79 -77.98 49.04
CA VAL A 250 39.02 -77.95 49.84
C VAL A 250 39.20 -79.33 50.50
N PRO A 251 40.47 -79.82 50.60
CA PRO A 251 40.69 -81.03 51.38
C PRO A 251 40.27 -80.89 52.84
N SER A 252 39.48 -81.85 53.33
CA SER A 252 38.96 -81.81 54.70
C SER A 252 40.10 -81.94 55.71
N GLY A 253 39.95 -81.24 56.83
CA GLY A 253 41.03 -81.05 57.79
C GLY A 253 41.94 -79.85 57.50
N GLN A 254 41.69 -79.16 56.37
CA GLN A 254 42.47 -77.98 55.99
C GLN A 254 41.58 -76.79 55.62
N GLU A 255 40.35 -76.77 56.13
CA GLU A 255 39.40 -75.68 55.88
C GLU A 255 39.78 -74.40 56.62
N GLN A 256 40.46 -74.54 57.76
CA GLN A 256 40.91 -73.39 58.57
C GLN A 256 41.88 -72.44 57.88
N ARG A 257 42.64 -72.92 56.89
CA ARG A 257 43.60 -72.07 56.17
C ARG A 257 43.03 -71.31 54.97
N TYR A 258 41.74 -71.48 54.67
CA TYR A 258 41.08 -70.77 53.58
C TYR A 258 40.23 -69.62 54.13
N THR A 259 40.27 -68.48 53.44
CA THR A 259 39.51 -67.28 53.81
C THR A 259 38.76 -66.69 52.62
N CYS A 260 37.53 -66.23 52.88
CA CYS A 260 36.70 -65.54 51.88
C CYS A 260 36.82 -64.03 52.09
N HIS A 261 36.98 -63.27 51.00
CA HIS A 261 37.18 -61.81 51.03
C HIS A 261 36.06 -61.08 50.31
N VAL A 262 35.44 -60.11 50.98
CA VAL A 262 34.27 -59.39 50.45
C VAL A 262 34.55 -57.88 50.37
N GLN A 263 34.48 -57.33 49.16
CA GLN A 263 34.63 -55.89 48.92
C GLN A 263 33.32 -55.31 48.39
N HIS A 264 32.87 -54.23 49.01
CA HIS A 264 31.61 -53.58 48.64
C HIS A 264 31.56 -52.18 49.25
N GLU A 265 31.01 -51.21 48.52
CA GLU A 265 31.08 -49.80 48.95
C GLU A 265 30.33 -49.49 50.26
N GLY A 266 29.31 -50.29 50.57
CA GLY A 266 28.65 -50.28 51.88
C GLY A 266 29.52 -50.67 53.07
N LEU A 267 30.53 -51.50 52.84
CA LEU A 267 31.48 -51.90 53.88
C LEU A 267 32.58 -50.84 54.03
N PRO A 268 32.76 -50.27 55.24
CA PRO A 268 33.86 -49.30 55.41
C PRO A 268 35.24 -49.91 55.18
N LYS A 269 35.44 -51.16 55.59
CA LYS A 269 36.62 -51.95 55.25
C LYS A 269 36.18 -53.32 54.75
N PRO A 270 36.96 -53.93 53.82
CA PRO A 270 36.57 -55.25 53.30
C PRO A 270 36.69 -56.37 54.34
N LEU A 271 35.74 -57.30 54.32
CA LEU A 271 35.62 -58.35 55.33
C LEU A 271 36.45 -59.59 54.96
N THR A 272 36.97 -60.26 55.99
CA THR A 272 37.62 -61.57 55.85
C THR A 272 36.85 -62.59 56.69
N LEU A 273 36.39 -63.67 56.04
CA LEU A 273 35.60 -64.73 56.69
C LEU A 273 36.39 -66.03 56.71
N ARG A 274 36.39 -66.71 57.85
CA ARG A 274 37.12 -67.97 58.03
C ARG A 274 36.23 -68.98 58.75
N TRP A 275 36.30 -70.24 58.33
CA TRP A 275 35.57 -71.35 58.95
C TRP A 275 36.58 -72.31 59.57
N GLU A 276 36.27 -72.84 60.75
CA GLU A 276 37.18 -73.77 61.45
C GLU A 276 36.43 -75.01 61.97
N PRO A 277 37.06 -76.20 61.85
CA PRO A 277 36.46 -77.46 62.34
C PRO A 277 36.57 -77.64 63.85
N MET B 1 24.83 -65.87 12.62
CA MET B 1 23.71 -65.82 13.60
C MET B 1 24.11 -66.54 14.89
N ILE B 2 24.48 -65.76 15.90
CA ILE B 2 24.99 -66.28 17.17
C ILE B 2 23.84 -66.47 18.17
N GLN B 3 23.93 -67.53 18.96
CA GLN B 3 22.96 -67.85 20.01
C GLN B 3 23.69 -68.15 21.30
N ARG B 4 23.12 -67.71 22.42
CA ARG B 4 23.70 -67.92 23.75
C ARG B 4 22.72 -68.67 24.67
N THR B 5 23.23 -69.65 25.41
CA THR B 5 22.41 -70.52 26.28
C THR B 5 22.14 -69.83 27.61
N PRO B 6 20.88 -69.85 28.08
CA PRO B 6 20.61 -69.22 29.38
C PRO B 6 21.32 -69.92 30.55
N LYS B 7 21.73 -69.11 31.53
CA LYS B 7 22.24 -69.59 32.80
C LYS B 7 21.10 -69.42 33.81
N ILE B 8 20.75 -70.52 34.48
CA ILE B 8 19.59 -70.57 35.36
C ILE B 8 20.06 -70.64 36.81
N GLN B 9 19.41 -69.87 37.67
CA GLN B 9 19.63 -69.89 39.11
C GLN B 9 18.26 -69.89 39.79
N VAL B 10 18.00 -70.93 40.58
CA VAL B 10 16.77 -71.02 41.38
C VAL B 10 17.14 -70.78 42.83
N TYR B 11 16.38 -69.93 43.51
CA TYR B 11 16.71 -69.50 44.86
C TYR B 11 15.55 -68.74 45.50
N SER B 12 15.70 -68.45 46.80
CA SER B 12 14.70 -67.70 47.55
C SER B 12 15.21 -66.29 47.88
N ARG B 13 14.29 -65.38 48.12
CA ARG B 13 14.61 -63.97 48.46
C ARG B 13 15.32 -63.86 49.79
N HIS B 14 14.77 -64.54 50.80
CA HIS B 14 15.36 -64.61 52.13
C HIS B 14 15.84 -66.03 52.38
N PRO B 15 16.77 -66.23 53.35
CA PRO B 15 17.15 -67.60 53.70
C PRO B 15 15.94 -68.42 54.17
N ALA B 16 15.76 -69.61 53.61
CA ALA B 16 14.53 -70.39 53.78
C ALA B 16 14.39 -70.96 55.20
N GLU B 17 13.20 -70.76 55.77
CA GLU B 17 12.82 -71.35 57.05
C GLU B 17 11.45 -72.02 56.86
N ASN B 18 11.35 -73.30 57.27
CA ASN B 18 10.17 -74.11 56.98
C ASN B 18 8.91 -73.54 57.64
N GLY B 19 7.82 -73.49 56.86
CA GLY B 19 6.56 -72.90 57.32
C GLY B 19 6.64 -71.39 57.56
N LYS B 20 7.36 -70.69 56.68
CA LYS B 20 7.55 -69.23 56.81
C LYS B 20 7.48 -68.57 55.43
N SER B 21 6.87 -67.39 55.37
CA SER B 21 6.62 -66.68 54.11
C SER B 21 7.92 -66.24 53.41
N ASN B 22 7.96 -66.41 52.10
CA ASN B 22 9.15 -66.09 51.30
C ASN B 22 8.76 -65.88 49.82
N PHE B 23 9.75 -65.65 48.95
CA PHE B 23 9.57 -65.67 47.50
C PHE B 23 10.53 -66.66 46.85
N LEU B 24 10.07 -67.32 45.79
CA LEU B 24 10.87 -68.24 45.00
C LEU B 24 11.25 -67.56 43.69
N ASN B 25 12.55 -67.49 43.40
CA ASN B 25 13.07 -66.79 42.23
C ASN B 25 13.71 -67.77 41.25
N CYS B 26 13.52 -67.50 39.96
CA CYS B 26 14.30 -68.14 38.91
C CYS B 26 14.89 -67.04 38.03
N TYR B 27 16.21 -66.88 38.11
CA TYR B 27 16.93 -65.85 37.39
C TYR B 27 17.62 -66.44 36.17
N VAL B 28 17.04 -66.20 35.00
CA VAL B 28 17.64 -66.60 33.72
C VAL B 28 18.44 -65.42 33.16
N SER B 29 19.66 -65.70 32.68
CA SER B 29 20.57 -64.67 32.18
C SER B 29 21.57 -65.21 31.16
N GLY B 30 22.15 -64.29 30.39
CA GLY B 30 23.17 -64.62 29.40
C GLY B 30 22.65 -65.27 28.12
N PHE B 31 21.37 -65.05 27.79
CA PHE B 31 20.75 -65.75 26.64
C PHE B 31 20.47 -64.86 25.45
N HIS B 32 20.36 -65.50 24.28
CA HIS B 32 20.07 -64.81 23.03
C HIS B 32 19.63 -65.83 21.97
N PRO B 33 18.49 -65.64 21.30
CA PRO B 33 17.65 -64.43 21.34
C PRO B 33 16.79 -64.29 22.60
N SER B 34 15.95 -63.25 22.65
CA SER B 34 15.12 -62.93 23.82
C SER B 34 13.96 -63.90 24.06
N ASP B 35 13.52 -64.59 23.01
CA ASP B 35 12.40 -65.56 23.09
C ASP B 35 12.73 -66.74 24.04
N ILE B 36 12.02 -66.81 25.16
CA ILE B 36 12.28 -67.79 26.22
C ILE B 36 11.01 -68.14 27.00
N GLU B 37 10.92 -69.39 27.49
CA GLU B 37 9.78 -69.88 28.29
C GLU B 37 10.27 -70.32 29.67
N VAL B 38 9.72 -69.75 30.73
CA VAL B 38 10.14 -70.06 32.11
C VAL B 38 8.93 -70.34 32.98
N ASP B 39 8.88 -71.54 33.55
CA ASP B 39 7.87 -71.94 34.54
C ASP B 39 8.51 -72.27 35.88
N LEU B 40 7.78 -72.02 36.96
CA LEU B 40 8.18 -72.43 38.31
C LEU B 40 7.29 -73.60 38.75
N LEU B 41 7.92 -74.68 39.24
CA LEU B 41 7.22 -75.93 39.54
C LEU B 41 7.20 -76.25 41.04
N LYS B 42 6.05 -76.73 41.54
CA LYS B 42 5.91 -77.27 42.90
C LYS B 42 5.52 -78.74 42.81
N ASN B 43 6.46 -79.62 43.15
CA ASN B 43 6.30 -81.09 43.05
C ASN B 43 5.97 -81.55 41.63
N GLY B 44 6.59 -80.91 40.64
CA GLY B 44 6.37 -81.21 39.22
C GLY B 44 5.19 -80.52 38.54
N GLU B 45 4.40 -79.75 39.30
CA GLU B 45 3.23 -79.03 38.78
C GLU B 45 3.55 -77.55 38.56
N ARG B 46 3.14 -77.02 37.41
CA ARG B 46 3.30 -75.60 37.07
C ARG B 46 2.56 -74.70 38.05
N ILE B 47 3.28 -73.75 38.66
CA ILE B 47 2.67 -72.72 39.52
C ILE B 47 2.09 -71.65 38.58
N GLU B 48 0.88 -71.18 38.88
CA GLU B 48 0.13 -70.34 37.95
C GLU B 48 0.42 -68.84 38.06
N LYS B 49 0.35 -68.30 39.27
CA LYS B 49 0.55 -66.86 39.49
C LYS B 49 2.03 -66.50 39.60
N VAL B 50 2.72 -66.53 38.46
CA VAL B 50 4.16 -66.26 38.38
C VAL B 50 4.41 -64.93 37.67
N GLU B 51 5.02 -63.99 38.39
CA GLU B 51 5.35 -62.67 37.86
C GLU B 51 6.73 -62.73 37.19
N HIS B 52 7.04 -61.75 36.34
CA HIS B 52 8.38 -61.60 35.78
C HIS B 52 8.80 -60.14 35.61
N SER B 53 10.11 -59.89 35.64
CA SER B 53 10.66 -58.55 35.45
C SER B 53 10.63 -58.16 33.98
N ASP B 54 10.83 -56.86 33.73
CA ASP B 54 10.82 -56.31 32.38
C ASP B 54 12.14 -56.59 31.69
N LEU B 55 12.08 -57.11 30.46
CA LEU B 55 13.28 -57.55 29.73
C LEU B 55 14.31 -56.44 29.60
N SER B 56 15.52 -56.73 30.06
CA SER B 56 16.68 -55.84 29.91
C SER B 56 17.86 -56.68 29.46
N PHE B 57 19.02 -56.05 29.27
CA PHE B 57 20.23 -56.78 28.89
C PHE B 57 21.49 -56.19 29.52
N SER B 58 22.57 -56.97 29.45
CA SER B 58 23.86 -56.63 30.06
C SER B 58 24.77 -55.99 29.01
N LYS B 59 25.97 -55.61 29.43
CA LYS B 59 26.93 -54.93 28.54
C LYS B 59 27.39 -55.76 27.33
N ASP B 60 27.27 -57.09 27.39
CA ASP B 60 27.55 -57.97 26.26
C ASP B 60 26.33 -58.26 25.34
N TRP B 61 25.21 -57.54 25.55
CA TRP B 61 23.96 -57.67 24.76
C TRP B 61 23.07 -58.89 25.10
N SER B 62 23.47 -59.71 26.07
CA SER B 62 22.70 -60.89 26.42
C SER B 62 21.60 -60.50 27.42
N PHE B 63 20.45 -61.16 27.30
CA PHE B 63 19.27 -60.78 28.08
C PHE B 63 19.26 -61.42 29.47
N TYR B 64 18.58 -60.76 30.41
CA TYR B 64 18.37 -61.30 31.75
C TYR B 64 16.95 -61.01 32.23
N LEU B 65 16.42 -61.91 33.05
CA LEU B 65 14.99 -61.94 33.41
C LEU B 65 14.81 -62.65 34.76
N LEU B 66 14.08 -62.01 35.68
CA LEU B 66 13.74 -62.62 36.97
C LEU B 66 12.28 -63.06 36.93
N TYR B 67 12.06 -64.36 37.10
CA TYR B 67 10.73 -64.93 37.31
C TYR B 67 10.58 -65.21 38.79
N TYR B 68 9.47 -64.77 39.38
CA TYR B 68 9.25 -64.95 40.82
C TYR B 68 7.79 -65.20 41.19
N THR B 69 7.61 -65.80 42.36
CA THR B 69 6.29 -66.06 42.94
C THR B 69 6.39 -66.20 44.46
N GLU B 70 5.26 -66.02 45.13
CA GLU B 70 5.18 -66.11 46.59
C GLU B 70 5.03 -67.58 46.99
N PHE B 71 5.72 -67.99 48.05
CA PHE B 71 5.64 -69.39 48.53
C PHE B 71 6.04 -69.56 49.99
N THR B 72 5.58 -70.67 50.58
CA THR B 72 5.96 -71.10 51.92
C THR B 72 6.65 -72.47 51.79
N PRO B 73 7.98 -72.51 51.91
CA PRO B 73 8.69 -73.78 51.75
C PRO B 73 8.54 -74.66 52.97
N THR B 74 8.55 -75.97 52.75
CA THR B 74 8.44 -76.97 53.81
C THR B 74 9.57 -77.98 53.65
N GLU B 75 9.68 -78.89 54.60
CA GLU B 75 10.72 -79.93 54.58
C GLU B 75 10.65 -80.82 53.34
N LYS B 76 9.44 -81.19 52.94
CA LYS B 76 9.21 -82.22 51.91
C LYS B 76 8.82 -81.72 50.51
N ASP B 77 8.27 -80.50 50.41
CA ASP B 77 7.89 -79.95 49.10
C ASP B 77 9.13 -79.63 48.25
N GLU B 78 9.08 -80.02 46.97
CA GLU B 78 10.17 -79.80 46.02
C GLU B 78 9.79 -78.68 45.05
N TYR B 79 10.66 -77.67 44.92
CA TYR B 79 10.46 -76.58 43.98
C TYR B 79 11.52 -76.60 42.90
N ALA B 80 11.12 -76.32 41.66
CA ALA B 80 12.05 -76.29 40.53
C ALA B 80 11.78 -75.11 39.58
N CYS B 81 12.66 -74.91 38.62
CA CYS B 81 12.47 -73.95 37.52
C CYS B 81 12.68 -74.70 36.20
N ARG B 82 11.66 -74.69 35.35
CA ARG B 82 11.74 -75.29 34.00
C ARG B 82 11.87 -74.18 32.94
N VAL B 83 12.89 -74.29 32.09
CA VAL B 83 13.26 -73.25 31.12
C VAL B 83 13.46 -73.84 29.73
N ASN B 84 12.82 -73.25 28.71
CA ASN B 84 13.04 -73.64 27.30
C ASN B 84 13.47 -72.45 26.43
N HIS B 85 14.27 -72.75 25.42
CA HIS B 85 14.97 -71.76 24.58
C HIS B 85 15.43 -72.47 23.31
N VAL B 86 15.75 -71.74 22.25
CA VAL B 86 16.25 -72.36 21.00
C VAL B 86 17.58 -73.12 21.16
N THR B 87 18.41 -72.68 22.10
CA THR B 87 19.68 -73.34 22.41
C THR B 87 19.50 -74.70 23.09
N LEU B 88 18.40 -74.86 23.83
CA LEU B 88 18.07 -76.12 24.50
C LEU B 88 17.11 -76.96 23.64
N SER B 89 17.49 -78.20 23.34
CA SER B 89 16.61 -79.11 22.58
C SER B 89 15.38 -79.58 23.40
N GLN B 90 15.55 -79.72 24.72
CA GLN B 90 14.46 -80.05 25.65
C GLN B 90 14.40 -79.03 26.76
N PRO B 91 13.19 -78.79 27.34
CA PRO B 91 13.12 -77.94 28.51
C PRO B 91 13.98 -78.47 29.66
N LYS B 92 14.74 -77.58 30.30
CA LYS B 92 15.67 -77.92 31.34
C LYS B 92 15.08 -77.58 32.70
N ILE B 93 14.99 -78.59 33.58
CA ILE B 93 14.54 -78.40 34.96
C ILE B 93 15.76 -78.22 35.88
N VAL B 94 15.70 -77.22 36.76
CA VAL B 94 16.72 -76.98 37.77
C VAL B 94 16.02 -76.98 39.13
N LYS B 95 16.36 -77.95 39.98
CA LYS B 95 15.74 -78.07 41.30
C LYS B 95 16.24 -76.98 42.25
N TRP B 96 15.35 -76.49 43.11
CA TRP B 96 15.72 -75.53 44.14
C TRP B 96 16.49 -76.22 45.27
N ASP B 97 17.79 -75.99 45.31
CA ASP B 97 18.64 -76.38 46.43
C ASP B 97 18.64 -75.16 47.36
N ARG B 98 18.21 -75.37 48.60
CA ARG B 98 18.13 -74.28 49.59
C ARG B 98 19.49 -73.77 50.11
N ASP B 99 20.60 -74.43 49.75
CA ASP B 99 21.95 -73.88 49.96
C ASP B 99 22.66 -73.52 48.64
N MET B 100 21.89 -73.02 47.66
CA MET B 100 22.46 -72.46 46.42
C MET B 100 21.60 -71.30 45.88
N SER C 1 14.75 -39.14 31.61
CA SER C 1 14.03 -38.66 30.39
C SER C 1 14.74 -39.15 29.12
N LEU C 2 13.95 -39.63 28.16
CA LEU C 2 14.47 -40.21 26.94
C LEU C 2 15.04 -39.14 26.00
N LEU C 3 15.92 -39.63 25.14
CA LEU C 3 16.38 -38.95 23.93
C LEU C 3 15.19 -38.49 23.06
N MET C 4 15.38 -37.39 22.31
CA MET C 4 14.35 -36.87 21.42
C MET C 4 14.68 -37.04 19.94
N TRP C 5 15.86 -36.60 19.52
CA TRP C 5 16.23 -36.70 18.10
C TRP C 5 16.86 -38.06 17.81
N ILE C 6 16.17 -38.86 17.00
CA ILE C 6 16.63 -40.21 16.65
C ILE C 6 16.76 -40.33 15.15
N THR C 7 17.91 -40.84 14.70
CA THR C 7 18.21 -41.03 13.29
C THR C 7 18.32 -42.53 12.97
N GLN C 8 17.70 -42.91 11.86
CA GLN C 8 17.61 -44.29 11.39
C GLN C 8 18.97 -44.82 10.95
N VAL C 9 19.15 -46.14 10.99
CA VAL C 9 20.42 -46.77 10.60
C VAL C 9 20.54 -46.83 9.08
N GLU D 4 5.08 -16.95 18.13
CA GLU D 4 6.22 -17.91 18.12
C GLU D 4 7.17 -17.63 16.96
N VAL D 5 6.65 -17.70 15.73
CA VAL D 5 7.45 -17.49 14.51
C VAL D 5 6.76 -16.50 13.56
N GLU D 6 7.35 -15.31 13.40
CA GLU D 6 6.71 -14.19 12.70
C GLU D 6 7.38 -13.86 11.37
N GLN D 7 6.54 -13.48 10.40
CA GLN D 7 6.95 -13.25 9.03
C GLN D 7 5.99 -12.20 8.44
N ASN D 8 6.52 -11.15 7.81
CA ASN D 8 5.66 -10.18 7.12
C ASN D 8 5.10 -10.81 5.84
N SER D 9 3.82 -10.57 5.58
CA SER D 9 3.10 -11.27 4.50
C SER D 9 3.46 -10.75 3.10
N GLY D 10 3.83 -9.47 3.00
CA GLY D 10 4.13 -8.85 1.71
C GLY D 10 2.85 -8.32 1.06
N PRO D 11 2.75 -8.32 -0.27
CA PRO D 11 3.79 -8.78 -1.19
C PRO D 11 5.06 -7.92 -1.19
N LEU D 12 6.20 -8.53 -1.51
CA LEU D 12 7.48 -7.86 -1.65
C LEU D 12 7.81 -7.85 -3.13
N SER D 13 8.10 -6.65 -3.66
CA SER D 13 8.47 -6.47 -5.07
C SER D 13 9.96 -6.27 -5.20
N VAL D 14 10.55 -7.00 -6.14
CA VAL D 14 11.98 -6.93 -6.42
C VAL D 14 12.15 -6.91 -7.94
N PRO D 15 13.01 -6.03 -8.46
CA PRO D 15 13.27 -6.09 -9.89
C PRO D 15 14.19 -7.25 -10.25
N GLU D 16 13.91 -7.89 -11.40
CA GLU D 16 14.75 -8.96 -11.92
C GLU D 16 16.24 -8.60 -11.87
N GLY D 17 17.04 -9.47 -11.26
CA GLY D 17 18.47 -9.25 -11.09
C GLY D 17 18.89 -8.80 -9.70
N ALA D 18 17.96 -8.20 -8.95
CA ALA D 18 18.26 -7.68 -7.62
C ALA D 18 18.14 -8.74 -6.53
N ILE D 19 18.64 -8.40 -5.35
CA ILE D 19 18.65 -9.28 -4.20
C ILE D 19 17.30 -9.20 -3.49
N ALA D 20 16.66 -10.38 -3.31
CA ALA D 20 15.43 -10.51 -2.53
C ALA D 20 15.82 -10.86 -1.09
N SER D 21 15.28 -10.12 -0.14
CA SER D 21 15.62 -10.26 1.27
C SER D 21 14.36 -10.58 2.05
N LEU D 22 14.26 -11.83 2.51
CA LEU D 22 13.12 -12.33 3.28
C LEU D 22 13.56 -12.55 4.71
N ASN D 23 12.79 -12.04 5.67
CA ASN D 23 13.12 -12.16 7.09
C ASN D 23 12.08 -12.96 7.88
N CYS D 24 12.51 -13.45 9.04
CA CYS D 24 11.69 -14.30 9.89
C CYS D 24 12.24 -14.27 11.31
N THR D 25 11.46 -13.78 12.27
CA THR D 25 11.85 -13.76 13.68
C THR D 25 11.25 -14.95 14.43
N TYR D 26 11.82 -15.24 15.60
CA TYR D 26 11.33 -16.31 16.46
C TYR D 26 11.53 -15.93 17.94
N SER D 27 10.60 -16.35 18.79
CA SER D 27 10.62 -16.00 20.22
C SER D 27 11.38 -16.99 21.12
N ASP D 28 11.41 -18.27 20.73
CA ASP D 28 12.02 -19.34 21.55
C ASP D 28 13.53 -19.47 21.29
N ARG D 29 14.34 -19.07 22.27
CA ARG D 29 15.80 -19.26 22.21
C ARG D 29 16.23 -20.72 22.14
N GLY D 30 15.41 -21.62 22.67
CA GLY D 30 15.63 -23.06 22.52
C GLY D 30 15.39 -23.64 21.13
N SER D 31 15.18 -22.78 20.12
CA SER D 31 15.06 -23.22 18.73
C SER D 31 16.37 -23.77 18.22
N GLN D 32 16.31 -24.89 17.50
CA GLN D 32 17.51 -25.65 17.13
C GLN D 32 17.81 -25.63 15.64
N SER D 33 16.79 -25.84 14.80
CA SER D 33 16.96 -25.80 13.34
C SER D 33 15.87 -24.95 12.70
N PHE D 34 16.23 -24.35 11.56
CA PHE D 34 15.43 -23.34 10.90
C PHE D 34 15.37 -23.67 9.40
N PHE D 35 14.16 -23.57 8.83
CA PHE D 35 13.89 -24.05 7.48
C PHE D 35 13.25 -22.98 6.58
N TRP D 36 13.58 -23.00 5.29
CA TRP D 36 12.91 -22.18 4.28
C TRP D 36 12.26 -23.09 3.24
N TYR D 37 10.93 -23.01 3.13
CA TYR D 37 10.17 -23.68 2.09
C TYR D 37 9.66 -22.65 1.08
N ARG D 38 9.57 -23.05 -0.20
CA ARG D 38 8.98 -22.23 -1.25
C ARG D 38 7.68 -22.86 -1.75
N GLN D 39 6.62 -22.07 -1.81
CA GLN D 39 5.31 -22.53 -2.31
C GLN D 39 4.86 -21.65 -3.49
N TYR D 40 4.82 -22.24 -4.68
CA TYR D 40 4.19 -21.62 -5.84
C TYR D 40 2.68 -21.60 -5.69
N SER D 41 2.03 -20.70 -6.40
CA SER D 41 0.57 -20.56 -6.31
C SER D 41 -0.10 -21.84 -6.82
N GLY D 42 -0.95 -22.42 -5.98
CA GLY D 42 -1.64 -23.67 -6.29
C GLY D 42 -0.81 -24.94 -6.22
N LYS D 43 0.37 -24.87 -5.61
CA LYS D 43 1.30 -26.01 -5.46
C LYS D 43 1.61 -26.26 -3.98
N SER D 44 2.45 -27.26 -3.72
CA SER D 44 2.83 -27.64 -2.36
C SER D 44 4.11 -26.93 -1.92
N PRO D 45 4.24 -26.59 -0.62
CA PRO D 45 5.51 -26.07 -0.14
C PRO D 45 6.64 -27.08 -0.36
N GLU D 46 7.79 -26.61 -0.82
CA GLU D 46 8.94 -27.45 -1.10
C GLU D 46 10.17 -26.86 -0.43
N LEU D 47 10.99 -27.71 0.17
CA LEU D 47 12.18 -27.26 0.89
C LEU D 47 13.16 -26.61 -0.06
N ILE D 48 13.71 -25.46 0.35
CA ILE D 48 14.86 -24.86 -0.31
C ILE D 48 16.09 -25.23 0.47
N MET D 49 16.14 -24.81 1.73
CA MET D 49 17.28 -25.11 2.60
C MET D 49 16.98 -24.92 4.09
N PHE D 50 17.82 -25.56 4.89
CA PHE D 50 17.76 -25.49 6.34
C PHE D 50 19.07 -24.94 6.87
N ILE D 51 19.02 -24.41 8.09
CA ILE D 51 20.21 -23.91 8.77
C ILE D 51 20.04 -24.12 10.28
N TYR D 52 21.12 -24.56 10.93
CA TYR D 52 21.14 -24.73 12.41
C TYR D 52 22.22 -23.93 13.13
N SER D 53 23.37 -23.74 12.49
CA SER D 53 24.49 -22.99 13.09
C SER D 53 24.46 -21.51 12.69
N ASP D 54 24.87 -20.67 13.63
CA ASP D 54 24.87 -19.21 13.49
C ASP D 54 25.83 -18.79 12.37
N GLY D 55 25.37 -17.92 11.48
CA GLY D 55 26.17 -17.43 10.35
C GLY D 55 25.46 -17.58 9.01
N ASP D 56 26.24 -17.66 7.93
CA ASP D 56 25.73 -17.78 6.57
C ASP D 56 25.85 -19.20 6.05
N LYS D 57 24.94 -19.59 5.16
CA LYS D 57 25.02 -20.86 4.44
C LYS D 57 24.59 -20.62 3.01
N GLU D 58 25.50 -20.85 2.05
CA GLU D 58 25.24 -20.60 0.64
C GLU D 58 24.86 -21.89 -0.10
N ASP D 59 23.90 -21.79 -1.02
CA ASP D 59 23.50 -22.90 -1.89
C ASP D 59 23.01 -22.30 -3.22
N GLY D 60 23.92 -22.19 -4.18
CA GLY D 60 23.61 -21.55 -5.47
C GLY D 60 23.29 -20.08 -5.28
N ARG D 61 22.13 -19.66 -5.79
CA ARG D 61 21.68 -18.26 -5.65
C ARG D 61 21.09 -17.95 -4.26
N PHE D 62 20.78 -18.98 -3.47
CA PHE D 62 20.19 -18.79 -2.15
C PHE D 62 21.26 -18.70 -1.08
N THR D 63 21.00 -17.86 -0.07
CA THR D 63 21.83 -17.80 1.13
C THR D 63 20.93 -17.67 2.36
N ALA D 64 20.94 -18.69 3.21
CA ALA D 64 20.30 -18.61 4.51
C ALA D 64 21.27 -17.95 5.49
N GLN D 65 20.72 -17.11 6.37
CA GLN D 65 21.50 -16.40 7.39
C GLN D 65 20.79 -16.54 8.72
N LEU D 66 21.49 -17.04 9.73
CA LEU D 66 20.94 -17.19 11.08
C LEU D 66 21.70 -16.31 12.06
N ASN D 67 20.94 -15.57 12.88
CA ASN D 67 21.50 -14.72 13.93
C ASN D 67 20.76 -15.01 15.24
N ARG D 68 21.40 -15.80 16.10
CA ARG D 68 20.77 -16.24 17.35
C ARG D 68 20.73 -15.14 18.42
N ALA D 69 21.63 -14.16 18.33
CA ALA D 69 21.68 -13.06 19.29
C ALA D 69 20.50 -12.09 19.12
N SER D 70 20.18 -11.78 17.86
CA SER D 70 19.02 -10.93 17.52
C SER D 70 17.74 -11.73 17.21
N GLN D 71 17.86 -13.07 17.17
CA GLN D 71 16.74 -14.00 16.98
C GLN D 71 15.97 -13.79 15.68
N TYR D 72 16.65 -14.02 14.57
CA TYR D 72 16.05 -13.97 13.25
C TYR D 72 16.74 -14.94 12.29
N VAL D 73 16.01 -15.37 11.27
CA VAL D 73 16.56 -16.10 10.14
C VAL D 73 16.23 -15.33 8.87
N SER D 74 17.16 -15.32 7.92
CA SER D 74 16.97 -14.63 6.65
C SER D 74 17.23 -15.55 5.47
N LEU D 75 16.60 -15.25 4.35
CA LEU D 75 16.86 -15.87 3.06
C LEU D 75 17.14 -14.74 2.06
N LEU D 76 18.37 -14.69 1.54
CA LEU D 76 18.75 -13.76 0.47
C LEU D 76 18.75 -14.54 -0.85
N ILE D 77 18.18 -13.95 -1.91
CA ILE D 77 18.17 -14.56 -3.23
C ILE D 77 18.90 -13.62 -4.20
N ARG D 78 20.15 -13.97 -4.52
CA ARG D 78 20.93 -13.20 -5.49
C ARG D 78 20.43 -13.45 -6.91
N ASP D 79 20.48 -12.42 -7.74
CA ASP D 79 20.09 -12.51 -9.16
C ASP D 79 18.67 -13.06 -9.33
N SER D 80 17.72 -12.45 -8.61
CA SER D 80 16.33 -12.89 -8.61
C SER D 80 15.73 -12.93 -10.00
N GLN D 81 14.98 -13.98 -10.29
CA GLN D 81 14.32 -14.16 -11.58
C GLN D 81 12.82 -14.18 -11.37
N PRO D 82 12.01 -14.00 -12.44
CA PRO D 82 10.54 -14.07 -12.29
C PRO D 82 10.02 -15.42 -11.78
N SER D 83 10.71 -16.51 -12.10
CA SER D 83 10.35 -17.84 -11.60
C SER D 83 10.57 -18.03 -10.08
N ASP D 84 11.28 -17.11 -9.43
CA ASP D 84 11.37 -17.07 -7.97
C ASP D 84 10.11 -16.48 -7.31
N SER D 85 9.18 -15.93 -8.09
CA SER D 85 7.92 -15.42 -7.55
C SER D 85 7.13 -16.55 -6.92
N ALA D 86 6.89 -16.44 -5.62
CA ALA D 86 6.27 -17.51 -4.81
C ALA D 86 6.05 -17.03 -3.37
N THR D 87 5.42 -17.86 -2.55
CA THR D 87 5.31 -17.63 -1.12
C THR D 87 6.40 -18.41 -0.43
N TYR D 88 7.17 -17.73 0.44
CA TYR D 88 8.32 -18.32 1.11
C TYR D 88 7.99 -18.52 2.58
N LEU D 89 7.97 -19.78 3.01
CA LEU D 89 7.56 -20.19 4.35
C LEU D 89 8.75 -20.51 5.23
N CYS D 90 8.79 -19.88 6.40
CA CYS D 90 9.80 -20.08 7.42
C CYS D 90 9.26 -21.05 8.47
N ALA D 91 10.05 -22.04 8.86
CA ALA D 91 9.65 -23.01 9.90
C ALA D 91 10.79 -23.24 10.90
N VAL D 92 10.43 -23.41 12.17
CA VAL D 92 11.39 -23.57 13.27
C VAL D 92 11.08 -24.81 14.12
N LYS D 93 12.07 -25.69 14.25
CA LYS D 93 12.02 -26.85 15.17
C LYS D 93 12.74 -26.51 16.47
N SER D 94 12.18 -26.96 17.58
CA SER D 94 12.62 -26.58 18.90
C SER D 94 12.78 -27.80 19.83
N GLY D 95 13.28 -27.54 21.04
CA GLY D 95 13.67 -28.59 21.97
C GLY D 95 12.55 -29.41 22.58
N GLY D 96 11.40 -28.80 22.86
CA GLY D 96 10.31 -29.47 23.57
C GLY D 96 9.18 -30.04 22.73
N SER D 97 9.39 -30.23 21.42
CA SER D 97 8.33 -30.73 20.53
C SER D 97 8.87 -31.23 19.20
N TYR D 98 8.14 -32.17 18.60
CA TYR D 98 8.41 -32.66 17.24
C TYR D 98 7.75 -31.80 16.16
N ILE D 99 6.80 -30.96 16.57
CA ILE D 99 6.04 -30.10 15.66
C ILE D 99 6.88 -28.88 15.26
N PRO D 100 7.19 -28.70 13.96
CA PRO D 100 7.81 -27.42 13.55
C PRO D 100 6.80 -26.27 13.58
N THR D 101 7.25 -25.10 14.06
CA THR D 101 6.40 -23.92 14.13
C THR D 101 6.58 -23.08 12.85
N PHE D 102 5.48 -22.89 12.11
CA PHE D 102 5.51 -22.18 10.83
C PHE D 102 5.13 -20.71 11.01
N GLY D 103 5.79 -19.85 10.23
CA GLY D 103 5.32 -18.49 9.99
C GLY D 103 4.27 -18.53 8.90
N ARG D 104 3.50 -17.44 8.78
CA ARG D 104 2.40 -17.38 7.81
C ARG D 104 2.83 -17.28 6.34
N GLY D 105 4.11 -16.99 6.10
CA GLY D 105 4.69 -16.95 4.76
C GLY D 105 4.74 -15.53 4.21
N THR D 106 5.76 -15.26 3.40
CA THR D 106 5.96 -13.96 2.76
C THR D 106 5.86 -14.15 1.25
N SER D 107 4.95 -13.41 0.62
CA SER D 107 4.77 -13.44 -0.82
C SER D 107 5.82 -12.55 -1.52
N LEU D 108 6.56 -13.14 -2.45
CA LEU D 108 7.57 -12.43 -3.25
C LEU D 108 7.14 -12.40 -4.71
N ILE D 109 7.19 -11.21 -5.31
CA ILE D 109 6.98 -11.06 -6.75
C ILE D 109 8.26 -10.46 -7.32
N VAL D 110 8.81 -11.11 -8.35
CA VAL D 110 9.97 -10.59 -9.06
C VAL D 110 9.52 -10.10 -10.44
N HIS D 111 9.49 -8.79 -10.62
CA HIS D 111 9.05 -8.18 -11.88
C HIS D 111 10.13 -8.33 -12.95
N PRO D 112 9.75 -8.77 -14.15
CA PRO D 112 10.75 -8.97 -15.20
C PRO D 112 11.25 -7.65 -15.80
N TYR D 113 12.50 -7.66 -16.28
CA TYR D 113 13.09 -6.52 -16.98
C TYR D 113 12.71 -6.63 -18.46
N ILE D 114 11.84 -5.74 -18.93
CA ILE D 114 11.49 -5.69 -20.34
C ILE D 114 12.55 -4.85 -21.05
N GLN D 115 13.27 -5.44 -22.01
CA GLN D 115 14.36 -4.78 -22.73
C GLN D 115 13.83 -3.63 -23.59
N ASN D 116 12.95 -3.97 -24.54
CA ASN D 116 12.40 -3.01 -25.49
C ASN D 116 10.87 -2.99 -25.33
N PRO D 117 10.36 -2.18 -24.36
CA PRO D 117 8.90 -2.02 -24.21
C PRO D 117 8.22 -1.66 -25.53
N ASP D 118 7.13 -2.35 -25.83
CA ASP D 118 6.37 -2.11 -27.06
C ASP D 118 4.86 -2.10 -26.73
N PRO D 119 4.44 -1.27 -25.75
CA PRO D 119 3.04 -1.29 -25.27
C PRO D 119 2.02 -1.23 -26.40
N ALA D 120 1.08 -2.17 -26.38
CA ALA D 120 0.08 -2.28 -27.45
C ALA D 120 -1.20 -2.95 -26.95
N VAL D 121 -2.32 -2.62 -27.61
CA VAL D 121 -3.64 -3.17 -27.28
C VAL D 121 -4.24 -3.74 -28.56
N TYR D 122 -4.28 -5.07 -28.67
CA TYR D 122 -4.77 -5.76 -29.86
C TYR D 122 -6.16 -6.36 -29.63
N GLN D 123 -6.88 -6.63 -30.72
CA GLN D 123 -8.17 -7.33 -30.67
C GLN D 123 -8.04 -8.73 -31.28
N LEU D 124 -8.57 -9.74 -30.59
CA LEU D 124 -8.52 -11.14 -31.03
C LEU D 124 -9.91 -11.62 -31.48
N ASP D 131 -20.55 -14.29 -29.29
CA ASP D 131 -20.77 -14.22 -27.85
C ASP D 131 -19.96 -13.13 -27.14
N LYS D 132 -18.72 -12.93 -27.58
CA LYS D 132 -17.70 -12.29 -26.76
C LYS D 132 -16.44 -11.97 -27.58
N SER D 133 -15.92 -10.75 -27.43
CA SER D 133 -14.62 -10.34 -28.00
C SER D 133 -13.61 -10.06 -26.88
N VAL D 134 -12.33 -10.29 -27.21
CA VAL D 134 -11.24 -10.25 -26.23
C VAL D 134 -10.13 -9.29 -26.68
N CYS D 135 -9.73 -8.39 -25.77
CA CYS D 135 -8.65 -7.44 -26.02
C CYS D 135 -7.42 -7.76 -25.18
N LEU D 136 -6.24 -7.73 -25.81
CA LEU D 136 -4.98 -8.09 -25.18
C LEU D 136 -4.08 -6.87 -25.05
N PHE D 137 -3.87 -6.42 -23.81
CA PHE D 137 -2.89 -5.36 -23.51
C PHE D 137 -1.55 -6.04 -23.20
N THR D 138 -0.56 -5.87 -24.06
CA THR D 138 0.67 -6.66 -24.00
C THR D 138 1.95 -5.86 -24.28
N ASP D 139 3.09 -6.51 -24.01
CA ASP D 139 4.43 -5.96 -24.21
C ASP D 139 4.77 -4.70 -23.40
N PHE D 140 3.99 -4.45 -22.35
CA PHE D 140 4.15 -3.21 -21.59
C PHE D 140 5.25 -3.35 -20.52
N ASP D 141 5.65 -2.20 -20.00
CA ASP D 141 6.69 -2.08 -18.99
C ASP D 141 6.24 -2.64 -17.64
N SER D 142 7.19 -3.18 -16.86
CA SER D 142 6.84 -3.78 -15.55
C SER D 142 6.35 -2.80 -14.48
N GLN D 143 6.60 -1.51 -14.68
CA GLN D 143 6.13 -0.46 -13.76
C GLN D 143 4.67 -0.07 -14.02
N THR D 144 4.08 -0.56 -15.12
CA THR D 144 2.66 -0.39 -15.40
C THR D 144 1.82 -1.33 -14.55
N ASN D 145 0.89 -0.76 -13.78
CA ASN D 145 -0.09 -1.51 -12.99
C ASN D 145 -1.44 -1.49 -13.70
N VAL D 146 -1.94 -2.67 -14.07
CA VAL D 146 -3.27 -2.78 -14.68
C VAL D 146 -4.31 -2.74 -13.57
N SER D 147 -5.36 -1.96 -13.78
CA SER D 147 -6.43 -1.78 -12.78
C SER D 147 -7.69 -2.53 -13.19
N GLN D 148 -8.50 -2.89 -12.19
CA GLN D 148 -9.77 -3.58 -12.43
C GLN D 148 -10.78 -2.63 -13.06
N SER D 149 -11.81 -3.22 -13.67
CA SER D 149 -12.78 -2.46 -14.46
C SER D 149 -13.68 -1.55 -13.63
N LYS D 150 -14.10 -0.45 -14.23
CA LYS D 150 -15.15 0.39 -13.66
C LYS D 150 -16.48 -0.35 -13.79
N ASP D 151 -16.82 -0.72 -15.03
CA ASP D 151 -18.06 -1.46 -15.32
C ASP D 151 -17.93 -2.92 -14.85
N SER D 152 -19.05 -3.49 -14.40
CA SER D 152 -19.09 -4.85 -13.87
C SER D 152 -19.26 -5.93 -14.95
N ASP D 153 -19.86 -5.56 -16.09
CA ASP D 153 -19.95 -6.45 -17.27
C ASP D 153 -18.63 -6.59 -18.05
N VAL D 154 -17.63 -5.74 -17.73
CA VAL D 154 -16.29 -5.85 -18.31
C VAL D 154 -15.37 -6.51 -17.28
N TYR D 155 -14.67 -7.56 -17.70
CA TYR D 155 -13.76 -8.32 -16.83
C TYR D 155 -12.33 -8.06 -17.28
N ILE D 156 -11.44 -7.78 -16.33
CA ILE D 156 -10.03 -7.50 -16.64
C ILE D 156 -9.14 -8.30 -15.70
N THR D 157 -8.27 -9.13 -16.26
CA THR D 157 -7.31 -9.91 -15.48
C THR D 157 -6.13 -9.04 -15.10
N ASP D 158 -5.43 -9.44 -14.04
CA ASP D 158 -4.20 -8.75 -13.63
C ASP D 158 -3.07 -9.10 -14.61
N LYS D 159 -2.00 -8.31 -14.57
CA LYS D 159 -0.85 -8.53 -15.43
C LYS D 159 -0.20 -9.88 -15.14
N CYS D 160 0.29 -10.51 -16.19
CA CYS D 160 0.79 -11.88 -16.16
C CYS D 160 2.10 -11.99 -16.96
N VAL D 161 3.11 -12.62 -16.36
CA VAL D 161 4.45 -12.74 -16.96
C VAL D 161 4.62 -14.10 -17.66
N LEU D 162 4.76 -14.09 -18.99
CA LEU D 162 5.07 -15.30 -19.76
C LEU D 162 6.54 -15.30 -20.22
N ASP D 163 7.08 -16.49 -20.45
CA ASP D 163 8.51 -16.68 -20.72
C ASP D 163 8.72 -17.67 -21.86
N MET D 164 9.05 -17.13 -23.04
CA MET D 164 9.30 -17.94 -24.25
C MET D 164 10.74 -18.48 -24.20
N ARG D 165 10.91 -19.60 -23.50
CA ARG D 165 12.23 -20.19 -23.15
C ARG D 165 13.30 -20.09 -24.24
N SER D 166 12.99 -20.65 -25.42
CA SER D 166 13.97 -20.79 -26.51
C SER D 166 14.54 -19.46 -27.04
N MET D 167 13.78 -18.37 -26.93
CA MET D 167 14.23 -17.06 -27.37
C MET D 167 14.62 -16.08 -26.24
N ASP D 168 14.53 -16.54 -24.99
CA ASP D 168 14.93 -15.73 -23.81
C ASP D 168 14.19 -14.40 -23.70
N PHE D 169 12.90 -14.42 -24.01
CA PHE D 169 12.06 -13.23 -24.11
C PHE D 169 10.88 -13.30 -23.13
N LYS D 170 10.93 -12.46 -22.10
CA LYS D 170 9.80 -12.28 -21.18
C LYS D 170 8.83 -11.26 -21.75
N SER D 171 7.62 -11.28 -21.22
CA SER D 171 6.54 -10.43 -21.73
C SER D 171 5.39 -10.33 -20.74
N ASN D 172 5.04 -9.10 -20.36
CA ASN D 172 3.84 -8.83 -19.57
C ASN D 172 2.61 -8.83 -20.50
N SER D 173 1.47 -9.23 -19.96
CA SER D 173 0.20 -9.24 -20.71
C SER D 173 -0.99 -9.13 -19.77
N ALA D 174 -2.08 -8.52 -20.25
CA ALA D 174 -3.34 -8.47 -19.52
C ALA D 174 -4.48 -8.64 -20.52
N VAL D 175 -5.50 -9.40 -20.11
CA VAL D 175 -6.64 -9.70 -20.97
C VAL D 175 -7.86 -8.95 -20.44
N ALA D 176 -8.76 -8.60 -21.35
CA ALA D 176 -10.05 -8.03 -20.96
C ALA D 176 -11.11 -8.47 -21.95
N TRP D 177 -12.34 -8.63 -21.47
CA TRP D 177 -13.46 -9.03 -22.32
C TRP D 177 -14.81 -8.57 -21.79
N SER D 178 -15.79 -8.57 -22.68
CA SER D 178 -17.17 -8.24 -22.35
C SER D 178 -18.07 -8.66 -23.51
N ASN D 179 -19.27 -9.13 -23.20
CA ASN D 179 -20.29 -9.44 -24.23
C ASN D 179 -21.05 -8.21 -24.73
N LYS D 180 -20.92 -7.07 -24.03
CA LYS D 180 -21.57 -5.81 -24.42
C LYS D 180 -21.04 -5.25 -25.75
N SER D 181 -21.95 -4.80 -26.62
CA SER D 181 -21.56 -4.14 -27.88
C SER D 181 -21.08 -2.68 -27.71
N ASP D 182 -21.21 -2.14 -26.48
CA ASP D 182 -20.57 -0.87 -26.10
C ASP D 182 -19.04 -1.02 -26.04
N PHE D 183 -18.60 -2.19 -25.57
CA PHE D 183 -17.19 -2.49 -25.31
C PHE D 183 -16.34 -2.52 -26.59
N ALA D 184 -15.25 -1.75 -26.58
CA ALA D 184 -14.22 -1.77 -27.62
C ALA D 184 -12.84 -1.73 -26.96
N CYS D 185 -11.81 -2.13 -27.71
CA CYS D 185 -10.45 -2.21 -27.16
C CYS D 185 -9.85 -0.86 -26.75
N ALA D 186 -10.32 0.23 -27.37
CA ALA D 186 -9.99 1.58 -26.94
C ALA D 186 -10.52 1.89 -25.53
N ASN D 187 -11.73 1.41 -25.21
CA ASN D 187 -12.33 1.62 -23.88
C ASN D 187 -11.68 0.77 -22.79
N ALA D 188 -11.28 -0.45 -23.16
CA ALA D 188 -10.92 -1.52 -22.21
C ALA D 188 -10.16 -1.07 -20.96
N PHE D 189 -9.07 -0.34 -21.15
CA PHE D 189 -8.12 -0.03 -20.08
C PHE D 189 -8.09 1.45 -19.66
N ASN D 190 -9.22 2.15 -19.82
CA ASN D 190 -9.32 3.58 -19.44
C ASN D 190 -9.04 3.85 -17.96
N ASN D 191 -9.43 2.92 -17.10
CA ASN D 191 -9.23 3.06 -15.65
C ASN D 191 -7.77 2.83 -15.24
N SER D 192 -7.02 2.08 -16.05
CA SER D 192 -5.58 1.93 -15.85
C SER D 192 -4.80 3.13 -16.38
N ILE D 193 -3.67 3.43 -15.73
CA ILE D 193 -2.72 4.42 -16.22
C ILE D 193 -1.81 3.72 -17.24
N ILE D 194 -2.16 3.87 -18.51
CA ILE D 194 -1.50 3.22 -19.64
C ILE D 194 -0.29 4.10 -20.02
N PRO D 195 0.75 3.51 -20.67
CA PRO D 195 1.81 4.36 -21.24
C PRO D 195 1.29 5.30 -22.35
N GLU D 196 1.88 6.48 -22.45
CA GLU D 196 1.42 7.53 -23.37
C GLU D 196 1.44 7.10 -24.85
N ASP D 197 2.53 6.45 -25.27
CA ASP D 197 2.71 6.05 -26.68
C ASP D 197 2.30 4.59 -26.97
N THR D 198 1.20 4.15 -26.35
CA THR D 198 0.68 2.80 -26.55
C THR D 198 0.01 2.67 -27.92
N PHE D 199 0.31 1.58 -28.61
CA PHE D 199 -0.15 1.33 -29.98
C PHE D 199 -1.61 0.87 -29.98
N PHE D 200 -2.46 1.56 -30.75
CA PHE D 200 -3.88 1.21 -30.91
C PHE D 200 -4.22 1.10 -32.41
N PRO D 201 -4.03 -0.09 -33.02
CA PRO D 201 -4.33 -0.23 -34.46
C PRO D 201 -5.82 -0.18 -34.79
N SER D 202 -6.14 0.05 -36.07
CA SER D 202 -7.53 0.17 -36.53
C SER D 202 -7.90 -0.89 -37.59
N PRO D 203 -8.10 -2.16 -37.15
CA PRO D 203 -8.55 -3.21 -38.07
C PRO D 203 -10.06 -3.12 -38.37
N GLY E 4 7.74 -40.16 -3.17
CA GLY E 4 7.42 -39.09 -2.17
C GLY E 4 6.10 -39.31 -1.46
N VAL E 5 5.53 -38.23 -0.94
CA VAL E 5 4.23 -38.26 -0.26
C VAL E 5 3.12 -38.12 -1.29
N THR E 6 2.21 -39.10 -1.34
CA THR E 6 1.03 -39.03 -2.20
C THR E 6 -0.22 -38.81 -1.34
N GLN E 7 -1.18 -38.03 -1.85
CA GLN E 7 -2.50 -37.93 -1.20
C GLN E 7 -3.63 -37.86 -2.23
N THR E 8 -4.73 -38.55 -1.91
CA THR E 8 -5.91 -38.58 -2.75
C THR E 8 -7.19 -38.30 -1.93
N PRO E 9 -8.21 -37.71 -2.55
CA PRO E 9 -8.15 -37.13 -3.89
C PRO E 9 -7.49 -35.75 -3.86
N LYS E 10 -7.20 -35.20 -5.04
CA LYS E 10 -6.59 -33.87 -5.15
C LYS E 10 -7.64 -32.75 -5.08
N PHE E 11 -8.84 -33.00 -5.60
CA PHE E 11 -9.98 -32.10 -5.43
C PHE E 11 -11.19 -32.88 -4.93
N GLN E 12 -12.07 -32.21 -4.21
CA GLN E 12 -13.30 -32.83 -3.69
C GLN E 12 -14.38 -31.81 -3.42
N VAL E 13 -15.60 -32.13 -3.82
CA VAL E 13 -16.80 -31.40 -3.44
C VAL E 13 -17.62 -32.29 -2.49
N LEU E 14 -18.06 -31.73 -1.37
CA LEU E 14 -18.97 -32.40 -0.44
C LEU E 14 -20.16 -31.53 -0.12
N LYS E 15 -21.29 -32.16 0.20
CA LYS E 15 -22.42 -31.45 0.78
C LYS E 15 -22.30 -31.49 2.30
N THR E 16 -22.81 -30.44 2.96
CA THR E 16 -22.73 -30.32 4.42
C THR E 16 -23.31 -31.57 5.08
N GLY E 17 -22.55 -32.17 5.99
CA GLY E 17 -22.97 -33.37 6.72
C GLY E 17 -22.37 -34.68 6.23
N GLN E 18 -21.82 -34.71 5.02
CA GLN E 18 -21.19 -35.92 4.48
C GLN E 18 -19.86 -36.23 5.15
N SER E 19 -19.49 -37.50 5.12
CA SER E 19 -18.18 -37.96 5.57
C SER E 19 -17.27 -38.18 4.39
N MET E 20 -15.97 -38.09 4.64
CA MET E 20 -14.96 -38.40 3.64
C MET E 20 -13.63 -38.62 4.36
N THR E 21 -12.76 -39.41 3.73
CA THR E 21 -11.43 -39.71 4.23
C THR E 21 -10.42 -39.23 3.21
N LEU E 22 -9.49 -38.37 3.64
CA LEU E 22 -8.36 -37.96 2.81
C LEU E 22 -7.22 -38.94 3.05
N GLN E 23 -6.79 -39.62 1.99
CA GLN E 23 -5.68 -40.58 2.09
C GLN E 23 -4.36 -39.83 2.07
N CYS E 24 -3.40 -40.32 2.84
CA CYS E 24 -2.01 -39.87 2.74
C CYS E 24 -1.09 -41.06 2.95
N ALA E 25 -0.24 -41.33 1.96
CA ALA E 25 0.71 -42.44 2.03
C ALA E 25 2.12 -41.96 1.67
N GLN E 26 3.13 -42.50 2.36
CA GLN E 26 4.53 -42.21 2.06
C GLN E 26 5.36 -43.49 2.10
N ASP E 27 6.34 -43.57 1.21
CA ASP E 27 7.16 -44.78 1.02
C ASP E 27 8.62 -44.54 1.41
N MET E 28 8.85 -43.61 2.33
CA MET E 28 10.20 -43.17 2.72
C MET E 28 10.57 -43.58 4.15
N ASN E 29 9.70 -44.36 4.79
CA ASN E 29 9.86 -44.77 6.19
C ASN E 29 10.04 -43.59 7.16
N HIS E 30 9.32 -42.50 6.89
CA HIS E 30 9.24 -41.37 7.81
C HIS E 30 8.51 -41.83 9.06
N GLU E 31 9.01 -41.44 10.22
CA GLU E 31 8.33 -41.72 11.49
C GLU E 31 7.24 -40.68 11.73
N TYR E 32 7.57 -39.40 11.51
CA TYR E 32 6.66 -38.29 11.74
C TYR E 32 5.73 -38.08 10.54
N MET E 33 4.45 -37.89 10.81
CA MET E 33 3.44 -37.57 9.79
C MET E 33 2.43 -36.58 10.37
N SER E 34 2.03 -35.59 9.56
CA SER E 34 1.13 -34.51 10.00
C SER E 34 0.08 -34.15 8.94
N TRP E 35 -0.97 -33.47 9.40
CA TRP E 35 -2.01 -32.92 8.53
C TRP E 35 -2.16 -31.41 8.80
N TYR E 36 -1.95 -30.62 7.77
CA TYR E 36 -2.13 -29.17 7.81
C TYR E 36 -3.33 -28.75 6.96
N ARG E 37 -4.00 -27.67 7.38
CA ARG E 37 -4.91 -26.95 6.51
C ARG E 37 -4.32 -25.55 6.23
N GLN E 38 -4.52 -25.05 5.00
CA GLN E 38 -4.02 -23.72 4.61
C GLN E 38 -5.16 -22.85 4.08
N ASP E 39 -5.42 -21.74 4.78
CA ASP E 39 -6.50 -20.81 4.39
C ASP E 39 -5.92 -19.41 4.17
N PRO E 40 -6.44 -18.65 3.17
CA PRO E 40 -5.91 -17.37 2.71
C PRO E 40 -5.21 -16.48 3.77
N GLY E 41 -5.92 -16.15 4.85
CA GLY E 41 -5.38 -15.23 5.87
C GLY E 41 -4.48 -15.81 6.94
N MET E 42 -4.49 -17.13 7.12
CA MET E 42 -4.00 -17.76 8.36
C MET E 42 -2.80 -18.72 8.23
N GLY E 43 -2.25 -18.88 7.02
CA GLY E 43 -1.12 -19.76 6.78
C GLY E 43 -1.43 -21.23 7.08
N LEU E 44 -0.37 -22.01 7.32
CA LEU E 44 -0.50 -23.41 7.68
C LEU E 44 -0.89 -23.57 9.15
N ARG E 45 -1.97 -24.32 9.41
CA ARG E 45 -2.38 -24.64 10.78
C ARG E 45 -2.43 -26.16 10.95
N LEU E 46 -1.90 -26.65 12.07
CA LEU E 46 -1.78 -28.09 12.32
C LEU E 46 -3.08 -28.69 12.83
N ILE E 47 -3.53 -29.78 12.21
CA ILE E 47 -4.75 -30.50 12.60
C ILE E 47 -4.42 -31.65 13.57
N HIS E 48 -3.66 -32.63 13.09
CA HIS E 48 -3.17 -33.77 13.87
C HIS E 48 -1.77 -34.14 13.43
N TYR E 49 -1.02 -34.81 14.32
CA TYR E 49 0.26 -35.41 13.96
C TYR E 49 0.43 -36.76 14.62
N SER E 50 1.47 -37.47 14.18
CA SER E 50 1.79 -38.79 14.68
C SER E 50 3.29 -39.04 14.56
N VAL E 51 3.96 -39.28 15.69
CA VAL E 51 5.40 -39.60 15.68
C VAL E 51 5.71 -41.05 15.32
N GLY E 52 4.69 -41.88 15.11
CA GLY E 52 4.89 -43.28 14.70
C GLY E 52 3.62 -44.11 14.82
N ALA E 53 3.69 -45.35 14.38
CA ALA E 53 2.56 -46.28 14.48
C ALA E 53 2.07 -46.40 15.93
N GLY E 54 0.75 -46.38 16.09
CA GLY E 54 0.10 -46.56 17.40
C GLY E 54 -0.01 -45.33 18.28
N ILE E 55 0.27 -44.15 17.73
CA ILE E 55 0.08 -42.89 18.45
C ILE E 55 -0.33 -41.78 17.49
N THR E 56 -1.36 -41.03 17.90
CA THR E 56 -1.74 -39.80 17.23
C THR E 56 -1.92 -38.72 18.30
N ASP E 57 -1.74 -37.46 17.91
CA ASP E 57 -1.86 -36.33 18.83
C ASP E 57 -2.56 -35.15 18.17
N LYS E 58 -3.23 -34.34 18.98
CA LYS E 58 -3.93 -33.16 18.50
C LYS E 58 -2.96 -32.02 18.19
N GLY E 59 -3.32 -31.20 17.21
CA GLY E 59 -2.56 -30.00 16.83
C GLY E 59 -3.29 -28.74 17.27
N GLU E 60 -3.22 -27.68 16.46
CA GLU E 60 -3.84 -26.40 16.77
C GLU E 60 -5.35 -26.43 16.54
N VAL E 61 -5.80 -27.08 15.46
CA VAL E 61 -7.22 -27.11 15.06
C VAL E 61 -7.74 -28.53 14.81
N PRO E 62 -7.72 -29.39 15.86
CA PRO E 62 -8.11 -30.80 15.71
C PRO E 62 -9.61 -31.05 15.56
N ASN E 63 -10.45 -30.19 16.14
CA ASN E 63 -11.90 -30.41 16.23
C ASN E 63 -12.55 -30.61 14.87
N GLY E 64 -13.43 -31.61 14.77
CA GLY E 64 -14.08 -31.99 13.52
C GLY E 64 -13.34 -33.01 12.67
N TYR E 65 -12.10 -33.35 13.04
CA TYR E 65 -11.25 -34.27 12.30
C TYR E 65 -10.80 -35.45 13.16
N ASN E 66 -10.65 -36.61 12.53
CA ASN E 66 -10.02 -37.79 13.16
C ASN E 66 -8.86 -38.29 12.32
N VAL E 67 -7.90 -38.92 12.98
CA VAL E 67 -6.78 -39.61 12.32
C VAL E 67 -6.52 -40.97 12.96
N SER E 68 -5.82 -41.83 12.22
CA SER E 68 -5.34 -43.10 12.72
C SER E 68 -3.98 -43.40 12.12
N ARG E 69 -3.10 -44.01 12.92
CA ARG E 69 -1.78 -44.46 12.46
C ARG E 69 -1.56 -45.90 12.94
N SER E 70 -2.08 -46.84 12.15
CA SER E 70 -1.88 -48.27 12.38
C SER E 70 -0.70 -48.86 11.57
N THR E 71 -0.15 -48.07 10.64
CA THR E 71 0.99 -48.47 9.80
C THR E 71 2.02 -47.34 9.71
N THR E 72 3.21 -47.68 9.23
CA THR E 72 4.27 -46.70 9.00
C THR E 72 3.90 -45.75 7.85
N GLU E 73 3.26 -46.27 6.80
CA GLU E 73 3.08 -45.56 5.55
C GLU E 73 1.89 -44.61 5.54
N ASP E 74 0.75 -45.05 6.04
CA ASP E 74 -0.53 -44.36 5.83
C ASP E 74 -0.98 -43.55 7.06
N PHE E 75 -1.61 -42.40 6.82
CA PHE E 75 -2.06 -41.52 7.91
C PHE E 75 -3.35 -40.79 7.47
N PRO E 76 -4.44 -41.53 7.29
CA PRO E 76 -5.68 -40.94 6.76
C PRO E 76 -6.34 -39.91 7.70
N LEU E 77 -6.92 -38.87 7.09
CA LEU E 77 -7.68 -37.84 7.81
C LEU E 77 -9.16 -38.01 7.47
N ARG E 78 -9.97 -38.29 8.49
CA ARG E 78 -11.41 -38.42 8.33
C ARG E 78 -12.11 -37.13 8.72
N LEU E 79 -13.01 -36.66 7.86
CA LEU E 79 -13.95 -35.60 8.19
C LEU E 79 -15.24 -36.28 8.59
N LEU E 80 -15.65 -36.07 9.84
CA LEU E 80 -16.79 -36.80 10.41
C LEU E 80 -18.11 -36.28 9.86
N SER E 81 -18.30 -34.97 9.97
CA SER E 81 -19.50 -34.29 9.49
C SER E 81 -19.07 -32.98 8.81
N ALA E 82 -19.02 -32.99 7.48
CA ALA E 82 -18.45 -31.87 6.69
C ALA E 82 -19.19 -30.56 6.93
N ALA E 83 -18.42 -29.51 7.23
CA ALA E 83 -18.96 -28.16 7.46
C ALA E 83 -18.39 -27.19 6.42
N PRO E 84 -19.13 -26.09 6.09
CA PRO E 84 -18.57 -25.09 5.16
C PRO E 84 -17.24 -24.47 5.60
N SER E 85 -17.01 -24.33 6.90
CA SER E 85 -15.74 -23.80 7.42
C SER E 85 -14.52 -24.73 7.24
N GLN E 86 -14.78 -26.00 6.90
CA GLN E 86 -13.73 -26.95 6.53
C GLN E 86 -13.32 -26.87 5.04
N THR E 87 -13.98 -26.00 4.27
CA THR E 87 -13.53 -25.65 2.93
C THR E 87 -12.12 -25.08 3.03
N SER E 88 -11.16 -25.79 2.46
CA SER E 88 -9.75 -25.41 2.54
C SER E 88 -8.87 -26.28 1.65
N VAL E 89 -7.57 -26.02 1.69
CA VAL E 89 -6.55 -26.85 1.04
C VAL E 89 -5.86 -27.62 2.16
N TYR E 90 -5.81 -28.94 2.02
CA TYR E 90 -5.27 -29.83 3.03
C TYR E 90 -3.96 -30.48 2.57
N PHE E 91 -2.91 -30.32 3.37
CA PHE E 91 -1.59 -30.87 3.06
C PHE E 91 -1.18 -31.92 4.08
N CYS E 92 -0.68 -33.04 3.56
CA CYS E 92 -0.05 -34.06 4.37
C CYS E 92 1.45 -33.79 4.36
N ALA E 93 2.08 -33.85 5.53
CA ALA E 93 3.52 -33.58 5.66
C ALA E 93 4.17 -34.60 6.59
N SER E 94 5.26 -35.20 6.12
CA SER E 94 6.00 -36.22 6.86
C SER E 94 7.50 -35.95 6.87
N SER E 95 8.19 -36.49 7.86
CA SER E 95 9.65 -36.35 7.97
C SER E 95 10.26 -37.41 8.87
N TYR E 96 11.59 -37.48 8.85
CA TYR E 96 12.37 -38.24 9.82
C TYR E 96 12.40 -37.49 11.17
N LEU E 97 13.14 -38.01 12.14
CA LEU E 97 13.22 -37.43 13.48
C LEU E 97 14.62 -36.90 13.84
N ASN E 98 15.47 -36.65 12.84
CA ASN E 98 16.72 -35.90 13.06
C ASN E 98 16.32 -34.45 13.38
N ARG E 99 17.19 -33.74 14.10
CA ARG E 99 17.01 -32.31 14.37
C ARG E 99 16.75 -31.55 13.06
N ASP E 100 17.54 -31.86 12.03
CA ASP E 100 17.55 -31.13 10.75
C ASP E 100 16.59 -31.69 9.69
N SER E 101 15.74 -32.65 10.07
CA SER E 101 14.75 -33.22 9.15
C SER E 101 13.69 -32.20 8.78
N ALA E 102 13.51 -32.02 7.47
CA ALA E 102 12.52 -31.10 6.94
C ALA E 102 11.29 -31.87 6.50
N LEU E 103 10.14 -31.22 6.58
CA LEU E 103 8.89 -31.81 6.11
C LEU E 103 8.91 -31.97 4.60
N ASP E 104 8.28 -33.04 4.13
CA ASP E 104 8.07 -33.30 2.73
C ASP E 104 6.56 -33.29 2.51
N PHE E 105 6.06 -32.34 1.72
CA PHE E 105 4.61 -32.12 1.57
C PHE E 105 4.04 -32.86 0.37
N GLY E 106 2.83 -33.38 0.54
CA GLY E 106 2.08 -33.98 -0.55
C GLY E 106 1.52 -32.91 -1.49
N PRO E 107 0.99 -33.33 -2.65
CA PRO E 107 0.48 -32.39 -3.67
C PRO E 107 -0.68 -31.53 -3.16
N GLY E 108 -1.48 -32.07 -2.24
CA GLY E 108 -2.50 -31.30 -1.54
C GLY E 108 -3.91 -31.66 -2.01
N THR E 109 -4.89 -31.29 -1.20
CA THR E 109 -6.28 -31.66 -1.43
C THR E 109 -7.15 -30.41 -1.27
N ARG E 110 -7.74 -29.94 -2.36
CA ARG E 110 -8.63 -28.78 -2.31
C ARG E 110 -10.01 -29.31 -2.02
N LEU E 111 -10.56 -28.92 -0.88
CA LEU E 111 -11.90 -29.35 -0.47
C LEU E 111 -12.82 -28.15 -0.43
N THR E 112 -14.00 -28.30 -1.01
CA THR E 112 -15.07 -27.32 -0.93
C THR E 112 -16.32 -28.00 -0.37
N VAL E 113 -16.80 -27.50 0.77
CA VAL E 113 -18.04 -27.99 1.38
C VAL E 113 -19.14 -26.96 1.13
N LEU E 114 -20.21 -27.41 0.48
CA LEU E 114 -21.36 -26.57 0.12
C LEU E 114 -22.62 -27.00 0.85
N GLU E 115 -23.55 -26.08 1.04
CA GLU E 115 -24.88 -26.41 1.58
C GLU E 115 -25.68 -27.20 0.53
N ASP E 116 -25.62 -26.77 -0.73
CA ASP E 116 -26.38 -27.37 -1.82
C ASP E 116 -25.48 -27.53 -3.05
N LEU E 117 -25.62 -28.66 -3.74
CA LEU E 117 -24.84 -28.93 -4.96
C LEU E 117 -25.38 -28.27 -6.25
N LYS E 118 -26.48 -27.52 -6.16
CA LYS E 118 -27.05 -26.82 -7.33
C LYS E 118 -26.19 -25.66 -7.86
N ASN E 119 -25.24 -25.15 -7.03
CA ASN E 119 -24.31 -24.14 -7.55
C ASN E 119 -23.12 -24.70 -8.32
N VAL E 120 -22.96 -26.02 -8.37
CA VAL E 120 -21.83 -26.63 -9.09
C VAL E 120 -22.08 -26.57 -10.60
N PHE E 121 -21.18 -25.92 -11.33
CA PHE E 121 -21.25 -25.80 -12.79
C PHE E 121 -19.87 -26.10 -13.39
N PRO E 122 -19.80 -26.78 -14.54
CA PRO E 122 -18.52 -26.93 -15.22
C PRO E 122 -18.16 -25.68 -16.04
N PRO E 123 -16.93 -25.59 -16.55
CA PRO E 123 -16.54 -24.43 -17.36
C PRO E 123 -16.95 -24.58 -18.83
N GLU E 124 -17.35 -23.45 -19.42
CA GLU E 124 -17.32 -23.30 -20.87
C GLU E 124 -15.91 -22.83 -21.21
N VAL E 125 -15.32 -23.43 -22.24
CA VAL E 125 -13.95 -23.11 -22.66
C VAL E 125 -13.94 -22.63 -24.11
N ALA E 126 -13.18 -21.57 -24.36
CA ALA E 126 -13.05 -20.98 -25.70
C ALA E 126 -11.63 -20.49 -25.92
N VAL E 127 -11.09 -20.78 -27.11
CA VAL E 127 -9.80 -20.26 -27.57
C VAL E 127 -10.08 -19.11 -28.54
N PHE E 128 -9.39 -18.00 -28.34
CA PHE E 128 -9.46 -16.84 -29.22
C PHE E 128 -8.13 -16.68 -29.96
N GLU E 129 -8.20 -16.62 -31.29
CA GLU E 129 -7.01 -16.65 -32.15
C GLU E 129 -6.30 -15.28 -32.19
N PRO E 130 -4.98 -15.28 -32.49
CA PRO E 130 -4.17 -14.04 -32.45
C PRO E 130 -4.61 -12.94 -33.42
N SER E 131 -4.25 -11.71 -33.07
CA SER E 131 -4.53 -10.53 -33.88
C SER E 131 -3.59 -10.46 -35.09
N GLU E 132 -4.14 -10.11 -36.25
CA GLU E 132 -3.34 -9.85 -37.45
C GLU E 132 -2.37 -8.69 -37.22
N ALA E 133 -2.82 -7.67 -36.50
CA ALA E 133 -2.00 -6.50 -36.16
C ALA E 133 -0.80 -6.85 -35.28
N GLU E 134 -0.99 -7.75 -34.30
CA GLU E 134 0.11 -8.22 -33.45
C GLU E 134 1.20 -8.90 -34.27
N ILE E 135 0.77 -9.74 -35.23
CA ILE E 135 1.68 -10.53 -36.06
C ILE E 135 2.65 -9.64 -36.85
N SER E 136 2.11 -8.65 -37.57
CA SER E 136 2.93 -7.72 -38.35
C SER E 136 3.78 -6.78 -37.47
N HIS E 137 3.22 -6.34 -36.34
CA HIS E 137 3.89 -5.38 -35.44
C HIS E 137 5.01 -5.97 -34.59
N THR E 138 4.86 -7.22 -34.14
CA THR E 138 5.83 -7.86 -33.24
C THR E 138 6.46 -9.17 -33.74
N GLN E 139 5.99 -9.71 -34.86
CA GLN E 139 6.36 -11.07 -35.33
C GLN E 139 6.09 -12.14 -34.25
N LYS E 140 4.93 -12.02 -33.60
CA LYS E 140 4.48 -12.96 -32.57
C LYS E 140 2.97 -13.11 -32.62
N ALA E 141 2.48 -14.20 -32.02
CA ALA E 141 1.07 -14.57 -32.05
C ALA E 141 0.62 -15.04 -30.67
N THR E 142 -0.27 -14.26 -30.03
CA THR E 142 -0.81 -14.60 -28.72
C THR E 142 -2.23 -15.17 -28.85
N LEU E 143 -2.39 -16.44 -28.46
CA LEU E 143 -3.70 -17.06 -28.27
C LEU E 143 -4.11 -16.84 -26.82
N VAL E 144 -5.36 -16.46 -26.58
CA VAL E 144 -5.91 -16.46 -25.21
C VAL E 144 -7.04 -17.49 -25.08
N CYS E 145 -7.06 -18.15 -23.92
CA CYS E 145 -8.10 -19.12 -23.60
C CYS E 145 -8.89 -18.60 -22.42
N LEU E 146 -10.22 -18.62 -22.55
CA LEU E 146 -11.12 -18.25 -21.45
C LEU E 146 -11.88 -19.48 -20.98
N ALA E 147 -11.81 -19.73 -19.67
CA ALA E 147 -12.62 -20.74 -18.98
C ALA E 147 -13.62 -19.99 -18.12
N THR E 148 -14.91 -20.11 -18.45
CA THR E 148 -15.94 -19.24 -17.86
C THR E 148 -17.11 -20.00 -17.24
N GLY E 149 -17.70 -19.41 -16.20
CA GLY E 149 -18.95 -19.89 -15.62
C GLY E 149 -18.87 -21.15 -14.78
N PHE E 150 -17.71 -21.41 -14.17
CA PHE E 150 -17.51 -22.64 -13.39
C PHE E 150 -17.54 -22.39 -11.89
N TYR E 151 -17.94 -23.43 -11.14
CA TYR E 151 -18.00 -23.39 -9.69
C TYR E 151 -18.00 -24.83 -9.14
N PRO E 152 -17.26 -25.14 -8.07
CA PRO E 152 -16.34 -24.24 -7.37
C PRO E 152 -15.01 -24.02 -8.13
N ASP E 153 -14.08 -23.28 -7.52
CA ASP E 153 -12.79 -22.95 -8.13
C ASP E 153 -11.83 -24.15 -8.19
N HIS E 154 -12.23 -25.20 -8.92
CA HIS E 154 -11.50 -26.45 -8.99
C HIS E 154 -11.17 -26.75 -10.44
N VAL E 155 -10.13 -26.08 -10.94
CA VAL E 155 -9.74 -26.20 -12.34
C VAL E 155 -8.21 -26.30 -12.49
N GLU E 156 -7.79 -27.04 -13.51
CA GLU E 156 -6.40 -27.10 -13.95
C GLU E 156 -6.34 -26.83 -15.45
N LEU E 157 -5.83 -25.66 -15.83
CA LEU E 157 -5.71 -25.26 -17.23
C LEU E 157 -4.34 -25.66 -17.78
N SER E 158 -4.32 -26.18 -19.01
CA SER E 158 -3.08 -26.54 -19.69
C SER E 158 -3.20 -26.33 -21.20
N TRP E 159 -2.10 -25.90 -21.83
CA TRP E 159 -2.03 -25.74 -23.28
C TRP E 159 -1.31 -26.94 -23.89
N TRP E 160 -1.84 -27.43 -25.02
CA TRP E 160 -1.30 -28.61 -25.70
C TRP E 160 -1.04 -28.30 -27.17
N VAL E 161 0.21 -28.45 -27.60
CA VAL E 161 0.65 -28.15 -28.96
C VAL E 161 1.05 -29.44 -29.67
N ASN E 162 0.32 -29.79 -30.73
CA ASN E 162 0.54 -31.03 -31.50
C ASN E 162 0.56 -32.31 -30.62
N GLY E 163 -0.34 -32.34 -29.64
CA GLY E 163 -0.44 -33.47 -28.71
C GLY E 163 0.49 -33.47 -27.50
N LYS E 164 1.43 -32.53 -27.45
CA LYS E 164 2.37 -32.42 -26.33
C LYS E 164 2.06 -31.18 -25.50
N GLU E 165 2.06 -31.33 -24.18
CA GLU E 165 1.81 -30.23 -23.26
C GLU E 165 2.99 -29.24 -23.29
N VAL E 166 2.67 -27.94 -23.26
CA VAL E 166 3.69 -26.89 -23.30
C VAL E 166 3.61 -25.98 -22.08
N HIS E 167 4.79 -25.60 -21.56
CA HIS E 167 4.92 -24.57 -20.52
C HIS E 167 5.65 -23.30 -21.01
N SER E 168 6.50 -23.43 -22.04
CA SER E 168 7.18 -22.28 -22.63
C SER E 168 6.17 -21.37 -23.33
N GLY E 169 6.23 -20.07 -23.00
CA GLY E 169 5.33 -19.07 -23.57
C GLY E 169 3.88 -19.18 -23.10
N VAL E 170 3.70 -19.52 -21.83
CA VAL E 170 2.37 -19.69 -21.25
C VAL E 170 2.23 -18.80 -20.01
N CYS E 171 1.11 -18.09 -19.92
CA CYS E 171 0.72 -17.40 -18.68
C CYS E 171 -0.71 -17.79 -18.35
N THR E 172 -0.93 -18.24 -17.12
CA THR E 172 -2.27 -18.49 -16.60
C THR E 172 -2.45 -17.65 -15.34
N ASP E 173 -3.66 -17.14 -15.13
CA ASP E 173 -3.96 -16.30 -13.98
C ASP E 173 -3.75 -17.09 -12.67
N PRO E 174 -3.15 -16.48 -11.65
CA PRO E 174 -2.97 -17.19 -10.37
C PRO E 174 -4.31 -17.52 -9.68
N GLN E 175 -5.22 -16.55 -9.64
CA GLN E 175 -6.60 -16.76 -9.18
C GLN E 175 -7.59 -16.41 -10.30
N PRO E 176 -8.79 -17.02 -10.27
CA PRO E 176 -9.85 -16.62 -11.21
C PRO E 176 -10.56 -15.34 -10.76
N LEU E 177 -11.38 -14.81 -11.66
CA LEU E 177 -12.24 -13.67 -11.37
C LEU E 177 -13.64 -14.18 -11.01
N LYS E 178 -14.29 -13.50 -10.06
CA LYS E 178 -15.71 -13.71 -9.80
C LYS E 178 -16.53 -12.98 -10.85
N GLU E 179 -17.42 -13.70 -11.52
CA GLU E 179 -18.27 -13.13 -12.56
C GLU E 179 -19.34 -12.20 -11.98
N GLN E 180 -19.86 -12.55 -10.80
CA GLN E 180 -20.78 -11.71 -10.03
C GLN E 180 -20.14 -11.46 -8.66
N PRO E 181 -19.22 -10.47 -8.55
CA PRO E 181 -18.45 -10.30 -7.30
C PRO E 181 -19.29 -10.00 -6.03
N ALA E 182 -20.47 -9.40 -6.20
CA ALA E 182 -21.40 -9.12 -5.10
C ALA E 182 -22.01 -10.40 -4.52
N LEU E 183 -22.52 -11.27 -5.40
CA LEU E 183 -23.15 -12.53 -5.00
C LEU E 183 -22.19 -13.45 -4.23
N ASN E 184 -22.71 -14.15 -3.24
CA ASN E 184 -21.90 -14.95 -2.32
C ASN E 184 -21.34 -16.21 -2.99
N ASP E 185 -22.23 -16.94 -3.68
CA ASP E 185 -21.91 -18.17 -4.36
C ASP E 185 -21.69 -17.94 -5.86
N SER E 186 -20.72 -17.10 -6.16
CA SER E 186 -20.50 -16.62 -7.54
C SER E 186 -19.66 -17.59 -8.37
N ARG E 187 -20.06 -17.75 -9.63
CA ARG E 187 -19.34 -18.58 -10.59
C ARG E 187 -18.08 -17.86 -11.06
N TYR E 188 -17.08 -18.63 -11.45
CA TYR E 188 -15.74 -18.11 -11.73
C TYR E 188 -15.40 -18.04 -13.23
N ALA E 189 -14.43 -17.19 -13.53
CA ALA E 189 -13.81 -17.13 -14.86
C ALA E 189 -12.29 -17.13 -14.71
N LEU E 190 -11.60 -17.78 -15.64
CA LEU E 190 -10.13 -17.86 -15.66
C LEU E 190 -9.64 -17.63 -17.08
N SER E 191 -8.48 -16.98 -17.21
CA SER E 191 -7.85 -16.80 -18.53
C SER E 191 -6.42 -17.31 -18.56
N SER E 192 -5.97 -17.66 -19.77
CA SER E 192 -4.59 -18.04 -20.01
C SER E 192 -4.12 -17.60 -21.39
N ARG E 193 -2.83 -17.30 -21.50
CA ARG E 193 -2.20 -16.88 -22.77
C ARG E 193 -1.21 -17.95 -23.21
N LEU E 194 -1.14 -18.19 -24.51
CA LEU E 194 -0.06 -18.95 -25.13
C LEU E 194 0.55 -18.09 -26.23
N ARG E 195 1.80 -17.67 -26.02
CA ARG E 195 2.51 -16.88 -27.03
C ARG E 195 3.56 -17.70 -27.76
N VAL E 196 3.50 -17.62 -29.08
CA VAL E 196 4.48 -18.23 -29.98
C VAL E 196 4.80 -17.21 -31.07
N SER E 197 5.85 -17.49 -31.84
CA SER E 197 6.21 -16.62 -32.98
C SER E 197 5.16 -16.77 -34.08
N ALA E 198 5.13 -15.79 -34.99
CA ALA E 198 4.20 -15.79 -36.12
C ALA E 198 4.49 -16.96 -37.06
N THR E 199 5.77 -17.31 -37.21
CA THR E 199 6.20 -18.48 -37.98
C THR E 199 5.51 -19.78 -37.53
N PHE E 200 5.35 -19.96 -36.22
CA PHE E 200 4.73 -21.15 -35.68
C PHE E 200 3.20 -21.12 -35.81
N TRP E 201 2.58 -19.95 -35.55
CA TRP E 201 1.12 -19.80 -35.67
C TRP E 201 0.64 -19.94 -37.11
N GLN E 202 1.26 -19.20 -38.02
CA GLN E 202 0.80 -19.15 -39.42
C GLN E 202 0.98 -20.45 -40.22
N ASP E 203 1.83 -21.36 -39.73
CA ASP E 203 1.93 -22.71 -40.28
C ASP E 203 0.65 -23.51 -39.97
N PRO E 204 -0.16 -23.87 -41.00
CA PRO E 204 -1.44 -24.55 -40.75
C PRO E 204 -1.35 -26.02 -40.29
N ARG E 205 -0.15 -26.60 -40.32
CA ARG E 205 0.10 -27.93 -39.76
C ARG E 205 -0.01 -27.96 -38.22
N ASN E 206 0.33 -26.84 -37.57
CA ASN E 206 0.32 -26.77 -36.10
C ASN E 206 -1.09 -26.66 -35.51
N HIS E 207 -1.29 -27.35 -34.39
CA HIS E 207 -2.61 -27.54 -33.75
C HIS E 207 -2.49 -27.19 -32.26
N PHE E 208 -3.31 -26.23 -31.81
CA PHE E 208 -3.25 -25.69 -30.45
C PHE E 208 -4.55 -26.02 -29.70
N ARG E 209 -4.41 -26.62 -28.52
CA ARG E 209 -5.57 -26.99 -27.70
C ARG E 209 -5.42 -26.45 -26.28
N CYS E 210 -6.44 -25.72 -25.83
CA CYS E 210 -6.55 -25.28 -24.43
C CYS E 210 -7.43 -26.29 -23.70
N GLN E 211 -6.89 -26.90 -22.64
CA GLN E 211 -7.57 -27.96 -21.89
C GLN E 211 -7.84 -27.51 -20.46
N VAL E 212 -9.09 -27.65 -20.00
CA VAL E 212 -9.45 -27.37 -18.62
C VAL E 212 -10.05 -28.63 -17.96
N GLN E 213 -9.28 -29.21 -17.04
CA GLN E 213 -9.77 -30.29 -16.18
C GLN E 213 -10.59 -29.67 -15.06
N PHE E 214 -11.89 -29.99 -15.02
CA PHE E 214 -12.79 -29.54 -13.96
C PHE E 214 -13.06 -30.69 -12.98
N TYR E 215 -12.98 -30.39 -11.69
CA TYR E 215 -13.31 -31.35 -10.63
C TYR E 215 -14.59 -30.94 -9.94
N GLY E 216 -15.62 -31.76 -10.08
CA GLY E 216 -16.92 -31.50 -9.46
C GLY E 216 -17.50 -32.73 -8.82
N LEU E 217 -18.73 -33.07 -9.21
CA LEU E 217 -19.43 -34.24 -8.67
C LEU E 217 -18.89 -35.54 -9.25
N SER E 218 -19.21 -36.65 -8.58
CA SER E 218 -18.90 -38.00 -9.05
C SER E 218 -20.20 -38.72 -9.38
N GLU E 219 -20.10 -40.00 -9.77
CA GLU E 219 -21.28 -40.86 -9.90
C GLU E 219 -21.94 -41.16 -8.53
N ASN E 220 -21.14 -41.12 -7.45
CA ASN E 220 -21.63 -41.33 -6.07
C ASN E 220 -22.77 -40.38 -5.69
N ASP E 221 -22.64 -39.10 -6.07
CA ASP E 221 -23.59 -38.06 -5.66
C ASP E 221 -24.91 -38.15 -6.43
N GLU E 222 -25.97 -37.62 -5.82
CA GLU E 222 -27.31 -37.58 -6.44
C GLU E 222 -27.51 -36.28 -7.21
N TRP E 223 -28.40 -36.34 -8.21
CA TRP E 223 -28.71 -35.19 -9.06
C TRP E 223 -30.14 -35.28 -9.55
N THR E 224 -30.96 -34.30 -9.16
CA THR E 224 -32.38 -34.23 -9.55
C THR E 224 -32.71 -33.07 -10.49
N GLN E 225 -31.71 -32.24 -10.84
CA GLN E 225 -31.94 -31.05 -11.68
C GLN E 225 -32.10 -31.41 -13.15
N ASP E 226 -32.65 -30.47 -13.93
CA ASP E 226 -32.91 -30.67 -15.35
C ASP E 226 -31.64 -30.69 -16.19
N ARG E 227 -30.69 -29.84 -15.85
CA ARG E 227 -29.40 -29.79 -16.56
C ARG E 227 -28.56 -31.03 -16.26
N ALA E 228 -27.59 -31.29 -17.12
CA ALA E 228 -26.69 -32.43 -17.00
C ALA E 228 -25.90 -32.35 -15.69
N LYS E 229 -25.67 -33.52 -15.11
CA LYS E 229 -24.93 -33.63 -13.86
C LYS E 229 -23.53 -33.05 -14.04
N PRO E 230 -23.13 -32.04 -13.24
CA PRO E 230 -21.84 -31.38 -13.40
C PRO E 230 -20.71 -32.23 -12.82
N VAL E 231 -20.37 -33.28 -13.55
CA VAL E 231 -19.38 -34.26 -13.11
C VAL E 231 -17.97 -33.73 -13.33
N THR E 232 -17.00 -34.44 -12.76
CA THR E 232 -15.59 -34.24 -13.10
C THR E 232 -15.41 -34.53 -14.59
N GLN E 233 -14.73 -33.62 -15.29
CA GLN E 233 -14.62 -33.67 -16.75
C GLN E 233 -13.52 -32.76 -17.32
N ILE E 234 -13.06 -33.11 -18.52
CA ILE E 234 -12.06 -32.33 -19.24
C ILE E 234 -12.77 -31.61 -20.38
N VAL E 235 -12.69 -30.28 -20.37
CA VAL E 235 -13.33 -29.44 -21.40
C VAL E 235 -12.23 -28.76 -22.21
N SER E 236 -12.21 -29.01 -23.52
CA SER E 236 -11.16 -28.50 -24.41
C SER E 236 -11.72 -27.58 -25.48
N ALA E 237 -10.91 -26.58 -25.86
CA ALA E 237 -11.15 -25.75 -27.04
C ALA E 237 -9.91 -25.80 -27.92
N GLU E 238 -10.13 -25.70 -29.23
CA GLU E 238 -9.13 -26.05 -30.25
C GLU E 238 -8.85 -24.89 -31.20
N ALA E 239 -7.69 -24.95 -31.86
CA ALA E 239 -7.33 -23.98 -32.91
C ALA E 239 -6.23 -24.55 -33.83
N TRP E 240 -6.29 -24.15 -35.10
CA TRP E 240 -5.28 -24.50 -36.11
C TRP E 240 -4.67 -23.23 -36.71
N GLY E 241 -3.51 -23.38 -37.32
CA GLY E 241 -2.80 -22.26 -37.95
C GLY E 241 -3.46 -21.73 -39.21
N ARG E 242 -3.06 -20.52 -39.60
CA ARG E 242 -3.59 -19.84 -40.80
C ARG E 242 -2.47 -19.12 -41.52
N GLY F 2 -35.05 -11.17 41.43
CA GLY F 2 -36.50 -11.51 41.24
C GLY F 2 -36.68 -12.91 40.67
N SER F 3 -37.65 -13.05 39.77
CA SER F 3 -37.95 -14.32 39.11
C SER F 3 -36.89 -14.64 38.05
N HIS F 4 -36.47 -15.90 37.96
CA HIS F 4 -35.47 -16.34 36.97
C HIS F 4 -35.88 -17.63 36.27
N SER F 5 -35.21 -17.92 35.15
CA SER F 5 -35.53 -19.08 34.32
C SER F 5 -34.31 -19.60 33.56
N MET F 6 -34.34 -20.88 33.20
CA MET F 6 -33.38 -21.49 32.29
C MET F 6 -34.15 -22.26 31.23
N ARG F 7 -33.81 -22.04 29.96
CA ARG F 7 -34.47 -22.69 28.84
C ARG F 7 -33.46 -23.26 27.89
N TYR F 8 -33.83 -24.36 27.23
CA TYR F 8 -33.07 -24.92 26.13
C TYR F 8 -33.99 -25.01 24.92
N PHE F 9 -33.44 -24.71 23.74
CA PHE F 9 -34.21 -24.69 22.50
C PHE F 9 -33.48 -25.53 21.47
N PHE F 10 -34.19 -26.49 20.88
CA PHE F 10 -33.60 -27.46 19.96
C PHE F 10 -34.34 -27.39 18.64
N THR F 11 -33.58 -27.32 17.55
CA THR F 11 -34.14 -27.29 16.23
C THR F 11 -33.50 -28.41 15.43
N SER F 12 -34.34 -29.24 14.84
CA SER F 12 -33.92 -30.41 14.09
C SER F 12 -34.61 -30.35 12.74
N VAL F 13 -33.82 -30.35 11.67
CA VAL F 13 -34.35 -30.16 10.31
C VAL F 13 -33.79 -31.23 9.38
N SER F 14 -34.67 -31.88 8.63
CA SER F 14 -34.26 -32.91 7.69
C SER F 14 -33.78 -32.29 6.37
N ARG F 15 -32.86 -32.97 5.71
CA ARG F 15 -32.24 -32.53 4.46
C ARG F 15 -32.21 -33.69 3.46
N PRO F 16 -33.34 -33.92 2.76
CA PRO F 16 -33.52 -35.01 1.79
C PRO F 16 -32.46 -35.09 0.71
N GLY F 17 -32.04 -36.31 0.38
CA GLY F 17 -30.94 -36.57 -0.56
C GLY F 17 -29.61 -36.59 0.17
N GLU F 20 -27.09 -36.12 6.34
CA GLU F 20 -27.30 -35.78 7.76
C GLU F 20 -28.30 -34.63 7.96
N PRO F 21 -29.24 -34.77 8.92
CA PRO F 21 -30.11 -33.64 9.24
C PRO F 21 -29.39 -32.58 10.05
N ARG F 22 -29.94 -31.36 10.01
CA ARG F 22 -29.37 -30.23 10.71
C ARG F 22 -29.85 -30.26 12.14
N PHE F 23 -28.95 -30.03 13.08
CA PHE F 23 -29.30 -29.97 14.49
C PHE F 23 -28.66 -28.77 15.16
N ILE F 24 -29.49 -27.93 15.78
CA ILE F 24 -29.03 -26.71 16.44
C ILE F 24 -29.65 -26.70 17.83
N ALA F 25 -28.83 -26.36 18.83
CA ALA F 25 -29.29 -26.29 20.21
C ALA F 25 -28.71 -25.07 20.89
N VAL F 26 -29.55 -24.38 21.65
CA VAL F 26 -29.16 -23.14 22.32
C VAL F 26 -29.72 -23.11 23.74
N GLY F 27 -28.88 -22.68 24.69
CA GLY F 27 -29.28 -22.56 26.09
C GLY F 27 -29.29 -21.13 26.56
N TYR F 28 -30.35 -20.75 27.26
CA TYR F 28 -30.54 -19.40 27.80
C TYR F 28 -30.67 -19.45 29.32
N VAL F 29 -30.15 -18.43 30.00
CA VAL F 29 -30.56 -18.10 31.36
C VAL F 29 -31.20 -16.72 31.29
N ASP F 30 -32.50 -16.64 31.59
CA ASP F 30 -33.30 -15.43 31.38
C ASP F 30 -33.26 -15.04 29.89
N ASP F 31 -32.81 -13.82 29.57
CA ASP F 31 -32.69 -13.37 28.18
C ASP F 31 -31.23 -13.40 27.67
N THR F 32 -30.34 -14.03 28.44
CA THR F 32 -28.92 -14.15 28.09
C THR F 32 -28.62 -15.58 27.62
N GLN F 33 -28.24 -15.72 26.35
CA GLN F 33 -27.74 -16.98 25.80
C GLN F 33 -26.36 -17.28 26.41
N PHE F 34 -26.16 -18.54 26.81
CA PHE F 34 -24.88 -18.98 27.43
C PHE F 34 -24.19 -20.20 26.79
N VAL F 35 -24.91 -21.03 26.05
CA VAL F 35 -24.30 -22.17 25.35
C VAL F 35 -24.98 -22.41 24.02
N ARG F 36 -24.28 -23.10 23.13
CA ARG F 36 -24.86 -23.53 21.87
C ARG F 36 -24.19 -24.78 21.32
N PHE F 37 -24.94 -25.50 20.48
CA PHE F 37 -24.41 -26.58 19.67
C PHE F 37 -25.00 -26.46 18.28
N ASP F 38 -24.18 -26.71 17.28
CA ASP F 38 -24.59 -26.69 15.88
C ASP F 38 -23.92 -27.89 15.21
N SER F 39 -24.72 -28.74 14.59
CA SER F 39 -24.19 -29.92 13.88
C SER F 39 -23.33 -29.55 12.69
N ASP F 40 -23.61 -28.39 12.07
CA ASP F 40 -22.82 -27.88 10.94
C ASP F 40 -21.54 -27.13 11.33
N ALA F 41 -21.40 -26.74 12.59
CA ALA F 41 -20.16 -26.09 13.06
C ALA F 41 -18.96 -27.07 13.03
N ALA F 42 -17.76 -26.52 13.08
CA ALA F 42 -16.52 -27.31 12.98
C ALA F 42 -16.28 -28.21 14.20
N SER F 43 -16.50 -27.66 15.40
CA SER F 43 -16.11 -28.29 16.65
C SER F 43 -16.77 -29.64 16.98
N GLN F 44 -18.07 -29.77 16.71
CA GLN F 44 -18.90 -30.90 17.20
C GLN F 44 -18.91 -30.97 18.74
N ARG F 45 -18.89 -29.80 19.38
CA ARG F 45 -18.85 -29.67 20.83
C ARG F 45 -19.91 -28.68 21.24
N MET F 46 -20.40 -28.79 22.48
CA MET F 46 -21.18 -27.72 23.08
C MET F 46 -20.19 -26.58 23.37
N GLU F 47 -20.45 -25.41 22.78
CA GLU F 47 -19.55 -24.26 22.87
C GLU F 47 -20.10 -23.20 23.82
N PRO F 48 -19.21 -22.44 24.48
CA PRO F 48 -19.65 -21.34 25.33
C PRO F 48 -20.07 -20.11 24.50
N ARG F 49 -21.05 -19.38 25.02
CA ARG F 49 -21.55 -18.14 24.41
C ARG F 49 -21.71 -17.03 25.45
N ALA F 50 -20.85 -17.06 26.48
CA ALA F 50 -20.89 -16.08 27.57
C ALA F 50 -19.61 -16.21 28.38
N PRO F 51 -19.20 -15.15 29.10
CA PRO F 51 -17.95 -15.22 29.87
C PRO F 51 -18.04 -16.13 31.11
N TRP F 52 -19.12 -15.99 31.88
CA TRP F 52 -19.29 -16.71 33.14
C TRP F 52 -19.38 -18.24 33.04
N ILE F 53 -19.80 -18.76 31.88
CA ILE F 53 -19.86 -20.23 31.66
C ILE F 53 -18.47 -20.84 31.40
N GLU F 54 -17.54 -20.05 30.86
CA GLU F 54 -16.21 -20.54 30.49
C GLU F 54 -15.37 -21.06 31.65
N GLN F 55 -15.66 -20.62 32.88
CA GLN F 55 -14.99 -21.14 34.07
C GLN F 55 -15.38 -22.58 34.48
N GLU F 56 -16.38 -23.17 33.83
CA GLU F 56 -16.70 -24.60 34.02
C GLU F 56 -15.60 -25.43 33.35
N GLY F 57 -15.19 -26.51 34.02
CA GLY F 57 -14.05 -27.31 33.58
C GLY F 57 -14.35 -28.29 32.45
N PRO F 58 -13.32 -29.05 32.00
CA PRO F 58 -13.46 -30.02 30.89
C PRO F 58 -14.56 -31.07 31.08
N GLU F 59 -14.78 -31.48 32.33
CA GLU F 59 -15.81 -32.46 32.70
C GLU F 59 -17.22 -32.00 32.33
N TYR F 60 -17.51 -30.73 32.58
CA TYR F 60 -18.79 -30.12 32.18
C TYR F 60 -18.99 -30.17 30.66
N TRP F 61 -17.96 -29.79 29.91
CA TRP F 61 -18.06 -29.70 28.45
C TRP F 61 -18.17 -31.06 27.76
N ASP F 62 -17.42 -32.06 28.26
CA ASP F 62 -17.57 -33.44 27.77
C ASP F 62 -18.97 -34.00 28.05
N GLY F 63 -19.49 -33.68 29.23
CA GLY F 63 -20.83 -34.14 29.64
C GLY F 63 -21.96 -33.56 28.82
N GLU F 64 -21.92 -32.24 28.61
CA GLU F 64 -22.94 -31.55 27.82
C GLU F 64 -22.86 -31.91 26.34
N THR F 65 -21.64 -32.03 25.83
CA THR F 65 -21.42 -32.47 24.45
C THR F 65 -22.02 -33.84 24.21
N ARG F 66 -21.70 -34.78 25.10
CA ARG F 66 -22.25 -36.12 25.04
C ARG F 66 -23.78 -36.11 25.13
N LYS F 67 -24.33 -35.32 26.04
CA LYS F 67 -25.78 -35.18 26.18
C LYS F 67 -26.46 -34.58 24.96
N VAL F 68 -25.87 -33.53 24.37
CA VAL F 68 -26.46 -32.89 23.19
C VAL F 68 -26.36 -33.79 21.96
N LYS F 69 -25.25 -34.51 21.80
CA LYS F 69 -25.12 -35.52 20.74
C LYS F 69 -26.18 -36.63 20.87
N ALA F 70 -26.52 -36.98 22.12
CA ALA F 70 -27.60 -37.93 22.40
C ALA F 70 -29.00 -37.36 22.05
N HIS F 71 -29.19 -36.07 22.28
CA HIS F 71 -30.40 -35.36 21.82
C HIS F 71 -30.51 -35.42 20.30
N SER F 72 -29.40 -35.20 19.60
CA SER F 72 -29.43 -35.17 18.13
C SER F 72 -29.78 -36.54 17.55
N GLN F 73 -29.28 -37.60 18.19
CA GLN F 73 -29.58 -38.98 17.75
C GLN F 73 -31.07 -39.34 17.91
N THR F 74 -31.64 -38.98 19.06
CA THR F 74 -33.08 -39.09 19.30
C THR F 74 -33.88 -38.35 18.23
N HIS F 75 -33.48 -37.11 17.97
CA HIS F 75 -34.14 -36.25 16.99
C HIS F 75 -34.02 -36.75 15.56
N ARG F 76 -32.85 -37.26 15.21
CA ARG F 76 -32.62 -37.92 13.91
C ARG F 76 -33.62 -39.06 13.66
N VAL F 77 -33.86 -39.88 14.68
CA VAL F 77 -34.84 -40.97 14.58
C VAL F 77 -36.26 -40.40 14.52
N ASP F 78 -36.57 -39.45 15.41
CA ASP F 78 -37.90 -38.82 15.47
C ASP F 78 -38.40 -38.30 14.12
N LEU F 79 -37.51 -37.68 13.35
CA LEU F 79 -37.84 -37.22 11.99
C LEU F 79 -38.37 -38.36 11.13
N GLY F 80 -37.70 -39.50 11.16
CA GLY F 80 -38.13 -40.68 10.41
C GLY F 80 -39.44 -41.26 10.93
N THR F 81 -39.61 -41.26 12.26
CA THR F 81 -40.82 -41.79 12.88
C THR F 81 -42.03 -40.91 12.57
N LEU F 82 -41.86 -39.60 12.68
CA LEU F 82 -42.92 -38.63 12.38
C LEU F 82 -43.32 -38.62 10.90
N ARG F 83 -42.33 -38.88 10.03
CA ARG F 83 -42.59 -39.08 8.60
C ARG F 83 -43.55 -40.25 8.38
N GLY F 84 -43.32 -41.34 9.10
CA GLY F 84 -44.20 -42.52 9.05
C GLY F 84 -45.61 -42.25 9.54
N TYR F 85 -45.73 -41.56 10.68
CA TYR F 85 -47.03 -41.26 11.30
C TYR F 85 -47.96 -40.48 10.38
N TYR F 86 -47.42 -39.44 9.76
CA TYR F 86 -48.18 -38.61 8.82
C TYR F 86 -48.12 -39.08 7.37
N ASN F 87 -47.39 -40.18 7.11
CA ASN F 87 -47.26 -40.78 5.77
C ASN F 87 -46.77 -39.77 4.71
N GLN F 88 -45.69 -39.09 5.05
CA GLN F 88 -45.08 -38.07 4.19
C GLN F 88 -43.94 -38.66 3.38
N SER F 89 -43.60 -37.99 2.28
CA SER F 89 -42.55 -38.43 1.36
C SER F 89 -41.16 -38.26 1.98
N GLU F 90 -40.20 -39.01 1.44
CA GLU F 90 -38.78 -38.87 1.82
C GLU F 90 -38.14 -37.60 1.26
N ALA F 91 -38.69 -37.07 0.16
CA ALA F 91 -38.09 -35.94 -0.57
C ALA F 91 -38.40 -34.54 0.00
N GLY F 92 -39.25 -34.44 1.02
CA GLY F 92 -39.61 -33.16 1.64
C GLY F 92 -38.86 -32.92 2.94
N SER F 93 -38.46 -31.67 3.16
CA SER F 93 -37.79 -31.27 4.39
C SER F 93 -38.81 -30.95 5.48
N HIS F 94 -38.58 -31.47 6.69
CA HIS F 94 -39.46 -31.25 7.83
C HIS F 94 -38.66 -30.82 9.05
N THR F 95 -39.34 -30.14 9.96
CA THR F 95 -38.71 -29.51 11.11
C THR F 95 -39.32 -30.03 12.38
N VAL F 96 -38.46 -30.36 13.34
CA VAL F 96 -38.86 -30.70 14.69
C VAL F 96 -38.23 -29.66 15.62
N GLN F 97 -39.00 -29.25 16.62
CA GLN F 97 -38.53 -28.32 17.65
C GLN F 97 -38.88 -28.84 19.03
N ARG F 98 -38.01 -28.57 19.99
CA ARG F 98 -38.21 -28.95 21.38
C ARG F 98 -37.74 -27.81 22.27
N MET F 99 -38.56 -27.47 23.26
CA MET F 99 -38.20 -26.50 24.29
C MET F 99 -38.46 -27.14 25.65
N TYR F 100 -37.48 -27.05 26.55
CA TYR F 100 -37.70 -27.41 27.96
C TYR F 100 -36.90 -26.52 28.89
N GLY F 101 -37.31 -26.51 30.16
CA GLY F 101 -36.68 -25.66 31.17
C GLY F 101 -37.51 -25.49 32.41
N CYS F 102 -37.01 -24.65 33.32
CA CYS F 102 -37.64 -24.44 34.63
C CYS F 102 -37.54 -22.99 35.06
N ASP F 103 -38.57 -22.53 35.79
CA ASP F 103 -38.60 -21.21 36.42
C ASP F 103 -38.28 -21.34 37.89
N VAL F 104 -37.78 -20.25 38.49
CA VAL F 104 -37.65 -20.12 39.94
C VAL F 104 -38.08 -18.73 40.39
N GLY F 105 -38.68 -18.65 41.57
CA GLY F 105 -39.15 -17.39 42.13
C GLY F 105 -38.04 -16.57 42.75
N SER F 106 -38.45 -15.55 43.51
CA SER F 106 -37.51 -14.65 44.22
C SER F 106 -36.58 -15.38 45.19
N ASP F 107 -37.11 -16.41 45.86
CA ASP F 107 -36.34 -17.24 46.80
C ASP F 107 -35.51 -18.37 46.15
N TRP F 108 -35.46 -18.41 44.81
CA TRP F 108 -34.71 -19.42 44.03
C TRP F 108 -35.24 -20.86 44.18
N ARG F 109 -36.50 -21.00 44.61
CA ARG F 109 -37.16 -22.32 44.70
C ARG F 109 -37.93 -22.56 43.40
N PHE F 110 -38.15 -23.84 43.09
CA PHE F 110 -38.89 -24.25 41.89
C PHE F 110 -40.28 -23.59 41.83
N LEU F 111 -40.62 -23.08 40.65
CA LEU F 111 -41.89 -22.39 40.40
C LEU F 111 -42.71 -23.14 39.35
N ARG F 112 -42.11 -23.36 38.19
CA ARG F 112 -42.77 -24.05 37.08
C ARG F 112 -41.74 -24.74 36.18
N GLY F 113 -42.20 -25.73 35.42
CA GLY F 113 -41.38 -26.45 34.46
C GLY F 113 -42.11 -26.63 33.14
N TYR F 114 -41.34 -26.91 32.09
CA TYR F 114 -41.84 -26.93 30.72
C TYR F 114 -41.18 -28.04 29.93
N HIS F 115 -41.97 -28.74 29.11
CA HIS F 115 -41.42 -29.54 28.02
C HIS F 115 -42.43 -29.63 26.88
N GLN F 116 -42.12 -28.90 25.81
CA GLN F 116 -42.98 -28.81 24.63
C GLN F 116 -42.24 -29.32 23.39
N TYR F 117 -43.02 -29.81 22.42
CA TYR F 117 -42.49 -30.48 21.24
C TYR F 117 -43.37 -30.14 20.06
N ALA F 118 -42.75 -29.71 18.95
CA ALA F 118 -43.47 -29.32 17.73
C ALA F 118 -42.98 -30.07 16.49
N TYR F 119 -43.89 -30.25 15.53
CA TYR F 119 -43.58 -30.78 14.22
C TYR F 119 -44.12 -29.84 13.14
N ASP F 120 -43.24 -29.48 12.20
CA ASP F 120 -43.54 -28.52 11.12
C ASP F 120 -44.26 -27.27 11.66
N GLY F 121 -43.67 -26.67 12.70
CA GLY F 121 -44.20 -25.44 13.29
C GLY F 121 -45.55 -25.49 13.99
N LYS F 122 -45.99 -26.68 14.38
CA LYS F 122 -47.28 -26.86 15.06
C LYS F 122 -47.06 -27.70 16.32
N ASP F 123 -47.83 -27.40 17.36
CA ASP F 123 -47.83 -28.19 18.59
C ASP F 123 -48.01 -29.67 18.24
N TYR F 124 -47.16 -30.53 18.81
CA TYR F 124 -47.30 -31.98 18.67
C TYR F 124 -47.70 -32.57 20.02
N ILE F 125 -46.83 -32.44 21.02
CA ILE F 125 -47.12 -32.92 22.37
C ILE F 125 -46.40 -32.07 23.41
N ALA F 126 -47.09 -31.79 24.51
CA ALA F 126 -46.56 -30.94 25.59
C ALA F 126 -46.92 -31.50 26.97
N LEU F 127 -46.02 -31.25 27.92
CA LEU F 127 -46.22 -31.63 29.30
C LEU F 127 -47.02 -30.52 30.00
N LYS F 128 -48.05 -30.90 30.74
CA LYS F 128 -48.89 -29.94 31.46
C LYS F 128 -48.15 -29.37 32.68
N GLU F 129 -48.71 -28.33 33.29
CA GLU F 129 -48.11 -27.67 34.47
C GLU F 129 -47.96 -28.61 35.69
N ASP F 130 -48.85 -29.60 35.82
CA ASP F 130 -48.70 -30.63 36.88
C ASP F 130 -47.44 -31.52 36.73
N LEU F 131 -46.91 -31.60 35.51
CA LEU F 131 -45.69 -32.36 35.16
C LEU F 131 -45.89 -33.88 35.24
N ARG F 132 -47.14 -34.31 35.11
CA ARG F 132 -47.52 -35.73 35.20
C ARG F 132 -48.40 -36.19 34.02
N SER F 133 -48.60 -35.31 33.03
CA SER F 133 -49.71 -35.43 32.11
C SER F 133 -49.38 -34.73 30.79
N TRP F 134 -49.94 -35.25 29.69
CA TRP F 134 -49.58 -34.81 28.35
C TRP F 134 -50.79 -34.28 27.58
N THR F 135 -50.59 -33.16 26.88
CA THR F 135 -51.54 -32.67 25.89
C THR F 135 -51.03 -33.10 24.51
N ALA F 136 -51.82 -33.90 23.81
CA ALA F 136 -51.53 -34.31 22.43
C ALA F 136 -52.38 -33.49 21.49
N ALA F 137 -51.77 -32.94 20.44
CA ALA F 137 -52.44 -32.01 19.51
C ALA F 137 -53.23 -32.68 18.38
N ASP F 138 -52.91 -33.94 18.04
CA ASP F 138 -53.65 -34.71 17.02
C ASP F 138 -53.54 -36.23 17.23
N MET F 139 -54.13 -37.02 16.33
CA MET F 139 -54.15 -38.49 16.45
C MET F 139 -52.75 -39.11 16.48
N ALA F 140 -51.81 -38.55 15.73
CA ALA F 140 -50.43 -39.03 15.72
C ALA F 140 -49.74 -38.84 17.06
N ALA F 141 -49.98 -37.69 17.70
CA ALA F 141 -49.38 -37.39 19.00
C ALA F 141 -49.99 -38.19 20.16
N GLN F 142 -51.22 -38.70 19.98
CA GLN F 142 -51.84 -39.62 20.95
C GLN F 142 -51.15 -40.99 20.97
N THR F 143 -50.61 -41.42 19.83
CA THR F 143 -49.74 -42.60 19.79
C THR F 143 -48.52 -42.37 20.68
N THR F 144 -47.89 -41.22 20.50
CA THR F 144 -46.75 -40.79 21.33
C THR F 144 -47.11 -40.62 22.80
N LYS F 145 -48.32 -40.14 23.06
CA LYS F 145 -48.84 -40.00 24.42
C LYS F 145 -48.86 -41.36 25.14
N HIS F 146 -49.52 -42.35 24.54
CA HIS F 146 -49.64 -43.70 25.12
C HIS F 146 -48.28 -44.37 25.28
N LYS F 147 -47.37 -44.12 24.34
CA LYS F 147 -46.01 -44.64 24.41
C LYS F 147 -45.21 -44.00 25.56
N TRP F 148 -45.40 -42.70 25.79
CA TRP F 148 -44.67 -41.97 26.83
C TRP F 148 -45.27 -42.18 28.22
N GLU F 149 -46.56 -42.45 28.29
CA GLU F 149 -47.21 -42.88 29.52
C GLU F 149 -46.69 -44.26 29.96
N ALA F 150 -46.54 -45.17 29.00
CA ALA F 150 -46.06 -46.52 29.27
C ALA F 150 -44.60 -46.55 29.72
N ALA F 151 -43.78 -45.69 29.12
CA ALA F 151 -42.35 -45.60 29.47
C ALA F 151 -42.04 -44.59 30.61
N HIS F 152 -43.07 -44.07 31.28
CA HIS F 152 -42.94 -43.19 32.44
C HIS F 152 -42.05 -41.98 32.18
N VAL F 153 -42.26 -41.34 31.03
CA VAL F 153 -41.44 -40.21 30.59
C VAL F 153 -41.66 -38.99 31.49
N ALA F 154 -42.93 -38.69 31.80
CA ALA F 154 -43.29 -37.54 32.62
C ALA F 154 -42.56 -37.53 33.97
N GLU F 155 -42.57 -38.69 34.62
CA GLU F 155 -41.86 -38.91 35.88
C GLU F 155 -40.35 -38.58 35.79
N GLN F 156 -39.71 -39.02 34.71
CA GLN F 156 -38.29 -38.79 34.50
C GLN F 156 -37.98 -37.32 34.19
N LEU F 157 -38.85 -36.69 33.40
CA LEU F 157 -38.76 -35.25 33.16
C LEU F 157 -38.99 -34.44 34.43
N ARG F 158 -40.01 -34.80 35.19
CA ARG F 158 -40.32 -34.10 36.44
C ARG F 158 -39.15 -34.13 37.43
N ALA F 159 -38.39 -35.21 37.40
CA ALA F 159 -37.18 -35.33 38.25
C ALA F 159 -36.11 -34.32 37.81
N TYR F 160 -35.88 -34.23 36.50
CA TYR F 160 -34.93 -33.24 35.94
C TYR F 160 -35.36 -31.79 36.20
N LEU F 161 -36.63 -31.50 35.91
CA LEU F 161 -37.16 -30.14 36.01
C LEU F 161 -37.19 -29.59 37.45
N GLU F 162 -37.55 -30.44 38.41
CA GLU F 162 -37.59 -30.04 39.84
C GLU F 162 -36.24 -30.14 40.57
N GLY F 163 -35.27 -30.84 39.98
CA GLY F 163 -34.01 -31.17 40.65
C GLY F 163 -32.79 -30.61 39.95
N THR F 164 -32.37 -31.26 38.88
CA THR F 164 -31.16 -30.87 38.13
C THR F 164 -31.28 -29.46 37.54
N CYS F 165 -32.40 -29.19 36.87
CA CYS F 165 -32.64 -27.90 36.24
C CYS F 165 -32.55 -26.72 37.23
N VAL F 166 -33.17 -26.84 38.40
CA VAL F 166 -33.14 -25.78 39.42
C VAL F 166 -31.77 -25.64 40.09
N GLU F 167 -31.06 -26.74 40.29
CA GLU F 167 -29.74 -26.71 40.92
C GLU F 167 -28.71 -26.04 40.03
N TRP F 168 -28.72 -26.36 38.74
CA TRP F 168 -27.81 -25.75 37.77
C TRP F 168 -28.14 -24.29 37.46
N LEU F 169 -29.44 -23.94 37.46
CA LEU F 169 -29.87 -22.54 37.31
C LEU F 169 -29.35 -21.67 38.45
N ARG F 170 -29.51 -22.15 39.69
CA ARG F 170 -28.95 -21.48 40.86
C ARG F 170 -27.42 -21.34 40.78
N ARG F 171 -26.75 -22.38 40.27
CA ARG F 171 -25.31 -22.38 40.09
C ARG F 171 -24.84 -21.35 39.05
N TYR F 172 -25.56 -21.26 37.93
CA TYR F 172 -25.24 -20.28 36.89
C TYR F 172 -25.51 -18.85 37.36
N LEU F 173 -26.61 -18.66 38.11
CA LEU F 173 -26.93 -17.36 38.70
C LEU F 173 -25.86 -16.85 39.69
N GLU F 174 -25.21 -17.77 40.40
CA GLU F 174 -24.11 -17.41 41.31
C GLU F 174 -22.79 -17.18 40.58
N ASN F 175 -22.54 -17.92 39.51
CA ASN F 175 -21.31 -17.77 38.69
C ASN F 175 -21.34 -16.49 37.84
N GLY F 176 -22.44 -16.27 37.13
CA GLY F 176 -22.64 -15.08 36.32
C GLY F 176 -23.48 -14.03 37.02
N LYS F 177 -23.08 -13.69 38.24
CA LYS F 177 -23.88 -12.82 39.11
C LYS F 177 -23.99 -11.41 38.54
N GLU F 178 -22.85 -10.83 38.20
CA GLU F 178 -22.81 -9.46 37.66
C GLU F 178 -23.44 -9.30 36.27
N THR F 179 -23.59 -10.40 35.52
CA THR F 179 -24.31 -10.40 34.25
C THR F 179 -25.81 -10.66 34.45
N LEU F 180 -26.14 -11.74 35.15
CA LEU F 180 -27.51 -12.25 35.21
C LEU F 180 -28.40 -11.57 36.26
N GLN F 181 -27.82 -11.19 37.40
CA GLN F 181 -28.56 -10.47 38.46
C GLN F 181 -28.49 -8.94 38.36
N ARG F 182 -28.03 -8.41 37.22
CA ARG F 182 -28.06 -6.98 36.96
C ARG F 182 -29.44 -6.56 36.45
N THR F 183 -29.71 -5.26 36.50
CA THR F 183 -30.97 -4.71 35.98
C THR F 183 -30.71 -3.32 35.39
N ASP F 184 -30.55 -3.26 34.06
CA ASP F 184 -30.31 -2.01 33.34
C ASP F 184 -31.64 -1.33 33.01
N ALA F 185 -31.86 -0.15 33.58
CA ALA F 185 -33.08 0.63 33.31
C ALA F 185 -33.06 1.17 31.88
N PRO F 186 -34.25 1.36 31.28
CA PRO F 186 -34.31 1.92 29.92
C PRO F 186 -33.99 3.42 29.89
N LYS F 187 -33.15 3.82 28.93
CA LYS F 187 -32.91 5.23 28.63
C LYS F 187 -33.95 5.62 27.60
N THR F 188 -34.71 6.68 27.89
CA THR F 188 -35.90 7.03 27.10
C THR F 188 -35.85 8.44 26.50
N HIS F 189 -36.49 8.58 25.34
CA HIS F 189 -36.72 9.89 24.72
C HIS F 189 -37.90 9.82 23.74
N MET F 190 -38.36 10.98 23.27
CA MET F 190 -39.48 11.07 22.33
C MET F 190 -39.07 11.82 21.08
N THR F 191 -39.53 11.32 19.92
CA THR F 191 -39.36 12.01 18.64
C THR F 191 -40.72 12.41 18.07
N HIS F 192 -40.73 13.48 17.29
CA HIS F 192 -41.94 14.03 16.67
C HIS F 192 -41.68 14.20 15.16
N HIS F 193 -42.62 13.74 14.34
CA HIS F 193 -42.58 13.96 12.89
C HIS F 193 -43.98 14.20 12.34
N ALA F 194 -44.11 15.17 11.43
CA ALA F 194 -45.38 15.43 10.75
C ALA F 194 -45.60 14.35 9.69
N VAL F 195 -46.87 14.01 9.46
CA VAL F 195 -47.27 13.11 8.37
C VAL F 195 -48.31 13.76 7.44
N SER F 196 -48.67 15.02 7.72
CA SER F 196 -49.87 15.63 7.17
C SER F 196 -49.99 17.06 7.67
N ASP F 197 -50.93 17.81 7.13
CA ASP F 197 -51.28 19.13 7.65
C ASP F 197 -52.03 19.01 8.99
N HIS F 198 -52.83 17.95 9.13
CA HIS F 198 -53.70 17.75 10.29
C HIS F 198 -53.23 16.70 11.31
N GLU F 199 -52.15 15.97 11.01
CA GLU F 199 -51.69 14.86 11.85
C GLU F 199 -50.17 14.87 12.07
N ALA F 200 -49.74 14.08 13.05
CA ALA F 200 -48.33 13.99 13.45
C ALA F 200 -48.07 12.75 14.31
N THR F 201 -46.92 12.11 14.11
CA THR F 201 -46.54 10.90 14.85
C THR F 201 -45.69 11.25 16.07
N LEU F 202 -46.07 10.74 17.24
CA LEU F 202 -45.24 10.79 18.45
C LEU F 202 -44.71 9.39 18.67
N ARG F 203 -43.39 9.23 18.64
CA ARG F 203 -42.75 7.94 18.92
C ARG F 203 -42.01 8.02 20.24
N CYS F 204 -42.17 6.98 21.05
CA CYS F 204 -41.59 6.90 22.39
C CYS F 204 -40.60 5.75 22.43
N TRP F 205 -39.36 6.04 22.83
CA TRP F 205 -38.26 5.07 22.78
C TRP F 205 -37.86 4.57 24.16
N ALA F 206 -37.51 3.28 24.22
CA ALA F 206 -36.82 2.68 25.35
C ALA F 206 -35.58 1.96 24.81
N LEU F 207 -34.41 2.28 25.36
CA LEU F 207 -33.12 1.76 24.87
C LEU F 207 -32.22 1.31 26.02
N SER F 208 -31.33 0.36 25.71
CA SER F 208 -30.30 -0.15 26.64
C SER F 208 -30.86 -0.74 27.95
N PHE F 209 -31.94 -1.53 27.84
CA PHE F 209 -32.55 -2.14 29.03
C PHE F 209 -32.38 -3.66 29.08
N TYR F 210 -32.27 -4.18 30.30
CA TYR F 210 -32.24 -5.62 30.59
C TYR F 210 -32.95 -5.86 31.92
N PRO F 211 -33.85 -6.86 32.02
CA PRO F 211 -34.23 -7.82 30.96
C PRO F 211 -35.24 -7.28 29.96
N ALA F 212 -35.62 -8.11 28.98
CA ALA F 212 -36.49 -7.68 27.85
C ALA F 212 -37.96 -7.40 28.19
N GLU F 213 -38.45 -7.86 29.34
CA GLU F 213 -39.82 -7.60 29.78
C GLU F 213 -40.01 -6.11 30.03
N ILE F 214 -40.89 -5.49 29.25
CA ILE F 214 -41.12 -4.05 29.31
C ILE F 214 -42.50 -3.69 28.76
N THR F 215 -43.10 -2.64 29.32
CA THR F 215 -44.43 -2.18 28.90
C THR F 215 -44.36 -0.71 28.49
N LEU F 216 -44.73 -0.43 27.24
CA LEU F 216 -44.86 0.92 26.69
C LEU F 216 -46.32 1.13 26.32
N THR F 217 -46.97 2.12 26.93
CA THR F 217 -48.38 2.40 26.68
C THR F 217 -48.63 3.91 26.63
N TRP F 218 -49.58 4.30 25.78
CA TRP F 218 -49.97 5.71 25.65
C TRP F 218 -51.20 6.01 26.50
N GLN F 219 -51.35 7.30 26.82
CA GLN F 219 -52.52 7.81 27.53
C GLN F 219 -52.89 9.16 26.95
N ARG F 220 -54.19 9.47 26.96
CA ARG F 220 -54.69 10.78 26.59
C ARG F 220 -55.38 11.31 27.85
N ASP F 221 -54.97 12.52 28.27
CA ASP F 221 -55.46 13.19 29.50
C ASP F 221 -55.58 12.27 30.74
N GLY F 222 -54.62 11.35 30.91
CA GLY F 222 -54.63 10.38 32.01
C GLY F 222 -55.39 9.07 31.79
N GLU F 223 -56.22 9.00 30.74
CA GLU F 223 -57.00 7.80 30.40
C GLU F 223 -56.29 6.99 29.32
N ASP F 224 -56.03 5.73 29.63
CA ASP F 224 -55.28 4.81 28.75
C ASP F 224 -56.07 4.40 27.49
N GLN F 225 -55.50 4.73 26.34
CA GLN F 225 -56.09 4.37 25.04
C GLN F 225 -55.13 3.56 24.16
N THR F 226 -55.72 2.68 23.35
CA THR F 226 -55.02 1.87 22.37
C THR F 226 -55.60 2.13 20.97
N GLN F 227 -55.95 3.39 20.72
CA GLN F 227 -56.46 3.85 19.42
C GLN F 227 -55.27 4.21 18.52
N ASP F 228 -55.16 3.56 17.36
CA ASP F 228 -54.12 3.88 16.36
C ASP F 228 -52.67 3.80 16.91
N THR F 229 -52.48 2.95 17.92
CA THR F 229 -51.16 2.76 18.55
C THR F 229 -50.38 1.72 17.77
N GLU F 230 -49.13 2.05 17.43
CA GLU F 230 -48.20 1.12 16.80
C GLU F 230 -47.16 0.69 17.83
N LEU F 231 -46.75 -0.58 17.75
CA LEU F 231 -45.85 -1.17 18.75
C LEU F 231 -45.00 -2.25 18.08
N VAL F 232 -43.69 -2.02 18.02
CA VAL F 232 -42.77 -3.02 17.45
C VAL F 232 -42.38 -4.09 18.47
N GLU F 233 -41.99 -5.24 17.94
CA GLU F 233 -41.49 -6.37 18.73
C GLU F 233 -40.19 -5.95 19.41
N THR F 234 -40.04 -6.31 20.68
CA THR F 234 -38.82 -6.02 21.44
C THR F 234 -37.64 -6.67 20.72
N ARG F 235 -36.53 -5.96 20.63
CA ARG F 235 -35.43 -6.34 19.75
C ARG F 235 -34.07 -6.23 20.44
N PRO F 236 -33.13 -7.14 20.09
CA PRO F 236 -31.82 -7.13 20.73
C PRO F 236 -30.93 -6.02 20.17
N ALA F 237 -30.26 -5.30 21.06
CA ALA F 237 -29.25 -4.31 20.65
C ALA F 237 -27.98 -4.98 20.10
N GLY F 238 -27.71 -6.23 20.53
CA GLY F 238 -26.52 -6.96 20.13
C GLY F 238 -25.40 -6.96 21.16
N ASP F 239 -25.59 -6.20 22.26
CA ASP F 239 -24.59 -6.07 23.34
C ASP F 239 -25.14 -6.56 24.69
N GLY F 240 -26.17 -7.41 24.66
CA GLY F 240 -26.83 -7.87 25.88
C GLY F 240 -28.13 -7.16 26.21
N THR F 241 -28.26 -5.88 25.84
CA THR F 241 -29.47 -5.08 26.14
C THR F 241 -30.51 -5.13 25.02
N PHE F 242 -31.69 -4.60 25.31
CA PHE F 242 -32.83 -4.64 24.39
C PHE F 242 -33.40 -3.26 24.11
N GLN F 243 -34.21 -3.18 23.06
CA GLN F 243 -34.83 -1.94 22.60
C GLN F 243 -36.30 -2.16 22.28
N LYS F 244 -37.08 -1.08 22.39
CA LYS F 244 -38.49 -1.08 21.98
C LYS F 244 -38.97 0.35 21.79
N TRP F 245 -39.81 0.57 20.78
CA TRP F 245 -40.53 1.85 20.66
C TRP F 245 -42.03 1.64 20.46
N ALA F 246 -42.79 2.68 20.80
CA ALA F 246 -44.24 2.72 20.64
C ALA F 246 -44.61 4.08 20.08
N ALA F 247 -45.55 4.09 19.13
CA ALA F 247 -45.95 5.32 18.46
C ALA F 247 -47.46 5.48 18.38
N VAL F 248 -47.89 6.74 18.27
CA VAL F 248 -49.30 7.10 18.04
C VAL F 248 -49.38 8.24 17.03
N VAL F 249 -50.40 8.18 16.16
CA VAL F 249 -50.70 9.27 15.24
C VAL F 249 -51.75 10.15 15.94
N VAL F 250 -51.40 11.42 16.14
CA VAL F 250 -52.16 12.35 16.96
C VAL F 250 -52.47 13.59 16.11
N PRO F 251 -53.69 14.17 16.28
CA PRO F 251 -53.95 15.46 15.62
C PRO F 251 -52.99 16.56 16.08
N SER F 252 -52.38 17.25 15.11
CA SER F 252 -51.39 18.29 15.42
C SER F 252 -52.05 19.47 16.14
N GLY F 253 -51.31 20.07 17.07
CA GLY F 253 -51.87 21.03 18.02
C GLY F 253 -52.45 20.41 19.29
N GLN F 254 -52.45 19.07 19.37
CA GLN F 254 -52.95 18.35 20.56
C GLN F 254 -51.96 17.29 21.05
N GLU F 255 -50.67 17.47 20.74
CA GLU F 255 -49.62 16.54 21.17
C GLU F 255 -49.31 16.66 22.66
N GLN F 256 -49.53 17.84 23.23
CA GLN F 256 -49.31 18.10 24.66
C GLN F 256 -50.17 17.26 25.62
N ARG F 257 -51.33 16.82 25.18
CA ARG F 257 -52.24 16.01 26.02
C ARG F 257 -51.97 14.51 26.00
N TYR F 258 -50.99 14.05 25.21
CA TYR F 258 -50.62 12.64 25.15
C TYR F 258 -49.35 12.38 25.96
N THR F 259 -49.34 11.26 26.69
CA THR F 259 -48.20 10.84 27.52
C THR F 259 -47.83 9.38 27.27
N CYS F 260 -46.53 9.11 27.24
CA CYS F 260 -45.99 7.75 27.12
C CYS F 260 -45.61 7.24 28.51
N HIS F 261 -45.97 5.97 28.80
CA HIS F 261 -45.75 5.34 30.10
C HIS F 261 -44.83 4.13 29.97
N VAL F 262 -43.77 4.10 30.78
CA VAL F 262 -42.74 3.04 30.71
C VAL F 262 -42.64 2.31 32.05
N GLN F 263 -42.91 1.01 32.02
CA GLN F 263 -42.78 0.13 33.19
C GLN F 263 -41.66 -0.89 32.94
N HIS F 264 -40.74 -0.98 33.88
CA HIS F 264 -39.60 -1.90 33.78
C HIS F 264 -38.98 -2.06 35.17
N GLU F 265 -38.52 -3.27 35.48
CA GLU F 265 -38.07 -3.58 36.87
C GLU F 265 -36.83 -2.80 37.30
N GLY F 266 -36.01 -2.37 36.34
CA GLY F 266 -34.92 -1.41 36.58
C GLY F 266 -35.33 -0.03 37.03
N LEU F 267 -36.52 0.40 36.66
CA LEU F 267 -37.06 1.69 37.12
C LEU F 267 -37.71 1.53 38.49
N PRO F 268 -37.27 2.32 39.49
CA PRO F 268 -37.92 2.24 40.81
C PRO F 268 -39.39 2.66 40.77
N LYS F 269 -39.72 3.66 39.96
CA LYS F 269 -41.11 4.02 39.65
C LYS F 269 -41.26 4.16 38.14
N PRO F 270 -42.46 3.84 37.59
CA PRO F 270 -42.67 3.96 36.15
C PRO F 270 -42.64 5.42 35.66
N LEU F 271 -42.06 5.64 34.48
CA LEU F 271 -41.85 6.99 33.93
C LEU F 271 -43.03 7.46 33.10
N THR F 272 -43.28 8.77 33.14
CA THR F 272 -44.26 9.42 32.27
C THR F 272 -43.52 10.46 31.41
N LEU F 273 -43.65 10.34 30.08
CA LEU F 273 -42.98 11.22 29.12
C LEU F 273 -44.02 12.03 28.36
N ARG F 274 -43.77 13.32 28.19
CA ARG F 274 -44.67 14.23 27.48
C ARG F 274 -43.88 15.13 26.53
N TRP F 275 -44.44 15.37 25.35
CA TRP F 275 -43.86 16.27 24.33
C TRP F 275 -44.80 17.46 24.17
N GLU F 276 -44.23 18.65 24.01
CA GLU F 276 -45.03 19.88 23.86
C GLU F 276 -44.52 20.76 22.71
N PRO F 277 -45.45 21.34 21.91
CA PRO F 277 -45.08 22.23 20.79
C PRO F 277 -44.67 23.63 21.22
N MET G 1 -48.64 -28.32 6.13
CA MET G 1 -47.36 -27.55 6.14
C MET G 1 -47.69 -26.05 6.22
N ILE G 2 -47.54 -25.48 7.42
CA ILE G 2 -47.72 -24.04 7.64
C ILE G 2 -46.41 -23.29 7.44
N GLN G 3 -46.51 -22.09 6.87
CA GLN G 3 -45.36 -21.21 6.67
C GLN G 3 -45.64 -19.82 7.19
N ARG G 4 -44.65 -19.20 7.83
CA ARG G 4 -44.79 -17.86 8.41
C ARG G 4 -43.74 -16.90 7.80
N THR G 5 -44.18 -15.69 7.46
CA THR G 5 -43.35 -14.68 6.80
C THR G 5 -42.48 -13.94 7.82
N PRO G 6 -41.17 -13.77 7.53
CA PRO G 6 -40.35 -13.04 8.49
C PRO G 6 -40.74 -11.56 8.64
N LYS G 7 -40.61 -11.05 9.86
CA LYS G 7 -40.75 -9.63 10.17
C LYS G 7 -39.35 -9.08 10.32
N ILE G 8 -39.06 -8.01 9.56
CA ILE G 8 -37.71 -7.46 9.45
C ILE G 8 -37.67 -6.11 10.17
N GLN G 9 -36.60 -5.89 10.93
CA GLN G 9 -36.31 -4.61 11.58
C GLN G 9 -34.85 -4.31 11.37
N VAL G 10 -34.56 -3.17 10.72
CA VAL G 10 -33.19 -2.69 10.52
C VAL G 10 -32.98 -1.50 11.44
N TYR G 11 -31.85 -1.49 12.15
CA TYR G 11 -31.60 -0.49 13.18
C TYR G 11 -30.15 -0.55 13.65
N SER G 12 -29.77 0.43 14.48
CA SER G 12 -28.44 0.50 15.05
C SER G 12 -28.46 0.19 16.55
N ARG G 13 -27.32 -0.22 17.08
CA ARG G 13 -27.16 -0.58 18.50
C ARG G 13 -27.33 0.65 19.40
N HIS G 14 -26.64 1.72 19.03
CA HIS G 14 -26.75 3.00 19.73
C HIS G 14 -27.45 4.01 18.81
N PRO G 15 -27.99 5.11 19.37
CA PRO G 15 -28.54 6.16 18.50
C PRO G 15 -27.45 6.72 17.57
N ALA G 16 -27.75 6.79 16.27
CA ALA G 16 -26.76 7.10 15.24
C ALA G 16 -26.27 8.54 15.28
N GLU G 17 -24.94 8.70 15.25
CA GLU G 17 -24.29 10.00 15.14
C GLU G 17 -23.27 9.91 14.02
N ASN G 18 -23.32 10.86 13.08
CA ASN G 18 -22.52 10.80 11.85
C ASN G 18 -21.03 10.82 12.14
N GLY G 19 -20.29 9.93 11.47
CA GLY G 19 -18.85 9.78 11.69
C GLY G 19 -18.49 9.25 13.07
N LYS G 20 -19.29 8.31 13.57
CA LYS G 20 -19.08 7.73 14.91
C LYS G 20 -19.35 6.22 14.89
N SER G 21 -18.55 5.48 15.65
CA SER G 21 -18.59 4.00 15.63
C SER G 21 -19.89 3.45 16.18
N ASN G 22 -20.43 2.42 15.51
CA ASN G 22 -21.72 1.82 15.89
C ASN G 22 -21.82 0.38 15.34
N PHE G 23 -22.96 -0.27 15.54
CA PHE G 23 -23.30 -1.53 14.86
C PHE G 23 -24.63 -1.40 14.13
N LEU G 24 -24.73 -2.06 12.97
CA LEU G 24 -25.96 -2.12 12.18
C LEU G 24 -26.58 -3.50 12.36
N ASN G 25 -27.84 -3.53 12.77
CA ASN G 25 -28.56 -4.77 13.07
C ASN G 25 -29.69 -4.99 12.08
N CYS G 26 -29.91 -6.25 11.72
CA CYS G 26 -31.12 -6.67 11.03
C CYS G 26 -31.71 -7.86 11.81
N TYR G 27 -32.85 -7.61 12.46
CA TYR G 27 -33.53 -8.59 13.30
C TYR G 27 -34.70 -9.20 12.54
N VAL G 28 -34.51 -10.42 12.05
CA VAL G 28 -35.57 -11.19 11.39
C VAL G 28 -36.22 -12.12 12.44
N SER G 29 -37.56 -12.15 12.44
CA SER G 29 -38.33 -12.91 13.43
C SER G 29 -39.70 -13.32 12.93
N GLY G 30 -40.29 -14.31 13.59
CA GLY G 30 -41.63 -14.80 13.28
C GLY G 30 -41.74 -15.65 12.03
N PHE G 31 -40.65 -16.29 11.62
CA PHE G 31 -40.61 -17.05 10.35
C PHE G 31 -40.57 -18.56 10.51
N HIS G 32 -41.00 -19.25 9.45
CA HIS G 32 -41.01 -20.71 9.42
C HIS G 32 -41.19 -21.19 7.97
N PRO G 33 -40.33 -22.07 7.45
CA PRO G 33 -39.27 -22.79 8.18
C PRO G 33 -38.03 -21.96 8.51
N SER G 34 -37.02 -22.59 9.09
CA SER G 34 -35.79 -21.92 9.54
C SER G 34 -34.86 -21.46 8.41
N ASP G 35 -34.98 -22.09 7.24
CA ASP G 35 -34.16 -21.77 6.06
C ASP G 35 -34.41 -20.32 5.56
N ILE G 36 -33.39 -19.47 5.70
CA ILE G 36 -33.51 -18.03 5.41
C ILE G 36 -32.15 -17.43 4.97
N GLU G 37 -32.20 -16.42 4.10
CA GLU G 37 -31.00 -15.70 3.61
C GLU G 37 -31.10 -14.23 3.99
N VAL G 38 -30.10 -13.71 4.71
CA VAL G 38 -30.08 -12.32 5.14
C VAL G 38 -28.75 -11.67 4.81
N ASP G 39 -28.79 -10.59 4.02
CA ASP G 39 -27.63 -9.76 3.72
C ASP G 39 -27.84 -8.35 4.23
N LEU G 40 -26.75 -7.69 4.62
CA LEU G 40 -26.75 -6.26 4.97
C LEU G 40 -26.07 -5.47 3.85
N LEU G 41 -26.72 -4.41 3.39
CA LEU G 41 -26.27 -3.66 2.19
C LEU G 41 -25.80 -2.24 2.53
N LYS G 42 -24.70 -1.81 1.92
CA LYS G 42 -24.23 -0.41 1.96
C LYS G 42 -24.24 0.16 0.55
N ASN G 43 -25.18 1.08 0.29
CA ASN G 43 -25.41 1.68 -1.03
C ASN G 43 -25.72 0.64 -2.12
N GLY G 44 -26.48 -0.38 -1.74
CA GLY G 44 -26.85 -1.48 -2.65
C GLY G 44 -25.86 -2.63 -2.76
N GLU G 45 -24.69 -2.53 -2.12
CA GLU G 45 -23.65 -3.56 -2.17
C GLU G 45 -23.65 -4.41 -0.91
N ARG G 46 -23.54 -5.72 -1.08
CA ARG G 46 -23.48 -6.68 0.03
C ARG G 46 -22.25 -6.44 0.92
N ILE G 47 -22.48 -6.25 2.22
CA ILE G 47 -21.39 -6.16 3.21
C ILE G 47 -20.93 -7.58 3.50
N GLU G 48 -19.62 -7.80 3.57
CA GLU G 48 -19.06 -9.16 3.64
C GLU G 48 -18.93 -9.73 5.05
N LYS G 49 -18.34 -8.99 5.97
CA LYS G 49 -18.10 -9.48 7.34
C LYS G 49 -19.34 -9.27 8.23
N VAL G 50 -20.37 -10.09 7.98
CA VAL G 50 -21.64 -10.01 8.70
C VAL G 50 -21.80 -11.23 9.62
N GLU G 51 -21.91 -10.97 10.92
CA GLU G 51 -22.09 -11.99 11.94
C GLU G 51 -23.58 -12.25 12.12
N HIS G 52 -23.92 -13.40 12.70
CA HIS G 52 -25.31 -13.70 13.09
C HIS G 52 -25.40 -14.49 14.40
N SER G 53 -26.53 -14.33 15.09
CA SER G 53 -26.80 -15.05 16.33
C SER G 53 -27.17 -16.50 16.05
N ASP G 54 -27.12 -17.32 17.10
CA ASP G 54 -27.45 -18.74 17.00
C ASP G 54 -28.95 -18.95 16.98
N LEU G 55 -29.44 -19.73 16.01
CA LEU G 55 -30.87 -19.89 15.77
C LEU G 55 -31.62 -20.35 17.03
N SER G 56 -32.63 -19.58 17.41
CA SER G 56 -33.53 -19.91 18.51
C SER G 56 -34.96 -19.65 18.06
N PHE G 57 -35.93 -19.91 18.92
CA PHE G 57 -37.34 -19.64 18.58
C PHE G 57 -38.13 -19.16 19.80
N SER G 58 -39.32 -18.64 19.50
CA SER G 58 -40.22 -18.05 20.49
C SER G 58 -41.26 -19.08 20.93
N LYS G 59 -42.12 -18.69 21.86
CA LYS G 59 -43.12 -19.62 22.41
C LYS G 59 -44.16 -20.12 21.40
N ASP G 60 -44.33 -19.42 20.28
CA ASP G 60 -45.17 -19.89 19.17
C ASP G 60 -44.45 -20.76 18.11
N TRP G 61 -43.19 -21.15 18.39
CA TRP G 61 -42.35 -21.99 17.51
C TRP G 61 -41.70 -21.29 16.32
N SER G 62 -41.92 -19.98 16.15
CA SER G 62 -41.36 -19.24 15.03
C SER G 62 -39.94 -18.80 15.36
N PHE G 63 -39.07 -18.80 14.35
CA PHE G 63 -37.65 -18.55 14.55
C PHE G 63 -37.31 -17.06 14.58
N TYR G 64 -36.23 -16.71 15.27
CA TYR G 64 -35.70 -15.35 15.29
C TYR G 64 -34.18 -15.36 15.21
N LEU G 65 -33.62 -14.32 14.60
CA LEU G 65 -32.21 -14.27 14.22
C LEU G 65 -31.75 -12.80 14.12
N LEU G 66 -30.62 -12.48 14.76
CA LEU G 66 -30.01 -11.16 14.67
C LEU G 66 -28.79 -11.25 13.75
N TYR G 67 -28.83 -10.52 12.64
CA TYR G 67 -27.67 -10.30 11.77
C TYR G 67 -27.11 -8.94 12.09
N TYR G 68 -25.79 -8.86 12.30
CA TYR G 68 -25.14 -7.61 12.65
C TYR G 68 -23.73 -7.45 12.06
N THR G 69 -23.30 -6.20 11.96
CA THR G 69 -21.97 -5.84 11.50
C THR G 69 -21.57 -4.46 12.02
N GLU G 70 -20.27 -4.20 12.03
CA GLU G 70 -19.72 -2.94 12.51
C GLU G 70 -19.79 -1.89 11.40
N PHE G 71 -20.15 -0.66 11.73
CA PHE G 71 -20.23 0.42 10.73
C PHE G 71 -20.12 1.82 11.33
N THR G 72 -19.77 2.79 10.47
CA THR G 72 -19.76 4.21 10.78
C THR G 72 -20.74 4.91 9.83
N PRO G 73 -21.93 5.29 10.33
CA PRO G 73 -22.92 5.92 9.46
C PRO G 73 -22.56 7.36 9.16
N THR G 74 -22.94 7.82 7.98
CA THR G 74 -22.69 9.19 7.53
C THR G 74 -24.02 9.77 7.03
N GLU G 75 -24.00 11.06 6.69
CA GLU G 75 -25.20 11.75 6.20
C GLU G 75 -25.76 11.12 4.91
N LYS G 76 -24.86 10.71 4.00
CA LYS G 76 -25.25 10.30 2.65
C LYS G 76 -25.26 8.79 2.37
N ASP G 77 -24.52 8.00 3.14
CA ASP G 77 -24.50 6.54 2.95
C ASP G 77 -25.84 5.91 3.33
N GLU G 78 -26.33 5.02 2.47
CA GLU G 78 -27.61 4.31 2.66
C GLU G 78 -27.35 2.86 3.06
N TYR G 79 -27.95 2.43 4.16
CA TYR G 79 -27.84 1.05 4.64
C TYR G 79 -29.19 0.35 4.56
N ALA G 80 -29.18 -0.92 4.15
CA ALA G 80 -30.41 -1.72 4.05
C ALA G 80 -30.20 -3.15 4.56
N CYS G 81 -31.30 -3.90 4.66
CA CYS G 81 -31.27 -5.34 4.95
C CYS G 81 -32.09 -6.05 3.88
N ARG G 82 -31.46 -6.98 3.16
CA ARG G 82 -32.13 -7.81 2.15
C ARG G 82 -32.35 -9.23 2.68
N VAL G 83 -33.60 -9.71 2.62
CA VAL G 83 -34.02 -10.99 3.22
C VAL G 83 -34.81 -11.83 2.23
N ASN G 84 -34.43 -13.10 2.07
CA ASN G 84 -35.18 -14.05 1.22
C ASN G 84 -35.60 -15.31 2.03
N HIS G 85 -36.74 -15.86 1.64
CA HIS G 85 -37.42 -16.93 2.37
C HIS G 85 -38.44 -17.58 1.42
N VAL G 86 -38.92 -18.77 1.71
CA VAL G 86 -39.94 -19.42 0.87
C VAL G 86 -41.27 -18.66 0.78
N THR G 87 -41.61 -17.93 1.83
CA THR G 87 -42.81 -17.11 1.88
C THR G 87 -42.73 -15.89 0.96
N LEU G 88 -41.52 -15.39 0.73
CA LEU G 88 -41.29 -14.24 -0.17
C LEU G 88 -40.90 -14.74 -1.55
N SER G 89 -41.65 -14.29 -2.58
CA SER G 89 -41.34 -14.63 -3.97
C SER G 89 -40.08 -13.91 -4.48
N GLN G 90 -39.82 -12.69 -3.97
CA GLN G 90 -38.59 -11.95 -4.29
C GLN G 90 -37.89 -11.55 -2.99
N PRO G 91 -36.54 -11.42 -3.01
CA PRO G 91 -35.87 -10.89 -1.83
C PRO G 91 -36.36 -9.49 -1.48
N LYS G 92 -36.62 -9.24 -0.21
CA LYS G 92 -37.21 -8.00 0.26
C LYS G 92 -36.12 -7.13 0.89
N ILE G 93 -35.98 -5.91 0.38
CA ILE G 93 -35.05 -4.93 0.94
C ILE G 93 -35.80 -3.99 1.90
N VAL G 94 -35.23 -3.75 3.08
CA VAL G 94 -35.76 -2.80 4.05
C VAL G 94 -34.65 -1.79 4.35
N LYS G 95 -34.89 -0.53 3.99
CA LYS G 95 -33.90 0.53 4.21
C LYS G 95 -33.80 0.89 5.68
N TRP G 96 -32.57 1.21 6.12
CA TRP G 96 -32.34 1.69 7.48
C TRP G 96 -32.81 3.14 7.62
N ASP G 97 -33.94 3.32 8.30
CA ASP G 97 -34.41 4.63 8.73
C ASP G 97 -33.82 4.82 10.13
N ARG G 98 -33.04 5.89 10.31
CA ARG G 98 -32.38 6.17 11.61
C ARG G 98 -33.33 6.63 12.73
N ASP G 99 -34.61 6.87 12.42
CA ASP G 99 -35.66 7.03 13.45
C ASP G 99 -36.67 5.85 13.48
N MET G 100 -36.18 4.62 13.23
CA MET G 100 -36.97 3.40 13.41
C MET G 100 -36.09 2.22 13.84
N SER H 1 -27.51 -27.24 32.84
CA SER H 1 -27.12 -28.61 32.42
C SER H 1 -28.30 -29.27 31.69
N LEU H 2 -27.98 -29.95 30.59
CA LEU H 2 -28.99 -30.60 29.76
C LEU H 2 -29.66 -31.79 30.42
N LEU H 3 -30.79 -32.19 29.84
CA LEU H 3 -31.53 -33.38 30.22
C LEU H 3 -30.73 -34.63 29.87
N MET H 4 -30.94 -35.73 30.59
CA MET H 4 -30.23 -36.99 30.31
C MET H 4 -31.08 -38.08 29.66
N TRP H 5 -32.22 -38.39 30.24
CA TRP H 5 -33.05 -39.49 29.75
C TRP H 5 -34.03 -38.96 28.72
N ILE H 6 -33.92 -39.49 27.50
CA ILE H 6 -34.71 -39.02 26.37
C ILE H 6 -35.45 -40.21 25.77
N THR H 7 -36.76 -40.05 25.56
CA THR H 7 -37.58 -41.05 24.91
C THR H 7 -38.03 -40.57 23.51
N GLN H 8 -37.98 -41.48 22.55
CA GLN H 8 -38.37 -41.22 21.17
C GLN H 8 -39.87 -41.02 21.07
N VAL H 9 -40.33 -40.52 19.93
CA VAL H 9 -41.78 -40.30 19.70
C VAL H 9 -42.46 -41.53 19.14
N GLU I 4 -18.54 -50.72 43.00
CA GLU I 4 -19.78 -50.02 42.55
C GLU I 4 -21.01 -50.91 42.69
N VAL I 5 -21.00 -52.06 42.03
CA VAL I 5 -22.14 -53.02 42.05
C VAL I 5 -21.64 -54.44 42.36
N GLU I 6 -21.98 -54.96 43.53
CA GLU I 6 -21.42 -56.23 44.04
C GLU I 6 -22.44 -57.36 44.09
N GLN I 7 -21.95 -58.56 43.78
CA GLN I 7 -22.77 -59.75 43.62
C GLN I 7 -21.91 -60.96 44.00
N ASN I 8 -22.41 -61.85 44.85
CA ASN I 8 -21.67 -63.09 45.15
C ASN I 8 -21.75 -64.03 43.95
N SER I 9 -20.62 -64.66 43.62
CA SER I 9 -20.50 -65.44 42.38
C SER I 9 -21.22 -66.79 42.43
N GLY I 10 -21.33 -67.37 43.62
CA GLY I 10 -21.93 -68.69 43.81
C GLY I 10 -20.88 -69.78 43.59
N PRO I 11 -21.26 -70.95 43.05
CA PRO I 11 -22.64 -71.28 42.67
C PRO I 11 -23.61 -71.40 43.85
N LEU I 12 -24.89 -71.13 43.58
CA LEU I 12 -25.94 -71.24 44.58
C LEU I 12 -26.79 -72.45 44.16
N SER I 13 -27.00 -73.37 45.10
CA SER I 13 -27.80 -74.57 44.87
C SER I 13 -29.18 -74.43 45.52
N VAL I 14 -30.21 -74.76 44.75
CA VAL I 14 -31.59 -74.69 45.20
C VAL I 14 -32.29 -75.96 44.72
N PRO I 15 -33.08 -76.60 45.59
CA PRO I 15 -33.86 -77.74 45.11
C PRO I 15 -35.06 -77.30 44.28
N GLU I 16 -35.36 -78.06 43.23
CA GLU I 16 -36.52 -77.83 42.39
C GLU I 16 -37.79 -77.61 43.23
N GLY I 17 -38.48 -76.50 42.98
CA GLY I 17 -39.67 -76.11 43.73
C GLY I 17 -39.46 -75.02 44.75
N ALA I 18 -38.23 -74.87 45.24
CA ALA I 18 -37.91 -73.90 46.29
C ALA I 18 -37.62 -72.52 45.71
N ILE I 19 -37.58 -71.54 46.62
CA ILE I 19 -37.36 -70.16 46.27
C ILE I 19 -35.85 -69.90 46.14
N ALA I 20 -35.45 -69.36 44.97
CA ALA I 20 -34.09 -68.91 44.71
C ALA I 20 -34.00 -67.43 45.06
N SER I 21 -33.00 -67.08 45.87
CA SER I 21 -32.83 -65.73 46.39
C SER I 21 -31.47 -65.21 45.96
N LEU I 22 -31.48 -64.26 45.02
CA LEU I 22 -30.27 -63.65 44.48
C LEU I 22 -30.20 -62.20 44.97
N ASN I 23 -29.03 -61.79 45.49
CA ASN I 23 -28.84 -60.44 45.99
C ASN I 23 -27.78 -59.65 45.22
N CYS I 24 -27.85 -58.33 45.37
CA CYS I 24 -26.98 -57.40 44.65
C CYS I 24 -26.97 -56.06 45.39
N THR I 25 -25.80 -55.65 45.88
CA THR I 25 -25.64 -54.35 46.54
C THR I 25 -25.07 -53.32 45.57
N TYR I 26 -25.21 -52.04 45.93
CA TYR I 26 -24.67 -50.94 45.14
C TYR I 26 -24.25 -49.79 46.05
N SER I 27 -23.17 -49.10 45.67
CA SER I 27 -22.59 -48.03 46.49
C SER I 27 -23.16 -46.62 46.20
N ASP I 28 -23.61 -46.37 44.96
CA ASP I 28 -24.09 -45.06 44.54
C ASP I 28 -25.58 -44.84 44.86
N ARG I 29 -25.85 -43.97 45.83
CA ARG I 29 -27.23 -43.58 46.16
C ARG I 29 -27.95 -42.87 45.02
N GLY I 30 -27.21 -42.22 44.13
CA GLY I 30 -27.77 -41.65 42.91
C GLY I 30 -28.21 -42.65 41.85
N SER I 31 -28.23 -43.94 42.16
CA SER I 31 -28.71 -44.96 41.24
C SER I 31 -30.23 -44.84 41.05
N GLN I 32 -30.67 -44.97 39.81
CA GLN I 32 -32.06 -44.67 39.44
C GLN I 32 -32.87 -45.89 39.02
N SER I 33 -32.29 -46.75 38.18
CA SER I 33 -32.97 -47.97 37.76
C SER I 33 -32.04 -49.17 37.87
N PHE I 34 -32.64 -50.34 38.12
CA PHE I 34 -31.94 -51.56 38.47
C PHE I 34 -32.49 -52.71 37.63
N PHE I 35 -31.59 -53.54 37.09
CA PHE I 35 -31.94 -54.55 36.09
C PHE I 35 -31.45 -55.94 36.48
N TRP I 36 -32.22 -56.97 36.11
CA TRP I 36 -31.79 -58.37 36.23
C TRP I 36 -31.78 -59.00 34.85
N TYR I 37 -30.59 -59.44 34.42
CA TYR I 37 -30.42 -60.21 33.19
C TYR I 37 -30.10 -61.66 33.53
N ARG I 38 -30.55 -62.61 32.70
CA ARG I 38 -30.22 -64.03 32.83
C ARG I 38 -29.36 -64.47 31.64
N GLN I 39 -28.24 -65.13 31.94
CA GLN I 39 -27.32 -65.65 30.92
C GLN I 39 -27.15 -67.16 31.09
N TYR I 40 -27.68 -67.93 30.14
CA TYR I 40 -27.39 -69.36 30.04
C TYR I 40 -25.97 -69.59 29.58
N SER I 41 -25.44 -70.77 29.88
CA SER I 41 -24.08 -71.11 29.50
C SER I 41 -23.94 -71.12 27.97
N GLY I 42 -22.98 -70.35 27.47
CA GLY I 42 -22.74 -70.23 26.03
C GLY I 42 -23.74 -69.36 25.26
N LYS I 43 -24.56 -68.58 25.97
CA LYS I 43 -25.58 -67.71 25.36
C LYS I 43 -25.37 -66.25 25.78
N SER I 44 -26.25 -65.37 25.30
CA SER I 44 -26.18 -63.94 25.62
C SER I 44 -27.03 -63.59 26.83
N PRO I 45 -26.60 -62.60 27.64
CA PRO I 45 -27.49 -62.12 28.71
C PRO I 45 -28.80 -61.59 28.14
N GLU I 46 -29.91 -61.94 28.78
CA GLU I 46 -31.24 -61.53 28.33
C GLU I 46 -32.00 -60.93 29.52
N LEU I 47 -32.71 -59.83 29.28
CA LEU I 47 -33.43 -59.14 30.36
C LEU I 47 -34.53 -60.02 30.91
N ILE I 48 -34.63 -60.07 32.23
CA ILE I 48 -35.80 -60.64 32.91
C ILE I 48 -36.71 -59.50 33.31
N MET I 49 -36.21 -58.60 34.15
CA MET I 49 -36.99 -57.45 34.60
C MET I 49 -36.15 -56.34 35.20
N PHE I 50 -36.77 -55.15 35.23
CA PHE I 50 -36.16 -53.95 35.78
C PHE I 50 -37.05 -53.45 36.92
N ILE I 51 -36.45 -52.65 37.79
CA ILE I 51 -37.17 -52.00 38.88
C ILE I 51 -36.51 -50.65 39.18
N TYR I 52 -37.35 -49.64 39.43
CA TYR I 52 -36.87 -48.28 39.79
C TYR I 52 -37.43 -47.78 41.13
N SER I 53 -38.67 -48.13 41.46
CA SER I 53 -39.30 -47.70 42.71
C SER I 53 -39.11 -48.73 43.83
N ASP I 54 -38.96 -48.19 45.04
CA ASP I 54 -38.69 -48.97 46.24
C ASP I 54 -39.87 -49.89 46.55
N GLY I 55 -39.59 -51.17 46.84
CA GLY I 55 -40.62 -52.17 47.16
C GLY I 55 -40.48 -53.43 46.31
N ASP I 56 -41.60 -54.14 46.13
CA ASP I 56 -41.65 -55.39 45.36
C ASP I 56 -42.28 -55.18 44.00
N LYS I 57 -41.88 -55.99 43.03
CA LYS I 57 -42.48 -55.99 41.69
C LYS I 57 -42.54 -57.43 41.22
N GLU I 58 -43.75 -57.93 41.00
CA GLU I 58 -43.98 -59.33 40.60
C GLU I 58 -44.20 -59.45 39.10
N ASP I 59 -43.64 -60.50 38.50
CA ASP I 59 -43.82 -60.82 37.08
C ASP I 59 -43.71 -62.35 36.91
N GLY I 60 -44.86 -63.03 36.96
CA GLY I 60 -44.90 -64.48 36.93
C GLY I 60 -44.22 -65.07 38.16
N ARG I 61 -43.26 -65.97 37.94
CA ARG I 61 -42.50 -66.60 39.03
C ARG I 61 -41.41 -65.69 39.61
N PHE I 62 -41.06 -64.62 38.91
CA PHE I 62 -40.00 -63.69 39.35
C PHE I 62 -40.56 -62.55 40.18
N THR I 63 -39.79 -62.14 41.18
CA THR I 63 -40.10 -60.95 41.97
C THR I 63 -38.81 -60.17 42.22
N ALA I 64 -38.73 -58.96 41.65
CA ALA I 64 -37.67 -58.04 41.98
C ALA I 64 -38.04 -57.28 43.24
N GLN I 65 -37.05 -57.02 44.09
CA GLN I 65 -37.23 -56.29 45.34
C GLN I 65 -36.14 -55.24 45.46
N LEU I 66 -36.51 -53.98 45.64
CA LEU I 66 -35.55 -52.87 45.78
C LEU I 66 -35.69 -52.24 47.16
N ASN I 67 -34.55 -52.03 47.82
CA ASN I 67 -34.49 -51.36 49.12
C ASN I 67 -33.41 -50.28 49.06
N ARG I 68 -33.83 -49.03 48.89
CA ARG I 68 -32.90 -47.91 48.75
C ARG I 68 -32.24 -47.49 50.07
N ALA I 69 -32.89 -47.78 51.19
CA ALA I 69 -32.34 -47.43 52.51
C ALA I 69 -31.14 -48.30 52.89
N SER I 70 -31.24 -49.60 52.61
CA SER I 70 -30.14 -50.56 52.83
C SER I 70 -29.27 -50.78 51.58
N GLN I 71 -29.67 -50.20 50.46
CA GLN I 71 -28.91 -50.21 49.19
C GLN I 71 -28.64 -51.62 48.65
N TYR I 72 -29.72 -52.31 48.28
CA TYR I 72 -29.64 -53.61 47.64
C TYR I 72 -30.83 -53.83 46.71
N VAL I 73 -30.62 -54.70 45.72
CA VAL I 73 -31.69 -55.22 44.88
C VAL I 73 -31.69 -56.73 44.97
N SER I 74 -32.88 -57.33 44.96
CA SER I 74 -33.02 -58.78 45.03
C SER I 74 -33.87 -59.31 43.89
N LEU I 75 -33.64 -60.57 43.54
CA LEU I 75 -34.48 -61.34 42.62
C LEU I 75 -34.85 -62.65 43.31
N LEU I 76 -36.14 -62.83 43.60
CA LEU I 76 -36.69 -64.08 44.14
C LEU I 76 -37.33 -64.86 42.99
N ILE I 77 -37.06 -66.16 42.91
CA ILE I 77 -37.67 -67.03 41.89
C ILE I 77 -38.48 -68.11 42.60
N ARG I 78 -39.81 -67.94 42.63
CA ARG I 78 -40.71 -68.93 43.20
C ARG I 78 -40.81 -70.15 42.29
N ASP I 79 -40.94 -71.34 42.89
CA ASP I 79 -41.13 -72.59 42.15
C ASP I 79 -40.02 -72.83 41.12
N SER I 80 -38.77 -72.71 41.59
CA SER I 80 -37.58 -72.83 40.74
C SER I 80 -37.55 -74.15 40.00
N GLN I 81 -37.20 -74.11 38.72
CA GLN I 81 -37.10 -75.30 37.88
C GLN I 81 -35.66 -75.46 37.40
N PRO I 82 -35.28 -76.65 36.90
CA PRO I 82 -33.91 -76.84 36.39
C PRO I 82 -33.52 -75.91 35.23
N SER I 83 -34.49 -75.52 34.41
CA SER I 83 -34.27 -74.57 33.31
C SER I 83 -33.96 -73.13 33.78
N ASP I 84 -34.17 -72.83 35.06
CA ASP I 84 -33.71 -71.56 35.66
C ASP I 84 -32.21 -71.56 35.97
N SER I 85 -31.53 -72.70 35.84
CA SER I 85 -30.08 -72.77 36.05
C SER I 85 -29.38 -71.90 35.01
N ALA I 86 -28.66 -70.89 35.50
CA ALA I 86 -28.03 -69.85 34.67
C ALA I 86 -27.22 -68.89 35.53
N THR I 87 -26.53 -67.96 34.89
CA THR I 87 -25.86 -66.85 35.59
C THR I 87 -26.78 -65.64 35.53
N TYR I 88 -27.02 -65.04 36.70
CA TYR I 88 -27.95 -63.91 36.82
C TYR I 88 -27.17 -62.64 37.08
N LEU I 89 -27.27 -61.71 36.13
CA LEU I 89 -26.49 -60.47 36.12
C LEU I 89 -27.33 -59.28 36.57
N CYS I 90 -26.80 -58.56 37.55
CA CYS I 90 -27.39 -57.35 38.11
C CYS I 90 -26.72 -56.14 37.44
N ALA I 91 -27.52 -55.17 37.00
CA ALA I 91 -26.98 -53.93 36.40
C ALA I 91 -27.70 -52.70 36.94
N VAL I 92 -26.95 -51.62 37.14
CA VAL I 92 -27.46 -50.37 37.71
C VAL I 92 -27.13 -49.15 36.84
N LYS I 93 -28.18 -48.42 36.47
CA LYS I 93 -28.04 -47.13 35.77
C LYS I 93 -28.16 -45.99 36.78
N SER I 94 -27.34 -44.97 36.57
CA SER I 94 -27.16 -43.89 37.54
C SER I 94 -27.20 -42.51 36.87
N GLY I 95 -27.13 -41.47 37.70
CA GLY I 95 -27.36 -40.09 37.27
C GLY I 95 -26.32 -39.48 36.36
N GLY I 96 -25.05 -39.81 36.57
CA GLY I 96 -23.95 -39.16 35.85
C GLY I 96 -23.38 -39.90 34.65
N SER I 97 -24.08 -40.91 34.13
CA SER I 97 -23.57 -41.69 33.00
C SER I 97 -24.66 -42.51 32.31
N TYR I 98 -24.45 -42.76 31.01
CA TYR I 98 -25.30 -43.65 30.22
C TYR I 98 -24.86 -45.10 30.30
N ILE I 99 -23.67 -45.36 30.83
CA ILE I 99 -23.12 -46.70 31.00
C ILE I 99 -23.76 -47.37 32.24
N PRO I 100 -24.48 -48.50 32.05
CA PRO I 100 -24.92 -49.26 33.23
C PRO I 100 -23.75 -49.98 33.90
N THR I 101 -23.74 -49.99 35.24
CA THR I 101 -22.70 -50.67 36.01
C THR I 101 -23.14 -52.11 36.32
N PHE I 102 -22.38 -53.09 35.84
CA PHE I 102 -22.71 -54.50 36.01
C PHE I 102 -21.99 -55.10 37.19
N GLY I 103 -22.67 -56.01 37.89
CA GLY I 103 -22.04 -56.93 38.83
C GLY I 103 -21.49 -58.11 38.05
N ARG I 104 -20.61 -58.88 38.68
CA ARG I 104 -19.94 -60.00 37.99
C ARG I 104 -20.85 -61.21 37.71
N GLY I 105 -22.03 -61.23 38.33
CA GLY I 105 -23.03 -62.27 38.08
C GLY I 105 -22.99 -63.36 39.13
N THR I 106 -24.16 -63.94 39.43
CA THR I 106 -24.29 -65.04 40.39
C THR I 106 -24.78 -66.27 39.64
N SER I 107 -24.02 -67.36 39.74
CA SER I 107 -24.38 -68.62 39.13
C SER I 107 -25.40 -69.37 40.00
N LEU I 108 -26.55 -69.74 39.41
CA LEU I 108 -27.60 -70.51 40.08
C LEU I 108 -27.72 -71.88 39.43
N ILE I 109 -27.74 -72.93 40.24
CA ILE I 109 -28.05 -74.29 39.79
C ILE I 109 -29.29 -74.73 40.54
N VAL I 110 -30.28 -75.20 39.79
CA VAL I 110 -31.50 -75.76 40.37
C VAL I 110 -31.49 -77.28 40.14
N HIS I 111 -31.24 -78.04 41.21
CA HIS I 111 -31.17 -79.50 41.12
C HIS I 111 -32.57 -80.09 40.98
N PRO I 112 -32.77 -81.01 40.02
CA PRO I 112 -34.10 -81.58 39.82
C PRO I 112 -34.50 -82.58 40.93
N TYR I 113 -35.81 -82.69 41.17
CA TYR I 113 -36.35 -83.66 42.10
C TYR I 113 -36.58 -84.96 41.36
N ILE I 114 -35.77 -85.98 41.65
CA ILE I 114 -35.96 -87.31 41.06
C ILE I 114 -37.01 -88.04 41.92
N GLN I 115 -38.13 -88.42 41.30
CA GLN I 115 -39.24 -89.07 42.00
C GLN I 115 -38.84 -90.46 42.50
N ASN I 116 -38.45 -91.34 41.58
CA ASN I 116 -38.10 -92.72 41.88
C ASN I 116 -36.64 -92.96 41.44
N PRO I 117 -35.67 -92.62 42.31
CA PRO I 117 -34.26 -92.92 42.01
C PRO I 117 -34.05 -94.37 41.62
N ASP I 118 -33.32 -94.60 40.54
CA ASP I 118 -33.01 -95.94 40.06
C ASP I 118 -31.53 -96.03 39.66
N PRO I 119 -30.61 -95.65 40.57
CA PRO I 119 -29.17 -95.56 40.24
C PRO I 119 -28.65 -96.81 39.53
N ALA I 120 -27.98 -96.60 38.40
CA ALA I 120 -27.48 -97.71 37.58
C ALA I 120 -26.29 -97.29 36.73
N VAL I 121 -25.43 -98.26 36.40
CA VAL I 121 -24.23 -98.05 35.59
C VAL I 121 -24.26 -99.05 34.43
N TYR I 122 -24.56 -98.55 33.22
CA TYR I 122 -24.68 -99.40 32.02
C TYR I 122 -23.47 -99.25 31.11
N GLN I 123 -23.25 -100.26 30.25
CA GLN I 123 -22.20 -100.23 29.23
C GLN I 123 -22.82 -100.11 27.83
N LEU I 124 -22.29 -99.19 27.03
CA LEU I 124 -22.74 -98.93 25.66
C LEU I 124 -21.71 -99.44 24.64
N ARG I 125 -22.04 -99.40 23.34
CA ARG I 125 -21.12 -99.89 22.29
C ARG I 125 -21.24 -99.11 20.99
N LYS I 132 -12.76 -98.37 21.96
CA LYS I 132 -13.28 -97.37 22.90
C LYS I 132 -14.63 -97.84 23.48
N SER I 133 -14.74 -97.85 24.81
CA SER I 133 -16.01 -98.20 25.50
C SER I 133 -16.48 -97.02 26.32
N VAL I 134 -17.80 -96.90 26.47
CA VAL I 134 -18.44 -95.81 27.21
C VAL I 134 -19.38 -96.37 28.28
N CYS I 135 -19.25 -95.87 29.51
CA CYS I 135 -20.13 -96.25 30.62
C CYS I 135 -21.02 -95.10 31.04
N LEU I 136 -22.30 -95.38 31.25
CA LEU I 136 -23.30 -94.36 31.58
C LEU I 136 -23.82 -94.58 33.00
N PHE I 137 -23.49 -93.66 33.90
CA PHE I 137 -24.03 -93.64 35.27
C PHE I 137 -25.29 -92.75 35.25
N THR I 138 -26.46 -93.35 35.43
CA THR I 138 -27.73 -92.66 35.19
C THR I 138 -28.82 -92.96 36.23
N ASP I 139 -29.90 -92.17 36.15
CA ASP I 139 -31.08 -92.28 37.02
C ASP I 139 -30.81 -92.02 38.52
N PHE I 140 -29.67 -91.41 38.84
CA PHE I 140 -29.28 -91.26 40.24
C PHE I 140 -29.92 -90.02 40.88
N ASP I 141 -29.85 -90.00 42.20
CA ASP I 141 -30.41 -88.94 43.03
C ASP I 141 -29.63 -87.63 42.88
N SER I 142 -30.31 -86.50 43.01
CA SER I 142 -29.64 -85.18 42.84
C SER I 142 -28.59 -84.83 43.93
N GLN I 143 -28.64 -85.52 45.06
CA GLN I 143 -27.66 -85.33 46.14
C GLN I 143 -26.34 -86.08 45.88
N THR I 144 -26.31 -86.93 44.86
CA THR I 144 -25.09 -87.59 44.39
C THR I 144 -24.22 -86.61 43.58
N ASN I 145 -22.98 -86.43 44.04
CA ASN I 145 -21.97 -85.62 43.33
C ASN I 145 -21.00 -86.55 42.61
N VAL I 146 -20.94 -86.45 41.29
CA VAL I 146 -19.99 -87.23 40.50
C VAL I 146 -18.63 -86.52 40.57
N SER I 147 -17.58 -87.30 40.80
CA SER I 147 -16.22 -86.76 40.95
C SER I 147 -15.38 -87.06 39.71
N GLN I 148 -14.37 -86.24 39.47
CA GLN I 148 -13.45 -86.42 38.35
C GLN I 148 -12.55 -87.62 38.61
N SER I 149 -11.97 -88.14 37.53
CA SER I 149 -11.19 -89.39 37.59
C SER I 149 -9.87 -89.26 38.36
N LYS I 150 -9.46 -90.37 38.98
CA LYS I 150 -8.12 -90.48 39.54
C LYS I 150 -7.12 -90.58 38.39
N ASP I 151 -7.33 -91.58 37.54
CA ASP I 151 -6.48 -91.80 36.36
C ASP I 151 -6.74 -90.72 35.29
N SER I 152 -5.69 -90.35 34.56
CA SER I 152 -5.76 -89.30 33.54
C SER I 152 -6.22 -89.81 32.17
N ASP I 153 -6.00 -91.10 31.88
CA ASP I 153 -6.53 -91.73 30.66
C ASP I 153 -8.04 -92.05 30.73
N VAL I 154 -8.65 -91.92 31.90
CA VAL I 154 -10.10 -92.04 32.09
C VAL I 154 -10.72 -90.66 32.19
N TYR I 155 -11.72 -90.39 31.36
CA TYR I 155 -12.41 -89.09 31.33
C TYR I 155 -13.82 -89.27 31.88
N ILE I 156 -14.23 -88.36 32.76
CA ILE I 156 -15.56 -88.42 33.37
C ILE I 156 -16.21 -87.04 33.31
N THR I 157 -17.39 -86.96 32.69
CA THR I 157 -18.15 -85.72 32.61
C THR I 157 -18.91 -85.49 33.90
N ASP I 158 -19.27 -84.24 34.17
CA ASP I 158 -20.10 -83.91 35.32
C ASP I 158 -21.55 -84.34 35.06
N LYS I 159 -22.34 -84.41 36.13
CA LYS I 159 -23.75 -84.77 36.03
C LYS I 159 -24.52 -83.77 35.16
N CYS I 160 -25.48 -84.29 34.41
CA CYS I 160 -26.23 -83.55 33.41
C CYS I 160 -27.72 -83.90 33.50
N VAL I 161 -28.56 -82.87 33.52
CA VAL I 161 -30.02 -83.02 33.70
C VAL I 161 -30.76 -82.99 32.35
N LEU I 162 -31.37 -84.12 31.97
CA LEU I 162 -32.21 -84.17 30.75
C LEU I 162 -33.69 -84.23 31.14
N ASP I 163 -34.55 -83.79 30.22
CA ASP I 163 -35.98 -83.59 30.47
C ASP I 163 -36.81 -84.10 29.29
N MET I 164 -37.40 -85.29 29.45
CA MET I 164 -38.25 -85.90 28.42
C MET I 164 -39.65 -85.29 28.49
N ARG I 165 -39.82 -84.15 27.82
CA ARG I 165 -41.03 -83.28 27.91
C ARG I 165 -42.36 -84.03 27.99
N SER I 166 -42.63 -84.86 26.98
CA SER I 166 -43.94 -85.50 26.82
C SER I 166 -44.35 -86.44 27.97
N MET I 167 -43.36 -87.01 28.67
CA MET I 167 -43.62 -87.90 29.80
C MET I 167 -43.35 -87.29 31.19
N ASP I 168 -42.92 -86.02 31.23
CA ASP I 168 -42.70 -85.27 32.48
C ASP I 168 -41.67 -85.95 33.41
N PHE I 169 -40.61 -86.48 32.81
CA PHE I 169 -39.61 -87.30 33.52
C PHE I 169 -38.21 -86.67 33.39
N LYS I 170 -37.70 -86.15 34.51
CA LYS I 170 -36.33 -85.67 34.59
C LYS I 170 -35.39 -86.84 34.91
N SER I 171 -34.10 -86.65 34.66
CA SER I 171 -33.11 -87.71 34.83
C SER I 171 -31.69 -87.15 34.85
N ASN I 172 -30.95 -87.45 35.92
CA ASN I 172 -29.51 -87.15 35.97
C ASN I 172 -28.74 -88.23 35.22
N SER I 173 -27.59 -87.85 34.64
CA SER I 173 -26.71 -88.79 33.94
C SER I 173 -25.27 -88.30 33.95
N ALA I 174 -24.32 -89.23 33.94
CA ALA I 174 -22.89 -88.92 33.80
C ALA I 174 -22.24 -89.97 32.92
N VAL I 175 -21.33 -89.53 32.05
CA VAL I 175 -20.66 -90.41 31.10
C VAL I 175 -19.20 -90.56 31.51
N ALA I 176 -18.63 -91.71 31.21
CA ALA I 176 -17.20 -91.93 31.39
C ALA I 176 -16.66 -92.85 30.30
N TRP I 177 -15.42 -92.64 29.91
CA TRP I 177 -14.79 -93.47 28.87
C TRP I 177 -13.27 -93.52 29.00
N SER I 178 -12.69 -94.53 28.36
CA SER I 178 -11.25 -94.71 28.28
C SER I 178 -10.93 -95.76 27.21
N ASN I 179 -9.83 -95.56 26.51
CA ASN I 179 -9.34 -96.55 25.53
C ASN I 179 -8.55 -97.71 26.17
N LYS I 180 -8.18 -97.56 27.45
CA LYS I 180 -7.46 -98.61 28.18
C LYS I 180 -8.29 -99.87 28.39
N SER I 181 -7.68 -101.04 28.18
CA SER I 181 -8.32 -102.34 28.44
C SER I 181 -8.38 -102.72 29.94
N ASP I 182 -7.72 -101.92 30.79
CA ASP I 182 -7.91 -102.00 32.26
C ASP I 182 -9.31 -101.53 32.65
N PHE I 183 -9.79 -100.51 31.95
CA PHE I 183 -11.05 -99.83 32.26
C PHE I 183 -12.28 -100.72 32.08
N ALA I 184 -13.12 -100.78 33.12
CA ALA I 184 -14.42 -101.45 33.09
C ALA I 184 -15.44 -100.58 33.82
N CYS I 185 -16.73 -100.82 33.57
CA CYS I 185 -17.79 -99.99 34.15
C CYS I 185 -17.91 -100.08 35.68
N ALA I 186 -17.46 -101.20 36.25
CA ALA I 186 -17.33 -101.32 37.71
C ALA I 186 -16.28 -100.36 38.27
N ASN I 187 -15.17 -100.18 37.55
CA ASN I 187 -14.09 -99.27 37.98
C ASN I 187 -14.46 -97.79 37.83
N ALA I 188 -15.22 -97.48 36.78
CA ALA I 188 -15.44 -96.10 36.30
C ALA I 188 -15.58 -95.03 37.39
N PHE I 189 -16.48 -95.26 38.34
CA PHE I 189 -16.88 -94.23 39.31
C PHE I 189 -16.44 -94.52 40.76
N ASN I 190 -15.32 -95.22 40.93
CA ASN I 190 -14.78 -95.56 42.26
C ASN I 190 -14.46 -94.34 43.13
N ASN I 191 -13.99 -93.26 42.49
CA ASN I 191 -13.64 -92.03 43.19
C ASN I 191 -14.87 -91.24 43.64
N SER I 192 -16.00 -91.43 42.96
CA SER I 192 -17.28 -90.85 43.38
C SER I 192 -17.92 -91.67 44.51
N ILE I 193 -18.64 -90.99 45.38
CA ILE I 193 -19.47 -91.64 46.40
C ILE I 193 -20.81 -92.00 45.74
N ILE I 194 -20.90 -93.24 45.29
CA ILE I 194 -22.07 -93.78 44.58
C ILE I 194 -23.11 -94.22 45.62
N PRO I 195 -24.41 -94.27 45.26
CA PRO I 195 -25.38 -94.91 46.15
C PRO I 195 -25.10 -96.41 46.39
N GLU I 196 -25.40 -96.88 47.60
CA GLU I 196 -25.10 -98.26 48.01
C GLU I 196 -25.75 -99.33 47.11
N ASP I 197 -27.04 -99.13 46.78
CA ASP I 197 -27.81 -100.12 45.99
C ASP I 197 -27.85 -99.81 44.48
N THR I 198 -26.72 -99.34 43.94
CA THR I 198 -26.60 -99.03 42.52
C THR I 198 -26.53 -100.32 41.70
N PHE I 199 -27.28 -100.37 40.60
CA PHE I 199 -27.40 -101.55 39.75
C PHE I 199 -26.17 -101.69 38.84
N PHE I 200 -25.53 -102.86 38.87
CA PHE I 200 -24.36 -103.18 38.02
C PHE I 200 -24.61 -104.50 37.29
N PRO I 201 -25.27 -104.46 36.10
CA PRO I 201 -25.53 -105.71 35.37
C PRO I 201 -24.28 -106.37 34.78
N SER I 202 -24.39 -107.64 34.39
CA SER I 202 -23.28 -108.40 33.81
C SER I 202 -23.56 -108.90 32.39
N PRO I 203 -23.52 -107.99 31.39
CA PRO I 203 -23.61 -108.40 29.98
C PRO I 203 -22.30 -108.99 29.45
N GLY J 4 -33.83 -57.86 16.18
CA GLY J 4 -32.90 -57.57 17.31
C GLY J 4 -31.50 -57.23 16.85
N VAL J 5 -30.54 -57.41 17.76
CA VAL J 5 -29.13 -57.12 17.50
C VAL J 5 -28.47 -58.35 16.86
N THR J 6 -27.89 -58.16 15.68
CA THR J 6 -27.12 -59.22 15.01
C THR J 6 -25.62 -58.88 15.07
N GLN J 7 -24.78 -59.89 15.24
CA GLN J 7 -23.33 -59.72 15.09
C GLN J 7 -22.68 -60.92 14.40
N THR J 8 -21.70 -60.61 13.53
CA THR J 8 -20.95 -61.62 12.79
C THR J 8 -19.44 -61.35 12.88
N PRO J 9 -18.60 -62.39 12.82
CA PRO J 9 -19.01 -63.79 12.87
C PRO J 9 -19.30 -64.24 14.30
N LYS J 10 -19.86 -65.42 14.46
CA LYS J 10 -20.18 -65.97 15.78
C LYS J 10 -18.97 -66.66 16.42
N PHE J 11 -18.14 -67.29 15.60
CA PHE J 11 -16.85 -67.84 16.05
C PHE J 11 -15.75 -67.36 15.11
N GLN J 12 -14.52 -67.28 15.64
CA GLN J 12 -13.37 -66.86 14.85
C GLN J 12 -12.06 -67.34 15.48
N VAL J 13 -11.17 -67.85 14.62
CA VAL J 13 -9.78 -68.12 14.99
C VAL J 13 -8.90 -67.12 14.24
N LEU J 14 -7.96 -66.51 14.96
CA LEU J 14 -6.95 -65.63 14.35
C LEU J 14 -5.56 -66.04 14.82
N LYS J 15 -4.56 -65.76 13.98
CA LYS J 15 -3.16 -65.84 14.40
C LYS J 15 -2.75 -64.47 14.95
N THR J 16 -1.80 -64.47 15.89
CA THR J 16 -1.30 -63.23 16.49
C THR J 16 -0.83 -62.27 15.40
N GLY J 17 -1.32 -61.03 15.48
CA GLY J 17 -0.95 -59.98 14.51
C GLY J 17 -1.97 -59.68 13.44
N GLN J 18 -2.92 -60.59 13.20
CA GLN J 18 -3.96 -60.37 12.19
C GLN J 18 -4.99 -59.33 12.63
N SER J 19 -5.63 -58.72 11.64
CA SER J 19 -6.72 -57.79 11.85
C SER J 19 -8.04 -58.49 11.59
N MET J 20 -9.09 -57.96 12.21
CA MET J 20 -10.45 -58.44 11.97
C MET J 20 -11.41 -57.37 12.48
N THR J 21 -12.60 -57.36 11.89
CA THR J 21 -13.67 -56.45 12.27
C THR J 21 -14.87 -57.29 12.70
N LEU J 22 -15.34 -57.06 13.93
CA LEU J 22 -16.58 -57.68 14.40
C LEU J 22 -17.75 -56.77 14.05
N GLN J 23 -18.68 -57.26 13.23
CA GLN J 23 -19.84 -56.49 12.81
C GLN J 23 -20.88 -56.51 13.91
N CYS J 24 -21.57 -55.38 14.09
CA CYS J 24 -22.74 -55.31 14.95
C CYS J 24 -23.77 -54.39 14.33
N ALA J 25 -24.97 -54.90 14.05
CA ALA J 25 -26.05 -54.12 13.46
C ALA J 25 -27.34 -54.30 14.25
N GLN J 26 -28.12 -53.24 14.40
CA GLN J 26 -29.44 -53.28 15.05
C GLN J 26 -30.46 -52.48 14.25
N ASP J 27 -31.69 -52.97 14.21
CA ASP J 27 -32.75 -52.38 13.39
C ASP J 27 -33.88 -51.80 14.24
N MET J 28 -33.54 -51.38 15.47
CA MET J 28 -34.53 -50.91 16.45
C MET J 28 -34.42 -49.42 16.74
N ASN J 29 -33.58 -48.71 15.99
CA ASN J 29 -33.30 -47.30 16.21
C ASN J 29 -32.85 -46.97 17.65
N HIS J 30 -32.06 -47.87 18.24
CA HIS J 30 -31.40 -47.61 19.51
C HIS J 30 -30.38 -46.50 19.30
N GLU J 31 -30.32 -45.57 20.24
CA GLU J 31 -29.31 -44.51 20.21
C GLU J 31 -27.99 -45.04 20.78
N TYR J 32 -28.09 -45.73 21.92
CA TYR J 32 -26.93 -46.25 22.64
C TYR J 32 -26.48 -47.59 22.05
N MET J 33 -25.18 -47.75 21.86
CA MET J 33 -24.58 -49.01 21.40
C MET J 33 -23.22 -49.21 22.09
N SER J 34 -22.94 -50.44 22.51
CA SER J 34 -21.73 -50.76 23.28
C SER J 34 -21.09 -52.08 22.86
N TRP J 35 -19.82 -52.25 23.22
CA TRP J 35 -19.08 -53.49 23.03
C TRP J 35 -18.51 -53.95 24.36
N TYR J 36 -18.91 -55.16 24.77
CA TYR J 36 -18.41 -55.82 25.98
C TYR J 36 -17.54 -57.01 25.61
N ARG J 37 -16.54 -57.29 26.46
CA ARG J 37 -15.87 -58.58 26.47
C ARG J 37 -16.19 -59.31 27.79
N GLN J 38 -16.37 -60.63 27.72
CA GLN J 38 -16.67 -61.45 28.91
C GLN J 38 -15.64 -62.55 29.07
N ASP J 39 -14.90 -62.52 30.19
CA ASP J 39 -13.87 -63.52 30.49
C ASP J 39 -14.18 -64.20 31.84
N PRO J 40 -13.92 -65.53 31.94
CA PRO J 40 -14.29 -66.37 33.09
C PRO J 40 -14.34 -65.69 34.48
N GLY J 41 -13.22 -65.07 34.89
CA GLY J 41 -13.11 -64.49 36.23
C GLY J 41 -13.65 -63.08 36.42
N MET J 42 -13.88 -62.34 35.34
CA MET J 42 -13.99 -60.88 35.40
C MET J 42 -15.33 -60.27 34.95
N GLY J 43 -16.31 -61.10 34.60
CA GLY J 43 -17.62 -60.64 34.14
C GLY J 43 -17.56 -59.81 32.86
N LEU J 44 -18.59 -58.99 32.64
CA LEU J 44 -18.64 -58.09 31.50
C LEU J 44 -17.79 -56.86 31.75
N ARG J 45 -16.88 -56.55 30.82
CA ARG J 45 -16.07 -55.33 30.86
C ARG J 45 -16.30 -54.52 29.58
N LEU J 46 -16.49 -53.22 29.73
CA LEU J 46 -16.82 -52.33 28.61
C LEU J 46 -15.58 -51.93 27.81
N ILE J 47 -15.66 -52.08 26.49
CA ILE J 47 -14.56 -51.72 25.58
C ILE J 47 -14.77 -50.30 25.03
N HIS J 48 -15.84 -50.11 24.27
CA HIS J 48 -16.25 -48.79 23.74
C HIS J 48 -17.78 -48.66 23.78
N TYR J 49 -18.27 -47.43 23.79
CA TYR J 49 -19.69 -47.16 23.61
C TYR J 49 -19.91 -45.94 22.74
N SER J 50 -21.17 -45.75 22.34
CA SER J 50 -21.57 -44.65 21.48
C SER J 50 -23.03 -44.28 21.76
N VAL J 51 -23.26 -43.04 22.20
CA VAL J 51 -24.63 -42.55 22.44
C VAL J 51 -25.38 -42.16 21.16
N GLY J 52 -24.72 -42.19 20.01
CA GLY J 52 -25.35 -41.87 18.73
C GLY J 52 -24.36 -41.69 17.61
N ALA J 53 -24.87 -41.50 16.40
CA ALA J 53 -24.02 -41.26 15.23
C ALA J 53 -23.06 -40.07 15.46
N GLY J 54 -21.81 -40.26 15.06
CA GLY J 54 -20.79 -39.22 15.13
C GLY J 54 -20.08 -39.05 16.46
N ILE J 55 -20.27 -39.99 17.39
CA ILE J 55 -19.55 -39.98 18.67
C ILE J 55 -19.28 -41.40 19.14
N THR J 56 -18.04 -41.63 19.57
CA THR J 56 -17.65 -42.84 20.25
C THR J 56 -16.87 -42.45 21.50
N ASP J 57 -16.89 -43.31 22.51
CA ASP J 57 -16.20 -43.06 23.77
C ASP J 57 -15.54 -44.33 24.30
N LYS J 58 -14.44 -44.15 25.03
CA LYS J 58 -13.72 -45.26 25.63
C LYS J 58 -14.44 -45.80 26.86
N GLY J 59 -14.29 -47.11 27.09
CA GLY J 59 -14.86 -47.79 28.26
C GLY J 59 -13.76 -48.14 29.25
N GLU J 60 -13.90 -49.30 29.90
CA GLU J 60 -12.92 -49.76 30.90
C GLU J 60 -11.65 -50.30 30.25
N VAL J 61 -11.80 -51.05 29.14
CA VAL J 61 -10.67 -51.72 28.48
C VAL J 61 -10.60 -51.42 26.97
N PRO J 62 -10.45 -50.13 26.59
CA PRO J 62 -10.46 -49.73 25.18
C PRO J 62 -9.22 -50.10 24.37
N ASN J 63 -8.06 -50.18 25.03
CA ASN J 63 -6.77 -50.34 24.32
C ASN J 63 -6.72 -51.59 23.46
N GLY J 64 -6.21 -51.43 22.24
CA GLY J 64 -6.16 -52.51 21.25
C GLY J 64 -7.36 -52.61 20.33
N TYR J 65 -8.41 -51.83 20.62
CA TYR J 65 -9.66 -51.87 19.85
C TYR J 65 -10.02 -50.49 19.30
N ASN J 66 -10.65 -50.47 18.12
CA ASN J 66 -11.22 -49.25 17.55
C ASN J 66 -12.70 -49.47 17.22
N VAL J 67 -13.47 -48.37 17.26
CA VAL J 67 -14.86 -48.37 16.84
C VAL J 67 -15.17 -47.14 15.98
N SER J 68 -16.27 -47.23 15.23
CA SER J 68 -16.81 -46.09 14.50
C SER J 68 -18.34 -46.14 14.53
N ARG J 69 -18.97 -44.98 14.60
CA ARG J 69 -20.43 -44.85 14.52
C ARG J 69 -20.77 -43.73 13.52
N SER J 70 -20.79 -44.10 12.25
CA SER J 70 -21.21 -43.20 11.17
C SER J 70 -22.70 -43.36 10.79
N THR J 71 -23.37 -44.40 11.34
CA THR J 71 -24.79 -44.65 11.11
C THR J 71 -25.50 -45.00 12.42
N THR J 72 -26.83 -44.96 12.39
CA THR J 72 -27.66 -45.36 13.53
C THR J 72 -27.53 -46.87 13.82
N GLU J 73 -27.46 -47.67 12.76
CA GLU J 73 -27.59 -49.12 12.87
C GLU J 73 -26.30 -49.85 13.26
N ASP J 74 -25.18 -49.48 12.64
CA ASP J 74 -23.95 -50.28 12.72
C ASP J 74 -22.91 -49.70 13.68
N PHE J 75 -22.18 -50.58 14.37
CA PHE J 75 -21.17 -50.16 15.35
C PHE J 75 -20.02 -51.17 15.36
N PRO J 76 -19.25 -51.26 14.26
CA PRO J 76 -18.21 -52.30 14.15
C PRO J 76 -17.02 -52.11 15.12
N LEU J 77 -16.50 -53.24 15.61
CA LEU J 77 -15.33 -53.27 16.48
C LEU J 77 -14.16 -53.84 15.68
N ARG J 78 -13.10 -53.04 15.50
CA ARG J 78 -11.90 -53.48 14.81
C ARG J 78 -10.83 -53.88 15.81
N LEU J 79 -10.23 -55.06 15.61
CA LEU J 79 -9.02 -55.46 16.31
C LEU J 79 -7.88 -55.14 15.39
N LEU J 80 -6.98 -54.26 15.83
CA LEU J 80 -5.90 -53.76 14.98
C LEU J 80 -4.81 -54.81 14.79
N SER J 81 -4.31 -55.32 15.90
CA SER J 81 -3.25 -56.34 15.90
C SER J 81 -3.59 -57.39 16.97
N ALA J 82 -4.14 -58.52 16.53
CA ALA J 82 -4.69 -59.55 17.43
C ALA J 82 -3.64 -60.10 18.39
N ALA J 83 -3.98 -60.11 19.69
CA ALA J 83 -3.11 -60.63 20.74
C ALA J 83 -3.79 -61.82 21.44
N PRO J 84 -3.01 -62.76 22.02
CA PRO J 84 -3.63 -63.87 22.77
C PRO J 84 -4.55 -63.44 23.93
N SER J 85 -4.24 -62.32 24.59
CA SER J 85 -5.08 -61.80 25.67
C SER J 85 -6.45 -61.24 25.23
N GLN J 86 -6.62 -61.06 23.92
CA GLN J 86 -7.92 -60.69 23.33
C GLN J 86 -8.81 -61.91 23.03
N THR J 87 -8.31 -63.12 23.29
CA THR J 87 -9.13 -64.33 23.29
C THR J 87 -10.24 -64.15 24.33
N SER J 88 -11.48 -64.09 23.85
CA SER J 88 -12.64 -63.85 24.71
C SER J 88 -13.95 -64.03 23.95
N VAL J 89 -15.05 -63.79 24.65
CA VAL J 89 -16.39 -63.74 24.07
C VAL J 89 -16.77 -62.26 24.03
N TYR J 90 -17.17 -61.79 22.84
CA TYR J 90 -17.48 -60.37 22.62
C TYR J 90 -18.97 -60.18 22.36
N PHE J 91 -19.60 -59.31 23.14
CA PHE J 91 -21.02 -59.01 23.02
C PHE J 91 -21.25 -57.57 22.61
N CYS J 92 -22.13 -57.40 21.64
CA CYS J 92 -22.64 -56.09 21.27
C CYS J 92 -23.94 -55.86 22.03
N ALA J 93 -24.09 -54.68 22.63
CA ALA J 93 -25.27 -54.35 23.42
C ALA J 93 -25.74 -52.93 23.09
N SER J 94 -27.05 -52.80 22.81
CA SER J 94 -27.67 -51.53 22.44
C SER J 94 -28.96 -51.30 23.21
N SER J 95 -29.34 -50.04 23.36
CA SER J 95 -30.59 -49.67 24.03
C SER J 95 -31.05 -48.27 23.67
N TYR J 96 -32.28 -47.95 24.07
CA TYR J 96 -32.80 -46.59 24.06
C TYR J 96 -32.19 -45.78 25.20
N LEU J 97 -32.64 -44.53 25.36
CA LEU J 97 -32.09 -43.63 26.39
C LEU J 97 -33.10 -43.24 27.47
N ASN J 98 -34.18 -44.02 27.62
CA ASN J 98 -35.06 -43.89 28.78
C ASN J 98 -34.28 -44.37 30.01
N ARG J 99 -34.66 -43.88 31.19
CA ARG J 99 -34.09 -44.36 32.46
C ARG J 99 -34.17 -45.89 32.55
N ASP J 100 -35.33 -46.43 32.18
CA ASP J 100 -35.66 -47.85 32.33
C ASP J 100 -35.30 -48.73 31.12
N SER J 101 -34.59 -48.17 30.14
CA SER J 101 -34.14 -48.92 28.97
C SER J 101 -33.09 -49.95 29.37
N ALA J 102 -33.33 -51.19 28.98
CA ALA J 102 -32.42 -52.29 29.23
C ALA J 102 -31.63 -52.58 27.98
N LEU J 103 -30.41 -53.07 28.15
CA LEU J 103 -29.59 -53.50 27.02
C LEU J 103 -30.19 -54.72 26.34
N ASP J 104 -30.04 -54.79 25.04
CA ASP J 104 -30.43 -55.92 24.22
C ASP J 104 -29.13 -56.46 23.62
N PHE J 105 -28.77 -57.70 23.98
CA PHE J 105 -27.47 -58.26 23.60
C PHE J 105 -27.55 -59.08 22.33
N GLY J 106 -26.49 -59.00 21.52
CA GLY J 106 -26.34 -59.84 20.33
C GLY J 106 -25.95 -61.25 20.73
N PRO J 107 -26.01 -62.21 19.78
CA PRO J 107 -25.70 -63.62 20.05
C PRO J 107 -24.28 -63.85 20.58
N GLY J 108 -23.34 -63.01 20.14
CA GLY J 108 -21.99 -63.00 20.70
C GLY J 108 -20.98 -63.58 19.75
N THR J 109 -19.70 -63.29 20.01
CA THR J 109 -18.61 -63.67 19.11
C THR J 109 -17.50 -64.29 19.95
N ARG J 110 -17.27 -65.58 19.76
CA ARG J 110 -16.20 -66.28 20.49
C ARG J 110 -14.95 -66.14 19.65
N LEU J 111 -13.94 -65.45 20.19
CA LEU J 111 -12.69 -65.24 19.48
C LEU J 111 -11.57 -65.95 20.22
N THR J 112 -10.76 -66.68 19.47
CA THR J 112 -9.54 -67.32 19.99
C THR J 112 -8.35 -66.84 19.16
N VAL J 113 -7.38 -66.21 19.81
CA VAL J 113 -6.15 -65.75 19.15
C VAL J 113 -5.01 -66.66 19.58
N LEU J 114 -4.37 -67.31 18.60
CA LEU J 114 -3.28 -68.25 18.83
C LEU J 114 -1.96 -67.73 18.28
N GLU J 115 -0.86 -68.16 18.88
CA GLU J 115 0.48 -67.90 18.34
C GLU J 115 0.70 -68.71 17.06
N ASP J 116 0.29 -69.98 17.06
CA ASP J 116 0.45 -70.89 15.95
C ASP J 116 -0.84 -71.66 15.71
N LEU J 117 -1.21 -71.82 14.44
CA LEU J 117 -2.43 -72.55 14.06
C LEU J 117 -2.30 -74.08 14.04
N LYS J 118 -1.11 -74.61 14.35
CA LYS J 118 -0.89 -76.07 14.44
C LYS J 118 -1.64 -76.77 15.57
N ASN J 119 -2.10 -76.02 16.58
CA ASN J 119 -2.94 -76.59 17.65
C ASN J 119 -4.43 -76.77 17.28
N VAL J 120 -4.85 -76.22 16.13
CA VAL J 120 -6.25 -76.31 15.71
C VAL J 120 -6.54 -77.71 15.17
N PHE J 121 -7.48 -78.42 15.78
CA PHE J 121 -7.91 -79.76 15.36
C PHE J 121 -9.44 -79.80 15.33
N PRO J 122 -10.04 -80.49 14.34
CA PRO J 122 -11.50 -80.71 14.38
C PRO J 122 -11.86 -81.87 15.31
N PRO J 123 -13.16 -82.06 15.61
CA PRO J 123 -13.56 -83.18 16.46
C PRO J 123 -13.72 -84.48 15.67
N GLU J 124 -13.34 -85.59 16.32
CA GLU J 124 -13.83 -86.90 15.94
C GLU J 124 -15.15 -87.08 16.69
N VAL J 125 -16.18 -87.55 15.96
CA VAL J 125 -17.51 -87.71 16.53
C VAL J 125 -17.95 -89.17 16.42
N ALA J 126 -18.52 -89.69 17.51
CA ALA J 126 -18.98 -91.06 17.57
C ALA J 126 -20.26 -91.16 18.39
N VAL J 127 -21.23 -91.92 17.88
CA VAL J 127 -22.46 -92.25 18.59
C VAL J 127 -22.32 -93.66 19.14
N PHE J 128 -22.67 -93.83 20.42
CA PHE J 128 -22.67 -95.12 21.08
C PHE J 128 -24.12 -95.52 21.37
N GLU J 129 -24.50 -96.71 20.93
CA GLU J 129 -25.90 -97.17 21.00
C GLU J 129 -26.27 -97.65 22.41
N PRO J 130 -27.58 -97.60 22.78
CA PRO J 130 -28.03 -97.94 24.14
C PRO J 130 -27.73 -99.34 24.62
N SER J 131 -27.67 -99.51 25.93
CA SER J 131 -27.45 -100.80 26.58
C SER J 131 -28.71 -101.66 26.53
N GLU J 132 -28.54 -102.95 26.24
CA GLU J 132 -29.64 -103.93 26.31
C GLU J 132 -30.19 -104.01 27.74
N ALA J 133 -29.30 -103.94 28.73
CA ALA J 133 -29.68 -103.97 30.15
C ALA J 133 -30.55 -102.77 30.57
N GLU J 134 -30.23 -101.59 30.06
CA GLU J 134 -31.02 -100.38 30.32
C GLU J 134 -32.45 -100.54 29.80
N ILE J 135 -32.59 -101.10 28.60
CA ILE J 135 -33.88 -101.27 27.92
C ILE J 135 -34.83 -102.13 28.75
N SER J 136 -34.38 -103.31 29.18
CA SER J 136 -35.21 -104.21 30.00
C SER J 136 -35.46 -103.66 31.41
N HIS J 137 -34.46 -103.00 32.00
CA HIS J 137 -34.56 -102.50 33.38
C HIS J 137 -35.42 -101.24 33.55
N THR J 138 -35.39 -100.34 32.56
CA THR J 138 -36.11 -99.05 32.66
C THR J 138 -37.13 -98.75 31.55
N GLN J 139 -37.22 -99.61 30.53
CA GLN J 139 -38.00 -99.34 29.31
C GLN J 139 -37.63 -98.00 28.66
N LYS J 140 -36.32 -97.75 28.59
CA LYS J 140 -35.74 -96.54 27.99
C LYS J 140 -34.41 -96.86 27.32
N ALA J 141 -33.99 -95.96 26.43
CA ALA J 141 -32.79 -96.15 25.61
C ALA J 141 -32.00 -94.85 25.54
N THR J 142 -30.80 -94.84 26.13
CA THR J 142 -29.91 -93.68 26.12
C THR J 142 -28.78 -93.86 25.11
N LEU J 143 -28.77 -93.01 24.08
CA LEU J 143 -27.63 -92.86 23.16
C LEU J 143 -26.72 -91.80 23.74
N VAL J 144 -25.41 -92.05 23.73
CA VAL J 144 -24.42 -91.00 24.05
C VAL J 144 -23.57 -90.68 22.83
N CYS J 145 -23.28 -89.40 22.65
CA CYS J 145 -22.42 -88.93 21.57
C CYS J 145 -21.18 -88.32 22.19
N LEU J 146 -20.01 -88.71 21.69
CA LEU J 146 -18.73 -88.15 22.11
C LEU J 146 -18.09 -87.36 20.98
N ALA J 147 -17.75 -86.11 21.26
CA ALA J 147 -16.98 -85.26 20.35
C ALA J 147 -15.61 -85.08 21.00
N THR J 148 -14.56 -85.61 20.37
CA THR J 148 -13.24 -85.72 21.03
C THR J 148 -12.10 -85.14 20.21
N GLY J 149 -11.10 -84.63 20.92
CA GLY J 149 -9.85 -84.20 20.30
C GLY J 149 -9.87 -82.90 19.52
N PHE J 150 -10.77 -81.99 19.87
CA PHE J 150 -10.94 -80.73 19.12
C PHE J 150 -10.33 -79.54 19.85
N TYR J 151 -9.92 -78.54 19.08
CA TYR J 151 -9.34 -77.30 19.60
C TYR J 151 -9.43 -76.22 18.52
N PRO J 152 -9.81 -74.98 18.84
CA PRO J 152 -10.24 -74.51 20.16
C PRO J 152 -11.65 -74.96 20.55
N ASP J 153 -12.14 -74.50 21.71
CA ASP J 153 -13.48 -74.88 22.21
C ASP J 153 -14.60 -74.15 21.44
N HIS J 154 -14.70 -74.43 20.15
CA HIS J 154 -15.64 -73.76 19.25
C HIS J 154 -16.53 -74.84 18.61
N VAL J 155 -17.50 -75.33 19.36
CA VAL J 155 -18.39 -76.41 18.90
C VAL J 155 -19.86 -76.14 19.25
N GLU J 156 -20.76 -76.60 18.38
CA GLU J 156 -22.20 -76.63 18.65
C GLU J 156 -22.72 -78.04 18.36
N LEU J 157 -23.09 -78.76 19.42
CA LEU J 157 -23.62 -80.13 19.30
C LEU J 157 -25.14 -80.11 19.21
N SER J 158 -25.69 -80.93 18.31
CA SER J 158 -27.15 -81.08 18.17
C SER J 158 -27.52 -82.52 17.79
N TRP J 159 -28.65 -83.00 18.31
CA TRP J 159 -29.20 -84.30 17.95
C TRP J 159 -30.32 -84.15 16.93
N TRP J 160 -30.34 -85.03 15.92
CA TRP J 160 -31.31 -84.97 14.84
C TRP J 160 -32.01 -86.33 14.68
N VAL J 161 -33.33 -86.34 14.81
CA VAL J 161 -34.14 -87.55 14.73
C VAL J 161 -35.03 -87.49 13.49
N ASN J 162 -34.82 -88.42 12.56
CA ASN J 162 -35.55 -88.48 11.28
C ASN J 162 -35.53 -87.18 10.49
N GLY J 163 -34.35 -86.52 10.49
CA GLY J 163 -34.16 -85.25 9.81
C GLY J 163 -34.59 -83.98 10.56
N LYS J 164 -35.23 -84.12 11.72
CA LYS J 164 -35.68 -82.98 12.52
C LYS J 164 -34.84 -82.89 13.79
N GLU J 165 -34.41 -81.67 14.12
CA GLU J 165 -33.64 -81.43 15.34
C GLU J 165 -34.51 -81.61 16.58
N VAL J 166 -33.95 -82.24 17.62
CA VAL J 166 -34.68 -82.52 18.86
C VAL J 166 -34.00 -81.88 20.07
N HIS J 167 -34.81 -81.34 20.98
CA HIS J 167 -34.38 -80.87 22.30
C HIS J 167 -34.95 -81.69 23.47
N SER J 168 -36.10 -82.32 23.27
CA SER J 168 -36.69 -83.17 24.31
C SER J 168 -35.83 -84.42 24.52
N GLY J 169 -35.49 -84.70 25.78
CA GLY J 169 -34.67 -85.85 26.14
C GLY J 169 -33.21 -85.73 25.73
N VAL J 170 -32.66 -84.51 25.81
CA VAL J 170 -31.27 -84.24 25.42
C VAL J 170 -30.54 -83.59 26.59
N CYS J 171 -29.34 -84.07 26.87
CA CYS J 171 -28.40 -83.41 27.77
C CYS J 171 -27.07 -83.26 27.07
N THR J 172 -26.53 -82.05 27.03
CA THR J 172 -25.19 -81.79 26.55
C THR J 172 -24.42 -81.09 27.67
N ASP J 173 -23.13 -81.42 27.79
CA ASP J 173 -22.29 -80.85 28.84
C ASP J 173 -22.21 -79.33 28.68
N PRO J 174 -22.28 -78.57 29.79
CA PRO J 174 -22.16 -77.10 29.67
C PRO J 174 -20.77 -76.65 29.18
N GLN J 175 -19.71 -77.24 29.73
CA GLN J 175 -18.34 -77.05 29.24
C GLN J 175 -17.74 -78.40 28.84
N PRO J 176 -16.76 -78.40 27.92
CA PRO J 176 -16.03 -79.63 27.62
C PRO J 176 -14.96 -79.96 28.65
N LEU J 177 -14.42 -81.17 28.57
CA LEU J 177 -13.31 -81.61 29.39
C LEU J 177 -12.00 -81.41 28.64
N LYS J 178 -10.96 -81.04 29.37
CA LYS J 178 -9.60 -81.01 28.81
C LYS J 178 -9.05 -82.42 28.82
N GLU J 179 -8.60 -82.90 27.66
CA GLU J 179 -8.04 -84.25 27.54
C GLU J 179 -6.66 -84.36 28.21
N GLN J 180 -5.86 -83.29 28.13
CA GLN J 180 -4.59 -83.18 28.84
C GLN J 180 -4.66 -81.93 29.76
N PRO J 181 -5.28 -82.06 30.95
CA PRO J 181 -5.53 -80.86 31.79
C PRO J 181 -4.28 -80.05 32.22
N ALA J 182 -3.13 -80.72 32.30
CA ALA J 182 -1.85 -80.07 32.63
C ALA J 182 -1.36 -79.15 31.51
N LEU J 183 -1.37 -79.66 30.27
CA LEU J 183 -0.91 -78.92 29.09
C LEU J 183 -1.74 -77.64 28.86
N ASN J 184 -1.08 -76.59 28.41
CA ASN J 184 -1.68 -75.26 28.25
C ASN J 184 -2.66 -75.21 27.09
N ASP J 185 -2.22 -75.72 25.93
CA ASP J 185 -3.02 -75.70 24.70
C ASP J 185 -3.62 -77.10 24.47
N SER J 186 -4.45 -77.52 25.44
CA SER J 186 -5.00 -78.86 25.46
C SER J 186 -6.24 -79.01 24.60
N ARG J 187 -6.34 -80.14 23.91
CA ARG J 187 -7.49 -80.46 23.07
C ARG J 187 -8.65 -80.89 23.96
N TYR J 188 -9.87 -80.68 23.47
CA TYR J 188 -11.09 -80.84 24.26
C TYR J 188 -11.91 -82.08 23.90
N ALA J 189 -12.75 -82.50 24.84
CA ALA J 189 -13.75 -83.54 24.63
C ALA J 189 -15.10 -83.05 25.17
N LEU J 190 -16.18 -83.42 24.47
CA LEU J 190 -17.54 -83.06 24.87
C LEU J 190 -18.44 -84.27 24.72
N SER J 191 -19.41 -84.42 25.61
CA SER J 191 -20.40 -85.50 25.51
C SER J 191 -21.83 -84.97 25.52
N SER J 192 -22.73 -85.76 24.93
CA SER J 192 -24.15 -85.47 24.96
C SER J 192 -24.96 -86.77 25.02
N ARG J 193 -26.13 -86.71 25.68
CA ARG J 193 -27.05 -87.85 25.79
C ARG J 193 -28.33 -87.52 25.05
N LEU J 194 -28.89 -88.54 24.38
CA LEU J 194 -30.26 -88.48 23.86
C LEU J 194 -31.02 -89.67 24.44
N ARG J 195 -32.01 -89.40 25.29
CA ARG J 195 -32.83 -90.44 25.86
C ARG J 195 -34.22 -90.48 25.24
N VAL J 196 -34.62 -91.68 24.81
CA VAL J 196 -35.96 -91.97 24.31
C VAL J 196 -36.42 -93.29 24.92
N SER J 197 -37.71 -93.59 24.77
CA SER J 197 -38.24 -94.87 25.23
C SER J 197 -37.71 -96.01 24.37
N ALA J 198 -37.78 -97.22 24.89
CA ALA J 198 -37.35 -98.42 24.17
C ALA J 198 -38.18 -98.65 22.90
N THR J 199 -39.48 -98.34 22.99
CA THR J 199 -40.39 -98.38 21.83
C THR J 199 -39.87 -97.57 20.63
N PHE J 200 -39.32 -96.38 20.89
CA PHE J 200 -38.80 -95.53 19.83
C PHE J 200 -37.45 -96.01 19.30
N TRP J 201 -36.55 -96.44 20.20
CA TRP J 201 -35.22 -96.95 19.79
C TRP J 201 -35.32 -98.25 18.99
N GLN J 202 -36.05 -99.23 19.51
CA GLN J 202 -36.12 -100.56 18.90
C GLN J 202 -36.84 -100.62 17.54
N ASP J 203 -37.63 -99.61 17.22
CA ASP J 203 -38.20 -99.44 15.87
C ASP J 203 -37.09 -99.12 14.86
N PRO J 204 -36.79 -100.05 13.91
CA PRO J 204 -35.68 -99.83 12.97
C PRO J 204 -35.91 -98.75 11.88
N ARG J 205 -37.13 -98.24 11.77
CA ARG J 205 -37.44 -97.09 10.91
C ARG J 205 -36.80 -95.79 11.39
N ASN J 206 -36.64 -95.63 12.70
CA ASN J 206 -36.09 -94.40 13.29
C ASN J 206 -34.57 -94.27 13.11
N HIS J 207 -34.13 -93.04 12.84
CA HIS J 207 -32.75 -92.72 12.47
C HIS J 207 -32.25 -91.55 13.33
N PHE J 208 -31.14 -91.78 14.05
CA PHE J 208 -30.59 -90.84 15.03
C PHE J 208 -29.22 -90.34 14.57
N ARG J 209 -29.05 -89.02 14.52
CA ARG J 209 -27.78 -88.42 14.10
C ARG J 209 -27.30 -87.39 15.13
N CYS J 210 -26.06 -87.55 15.59
CA CYS J 210 -25.40 -86.56 16.43
C CYS J 210 -24.53 -85.68 15.53
N GLN J 211 -24.77 -84.38 15.55
CA GLN J 211 -24.09 -83.41 14.67
C GLN J 211 -23.26 -82.43 15.48
N VAL J 212 -22.00 -82.25 15.11
CA VAL J 212 -21.10 -81.27 15.74
C VAL J 212 -20.58 -80.29 14.69
N GLN J 213 -21.07 -79.06 14.76
CA GLN J 213 -20.53 -77.95 13.96
C GLN J 213 -19.26 -77.45 14.62
N PHE J 214 -18.12 -77.59 13.94
CA PHE J 214 -16.83 -77.09 14.41
C PHE J 214 -16.46 -75.82 13.65
N TYR J 215 -16.01 -74.79 14.39
CA TYR J 215 -15.53 -73.55 13.82
C TYR J 215 -14.03 -73.45 14.01
N GLY J 216 -13.29 -73.45 12.90
CA GLY J 216 -11.83 -73.36 12.91
C GLY J 216 -11.32 -72.41 11.85
N LEU J 217 -10.39 -72.90 11.02
CA LEU J 217 -9.79 -72.10 9.95
C LEU J 217 -10.75 -71.90 8.78
N SER J 218 -10.44 -70.93 7.93
CA SER J 218 -11.16 -70.68 6.68
C SER J 218 -10.23 -71.00 5.51
N GLU J 219 -10.73 -70.78 4.28
CA GLU J 219 -9.88 -70.83 3.09
C GLU J 219 -8.85 -69.70 3.05
N ASN J 220 -9.17 -68.57 3.70
CA ASN J 220 -8.25 -67.41 3.81
C ASN J 220 -6.87 -67.78 4.38
N ASP J 221 -6.87 -68.61 5.43
CA ASP J 221 -5.64 -68.95 6.16
C ASP J 221 -4.76 -69.92 5.39
N GLU J 222 -3.46 -69.89 5.70
CA GLU J 222 -2.47 -70.79 5.07
C GLU J 222 -2.28 -72.06 5.90
N TRP J 223 -1.85 -73.13 5.23
CA TRP J 223 -1.66 -74.43 5.87
C TRP J 223 -0.56 -75.19 5.16
N THR J 224 0.52 -75.49 5.88
CA THR J 224 1.68 -76.23 5.34
C THR J 224 1.86 -77.64 5.95
N GLN J 225 0.99 -78.02 6.89
CA GLN J 225 1.11 -79.31 7.58
C GLN J 225 0.64 -80.48 6.72
N ASP J 226 1.05 -81.69 7.10
CA ASP J 226 0.71 -82.91 6.35
C ASP J 226 -0.76 -83.30 6.49
N ARG J 227 -1.31 -83.13 7.68
CA ARG J 227 -2.73 -83.41 7.92
C ARG J 227 -3.63 -82.40 7.21
N ALA J 228 -4.89 -82.80 7.03
CA ALA J 228 -5.89 -81.98 6.36
C ALA J 228 -6.10 -80.67 7.11
N LYS J 229 -6.33 -79.61 6.35
CA LYS J 229 -6.56 -78.27 6.90
C LYS J 229 -7.79 -78.31 7.82
N PRO J 230 -7.63 -77.95 9.11
CA PRO J 230 -8.74 -78.03 10.07
C PRO J 230 -9.72 -76.87 9.89
N VAL J 231 -10.50 -76.97 8.80
CA VAL J 231 -11.44 -75.92 8.42
C VAL J 231 -12.70 -75.97 9.27
N THR J 232 -13.52 -74.94 9.16
CA THR J 232 -14.89 -74.97 9.68
C THR J 232 -15.64 -76.10 8.96
N GLN J 233 -16.33 -76.93 9.74
CA GLN J 233 -16.96 -78.15 9.21
C GLN J 233 -18.00 -78.75 10.15
N ILE J 234 -18.92 -79.53 9.58
CA ILE J 234 -19.94 -80.25 10.33
C ILE J 234 -19.54 -81.72 10.33
N VAL J 235 -19.34 -82.29 11.52
CA VAL J 235 -18.95 -83.70 11.67
C VAL J 235 -20.10 -84.45 12.35
N SER J 236 -20.62 -85.46 11.66
CA SER J 236 -21.81 -86.19 12.12
C SER J 236 -21.49 -87.67 12.34
N ALA J 237 -22.15 -88.24 13.34
CA ALA J 237 -22.18 -89.69 13.56
C ALA J 237 -23.64 -90.14 13.61
N GLU J 238 -23.88 -91.36 13.14
CA GLU J 238 -25.23 -91.84 12.81
C GLU J 238 -25.60 -93.13 13.56
N ALA J 239 -26.90 -93.41 13.67
CA ALA J 239 -27.40 -94.67 14.24
C ALA J 239 -28.83 -94.95 13.80
N TRP J 240 -29.16 -96.25 13.69
CA TRP J 240 -30.52 -96.72 13.36
C TRP J 240 -31.02 -97.65 14.46
N GLY J 241 -32.33 -97.85 14.49
CA GLY J 241 -32.96 -98.72 15.49
C GLY J 241 -32.70 -100.20 15.27
N ARG J 242 -32.97 -100.98 16.33
CA ARG J 242 -32.74 -102.43 16.33
C ARG J 242 -33.88 -103.15 17.05
N GLY K 2 39.15 15.48 -44.70
CA GLY K 2 39.75 16.68 -44.07
C GLY K 2 39.55 16.69 -42.56
N SER K 3 40.55 17.16 -41.83
CA SER K 3 40.51 17.24 -40.37
C SER K 3 39.61 18.41 -39.93
N HIS K 4 38.81 18.20 -38.88
CA HIS K 4 37.91 19.24 -38.34
C HIS K 4 37.98 19.33 -36.81
N SER K 5 37.47 20.44 -36.28
CA SER K 5 37.49 20.70 -34.84
C SER K 5 36.33 21.58 -34.39
N MET K 6 35.99 21.47 -33.10
CA MET K 6 35.05 22.38 -32.45
C MET K 6 35.67 22.85 -31.15
N ARG K 7 35.68 24.17 -30.92
CA ARG K 7 36.26 24.76 -29.71
C ARG K 7 35.29 25.73 -29.08
N TYR K 8 35.37 25.85 -27.76
CA TYR K 8 34.66 26.87 -27.01
C TYR K 8 35.69 27.65 -26.21
N PHE K 9 35.49 28.96 -26.13
CA PHE K 9 36.42 29.87 -25.44
C PHE K 9 35.63 30.72 -24.46
N PHE K 10 36.06 30.74 -23.21
CA PHE K 10 35.36 31.42 -22.13
C PHE K 10 36.29 32.40 -21.48
N THR K 11 35.82 33.62 -21.29
CA THR K 11 36.61 34.67 -20.66
C THR K 11 35.78 35.22 -19.52
N SER K 12 36.37 35.24 -18.34
CA SER K 12 35.70 35.64 -17.11
C SER K 12 36.60 36.67 -16.44
N VAL K 13 36.07 37.87 -16.21
CA VAL K 13 36.87 38.99 -15.71
C VAL K 13 36.16 39.66 -14.54
N SER K 14 36.89 39.86 -13.44
CA SER K 14 36.33 40.50 -12.26
C SER K 14 36.35 42.02 -12.41
N ARG K 15 35.37 42.67 -11.78
CA ARG K 15 35.19 44.13 -11.84
C ARG K 15 34.96 44.68 -10.43
N PRO K 16 36.04 44.89 -9.66
CA PRO K 16 36.00 45.41 -8.28
C PRO K 16 35.24 46.73 -8.13
N GLY K 17 34.35 46.79 -7.15
CA GLY K 17 33.51 47.97 -6.93
C GLY K 17 32.60 48.36 -8.09
N ARG K 18 32.38 47.45 -9.03
CA ARG K 18 31.42 47.63 -10.14
C ARG K 18 30.51 46.39 -10.26
N GLY K 19 30.33 45.67 -9.15
CA GLY K 19 29.44 44.52 -9.08
C GLY K 19 29.83 43.34 -9.96
N GLU K 20 28.85 42.82 -10.69
CA GLU K 20 28.92 41.57 -11.47
C GLU K 20 30.20 41.46 -12.32
N PRO K 21 30.85 40.28 -12.33
CA PRO K 21 31.98 40.09 -13.25
C PRO K 21 31.52 39.91 -14.70
N ARG K 22 32.43 40.16 -15.62
CA ARG K 22 32.16 40.07 -17.05
C ARG K 22 32.34 38.63 -17.47
N PHE K 23 31.41 38.12 -18.26
CA PHE K 23 31.52 36.77 -18.80
C PHE K 23 31.21 36.76 -20.29
N ILE K 24 32.17 36.26 -21.08
CA ILE K 24 32.03 36.18 -22.52
C ILE K 24 32.35 34.76 -22.93
N ALA K 25 31.53 34.20 -23.82
CA ALA K 25 31.73 32.85 -24.33
C ALA K 25 31.51 32.81 -25.83
N VAL K 26 32.38 32.11 -26.55
CA VAL K 26 32.32 32.02 -28.00
C VAL K 26 32.59 30.58 -28.45
N GLY K 27 31.82 30.11 -29.42
CA GLY K 27 31.98 28.79 -30.00
C GLY K 27 32.40 28.84 -31.46
N TYR K 28 33.40 28.04 -31.82
CA TYR K 28 33.93 27.93 -33.18
C TYR K 28 33.78 26.51 -33.72
N VAL K 29 33.54 26.40 -35.02
CA VAL K 29 33.80 25.16 -35.76
C VAL K 29 34.89 25.50 -36.78
N ASP K 30 36.06 24.87 -36.64
CA ASP K 30 37.25 25.22 -37.42
C ASP K 30 37.61 26.70 -37.19
N ASP K 31 37.68 27.52 -38.25
CA ASP K 31 37.94 28.95 -38.10
C ASP K 31 36.67 29.82 -38.23
N THR K 32 35.49 29.19 -38.21
CA THR K 32 34.21 29.87 -38.30
C THR K 32 33.51 29.92 -36.94
N GLN K 33 33.34 31.13 -36.39
CA GLN K 33 32.53 31.34 -35.19
C GLN K 33 31.06 31.10 -35.50
N PHE K 34 30.36 30.38 -34.62
CA PHE K 34 28.93 30.05 -34.80
C PHE K 34 27.97 30.42 -33.64
N VAL K 35 28.49 30.59 -32.43
CA VAL K 35 27.66 31.02 -31.29
C VAL K 35 28.43 31.94 -30.36
N ARG K 36 27.70 32.71 -29.57
CA ARG K 36 28.31 33.53 -28.54
C ARG K 36 27.35 33.81 -27.38
N PHE K 37 27.94 34.11 -26.23
CA PHE K 37 27.22 34.64 -25.08
C PHE K 37 28.03 35.77 -24.48
N ASP K 38 27.35 36.82 -24.04
CA ASP K 38 27.97 37.96 -23.39
C ASP K 38 27.07 38.35 -22.23
N SER K 39 27.65 38.39 -21.02
CA SER K 39 26.89 38.77 -19.83
C SER K 39 26.39 40.21 -19.87
N ASP K 40 27.13 41.08 -20.57
CA ASP K 40 26.76 42.49 -20.74
C ASP K 40 25.74 42.75 -21.86
N ALA K 41 25.54 41.81 -22.77
CA ALA K 41 24.52 41.94 -23.82
C ALA K 41 23.10 41.96 -23.25
N ALA K 42 22.15 42.44 -24.06
CA ALA K 42 20.75 42.61 -23.63
C ALA K 42 20.03 41.29 -23.41
N SER K 43 20.21 40.34 -24.33
CA SER K 43 19.42 39.11 -24.38
C SER K 43 19.53 38.17 -23.16
N GLN K 44 20.75 38.00 -22.63
CA GLN K 44 21.05 36.95 -21.64
C GLN K 44 20.77 35.55 -22.20
N ARG K 45 21.05 35.37 -23.49
CA ARG K 45 20.81 34.13 -24.21
C ARG K 45 22.08 33.80 -24.99
N MET K 46 22.28 32.51 -25.27
CA MET K 46 23.27 32.10 -26.26
C MET K 46 22.70 32.51 -27.62
N GLU K 47 23.43 33.35 -28.34
CA GLU K 47 22.97 33.91 -29.61
C GLU K 47 23.68 33.25 -30.81
N PRO K 48 23.00 33.18 -31.97
CA PRO K 48 23.64 32.66 -33.17
C PRO K 48 24.59 33.68 -33.81
N ARG K 49 25.66 33.18 -34.42
CA ARG K 49 26.65 34.00 -35.14
C ARG K 49 27.00 33.39 -36.50
N ALA K 50 26.03 32.71 -37.10
CA ALA K 50 26.21 32.05 -38.40
C ALA K 50 24.84 31.63 -38.93
N PRO K 51 24.71 31.47 -40.26
CA PRO K 51 23.39 31.12 -40.82
C PRO K 51 22.94 29.69 -40.51
N TRP K 52 23.85 28.73 -40.67
CA TRP K 52 23.54 27.30 -40.52
C TRP K 52 23.12 26.87 -39.10
N ILE K 53 23.53 27.60 -38.06
CA ILE K 53 23.11 27.30 -36.69
C ILE K 53 21.68 27.73 -36.38
N GLU K 54 21.17 28.74 -37.09
CA GLU K 54 19.84 29.31 -36.83
C GLU K 54 18.69 28.33 -37.05
N GLN K 55 18.90 27.29 -37.87
CA GLN K 55 17.89 26.24 -38.07
C GLN K 55 17.69 25.28 -36.87
N GLU K 56 18.54 25.38 -35.84
CA GLU K 56 18.30 24.64 -34.58
C GLU K 56 17.12 25.27 -33.85
N GLY K 57 16.26 24.43 -33.27
CA GLY K 57 15.01 24.87 -32.67
C GLY K 57 15.15 25.48 -31.28
N PRO K 58 14.01 25.92 -30.68
CA PRO K 58 14.00 26.56 -29.35
C PRO K 58 14.63 25.71 -28.23
N GLU K 59 14.48 24.39 -28.33
CA GLU K 59 15.02 23.44 -27.36
C GLU K 59 16.54 23.52 -27.25
N TYR K 60 17.22 23.62 -28.40
CA TYR K 60 18.67 23.82 -28.46
C TYR K 60 19.10 25.11 -27.74
N TRP K 61 18.40 26.22 -28.03
CA TRP K 61 18.78 27.52 -27.49
C TRP K 61 18.53 27.65 -25.99
N ASP K 62 17.41 27.09 -25.50
CA ASP K 62 17.16 27.03 -24.04
C ASP K 62 18.21 26.19 -23.33
N GLY K 63 18.62 25.08 -23.94
CA GLY K 63 19.62 24.17 -23.37
C GLY K 63 21.00 24.79 -23.26
N GLU K 64 21.44 25.41 -24.35
CA GLU K 64 22.76 26.07 -24.40
C GLU K 64 22.82 27.30 -23.50
N THR K 65 21.73 28.07 -23.48
CA THR K 65 21.62 29.23 -22.60
C THR K 65 21.73 28.82 -21.15
N ARG K 66 20.97 27.80 -20.77
CA ARG K 66 21.04 27.25 -19.41
C ARG K 66 22.44 26.76 -19.07
N LYS K 67 23.06 26.03 -20.00
CA LYS K 67 24.43 25.54 -19.82
C LYS K 67 25.47 26.65 -19.68
N VAL K 68 25.39 27.69 -20.52
CA VAL K 68 26.35 28.81 -20.48
C VAL K 68 26.16 29.65 -19.21
N LYS K 69 24.91 29.87 -18.79
CA LYS K 69 24.64 30.54 -17.52
C LYS K 69 25.21 29.76 -16.33
N ALA K 70 25.19 28.42 -16.42
CA ALA K 70 25.84 27.56 -15.42
C ALA K 70 27.36 27.66 -15.43
N HIS K 71 27.94 27.81 -16.62
CA HIS K 71 29.38 28.11 -16.76
C HIS K 71 29.74 29.42 -16.07
N SER K 72 28.91 30.46 -16.27
CA SER K 72 29.21 31.77 -15.70
C SER K 72 29.15 31.76 -14.18
N GLN K 73 28.21 30.98 -13.62
CA GLN K 73 28.10 30.85 -12.16
C GLN K 73 29.31 30.16 -11.53
N THR K 74 29.75 29.07 -12.15
CA THR K 74 31.00 28.40 -11.78
C THR K 74 32.18 29.37 -11.81
N HIS K 75 32.29 30.12 -12.90
CA HIS K 75 33.37 31.07 -13.10
C HIS K 75 33.33 32.24 -12.12
N ARG K 76 32.13 32.74 -11.81
CA ARG K 76 31.94 33.76 -10.78
C ARG K 76 32.51 33.33 -9.43
N VAL K 77 32.26 32.07 -9.04
CA VAL K 77 32.81 31.52 -7.79
C VAL K 77 34.32 31.34 -7.90
N ASP K 78 34.78 30.76 -9.02
CA ASP K 78 36.21 30.50 -9.26
C ASP K 78 37.10 31.74 -9.04
N LEU K 79 36.63 32.89 -9.53
CA LEU K 79 37.34 34.16 -9.30
C LEU K 79 37.60 34.42 -7.82
N GLY K 80 36.56 34.23 -6.99
CA GLY K 80 36.69 34.39 -5.54
C GLY K 80 37.59 33.35 -4.90
N THR K 81 37.50 32.11 -5.38
CA THR K 81 38.32 31.01 -4.87
C THR K 81 39.80 31.21 -5.20
N LEU K 82 40.08 31.57 -6.45
CA LEU K 82 41.46 31.84 -6.91
C LEU K 82 42.09 33.06 -6.22
N ARG K 83 41.25 34.04 -5.90
CA ARG K 83 41.68 35.19 -5.08
C ARG K 83 42.20 34.73 -3.72
N GLY K 84 41.47 33.80 -3.10
CA GLY K 84 41.86 33.19 -1.83
C GLY K 84 43.16 32.42 -1.90
N TYR K 85 43.32 31.59 -2.93
CA TYR K 85 44.50 30.73 -3.10
C TYR K 85 45.79 31.53 -3.19
N TYR K 86 45.78 32.59 -4.00
CA TYR K 86 46.94 33.46 -4.17
C TYR K 86 46.98 34.64 -3.17
N ASN K 87 45.98 34.74 -2.28
CA ASN K 87 45.89 35.79 -1.26
C ASN K 87 46.00 37.21 -1.85
N GLN K 88 45.16 37.45 -2.86
CA GLN K 88 45.13 38.73 -3.57
C GLN K 88 44.02 39.61 -3.02
N SER K 89 44.14 40.91 -3.26
CA SER K 89 43.19 41.91 -2.77
C SER K 89 41.86 41.85 -3.52
N GLU K 90 40.81 42.37 -2.89
CA GLU K 90 39.50 42.50 -3.52
C GLU K 90 39.46 43.59 -4.59
N ALA K 91 40.34 44.59 -4.47
CA ALA K 91 40.31 45.79 -5.32
C ALA K 91 40.97 45.64 -6.71
N GLY K 92 41.61 44.50 -6.98
CA GLY K 92 42.27 44.27 -8.28
C GLY K 92 41.43 43.38 -9.20
N SER K 93 41.45 43.70 -10.49
CA SER K 93 40.74 42.91 -11.49
C SER K 93 41.60 41.74 -11.94
N HIS K 94 40.99 40.56 -12.03
CA HIS K 94 41.66 39.34 -12.46
C HIS K 94 40.85 38.63 -13.52
N THR K 95 41.55 37.83 -14.32
CA THR K 95 40.99 37.19 -15.49
C THR K 95 41.12 35.69 -15.40
N VAL K 96 40.05 34.98 -15.71
CA VAL K 96 40.05 33.54 -15.86
C VAL K 96 39.66 33.23 -17.30
N GLN K 97 40.34 32.24 -17.87
CA GLN K 97 40.03 31.77 -19.22
C GLN K 97 39.94 30.25 -19.23
N ARG K 98 39.05 29.74 -20.08
CA ARG K 98 38.86 28.31 -20.26
C ARG K 98 38.65 28.02 -21.74
N MET K 99 39.36 27.01 -22.24
CA MET K 99 39.18 26.49 -23.58
C MET K 99 38.96 24.99 -23.52
N TYR K 100 37.92 24.50 -24.19
CA TYR K 100 37.76 23.06 -24.41
C TYR K 100 37.17 22.74 -25.78
N GLY K 101 37.31 21.47 -26.18
CA GLY K 101 36.85 21.05 -27.50
C GLY K 101 37.44 19.73 -27.95
N CYS K 102 37.11 19.34 -29.17
CA CYS K 102 37.51 18.06 -29.73
C CYS K 102 37.86 18.16 -31.21
N ASP K 103 38.83 17.36 -31.64
CA ASP K 103 39.21 17.21 -33.05
C ASP K 103 38.59 15.94 -33.62
N VAL K 104 38.42 15.92 -34.93
CA VAL K 104 38.07 14.69 -35.68
C VAL K 104 38.88 14.62 -36.96
N GLY K 105 39.25 13.40 -37.37
CA GLY K 105 40.03 13.19 -38.59
C GLY K 105 39.18 13.22 -39.84
N SER K 106 39.76 12.75 -40.94
CA SER K 106 39.10 12.69 -42.25
C SER K 106 37.82 11.86 -42.24
N ASP K 107 37.83 10.77 -41.47
CA ASP K 107 36.67 9.87 -41.32
C ASP K 107 35.63 10.33 -40.27
N TRP K 108 35.80 11.53 -39.71
CA TRP K 108 34.90 12.12 -38.70
C TRP K 108 34.86 11.35 -37.35
N ARG K 109 35.88 10.55 -37.09
CA ARG K 109 36.03 9.85 -35.80
C ARG K 109 36.87 10.70 -34.85
N PHE K 110 36.69 10.50 -33.55
CA PHE K 110 37.44 11.21 -32.52
C PHE K 110 38.94 11.07 -32.72
N LEU K 111 39.65 12.20 -32.60
CA LEU K 111 41.10 12.26 -32.79
C LEU K 111 41.79 12.73 -31.51
N ARG K 112 41.38 13.88 -30.99
CA ARG K 112 41.94 14.44 -29.76
C ARG K 112 40.91 15.33 -29.06
N GLY K 113 41.13 15.55 -27.75
CA GLY K 113 40.29 16.44 -26.95
C GLY K 113 41.14 17.32 -26.07
N TYR K 114 40.52 18.41 -25.60
CA TYR K 114 41.22 19.49 -24.90
C TYR K 114 40.38 20.05 -23.77
N HIS K 115 41.02 20.33 -22.63
CA HIS K 115 40.43 21.21 -21.63
C HIS K 115 41.53 21.90 -20.84
N GLN K 116 41.70 23.20 -21.12
CA GLN K 116 42.71 24.04 -20.49
C GLN K 116 42.07 25.19 -19.72
N TYR K 117 42.78 25.66 -18.70
CA TYR K 117 42.27 26.65 -17.76
C TYR K 117 43.42 27.57 -17.36
N ALA K 118 43.20 28.88 -17.45
CA ALA K 118 44.22 29.88 -17.12
C ALA K 118 43.74 30.90 -16.09
N TYR K 119 44.68 31.43 -15.31
CA TYR K 119 44.44 32.54 -14.39
C TYR K 119 45.46 33.64 -14.65
N ASP K 120 44.96 34.87 -14.81
CA ASP K 120 45.78 36.05 -15.14
C ASP K 120 46.79 35.75 -16.26
N GLY K 121 46.27 35.21 -17.36
CA GLY K 121 47.06 34.92 -18.56
C GLY K 121 48.14 33.84 -18.46
N LYS K 122 48.06 32.98 -17.45
CA LYS K 122 49.06 31.93 -17.24
C LYS K 122 48.35 30.59 -17.07
N ASP K 123 48.97 29.51 -17.56
CA ASP K 123 48.47 28.16 -17.35
C ASP K 123 48.18 27.95 -15.86
N TYR K 124 47.01 27.40 -15.55
CA TYR K 124 46.64 27.03 -14.20
C TYR K 124 46.56 25.51 -14.11
N ILE K 125 45.63 24.92 -14.85
CA ILE K 125 45.48 23.46 -14.91
C ILE K 125 44.92 23.01 -16.25
N ALA K 126 45.46 21.92 -16.78
CA ALA K 126 45.10 21.40 -18.10
C ALA K 126 44.99 19.88 -18.08
N LEU K 127 44.07 19.36 -18.92
CA LEU K 127 43.87 17.93 -19.08
C LEU K 127 44.86 17.42 -20.13
N LYS K 128 45.55 16.33 -19.83
CA LYS K 128 46.52 15.74 -20.75
C LYS K 128 45.83 15.04 -21.93
N GLU K 129 46.60 14.65 -22.93
CA GLU K 129 46.05 13.99 -24.13
C GLU K 129 45.38 12.64 -23.84
N ASP K 130 45.82 11.94 -22.80
CA ASP K 130 45.14 10.70 -22.34
C ASP K 130 43.70 10.92 -21.83
N LEU K 131 43.40 12.16 -21.41
CA LEU K 131 42.08 12.59 -20.92
C LEU K 131 41.71 11.97 -19.57
N ARG K 132 42.73 11.58 -18.80
CA ARG K 132 42.57 10.93 -17.50
C ARG K 132 43.42 11.57 -16.40
N SER K 133 44.09 12.68 -16.72
CA SER K 133 45.23 13.14 -15.95
C SER K 133 45.41 14.66 -16.13
N TRP K 134 45.94 15.30 -15.10
CA TRP K 134 46.01 16.76 -15.03
C TRP K 134 47.44 17.25 -14.88
N THR K 135 47.79 18.30 -15.64
CA THR K 135 49.00 19.07 -15.42
C THR K 135 48.63 20.31 -14.62
N ALA K 136 49.20 20.44 -13.42
CA ALA K 136 49.02 21.63 -12.59
C ALA K 136 50.28 22.49 -12.70
N ALA K 137 50.10 23.79 -12.93
CA ALA K 137 51.20 24.71 -13.19
C ALA K 137 51.90 25.28 -11.94
N ASP K 138 51.23 25.27 -10.78
CA ASP K 138 51.82 25.73 -9.52
C ASP K 138 51.14 25.07 -8.29
N MET K 139 51.57 25.45 -7.08
CA MET K 139 51.05 24.86 -5.83
C MET K 139 49.55 25.04 -5.66
N ALA K 140 49.03 26.19 -6.09
CA ALA K 140 47.58 26.46 -6.00
C ALA K 140 46.78 25.52 -6.91
N ALA K 141 47.28 25.25 -8.11
CA ALA K 141 46.60 24.35 -9.04
C ALA K 141 46.67 22.87 -8.65
N GLN K 142 47.65 22.50 -7.81
CA GLN K 142 47.72 21.15 -7.24
C GLN K 142 46.60 20.89 -6.24
N THR K 143 46.16 21.93 -5.53
CA THR K 143 44.96 21.85 -4.70
C THR K 143 43.75 21.49 -5.57
N THR K 144 43.60 22.22 -6.68
CA THR K 144 42.56 21.97 -7.68
C THR K 144 42.68 20.60 -8.33
N LYS K 145 43.92 20.14 -8.55
CA LYS K 145 44.19 18.81 -9.09
C LYS K 145 43.60 17.73 -8.18
N HIS K 146 43.98 17.75 -6.88
CA HIS K 146 43.50 16.76 -5.91
C HIS K 146 41.98 16.81 -5.74
N LYS K 147 41.41 18.01 -5.81
CA LYS K 147 39.96 18.20 -5.74
C LYS K 147 39.24 17.62 -6.97
N TRP K 148 39.84 17.78 -8.15
CA TRP K 148 39.25 17.29 -9.41
C TRP K 148 39.46 15.79 -9.63
N GLU K 149 40.54 15.25 -9.08
CA GLU K 149 40.76 13.80 -9.02
C GLU K 149 39.71 13.14 -8.13
N ALA K 150 39.43 13.75 -6.98
CA ALA K 150 38.45 13.22 -6.02
C ALA K 150 37.02 13.25 -6.56
N ALA K 151 36.68 14.31 -7.29
CA ALA K 151 35.35 14.46 -7.90
C ALA K 151 35.21 13.86 -9.30
N HIS K 152 36.22 13.11 -9.75
CA HIS K 152 36.20 12.38 -11.03
C HIS K 152 35.87 13.27 -12.23
N VAL K 153 36.50 14.44 -12.27
CA VAL K 153 36.22 15.45 -13.31
C VAL K 153 36.70 14.96 -14.67
N ALA K 154 37.91 14.40 -14.73
CA ALA K 154 38.51 13.92 -15.98
C ALA K 154 37.60 12.94 -16.71
N GLU K 155 37.08 11.97 -15.95
CA GLU K 155 36.12 10.97 -16.44
C GLU K 155 34.89 11.60 -17.09
N GLN K 156 34.33 12.62 -16.43
CA GLN K 156 33.13 13.31 -16.92
C GLN K 156 33.42 14.15 -18.17
N LEU K 157 34.59 14.80 -18.19
CA LEU K 157 35.05 15.52 -19.38
C LEU K 157 35.31 14.56 -20.54
N ARG K 158 36.00 13.46 -20.26
CA ARG K 158 36.32 12.48 -21.29
C ARG K 158 35.06 11.92 -21.96
N ALA K 159 33.97 11.82 -21.20
CA ALA K 159 32.67 11.38 -21.75
C ALA K 159 32.11 12.41 -22.72
N TYR K 160 32.17 13.69 -22.34
CA TYR K 160 31.73 14.78 -23.23
C TYR K 160 32.59 14.90 -24.49
N LEU K 161 33.90 14.88 -24.31
CA LEU K 161 34.86 15.07 -25.42
C LEU K 161 34.82 13.95 -26.47
N GLU K 162 34.68 12.70 -26.02
CA GLU K 162 34.60 11.54 -26.92
C GLU K 162 33.20 11.24 -27.46
N GLY K 163 32.16 11.84 -26.86
CA GLY K 163 30.77 11.50 -27.16
C GLY K 163 29.97 12.67 -27.70
N THR K 164 29.55 13.55 -26.79
CA THR K 164 28.71 14.71 -27.14
C THR K 164 29.40 15.65 -28.12
N CYS K 165 30.65 16.02 -27.81
CA CYS K 165 31.43 16.94 -28.62
C CYS K 165 31.58 16.47 -30.07
N VAL K 166 31.90 15.20 -30.28
CA VAL K 166 32.06 14.65 -31.64
C VAL K 166 30.74 14.49 -32.39
N GLU K 167 29.68 14.15 -31.66
CA GLU K 167 28.35 13.97 -32.29
C GLU K 167 27.78 15.30 -32.78
N TRP K 168 27.92 16.35 -31.96
CA TRP K 168 27.45 17.68 -32.34
C TRP K 168 28.32 18.35 -33.42
N LEU K 169 29.62 18.09 -33.39
CA LEU K 169 30.54 18.56 -34.45
C LEU K 169 30.17 17.96 -35.81
N ARG K 170 29.94 16.66 -35.85
CA ARG K 170 29.44 15.98 -37.07
C ARG K 170 28.09 16.54 -37.53
N ARG K 171 27.21 16.86 -36.58
CA ARG K 171 25.90 17.45 -36.88
C ARG K 171 26.01 18.85 -37.48
N TYR K 172 26.90 19.68 -36.91
CA TYR K 172 27.14 21.02 -37.44
C TYR K 172 27.79 20.99 -38.82
N LEU K 173 28.73 20.07 -39.02
CA LEU K 173 29.38 19.86 -40.32
C LEU K 173 28.40 19.46 -41.43
N GLU K 174 27.35 18.70 -41.08
CA GLU K 174 26.31 18.32 -42.04
C GLU K 174 25.30 19.45 -42.28
N ASN K 175 24.99 20.25 -41.25
CA ASN K 175 24.06 21.38 -41.36
C ASN K 175 24.67 22.56 -42.13
N GLY K 176 25.89 22.94 -41.75
CA GLY K 176 26.63 24.02 -42.42
C GLY K 176 27.64 23.47 -43.41
N LYS K 177 27.18 22.61 -44.31
CA LYS K 177 28.07 21.87 -45.23
C LYS K 177 28.76 22.82 -46.20
N GLU K 178 27.97 23.65 -46.86
CA GLU K 178 28.49 24.60 -47.86
C GLU K 178 29.35 25.72 -47.27
N THR K 179 29.24 25.98 -45.96
CA THR K 179 30.13 26.92 -45.26
C THR K 179 31.38 26.22 -44.74
N LEU K 180 31.20 25.13 -43.99
CA LEU K 180 32.29 24.50 -43.22
C LEU K 180 33.16 23.54 -44.02
N GLN K 181 32.57 22.81 -44.97
CA GLN K 181 33.32 21.89 -45.84
C GLN K 181 33.79 22.52 -47.17
N ARG K 182 33.74 23.85 -47.27
CA ARG K 182 34.30 24.56 -48.43
C ARG K 182 35.81 24.75 -48.25
N THR K 183 36.49 25.07 -49.35
CA THR K 183 37.91 25.40 -49.33
C THR K 183 38.18 26.49 -50.37
N ASP K 184 38.27 27.74 -49.92
CA ASP K 184 38.57 28.88 -50.80
C ASP K 184 40.07 29.05 -50.96
N ALA K 185 40.56 28.90 -52.19
CA ALA K 185 41.98 29.08 -52.49
C ALA K 185 42.35 30.57 -52.39
N PRO K 186 43.61 30.87 -52.03
CA PRO K 186 44.04 32.27 -51.97
C PRO K 186 44.20 32.91 -53.36
N LYS K 187 43.68 34.13 -53.50
CA LYS K 187 43.93 34.96 -54.68
C LYS K 187 45.18 35.76 -54.39
N THR K 188 46.17 35.66 -55.28
CA THR K 188 47.51 36.17 -55.02
C THR K 188 47.98 37.22 -56.03
N HIS K 189 48.80 38.14 -55.55
CA HIS K 189 49.51 39.10 -56.42
C HIS K 189 50.74 39.66 -55.69
N MET K 190 51.58 40.38 -56.43
CA MET K 190 52.79 40.99 -55.88
C MET K 190 52.81 42.49 -56.11
N THR K 191 53.26 43.24 -55.11
CA THR K 191 53.49 44.68 -55.24
C THR K 191 54.97 44.99 -55.08
N HIS K 192 55.40 46.07 -55.72
CA HIS K 192 56.78 46.54 -55.71
C HIS K 192 56.81 48.01 -55.31
N HIS K 193 57.72 48.36 -54.39
CA HIS K 193 57.97 49.75 -54.01
C HIS K 193 59.45 49.96 -53.74
N ALA K 194 59.99 51.07 -54.25
CA ALA K 194 61.38 51.44 -54.01
C ALA K 194 61.53 51.98 -52.59
N VAL K 195 62.69 51.73 -51.97
CA VAL K 195 63.04 52.35 -50.68
C VAL K 195 64.36 53.10 -50.76
N ALA K 200 64.72 47.84 -52.79
CA ALA K 200 63.31 47.78 -53.13
C ALA K 200 62.59 46.65 -52.38
N THR K 201 61.34 46.91 -51.96
CA THR K 201 60.53 45.92 -51.24
C THR K 201 59.62 45.16 -52.20
N LEU K 202 59.66 43.82 -52.13
CA LEU K 202 58.72 42.96 -52.84
C LEU K 202 57.78 42.40 -51.80
N ARG K 203 56.49 42.70 -51.92
CA ARG K 203 55.46 42.15 -51.02
C ARG K 203 54.60 41.16 -51.79
N CYS K 204 54.32 40.03 -51.16
CA CYS K 204 53.55 38.93 -51.74
C CYS K 204 52.27 38.74 -50.95
N TRP K 205 51.12 38.79 -51.64
CA TRP K 205 49.80 38.77 -51.00
C TRP K 205 49.08 37.46 -51.20
N ALA K 206 48.36 37.04 -50.16
CA ALA K 206 47.36 35.98 -50.24
C ALA K 206 46.05 36.54 -49.65
N LEU K 207 44.97 36.46 -50.41
CA LEU K 207 43.68 37.06 -50.03
C LEU K 207 42.51 36.11 -50.28
N SER K 208 41.43 36.30 -49.51
CA SER K 208 40.17 35.55 -49.67
C SER K 208 40.31 34.02 -49.56
N PHE K 209 41.09 33.55 -48.58
CA PHE K 209 41.30 32.11 -48.40
C PHE K 209 40.66 31.59 -47.12
N TYR K 210 40.21 30.33 -47.17
CA TYR K 210 39.70 29.58 -46.03
C TYR K 210 40.07 28.11 -46.20
N PRO K 211 40.58 27.43 -45.17
CA PRO K 211 40.79 27.95 -43.80
C PRO K 211 42.09 28.76 -43.64
N ALA K 212 42.35 29.22 -42.40
CA ALA K 212 43.47 30.14 -42.13
C ALA K 212 44.89 29.58 -42.22
N GLU K 213 45.03 28.25 -42.19
CA GLU K 213 46.35 27.60 -42.28
C GLU K 213 46.94 27.84 -43.67
N ILE K 214 48.07 28.55 -43.71
CA ILE K 214 48.72 28.93 -44.97
C ILE K 214 50.22 29.18 -44.76
N THR K 215 51.02 28.92 -45.78
CA THR K 215 52.47 29.11 -45.73
C THR K 215 52.91 30.03 -46.89
N LEU K 216 53.54 31.15 -46.53
CA LEU K 216 54.17 32.08 -47.48
C LEU K 216 55.66 32.10 -47.18
N THR K 217 56.48 31.77 -48.18
CA THR K 217 57.94 31.76 -48.03
C THR K 217 58.63 32.28 -49.28
N TRP K 218 59.76 32.96 -49.08
CA TRP K 218 60.57 33.46 -50.19
C TRP K 218 61.70 32.50 -50.54
N GLN K 219 62.19 32.63 -51.77
CA GLN K 219 63.33 31.88 -52.25
C GLN K 219 64.17 32.79 -53.14
N ARG K 220 65.48 32.55 -53.13
CA ARG K 220 66.39 33.18 -54.09
C ARG K 220 66.97 32.03 -54.92
N ASP K 221 66.80 32.11 -56.25
CA ASP K 221 66.82 30.95 -57.16
C ASP K 221 65.47 30.21 -57.06
N THR K 229 63.34 39.00 -44.13
CA THR K 229 61.98 38.65 -44.47
C THR K 229 61.01 39.15 -43.40
N GLU K 230 59.96 39.84 -43.82
CA GLU K 230 58.89 40.28 -42.93
C GLU K 230 57.66 39.44 -43.19
N LEU K 231 56.91 39.14 -42.13
CA LEU K 231 55.74 38.26 -42.22
C LEU K 231 54.72 38.68 -41.16
N VAL K 232 53.55 39.15 -41.61
CA VAL K 232 52.47 39.54 -40.68
C VAL K 232 51.64 38.34 -40.25
N GLU K 233 51.01 38.50 -39.09
CA GLU K 233 50.09 37.52 -38.52
C GLU K 233 48.88 37.38 -39.45
N THR K 234 48.43 36.15 -39.70
CA THR K 234 47.25 35.90 -40.51
C THR K 234 46.06 36.61 -39.87
N ARG K 235 45.22 37.24 -40.69
CA ARG K 235 44.22 38.16 -40.21
C ARG K 235 42.87 37.94 -40.88
N PRO K 236 41.77 38.17 -40.14
CA PRO K 236 40.43 37.97 -40.71
C PRO K 236 40.03 39.10 -41.64
N ALA K 237 39.47 38.75 -42.78
CA ALA K 237 38.90 39.73 -43.70
C ALA K 237 37.59 40.34 -43.16
N GLY K 238 36.88 39.58 -42.31
CA GLY K 238 35.59 40.00 -41.74
C GLY K 238 34.38 39.40 -42.44
N ASP K 239 34.61 38.65 -43.52
CA ASP K 239 33.55 37.99 -44.30
C ASP K 239 33.69 36.45 -44.31
N GLY K 240 34.40 35.91 -43.33
CA GLY K 240 34.68 34.47 -43.27
C GLY K 240 36.07 34.07 -43.77
N THR K 241 36.64 34.83 -44.70
CA THR K 241 37.96 34.51 -45.28
C THR K 241 39.11 35.21 -44.54
N PHE K 242 40.34 34.81 -44.87
CA PHE K 242 41.55 35.31 -44.21
C PHE K 242 42.53 35.90 -45.19
N GLN K 243 43.48 36.66 -44.65
CA GLN K 243 44.52 37.34 -45.43
C GLN K 243 45.89 37.18 -44.80
N LYS K 244 46.93 37.24 -45.63
CA LYS K 244 48.32 37.26 -45.17
C LYS K 244 49.23 37.81 -46.26
N TRP K 245 50.23 38.59 -45.86
CA TRP K 245 51.32 38.97 -46.78
C TRP K 245 52.70 38.71 -46.20
N ALA K 246 53.67 38.57 -47.10
CA ALA K 246 55.08 38.37 -46.77
C ALA K 246 55.91 39.28 -47.66
N ALA K 247 56.94 39.90 -47.08
CA ALA K 247 57.78 40.85 -47.82
C ALA K 247 59.28 40.61 -47.61
N VAL K 248 60.07 41.05 -48.59
CA VAL K 248 61.53 41.03 -48.52
C VAL K 248 62.10 42.32 -49.13
N VAL K 249 63.17 42.83 -48.53
CA VAL K 249 63.92 43.96 -49.09
C VAL K 249 65.06 43.38 -49.91
N VAL K 250 65.07 43.72 -51.20
CA VAL K 250 65.95 43.11 -52.20
C VAL K 250 66.72 44.22 -52.91
N GLU K 255 65.43 41.85 -58.61
CA GLU K 255 64.11 41.40 -58.16
C GLU K 255 63.63 40.16 -58.92
N GLN K 256 64.11 39.99 -60.16
CA GLN K 256 63.73 38.83 -60.99
C GLN K 256 64.16 37.46 -60.45
N ARG K 257 65.21 37.41 -59.63
CA ARG K 257 65.70 36.14 -59.07
C ARG K 257 65.01 35.71 -57.76
N TYR K 258 64.08 36.52 -57.24
CA TYR K 258 63.33 36.18 -56.03
C TYR K 258 61.93 35.68 -56.39
N THR K 259 61.50 34.63 -55.68
CA THR K 259 60.17 34.03 -55.89
C THR K 259 59.42 33.82 -54.57
N CYS K 260 58.12 34.08 -54.60
CA CYS K 260 57.22 33.86 -53.45
C CYS K 260 56.51 32.50 -53.64
N HIS K 261 56.43 31.71 -52.57
CA HIS K 261 55.83 30.36 -52.60
C HIS K 261 54.63 30.27 -51.66
N VAL K 262 53.49 29.80 -52.19
CA VAL K 262 52.22 29.74 -51.46
C VAL K 262 51.71 28.29 -51.38
N GLN K 263 51.56 27.79 -50.15
CA GLN K 263 50.96 26.48 -49.88
C GLN K 263 49.64 26.66 -49.13
N HIS K 264 48.58 26.01 -49.62
CA HIS K 264 47.25 26.08 -49.03
C HIS K 264 46.41 24.94 -49.57
N GLU K 265 45.55 24.34 -48.74
CA GLU K 265 44.82 23.12 -49.14
C GLU K 265 43.82 23.33 -50.28
N GLY K 266 43.33 24.56 -50.45
CA GLY K 266 42.56 24.96 -51.64
C GLY K 266 43.31 24.91 -52.96
N LEU K 267 44.63 25.08 -52.93
CA LEU K 267 45.46 24.99 -54.13
C LEU K 267 45.83 23.52 -54.40
N PRO K 268 45.50 23.00 -55.61
CA PRO K 268 45.90 21.61 -55.90
C PRO K 268 47.41 21.41 -55.92
N LYS K 269 48.15 22.40 -56.41
CA LYS K 269 49.61 22.45 -56.32
C LYS K 269 50.05 23.83 -55.82
N PRO K 270 51.16 23.90 -55.07
CA PRO K 270 51.60 25.19 -54.52
C PRO K 270 52.08 26.15 -55.61
N LEU K 271 51.77 27.44 -55.45
CA LEU K 271 52.07 28.47 -56.46
C LEU K 271 53.45 29.08 -56.27
N THR K 272 54.07 29.46 -57.39
CA THR K 272 55.31 30.23 -57.40
C THR K 272 55.05 31.56 -58.12
N LEU K 273 55.34 32.67 -57.45
CA LEU K 273 55.10 34.02 -57.97
C LEU K 273 56.43 34.74 -58.16
N ARG K 274 56.58 35.41 -59.30
CA ARG K 274 57.81 36.14 -59.63
C ARG K 274 57.48 37.50 -60.22
N TRP K 275 58.27 38.52 -59.86
CA TRP K 275 58.12 39.88 -60.37
C TRP K 275 59.37 40.21 -61.20
N MET L 1 51.54 39.37 -12.13
CA MET L 1 50.71 39.99 -13.20
C MET L 1 51.61 40.21 -14.43
N ILE L 2 51.46 39.33 -15.43
CA ILE L 2 52.11 39.51 -16.74
C ILE L 2 51.22 40.30 -17.69
N GLN L 3 51.83 41.15 -18.50
CA GLN L 3 51.10 42.00 -19.45
C GLN L 3 51.74 41.90 -20.83
N ARG L 4 50.88 41.83 -21.86
CA ARG L 4 51.33 41.72 -23.25
C ARG L 4 50.77 42.88 -24.10
N THR L 5 51.63 43.45 -24.95
CA THR L 5 51.29 44.63 -25.76
C THR L 5 50.52 44.21 -27.02
N PRO L 6 49.41 44.91 -27.34
CA PRO L 6 48.70 44.55 -28.57
C PRO L 6 49.49 44.78 -29.85
N LYS L 7 49.30 43.90 -30.82
CA LYS L 7 49.83 44.05 -32.17
C LYS L 7 48.68 44.50 -33.05
N ILE L 8 48.87 45.62 -33.74
CA ILE L 8 47.80 46.29 -34.50
C ILE L 8 48.04 46.12 -35.99
N GLN L 9 46.97 45.83 -36.74
CA GLN L 9 46.99 45.77 -38.20
C GLN L 9 45.75 46.48 -38.72
N VAL L 10 45.95 47.52 -39.53
CA VAL L 10 44.84 48.25 -40.16
C VAL L 10 44.83 47.90 -41.64
N TYR L 11 43.65 47.58 -42.16
CA TYR L 11 43.51 47.07 -43.53
C TYR L 11 42.05 47.05 -43.97
N SER L 12 41.84 46.75 -45.25
CA SER L 12 40.50 46.64 -45.81
C SER L 12 40.17 45.18 -46.15
N ARG L 13 38.87 44.89 -46.22
CA ARG L 13 38.37 43.54 -46.51
C ARG L 13 38.71 43.10 -47.93
N HIS L 14 38.45 43.99 -48.89
CA HIS L 14 38.79 43.78 -50.29
C HIS L 14 39.90 44.75 -50.67
N PRO L 15 40.65 44.47 -51.76
CA PRO L 15 41.64 45.46 -52.24
C PRO L 15 40.94 46.79 -52.59
N ALA L 16 41.49 47.89 -52.07
CA ALA L 16 40.82 49.19 -52.12
C ALA L 16 40.77 49.79 -53.54
N GLU L 17 39.58 50.23 -53.92
CA GLU L 17 39.36 50.95 -55.18
C GLU L 17 38.59 52.24 -54.86
N ASN L 18 39.11 53.38 -55.31
CA ASN L 18 38.57 54.69 -54.92
C ASN L 18 37.12 54.87 -55.36
N GLY L 19 36.29 55.38 -54.44
CA GLY L 19 34.86 55.54 -54.69
C GLY L 19 34.10 54.22 -54.84
N LYS L 20 34.48 53.22 -54.05
CA LYS L 20 33.86 51.89 -54.12
C LYS L 20 33.68 51.31 -52.72
N SER L 21 32.56 50.60 -52.51
CA SER L 21 32.18 50.10 -51.18
C SER L 21 33.14 49.04 -50.64
N ASN L 22 33.46 49.14 -49.36
CA ASN L 22 34.43 48.23 -48.72
C ASN L 22 34.20 48.21 -47.19
N PHE L 23 35.04 47.48 -46.46
CA PHE L 23 35.11 47.57 -44.98
C PHE L 23 36.54 47.89 -44.54
N LEU L 24 36.64 48.68 -43.47
CA LEU L 24 37.92 49.03 -42.84
C LEU L 24 38.06 48.21 -41.56
N ASN L 25 39.16 47.47 -41.43
CA ASN L 25 39.41 46.58 -40.30
C ASN L 25 40.58 47.07 -39.47
N CYS L 26 40.47 46.92 -38.15
CA CYS L 26 41.59 47.04 -37.25
C CYS L 26 41.65 45.78 -36.38
N TYR L 27 42.68 44.97 -36.61
CA TYR L 27 42.84 43.69 -35.94
C TYR L 27 43.90 43.82 -34.83
N VAL L 28 43.42 43.90 -33.60
CA VAL L 28 44.30 43.92 -32.42
C VAL L 28 44.43 42.48 -31.87
N SER L 29 45.66 42.08 -31.55
CA SER L 29 45.95 40.72 -31.09
C SER L 29 47.20 40.65 -30.21
N GLY L 30 47.30 39.54 -29.47
CA GLY L 30 48.45 39.26 -28.62
C GLY L 30 48.51 40.07 -27.33
N PHE L 31 47.36 40.57 -26.84
CA PHE L 31 47.35 41.47 -25.68
C PHE L 31 46.79 40.84 -24.40
N HIS L 32 47.16 41.44 -23.27
CA HIS L 32 46.72 40.98 -21.97
C HIS L 32 47.02 42.06 -20.92
N PRO L 33 46.04 42.50 -20.11
CA PRO L 33 44.69 41.92 -19.99
C PRO L 33 43.74 42.26 -21.15
N SER L 34 42.48 41.81 -21.03
CA SER L 34 41.46 42.01 -22.08
C SER L 34 40.97 43.44 -22.24
N ASP L 35 41.10 44.24 -21.18
CA ASP L 35 40.68 45.66 -21.17
C ASP L 35 41.47 46.49 -22.20
N ILE L 36 40.78 46.96 -23.23
CA ILE L 36 41.39 47.67 -24.36
C ILE L 36 40.40 48.67 -25.00
N GLU L 37 40.92 49.77 -25.54
CA GLU L 37 40.14 50.79 -26.27
C GLU L 37 40.62 50.88 -27.71
N VAL L 38 39.70 50.66 -28.66
CA VAL L 38 40.05 50.71 -30.08
C VAL L 38 39.05 51.61 -30.81
N ASP L 39 39.58 52.67 -31.43
CA ASP L 39 38.79 53.58 -32.26
C ASP L 39 39.32 53.55 -33.70
N LEU L 40 38.41 53.72 -34.66
CA LEU L 40 38.76 53.87 -36.07
C LEU L 40 38.56 55.34 -36.46
N LEU L 41 39.57 55.94 -37.10
CA LEU L 41 39.60 57.38 -37.37
C LEU L 41 39.52 57.69 -38.86
N LYS L 42 38.72 58.71 -39.22
CA LYS L 42 38.67 59.28 -40.58
C LYS L 42 39.12 60.73 -40.52
N ASN L 43 40.32 61.01 -41.04
CA ASN L 43 40.96 62.33 -41.00
C ASN L 43 41.13 62.87 -39.57
N GLY L 44 41.46 61.96 -38.64
CA GLY L 44 41.64 62.31 -37.23
C GLY L 44 40.39 62.33 -36.36
N GLU L 45 39.22 62.10 -36.95
CA GLU L 45 37.94 62.06 -36.23
C GLU L 45 37.47 60.63 -35.98
N ARG L 46 37.02 60.36 -34.75
CA ARG L 46 36.48 59.07 -34.36
C ARG L 46 35.23 58.71 -35.19
N ILE L 47 35.26 57.55 -35.84
CA ILE L 47 34.09 57.00 -36.55
C ILE L 47 33.17 56.38 -35.49
N GLU L 48 31.87 56.63 -35.60
CA GLU L 48 30.92 56.27 -34.52
C GLU L 48 30.37 54.85 -34.63
N LYS L 49 29.87 54.46 -35.80
CA LYS L 49 29.24 53.14 -35.97
C LYS L 49 30.30 52.07 -36.28
N VAL L 50 31.05 51.70 -35.23
CA VAL L 50 32.13 50.71 -35.34
C VAL L 50 31.73 49.43 -34.60
N GLU L 51 31.67 48.33 -35.34
CA GLU L 51 31.36 47.01 -34.79
C GLU L 51 32.65 46.36 -34.30
N HIS L 52 32.51 45.35 -33.43
CA HIS L 52 33.65 44.50 -33.05
C HIS L 52 33.24 43.04 -32.86
N SER L 53 34.20 42.15 -33.05
CA SER L 53 33.99 40.71 -32.87
C SER L 53 33.95 40.35 -31.39
N ASP L 54 33.46 39.15 -31.11
CA ASP L 54 33.29 38.68 -29.73
C ASP L 54 34.63 38.19 -29.19
N LEU L 55 35.01 38.67 -28.00
CA LEU L 55 36.34 38.42 -27.44
C LEU L 55 36.68 36.93 -27.38
N SER L 56 37.80 36.56 -28.00
CA SER L 56 38.33 35.20 -27.97
C SER L 56 39.84 35.32 -27.71
N PHE L 57 40.51 34.17 -27.60
CA PHE L 57 41.95 34.14 -27.39
C PHE L 57 42.62 33.00 -28.13
N SER L 58 43.94 33.09 -28.19
CA SER L 58 44.79 32.13 -28.92
C SER L 58 45.34 31.10 -27.95
N LYS L 59 46.10 30.13 -28.47
CA LYS L 59 46.63 29.05 -27.63
C LYS L 59 47.60 29.48 -26.53
N ASP L 60 48.19 30.67 -26.67
CA ASP L 60 49.03 31.27 -25.60
C ASP L 60 48.26 32.14 -24.58
N TRP L 61 46.92 32.13 -24.64
CA TRP L 61 46.02 32.88 -23.73
C TRP L 61 45.87 34.39 -24.03
N SER L 62 46.54 34.89 -25.07
CA SER L 62 46.45 36.32 -25.39
C SER L 62 45.21 36.57 -26.25
N PHE L 63 44.60 37.73 -26.05
CA PHE L 63 43.31 38.04 -26.67
C PHE L 63 43.48 38.62 -28.07
N TYR L 64 42.46 38.41 -28.91
CA TYR L 64 42.40 38.99 -30.24
C TYR L 64 40.99 39.49 -30.54
N LEU L 65 40.91 40.55 -31.34
CA LEU L 65 39.67 41.32 -31.53
C LEU L 65 39.72 42.02 -32.89
N LEU L 66 38.66 41.87 -33.68
CA LEU L 66 38.51 42.59 -34.96
C LEU L 66 37.52 43.73 -34.76
N TYR L 67 37.99 44.97 -34.96
CA TYR L 67 37.13 46.15 -35.04
C TYR L 67 36.96 46.48 -36.50
N TYR L 68 35.72 46.70 -36.93
CA TYR L 68 35.42 46.99 -38.31
C TYR L 68 34.27 47.97 -38.52
N THR L 69 34.27 48.60 -39.68
CA THR L 69 33.22 49.54 -40.08
C THR L 69 33.14 49.63 -41.60
N GLU L 70 31.99 50.06 -42.09
CA GLU L 70 31.75 50.21 -43.53
C GLU L 70 32.32 51.55 -44.00
N PHE L 71 32.97 51.57 -45.16
CA PHE L 71 33.56 52.80 -45.69
C PHE L 71 33.77 52.78 -47.20
N THR L 72 33.87 53.98 -47.78
CA THR L 72 34.23 54.19 -49.17
C THR L 72 35.52 55.00 -49.21
N PRO L 73 36.67 54.34 -49.51
CA PRO L 73 37.94 55.06 -49.52
C PRO L 73 38.09 55.91 -50.76
N THR L 74 38.80 57.03 -50.61
CA THR L 74 39.05 57.97 -51.71
C THR L 74 40.55 58.24 -51.76
N GLU L 75 40.99 58.98 -52.77
CA GLU L 75 42.41 59.31 -52.94
C GLU L 75 42.99 60.08 -51.75
N LYS L 76 42.21 61.01 -51.20
CA LYS L 76 42.70 61.99 -50.21
C LYS L 76 42.32 61.73 -48.75
N ASP L 77 41.24 60.97 -48.51
CA ASP L 77 40.82 60.66 -47.13
C ASP L 77 41.82 59.73 -46.44
N GLU L 78 42.17 60.06 -45.19
CA GLU L 78 43.12 59.28 -44.39
C GLU L 78 42.37 58.51 -43.31
N TYR L 79 42.61 57.20 -43.25
CA TYR L 79 42.01 56.34 -42.22
C TYR L 79 43.08 55.79 -41.28
N ALA L 80 42.78 55.72 -39.99
CA ALA L 80 43.71 55.19 -38.99
C ALA L 80 43.00 54.32 -37.96
N CYS L 81 43.79 53.65 -37.12
CA CYS L 81 43.29 52.92 -35.95
C CYS L 81 44.05 53.41 -34.72
N ARG L 82 43.31 53.93 -33.73
CA ARG L 82 43.90 54.36 -32.45
C ARG L 82 43.56 53.34 -31.36
N VAL L 83 44.60 52.88 -30.64
CA VAL L 83 44.48 51.80 -29.66
C VAL L 83 45.15 52.18 -28.33
N ASN L 84 44.42 52.02 -27.23
CA ASN L 84 44.97 52.24 -25.88
C ASN L 84 44.83 51.01 -24.98
N HIS L 85 45.81 50.83 -24.09
CA HIS L 85 45.96 49.62 -23.28
C HIS L 85 46.89 49.98 -22.11
N VAL L 86 46.89 49.16 -21.05
CA VAL L 86 47.80 49.42 -19.91
C VAL L 86 49.29 49.34 -20.26
N THR L 87 49.63 48.53 -21.27
CA THR L 87 51.01 48.40 -21.76
C THR L 87 51.50 49.66 -22.47
N LEU L 88 50.58 50.40 -23.10
CA LEU L 88 50.89 51.64 -23.81
C LEU L 88 50.66 52.86 -22.91
N SER L 89 51.70 53.68 -22.77
CA SER L 89 51.61 54.93 -22.00
C SER L 89 50.78 56.01 -22.72
N GLN L 90 50.80 56.01 -24.05
CA GLN L 90 49.97 56.90 -24.88
C GLN L 90 49.18 56.07 -25.89
N PRO L 91 47.97 56.52 -26.27
CA PRO L 91 47.27 55.83 -27.36
C PRO L 91 48.10 55.81 -28.65
N LYS L 92 48.14 54.66 -29.30
CA LYS L 92 48.96 54.45 -30.48
C LYS L 92 48.09 54.51 -31.73
N ILE L 93 48.44 55.41 -32.66
CA ILE L 93 47.74 55.52 -33.95
C ILE L 93 48.54 54.75 -35.01
N VAL L 94 47.83 53.95 -35.81
CA VAL L 94 48.41 53.26 -36.96
C VAL L 94 47.62 53.67 -38.19
N LYS L 95 48.28 54.35 -39.12
CA LYS L 95 47.63 54.81 -40.35
C LYS L 95 47.35 53.65 -41.30
N TRP L 96 46.22 53.72 -42.01
CA TRP L 96 45.88 52.73 -43.02
C TRP L 96 46.72 52.98 -44.28
N ASP L 97 47.71 52.12 -44.49
CA ASP L 97 48.46 52.05 -45.73
C ASP L 97 47.73 51.03 -46.59
N ARG L 98 47.28 51.45 -47.77
CA ARG L 98 46.51 50.57 -48.68
C ARG L 98 47.33 49.46 -49.36
N ASP L 99 48.67 49.46 -49.17
CA ASP L 99 49.51 48.30 -49.52
C ASP L 99 50.11 47.59 -48.28
N MET L 100 49.33 47.53 -47.19
CA MET L 100 49.68 46.72 -46.01
C MET L 100 48.42 46.17 -45.31
N SER M 1 27.83 22.10 -29.21
CA SER M 1 27.08 21.97 -27.93
C SER M 1 28.02 21.96 -26.72
N LEU M 2 27.68 22.73 -25.70
CA LEU M 2 28.51 22.90 -24.52
C LEU M 2 28.41 21.66 -23.62
N LEU M 3 29.45 21.46 -22.80
CA LEU M 3 29.42 20.40 -21.78
C LEU M 3 28.43 20.77 -20.67
N MET M 4 28.04 19.78 -19.88
CA MET M 4 26.98 19.94 -18.87
C MET M 4 27.51 20.03 -17.46
N TRP M 5 28.38 19.10 -17.07
CA TRP M 5 28.85 19.03 -15.68
C TRP M 5 30.13 19.84 -15.50
N ILE M 6 30.11 20.79 -14.56
CA ILE M 6 31.27 21.65 -14.29
C ILE M 6 31.58 21.60 -12.81
N THR M 7 32.85 21.42 -12.47
CA THR M 7 33.29 21.33 -11.09
C THR M 7 34.13 22.54 -10.77
N GLN M 8 33.87 23.18 -9.63
CA GLN M 8 34.56 24.41 -9.26
C GLN M 8 36.03 24.13 -8.98
N VAL M 9 36.87 25.16 -9.12
CA VAL M 9 38.31 25.03 -8.88
C VAL M 9 38.59 25.00 -7.38
N GLU N 4 9.31 7.33 -14.68
CA GLU N 4 10.77 7.63 -14.83
C GLU N 4 11.60 6.89 -13.79
N VAL N 5 11.31 7.12 -12.50
CA VAL N 5 12.03 6.49 -11.39
C VAL N 5 11.05 5.91 -10.36
N GLU N 6 11.00 4.58 -10.26
CA GLU N 6 9.96 3.87 -9.48
C GLU N 6 10.50 3.20 -8.22
N GLN N 7 9.70 3.25 -7.17
CA GLN N 7 10.09 2.79 -5.85
C GLN N 7 8.82 2.31 -5.14
N ASN N 8 8.83 1.10 -4.56
CA ASN N 8 7.69 0.65 -3.75
C ASN N 8 7.65 1.40 -2.43
N SER N 9 6.46 1.81 -2.01
CA SER N 9 6.28 2.70 -0.86
C SER N 9 6.50 2.03 0.49
N GLY N 10 6.23 0.72 0.57
CA GLY N 10 6.38 -0.04 1.82
C GLY N 10 5.07 0.04 2.60
N PRO N 11 5.12 0.02 3.94
CA PRO N 11 6.35 -0.10 4.73
C PRO N 11 7.06 -1.45 4.59
N LEU N 12 8.37 -1.45 4.79
CA LEU N 12 9.20 -2.64 4.79
C LEU N 12 9.63 -2.88 6.22
N SER N 13 9.40 -4.10 6.72
CA SER N 13 9.76 -4.49 8.09
C SER N 13 11.01 -5.36 8.07
N VAL N 14 11.95 -5.04 8.94
CA VAL N 14 13.19 -5.78 9.07
C VAL N 14 13.49 -5.92 10.56
N PRO N 15 13.88 -7.13 11.01
CA PRO N 15 14.29 -7.24 12.40
C PRO N 15 15.69 -6.67 12.65
N GLU N 16 15.87 -6.01 13.78
CA GLU N 16 17.17 -5.48 14.21
C GLU N 16 18.29 -6.51 14.02
N GLY N 17 19.33 -6.11 13.30
CA GLY N 17 20.47 -6.98 12.99
C GLY N 17 20.48 -7.52 11.56
N ALA N 18 19.31 -7.59 10.93
CA ALA N 18 19.17 -8.16 9.59
C ALA N 18 19.45 -7.12 8.49
N ILE N 19 19.59 -7.62 7.27
CA ILE N 19 19.88 -6.81 6.11
C ILE N 19 18.59 -6.21 5.55
N ALA N 20 18.57 -4.88 5.43
CA ALA N 20 17.49 -4.14 4.78
C ALA N 20 17.79 -3.97 3.31
N SER N 21 16.84 -4.32 2.44
CA SER N 21 17.05 -4.35 1.00
C SER N 21 16.02 -3.44 0.35
N LEU N 22 16.50 -2.28 -0.14
CA LEU N 22 15.66 -1.27 -0.79
C LEU N 22 16.00 -1.25 -2.28
N ASN N 23 14.96 -1.28 -3.12
CA ASN N 23 15.14 -1.27 -4.57
C ASN N 23 14.54 -0.04 -5.25
N CYS N 24 15.01 0.23 -6.47
CA CYS N 24 14.62 1.40 -7.23
C CYS N 24 14.94 1.18 -8.71
N THR N 25 13.91 1.18 -9.56
CA THR N 25 14.11 1.04 -11.02
C THR N 25 14.09 2.41 -11.70
N TYR N 26 14.60 2.45 -12.94
CA TYR N 26 14.59 3.66 -13.75
C TYR N 26 14.43 3.32 -15.23
N SER N 27 13.75 4.18 -15.98
CA SER N 27 13.45 3.92 -17.40
C SER N 27 14.50 4.46 -18.39
N ASP N 28 15.20 5.54 -18.03
CA ASP N 28 16.16 6.19 -18.92
C ASP N 28 17.56 5.57 -18.84
N ARG N 29 17.95 4.87 -19.92
CA ARG N 29 19.31 4.31 -20.03
C ARG N 29 20.41 5.36 -20.02
N GLY N 30 20.09 6.57 -20.47
CA GLY N 30 21.01 7.71 -20.36
C GLY N 30 21.25 8.26 -18.97
N SER N 31 20.75 7.57 -17.93
CA SER N 31 21.01 7.96 -16.54
C SER N 31 22.47 7.77 -16.18
N GLN N 32 23.03 8.74 -15.47
CA GLN N 32 24.49 8.79 -15.24
C GLN N 32 24.89 8.56 -13.79
N SER N 33 24.20 9.21 -12.85
CA SER N 33 24.47 9.03 -11.42
C SER N 33 23.19 8.79 -10.65
N PHE N 34 23.31 8.04 -9.56
CA PHE N 34 22.19 7.52 -8.79
C PHE N 34 22.45 7.77 -7.31
N PHE N 35 21.42 8.25 -6.60
CA PHE N 35 21.57 8.75 -5.23
C PHE N 35 20.58 8.09 -4.27
N TRP N 36 21.00 7.90 -3.02
CA TRP N 36 20.13 7.47 -1.93
C TRP N 36 20.11 8.53 -0.84
N TYR N 37 18.93 9.10 -0.59
CA TYR N 37 18.71 10.03 0.52
C TYR N 37 17.86 9.35 1.59
N ARG N 38 18.11 9.69 2.86
CA ARG N 38 17.29 9.22 3.99
C ARG N 38 16.53 10.38 4.61
N GLN N 39 15.23 10.21 4.80
CA GLN N 39 14.36 11.22 5.43
C GLN N 39 13.67 10.64 6.66
N TYR N 40 14.05 11.13 7.83
CA TYR N 40 13.32 10.83 9.07
C TYR N 40 11.99 11.56 9.09
N SER N 41 11.06 11.05 9.89
CA SER N 41 9.72 11.63 9.96
C SER N 41 9.81 13.07 10.52
N GLY N 42 9.26 14.01 9.78
CA GLY N 42 9.30 15.43 10.15
C GLY N 42 10.63 16.15 9.96
N LYS N 43 11.56 15.53 9.22
CA LYS N 43 12.90 16.09 8.97
C LYS N 43 13.15 16.22 7.45
N SER N 44 14.34 16.68 7.08
CA SER N 44 14.71 16.88 5.68
C SER N 44 15.43 15.64 5.12
N PRO N 45 15.25 15.35 3.81
CA PRO N 45 16.06 14.31 3.20
C PRO N 45 17.55 14.63 3.29
N GLU N 46 18.37 13.64 3.63
CA GLU N 46 19.81 13.81 3.78
C GLU N 46 20.52 12.71 2.98
N LEU N 47 21.59 13.07 2.29
CA LEU N 47 22.31 12.12 1.43
C LEU N 47 22.95 11.04 2.28
N ILE N 48 22.82 9.79 1.83
CA ILE N 48 23.61 8.69 2.38
C ILE N 48 24.78 8.44 1.44
N MET N 49 24.47 8.09 0.19
CA MET N 49 25.51 7.82 -0.80
C MET N 49 25.02 7.87 -2.23
N PHE N 50 25.98 8.01 -3.14
CA PHE N 50 25.74 8.05 -4.57
C PHE N 50 26.54 6.94 -5.23
N ILE N 51 26.12 6.56 -6.42
CA ILE N 51 26.83 5.59 -7.23
C ILE N 51 26.64 5.93 -8.71
N TYR N 52 27.72 5.81 -9.49
CA TYR N 52 27.67 6.03 -10.95
C TYR N 52 28.15 4.82 -11.78
N SER N 53 29.12 4.07 -11.28
CA SER N 53 29.64 2.90 -12.00
C SER N 53 28.95 1.61 -11.58
N ASP N 54 28.80 0.73 -12.56
CA ASP N 54 28.07 -0.53 -12.42
C ASP N 54 28.82 -1.43 -11.42
N GLY N 55 28.09 -2.02 -10.48
CA GLY N 55 28.66 -2.88 -9.45
C GLY N 55 28.26 -2.47 -8.04
N ASP N 56 29.08 -2.86 -7.07
CA ASP N 56 28.84 -2.57 -5.64
C ASP N 56 29.72 -1.44 -5.14
N LYS N 57 29.23 -0.71 -4.15
CA LYS N 57 29.99 0.35 -3.49
C LYS N 57 29.66 0.31 -2.01
N GLU N 58 30.66 0.02 -1.18
CA GLU N 58 30.47 -0.10 0.27
C GLU N 58 30.89 1.18 1.00
N ASP N 59 30.12 1.55 2.02
CA ASP N 59 30.41 2.71 2.88
C ASP N 59 29.83 2.43 4.28
N GLY N 60 30.66 1.87 5.15
CA GLY N 60 30.23 1.44 6.48
C GLY N 60 29.21 0.32 6.37
N ARG N 61 28.06 0.51 7.02
CA ARG N 61 26.98 -0.48 6.98
C ARG N 61 26.16 -0.46 5.67
N PHE N 62 26.30 0.61 4.89
CA PHE N 62 25.54 0.78 3.65
C PHE N 62 26.29 0.22 2.46
N THR N 63 25.56 -0.35 1.51
CA THR N 63 26.11 -0.80 0.23
C THR N 63 25.13 -0.44 -0.88
N ALA N 64 25.54 0.45 -1.77
CA ALA N 64 24.80 0.74 -2.99
C ALA N 64 25.19 -0.28 -4.04
N GLN N 65 24.22 -0.71 -4.83
CA GLN N 65 24.43 -1.65 -5.93
C GLN N 65 23.74 -1.12 -7.18
N LEU N 66 24.48 -0.98 -8.28
CA LEU N 66 23.94 -0.52 -9.55
C LEU N 66 24.05 -1.60 -10.61
N ASN N 67 22.95 -1.83 -11.33
CA ASN N 67 22.91 -2.79 -12.43
C ASN N 67 22.27 -2.09 -13.64
N ARG N 68 23.11 -1.67 -14.58
CA ARG N 68 22.63 -0.93 -15.76
C ARG N 68 21.95 -1.81 -16.80
N ALA N 69 22.27 -3.11 -16.81
CA ALA N 69 21.67 -4.05 -17.76
C ALA N 69 20.20 -4.34 -17.43
N SER N 70 19.90 -4.52 -16.15
CA SER N 70 18.52 -4.71 -15.66
C SER N 70 17.84 -3.41 -15.20
N GLN N 71 18.60 -2.31 -15.19
CA GLN N 71 18.10 -0.97 -14.88
C GLN N 71 17.47 -0.83 -13.49
N TYR N 72 18.29 -1.02 -12.46
CA TYR N 72 17.88 -0.82 -11.08
C TYR N 72 19.06 -0.36 -10.22
N VAL N 73 18.74 0.31 -9.12
CA VAL N 73 19.71 0.62 -8.08
C VAL N 73 19.18 0.06 -6.76
N SER N 74 20.09 -0.45 -5.94
CA SER N 74 19.73 -1.00 -4.63
C SER N 74 20.54 -0.36 -3.52
N LEU N 75 19.96 -0.37 -2.32
CA LEU N 75 20.64 0.00 -1.09
C LEU N 75 20.44 -1.14 -0.08
N LEU N 76 21.55 -1.80 0.29
CA LEU N 76 21.56 -2.83 1.35
C LEU N 76 22.09 -2.19 2.63
N ILE N 77 21.43 -2.45 3.76
CA ILE N 77 21.86 -1.94 5.07
C ILE N 77 22.15 -3.14 5.98
N ARG N 78 23.43 -3.46 6.16
CA ARG N 78 23.86 -4.53 7.05
C ARG N 78 23.71 -4.09 8.51
N ASP N 79 23.36 -5.04 9.37
CA ASP N 79 23.23 -4.81 10.81
C ASP N 79 22.26 -3.66 11.12
N SER N 80 21.07 -3.73 10.53
CA SER N 80 20.05 -2.68 10.66
C SER N 80 19.70 -2.41 12.11
N GLN N 81 19.57 -1.13 12.47
CA GLN N 81 19.21 -0.71 13.82
C GLN N 81 17.89 0.04 13.76
N PRO N 82 17.21 0.23 14.91
CA PRO N 82 15.95 1.00 14.91
C PRO N 82 16.07 2.45 14.44
N SER N 83 17.23 3.07 14.66
CA SER N 83 17.51 4.42 14.16
C SER N 83 17.63 4.52 12.62
N ASP N 84 17.74 3.39 11.93
CA ASP N 84 17.63 3.36 10.46
C ASP N 84 16.19 3.47 9.96
N SER N 85 15.20 3.39 10.85
CA SER N 85 13.79 3.57 10.47
C SER N 85 13.58 4.97 9.91
N ALA N 86 13.17 5.03 8.65
CA ALA N 86 13.05 6.30 7.88
C ALA N 86 12.48 6.02 6.50
N THR N 87 12.23 7.09 5.75
CA THR N 87 11.86 6.98 4.33
C THR N 87 13.13 7.18 3.51
N TYR N 88 13.37 6.24 2.58
CA TYR N 88 14.59 6.23 1.78
C TYR N 88 14.25 6.61 0.34
N LEU N 89 14.81 7.73 -0.10
CA LEU N 89 14.50 8.34 -1.39
C LEU N 89 15.61 8.08 -2.40
N CYS N 90 15.20 7.56 -3.55
CA CYS N 90 16.07 7.28 -4.68
C CYS N 90 15.97 8.44 -5.67
N ALA N 91 17.11 8.93 -6.17
CA ALA N 91 17.13 10.02 -7.16
C ALA N 91 18.13 9.71 -8.28
N VAL N 92 17.76 10.10 -9.51
CA VAL N 92 18.56 9.81 -10.70
C VAL N 92 18.81 11.08 -11.54
N LYS N 93 20.09 11.36 -11.78
CA LYS N 93 20.52 12.43 -12.68
C LYS N 93 20.86 11.85 -14.04
N SER N 94 20.49 12.58 -15.09
CA SER N 94 20.56 12.09 -16.47
C SER N 94 21.21 13.11 -17.42
N GLY N 95 21.38 12.72 -18.67
CA GLY N 95 22.15 13.46 -19.64
C GLY N 95 21.59 14.79 -20.11
N GLY N 96 20.27 14.89 -20.24
CA GLY N 96 19.65 16.09 -20.83
C GLY N 96 19.08 17.11 -19.85
N SER N 97 19.47 17.06 -18.58
CA SER N 97 18.87 17.94 -17.56
C SER N 97 19.71 18.02 -16.28
N TYR N 98 19.59 19.15 -15.59
CA TYR N 98 20.18 19.36 -14.27
C TYR N 98 19.26 18.88 -13.13
N ILE N 99 17.99 18.63 -13.46
CA ILE N 99 16.98 18.22 -12.47
C ILE N 99 17.13 16.73 -12.18
N PRO N 100 17.42 16.35 -10.91
CA PRO N 100 17.34 14.91 -10.58
C PRO N 100 15.90 14.41 -10.51
N THR N 101 15.65 13.21 -11.03
CA THR N 101 14.33 12.59 -10.99
C THR N 101 14.21 11.72 -9.73
N PHE N 102 13.25 12.06 -8.87
CA PHE N 102 13.04 11.37 -7.59
C PHE N 102 11.98 10.29 -7.70
N GLY N 103 12.20 9.18 -6.99
CA GLY N 103 11.14 8.22 -6.70
C GLY N 103 10.37 8.71 -5.49
N ARG N 104 9.18 8.15 -5.28
CA ARG N 104 8.29 8.58 -4.19
C ARG N 104 8.77 8.17 -2.79
N GLY N 105 9.74 7.28 -2.70
CA GLY N 105 10.37 6.92 -1.42
C GLY N 105 9.79 5.63 -0.86
N THR N 106 10.64 4.87 -0.16
CA THR N 106 10.26 3.61 0.49
C THR N 106 10.42 3.75 1.99
N SER N 107 9.34 3.53 2.72
CA SER N 107 9.36 3.59 4.18
C SER N 107 9.93 2.28 4.77
N LEU N 108 10.97 2.40 5.60
CA LEU N 108 11.59 1.26 6.29
C LEU N 108 11.36 1.39 7.79
N ILE N 109 10.91 0.31 8.41
CA ILE N 109 10.82 0.21 9.86
C ILE N 109 11.72 -0.94 10.29
N VAL N 110 12.62 -0.67 11.23
CA VAL N 110 13.49 -1.68 11.81
C VAL N 110 13.01 -1.94 13.25
N HIS N 111 12.39 -3.10 13.45
CA HIS N 111 11.82 -3.48 14.74
C HIS N 111 12.95 -3.89 15.69
N PRO N 112 12.93 -3.36 16.94
CA PRO N 112 14.00 -3.68 17.88
C PRO N 112 13.88 -5.11 18.45
N TYR N 113 15.01 -5.68 18.84
CA TYR N 113 15.06 -6.97 19.51
C TYR N 113 14.86 -6.76 21.02
N ILE N 114 13.70 -7.17 21.53
CA ILE N 114 13.42 -7.10 22.96
C ILE N 114 14.02 -8.37 23.59
N GLN N 115 14.96 -8.19 24.53
CA GLN N 115 15.66 -9.30 25.18
C GLN N 115 14.69 -10.10 26.07
N ASN N 116 14.10 -9.43 27.05
CA ASN N 116 13.21 -10.06 28.03
C ASN N 116 11.82 -9.40 27.95
N PRO N 117 10.97 -9.88 27.02
CA PRO N 117 9.59 -9.37 26.94
C PRO N 117 8.87 -9.44 28.28
N ASP N 118 8.22 -8.35 28.67
CA ASP N 118 7.47 -8.28 29.92
C ASP N 118 6.10 -7.59 29.68
N PRO N 119 5.32 -8.08 28.69
CA PRO N 119 4.08 -7.42 28.28
C PRO N 119 3.18 -7.04 29.45
N ALA N 120 2.76 -5.78 29.51
CA ALA N 120 1.96 -5.27 30.62
C ALA N 120 1.10 -4.07 30.19
N VAL N 121 -0.02 -3.87 30.88
CA VAL N 121 -0.97 -2.79 30.61
C VAL N 121 -1.22 -2.05 31.94
N TYR N 122 -0.65 -0.86 32.08
CA TYR N 122 -0.76 -0.07 33.30
C TYR N 122 -1.73 1.10 33.14
N GLN N 123 -2.22 1.63 34.26
CA GLN N 123 -3.05 2.84 34.28
C GLN N 123 -2.29 4.00 34.92
N LEU N 124 -2.30 5.17 34.27
CA LEU N 124 -1.62 6.38 34.73
C LEU N 124 -2.62 7.43 35.24
N SER N 133 -8.55 9.40 31.50
CA SER N 133 -7.51 8.50 31.96
C SER N 133 -6.73 7.91 30.78
N VAL N 134 -5.48 7.52 31.05
CA VAL N 134 -4.55 7.01 30.03
C VAL N 134 -4.01 5.64 30.41
N CYS N 135 -4.07 4.69 29.47
CA CYS N 135 -3.53 3.33 29.66
C CYS N 135 -2.30 3.11 28.78
N LEU N 136 -1.26 2.51 29.37
CA LEU N 136 0.01 2.30 28.70
C LEU N 136 0.26 0.80 28.50
N PHE N 137 0.22 0.35 27.24
CA PHE N 137 0.61 -1.01 26.87
C PHE N 137 2.10 -1.00 26.52
N THR N 138 2.93 -1.64 27.36
CA THR N 138 4.39 -1.49 27.26
C THR N 138 5.17 -2.79 27.47
N ASP N 139 6.46 -2.73 27.18
CA ASP N 139 7.42 -3.83 27.31
C ASP N 139 7.13 -5.06 26.44
N PHE N 140 6.29 -4.90 25.42
CA PHE N 140 5.85 -6.04 24.62
C PHE N 140 6.86 -6.38 23.53
N ASP N 141 6.67 -7.57 22.98
CA ASP N 141 7.53 -8.13 21.93
C ASP N 141 7.30 -7.39 20.61
N SER N 142 8.34 -7.30 19.77
CA SER N 142 8.24 -6.57 18.49
C SER N 142 7.32 -7.22 17.44
N GLN N 143 6.99 -8.50 17.62
CA GLN N 143 6.07 -9.21 16.74
C GLN N 143 4.59 -8.93 17.06
N THR N 144 4.34 -8.26 18.19
CA THR N 144 3.01 -7.75 18.55
C THR N 144 2.66 -6.51 17.73
N ASN N 145 1.56 -6.56 16.99
CA ASN N 145 1.04 -5.43 16.20
C ASN N 145 -0.13 -4.79 16.94
N VAL N 146 0.00 -3.53 17.32
CA VAL N 146 -1.07 -2.79 17.98
C VAL N 146 -2.04 -2.32 16.91
N SER N 147 -3.34 -2.53 17.13
CA SER N 147 -4.38 -2.15 16.17
C SER N 147 -5.13 -0.91 16.64
N GLN N 148 -5.70 -0.20 15.67
CA GLN N 148 -6.50 0.99 15.97
C GLN N 148 -7.83 0.59 16.61
N SER N 149 -8.46 1.55 17.28
CA SER N 149 -9.66 1.29 18.07
C SER N 149 -10.89 0.94 17.21
N LYS N 150 -11.77 0.13 17.79
CA LYS N 150 -13.09 -0.11 17.22
C LYS N 150 -13.92 1.15 17.42
N ASP N 151 -14.05 1.57 18.67
CA ASP N 151 -14.80 2.78 19.04
C ASP N 151 -14.03 4.04 18.61
N SER N 152 -14.76 5.08 18.23
CA SER N 152 -14.18 6.34 17.75
C SER N 152 -13.82 7.31 18.88
N ASP N 153 -14.52 7.21 20.02
CA ASP N 153 -14.17 7.98 21.23
C ASP N 153 -12.94 7.45 21.99
N VAL N 154 -12.44 6.26 21.61
CA VAL N 154 -11.19 5.70 22.13
C VAL N 154 -10.08 5.94 21.11
N TYR N 155 -8.98 6.54 21.55
CA TYR N 155 -7.83 6.83 20.68
C TYR N 155 -6.68 5.94 21.07
N ILE N 156 -6.03 5.32 20.08
CA ILE N 156 -4.90 4.42 20.33
C ILE N 156 -3.76 4.78 19.38
N THR N 157 -2.60 5.10 19.95
CA THR N 157 -1.41 5.41 19.15
C THR N 157 -0.74 4.11 18.71
N ASP N 158 0.04 4.20 17.65
CA ASP N 158 0.81 3.04 17.17
C ASP N 158 2.00 2.81 18.11
N LYS N 159 2.59 1.63 18.03
CA LYS N 159 3.75 1.29 18.86
C LYS N 159 4.92 2.21 18.57
N CYS N 160 5.66 2.52 19.63
CA CYS N 160 6.73 3.50 19.62
C CYS N 160 7.95 2.95 20.37
N VAL N 161 9.12 3.05 19.74
CA VAL N 161 10.38 2.47 20.24
C VAL N 161 11.22 3.53 20.97
N LEU N 162 11.39 3.37 22.29
CA LEU N 162 12.29 4.23 23.08
C LEU N 162 13.58 3.48 23.43
N ASP N 163 14.65 4.25 23.66
CA ASP N 163 16.00 3.72 23.83
C ASP N 163 16.71 4.42 24.99
N MET N 164 16.79 3.73 26.14
CA MET N 164 17.46 4.25 27.33
C MET N 164 18.98 4.05 27.21
N MET N 167 21.63 2.34 29.79
CA MET N 167 21.35 0.96 30.21
C MET N 167 21.22 -0.04 29.05
N ASP N 168 21.33 0.42 27.80
CA ASP N 168 21.27 -0.44 26.60
C ASP N 168 19.94 -1.22 26.50
N PHE N 169 18.84 -0.57 26.86
CA PHE N 169 17.52 -1.18 26.98
C PHE N 169 16.51 -0.52 26.05
N LYS N 170 16.09 -1.25 25.02
CA LYS N 170 15.02 -0.80 24.12
C LYS N 170 13.68 -1.23 24.74
N SER N 171 12.60 -0.58 24.29
CA SER N 171 11.27 -0.84 24.82
C SER N 171 10.18 -0.32 23.88
N ASN N 172 9.28 -1.22 23.49
CA ASN N 172 8.07 -0.82 22.76
C ASN N 172 7.03 -0.30 23.75
N SER N 173 6.18 0.61 23.27
CA SER N 173 5.08 1.15 24.07
C SER N 173 3.95 1.65 23.18
N ALA N 174 2.72 1.58 23.68
CA ALA N 174 1.55 2.13 23.00
C ALA N 174 0.62 2.75 24.03
N VAL N 175 0.05 3.90 23.70
CA VAL N 175 -0.80 4.66 24.61
C VAL N 175 -2.24 4.57 24.10
N ALA N 176 -3.19 4.62 25.02
CA ALA N 176 -4.60 4.72 24.67
C ALA N 176 -5.34 5.53 25.71
N TRP N 177 -6.37 6.27 25.27
CA TRP N 177 -7.16 7.09 26.18
C TRP N 177 -8.59 7.30 25.67
N SER N 178 -9.45 7.70 26.60
CA SER N 178 -10.83 8.04 26.30
C SER N 178 -11.43 8.77 27.49
N ASN N 179 -12.29 9.75 27.23
CA ASN N 179 -13.05 10.43 28.29
C ASN N 179 -14.29 9.66 28.77
N LYS N 180 -14.69 8.62 28.03
CA LYS N 180 -15.83 7.77 28.40
C LYS N 180 -15.59 6.98 29.69
N SER N 181 -16.59 6.95 30.58
CA SER N 181 -16.52 6.15 31.82
C SER N 181 -16.76 4.63 31.59
N ASP N 182 -17.13 4.25 30.36
CA ASP N 182 -17.14 2.84 29.93
C ASP N 182 -15.70 2.30 29.84
N PHE N 183 -14.79 3.16 29.39
CA PHE N 183 -13.39 2.80 29.09
C PHE N 183 -12.60 2.40 30.34
N ALA N 184 -11.97 1.23 30.26
CA ALA N 184 -11.03 0.75 31.29
C ALA N 184 -9.83 0.10 30.59
N CYS N 185 -8.72 -0.05 31.32
CA CYS N 185 -7.47 -0.55 30.72
C CYS N 185 -7.55 -2.01 30.25
N ALA N 186 -8.46 -2.80 30.85
CA ALA N 186 -8.77 -4.14 30.35
C ALA N 186 -9.41 -4.11 28.96
N ASN N 187 -10.29 -3.13 28.72
CA ASN N 187 -10.95 -2.98 27.41
C ASN N 187 -10.01 -2.45 26.32
N ALA N 188 -9.09 -1.57 26.70
CA ALA N 188 -8.32 -0.74 25.78
C ALA N 188 -7.89 -1.40 24.47
N PHE N 189 -7.24 -2.56 24.59
CA PHE N 189 -6.57 -3.20 23.45
C PHE N 189 -7.22 -4.52 22.99
N ASN N 190 -8.55 -4.64 23.18
CA ASN N 190 -9.29 -5.85 22.76
C ASN N 190 -9.20 -6.16 21.27
N ASN N 191 -9.13 -5.12 20.45
CA ASN N 191 -9.04 -5.27 18.99
C ASN N 191 -7.64 -5.73 18.55
N SER N 192 -6.62 -5.44 19.35
CA SER N 192 -5.27 -5.95 19.11
C SER N 192 -5.13 -7.40 19.59
N ILE N 193 -4.27 -8.16 18.91
CA ILE N 193 -3.90 -9.50 19.35
C ILE N 193 -2.75 -9.34 20.36
N ILE N 194 -3.12 -9.36 21.64
CA ILE N 194 -2.21 -9.13 22.77
C ILE N 194 -1.53 -10.48 23.09
N PRO N 195 -0.34 -10.48 23.71
CA PRO N 195 0.21 -11.74 24.24
C PRO N 195 -0.67 -12.36 25.33
N GLU N 196 -0.71 -13.69 25.38
CA GLU N 196 -1.58 -14.42 26.31
C GLU N 196 -1.30 -14.11 27.80
N ASP N 197 -0.03 -14.06 28.16
CA ASP N 197 0.39 -13.85 29.57
C ASP N 197 0.74 -12.38 29.89
N THR N 198 -0.04 -11.45 29.34
CA THR N 198 0.14 -10.02 29.58
C THR N 198 -0.35 -9.67 30.99
N PHE N 199 0.44 -8.86 31.69
CA PHE N 199 0.17 -8.48 33.08
C PHE N 199 -0.92 -7.40 33.15
N PHE N 200 -1.97 -7.64 33.95
CA PHE N 200 -3.07 -6.70 34.17
C PHE N 200 -3.29 -6.49 35.67
N PRO N 201 -2.55 -5.56 36.31
CA PRO N 201 -2.71 -5.36 37.77
C PRO N 201 -4.04 -4.75 38.18
N GLY O 4 25.26 25.39 6.15
CA GLY O 4 24.37 24.67 5.19
C GLY O 4 23.27 25.56 4.64
N VAL O 5 22.19 24.94 4.19
CA VAL O 5 21.03 25.64 3.63
C VAL O 5 20.08 26.04 4.76
N THR O 6 19.80 27.33 4.88
CA THR O 6 18.81 27.83 5.85
C THR O 6 17.55 28.30 5.12
N GLN O 7 16.37 28.09 5.72
CA GLN O 7 15.14 28.67 5.20
C GLN O 7 14.20 29.14 6.33
N THR O 8 13.54 30.27 6.11
CA THR O 8 12.57 30.82 7.07
C THR O 8 11.26 31.22 6.36
N PRO O 9 10.12 31.19 7.06
CA PRO O 9 9.98 30.63 8.40
C PRO O 9 9.88 29.10 8.35
N LYS O 10 9.94 28.46 9.51
CA LYS O 10 9.81 26.99 9.59
C LYS O 10 8.36 26.53 9.62
N PHE O 11 7.48 27.33 10.23
CA PHE O 11 6.04 27.10 10.20
C PHE O 11 5.33 28.38 9.77
N GLN O 12 4.15 28.24 9.15
CA GLN O 12 3.35 29.40 8.74
C GLN O 12 1.89 29.01 8.53
N VAL O 13 0.98 29.86 9.03
CA VAL O 13 -0.44 29.80 8.71
C VAL O 13 -0.78 31.02 7.86
N LEU O 14 -1.52 30.81 6.78
CA LEU O 14 -2.05 31.89 5.94
C LEU O 14 -3.54 31.69 5.70
N LYS O 15 -4.25 32.79 5.45
CA LYS O 15 -5.62 32.74 4.95
C LYS O 15 -5.56 32.77 3.43
N THR O 16 -6.57 32.17 2.79
CA THR O 16 -6.67 32.13 1.34
C THR O 16 -6.60 33.54 0.77
N GLY O 17 -5.70 33.74 -0.20
CA GLY O 17 -5.53 35.04 -0.86
C GLY O 17 -4.32 35.84 -0.42
N GLN O 18 -3.75 35.54 0.75
CA GLN O 18 -2.57 36.26 1.25
C GLN O 18 -1.31 35.89 0.47
N SER O 19 -0.35 36.82 0.50
CA SER O 19 0.97 36.62 -0.09
C SER O 19 1.96 36.29 1.02
N MET O 20 3.03 35.61 0.62
CA MET O 20 4.15 35.34 1.52
C MET O 20 5.36 34.95 0.67
N THR O 21 6.54 35.18 1.23
CA THR O 21 7.81 34.81 0.61
C THR O 21 8.54 33.85 1.53
N LEU O 22 8.87 32.67 1.01
CA LEU O 22 9.72 31.72 1.74
C LEU O 22 11.17 32.01 1.40
N GLN O 23 11.97 32.35 2.41
CA GLN O 23 13.38 32.66 2.21
C GLN O 23 14.18 31.37 2.10
N CYS O 24 15.20 31.36 1.25
CA CYS O 24 16.18 30.28 1.22
C CYS O 24 17.56 30.84 0.92
N ALA O 25 18.52 30.61 1.80
CA ALA O 25 19.89 31.09 1.64
C ALA O 25 20.89 29.95 1.86
N GLN O 26 21.98 29.94 1.08
CA GLN O 26 23.07 28.98 1.25
C GLN O 26 24.42 29.68 1.13
N ASP O 27 25.39 29.22 1.92
CA ASP O 27 26.70 29.86 2.00
C ASP O 27 27.82 28.95 1.48
N MET O 28 27.47 28.05 0.56
CA MET O 28 28.38 27.03 0.05
C MET O 28 28.78 27.24 -1.41
N ASN O 29 28.38 28.38 -1.98
CA ASN O 29 28.60 28.70 -3.39
C ASN O 29 28.08 27.61 -4.35
N HIS O 30 26.93 27.03 -4.01
CA HIS O 30 26.23 26.13 -4.91
C HIS O 30 25.71 26.94 -6.09
N GLU O 31 25.85 26.40 -7.29
CA GLU O 31 25.30 27.02 -8.49
C GLU O 31 23.82 26.69 -8.61
N TYR O 32 23.49 25.41 -8.42
CA TYR O 32 22.11 24.90 -8.55
C TYR O 32 21.32 25.14 -7.27
N MET O 33 20.09 25.63 -7.42
CA MET O 33 19.15 25.82 -6.30
C MET O 33 17.75 25.49 -6.77
N SER O 34 16.98 24.79 -5.92
CA SER O 34 15.62 24.33 -6.27
C SER O 34 14.63 24.49 -5.13
N TRP O 35 13.34 24.44 -5.46
CA TRP O 35 12.25 24.43 -4.50
C TRP O 35 11.36 23.22 -4.75
N TYR O 36 11.24 22.37 -3.74
CA TYR O 36 10.37 21.20 -3.75
C TYR O 36 9.18 21.41 -2.80
N ARG O 37 8.04 20.82 -3.15
CA ARG O 37 6.98 20.59 -2.19
C ARG O 37 6.82 19.08 -1.97
N GLN O 38 6.52 18.68 -0.72
CA GLN O 38 6.33 17.26 -0.36
C GLN O 38 4.96 17.04 0.27
N ASP O 39 4.12 16.23 -0.37
CA ASP O 39 2.77 15.94 0.11
C ASP O 39 2.60 14.42 0.31
N PRO O 40 1.85 14.01 1.36
CA PRO O 40 1.68 12.59 1.77
C PRO O 40 1.73 11.54 0.65
N GLY O 41 0.87 11.66 -0.35
CA GLY O 41 0.76 10.66 -1.42
C GLY O 41 1.74 10.76 -2.58
N MET O 42 2.39 11.91 -2.75
CA MET O 42 3.00 12.27 -4.03
C MET O 42 4.54 12.50 -4.04
N GLY O 43 5.20 12.28 -2.90
CA GLY O 43 6.65 12.49 -2.79
C GLY O 43 7.09 13.91 -3.07
N LEU O 44 8.36 14.08 -3.41
CA LEU O 44 8.92 15.40 -3.76
C LEU O 44 8.54 15.77 -5.19
N ARG O 45 7.96 16.96 -5.36
CA ARG O 45 7.65 17.52 -6.68
C ARG O 45 8.33 18.87 -6.85
N LEU O 46 8.95 19.08 -8.01
CA LEU O 46 9.74 20.29 -8.28
C LEU O 46 8.86 21.46 -8.68
N ILE O 47 9.09 22.60 -8.02
CA ILE O 47 8.34 23.85 -8.30
C ILE O 47 9.12 24.73 -9.29
N HIS O 48 10.30 25.19 -8.89
CA HIS O 48 11.21 25.97 -9.73
C HIS O 48 12.66 25.57 -9.42
N TYR O 49 13.54 25.81 -10.37
CA TYR O 49 14.99 25.68 -10.14
C TYR O 49 15.76 26.79 -10.83
N SER O 50 17.05 26.87 -10.50
CA SER O 50 17.94 27.88 -11.03
C SER O 50 19.37 27.35 -11.05
N VAL O 51 19.97 27.27 -12.24
CA VAL O 51 21.37 26.84 -12.37
C VAL O 51 22.40 27.92 -12.04
N GLY O 52 21.94 29.14 -11.74
CA GLY O 52 22.85 30.24 -11.36
C GLY O 52 22.15 31.59 -11.38
N ALA O 53 22.87 32.61 -10.96
CA ALA O 53 22.35 33.99 -10.96
C ALA O 53 21.85 34.39 -12.35
N GLY O 54 20.69 35.02 -12.39
CA GLY O 54 20.11 35.56 -13.63
C GLY O 54 19.34 34.57 -14.50
N ILE O 55 19.04 33.40 -13.96
CA ILE O 55 18.19 32.43 -14.66
C ILE O 55 17.35 31.63 -13.65
N THR O 56 16.07 31.50 -13.96
CA THR O 56 15.17 30.60 -13.25
C THR O 56 14.40 29.81 -14.30
N ASP O 57 13.95 28.61 -13.91
CA ASP O 57 13.21 27.72 -14.81
C ASP O 57 12.07 27.03 -14.07
N LYS O 58 11.02 26.71 -14.82
CA LYS O 58 9.85 26.01 -14.27
C LYS O 58 10.15 24.53 -14.05
N GLY O 59 9.52 23.95 -13.03
CA GLY O 59 9.62 22.52 -12.71
C GLY O 59 8.33 21.79 -13.08
N GLU O 60 7.94 20.82 -12.27
CA GLU O 60 6.74 20.03 -12.52
C GLU O 60 5.46 20.78 -12.15
N VAL O 61 5.50 21.52 -11.03
CA VAL O 61 4.31 22.22 -10.50
C VAL O 61 4.60 23.72 -10.22
N PRO O 62 4.96 24.50 -11.26
CA PRO O 62 5.32 25.90 -11.08
C PRO O 62 4.15 26.86 -10.80
N ASN O 63 2.96 26.53 -11.30
CA ASN O 63 1.81 27.44 -11.25
C ASN O 63 1.46 27.90 -9.82
N GLY O 64 1.21 29.20 -9.67
CA GLY O 64 0.94 29.80 -8.37
C GLY O 64 2.16 30.29 -7.60
N TYR O 65 3.36 29.98 -8.08
CA TYR O 65 4.62 30.34 -7.42
C TYR O 65 5.52 31.17 -8.33
N ASN O 66 6.28 32.09 -7.72
CA ASN O 66 7.35 32.81 -8.41
C ASN O 66 8.68 32.64 -7.68
N VAL O 67 9.77 32.74 -8.43
CA VAL O 67 11.13 32.77 -7.88
C VAL O 67 11.98 33.85 -8.55
N SER O 68 13.07 34.21 -7.88
CA SER O 68 14.09 35.09 -8.45
C SER O 68 15.47 34.63 -7.98
N ARG O 69 16.46 34.76 -8.86
CA ARG O 69 17.86 34.49 -8.53
C ARG O 69 18.73 35.64 -9.04
N SER O 70 18.81 36.68 -8.22
CA SER O 70 19.69 37.83 -8.48
C SER O 70 21.05 37.72 -7.78
N THR O 71 21.21 36.73 -6.89
CA THR O 71 22.47 36.47 -6.17
C THR O 71 22.81 34.98 -6.17
N THR O 72 24.04 34.67 -5.81
CA THR O 72 24.50 33.29 -5.65
C THR O 72 23.79 32.59 -4.48
N GLU O 73 23.59 33.32 -3.39
CA GLU O 73 23.19 32.75 -2.10
C GLU O 73 21.68 32.51 -1.98
N ASP O 74 20.87 33.49 -2.38
CA ASP O 74 19.44 33.50 -2.05
C ASP O 74 18.54 33.07 -3.22
N PHE O 75 17.46 32.38 -2.92
CA PHE O 75 16.53 31.88 -3.93
C PHE O 75 15.09 31.88 -3.39
N PRO O 76 14.52 33.07 -3.11
CA PRO O 76 13.20 33.14 -2.46
C PRO O 76 12.03 32.62 -3.32
N LEU O 77 11.07 31.97 -2.66
CA LEU O 77 9.85 31.48 -3.30
C LEU O 77 8.69 32.36 -2.83
N ARG O 78 8.03 33.04 -3.78
CA ARG O 78 6.86 33.84 -3.47
C ARG O 78 5.59 33.07 -3.79
N LEU O 79 4.65 33.09 -2.85
CA LEU O 79 3.28 32.65 -3.09
C LEU O 79 2.47 33.89 -3.38
N LEU O 80 1.91 33.98 -4.59
CA LEU O 80 1.25 35.21 -5.04
C LEU O 80 -0.11 35.36 -4.37
N SER O 81 -0.93 34.31 -4.49
CA SER O 81 -2.27 34.26 -3.91
C SER O 81 -2.47 32.87 -3.29
N ALA O 82 -2.33 32.80 -1.96
CA ALA O 82 -2.34 31.51 -1.24
C ALA O 82 -3.65 30.73 -1.43
N ALA O 83 -3.54 29.46 -1.80
CA ALA O 83 -4.68 28.56 -2.00
C ALA O 83 -4.59 27.38 -1.02
N PRO O 84 -5.73 26.77 -0.62
CA PRO O 84 -5.68 25.59 0.25
C PRO O 84 -4.84 24.41 -0.24
N SER O 85 -4.79 24.21 -1.56
CA SER O 85 -3.98 23.14 -2.17
C SER O 85 -2.48 23.37 -2.10
N GLN O 86 -2.06 24.59 -1.74
CA GLN O 86 -0.65 24.90 -1.46
C GLN O 86 -0.22 24.57 -0.02
N THR O 87 -1.17 24.11 0.80
CA THR O 87 -0.84 23.51 2.10
C THR O 87 0.11 22.33 1.88
N SER O 88 1.34 22.47 2.37
CA SER O 88 2.37 21.46 2.17
C SER O 88 3.62 21.75 3.00
N VAL O 89 4.62 20.89 2.85
CA VAL O 89 5.95 21.09 3.40
C VAL O 89 6.85 21.47 2.23
N TYR O 90 7.55 22.59 2.36
CA TYR O 90 8.38 23.15 1.29
C TYR O 90 9.86 23.06 1.63
N PHE O 91 10.63 22.44 0.74
CA PHE O 91 12.06 22.25 0.93
C PHE O 91 12.85 23.00 -0.13
N CYS O 92 13.87 23.71 0.34
CA CYS O 92 14.86 24.31 -0.54
C CYS O 92 16.03 23.33 -0.67
N ALA O 93 16.50 23.11 -1.89
CA ALA O 93 17.58 22.16 -2.16
C ALA O 93 18.57 22.76 -3.15
N SER O 94 19.86 22.70 -2.79
CA SER O 94 20.94 23.26 -3.61
C SER O 94 22.09 22.27 -3.75
N SER O 95 22.87 22.42 -4.81
CA SER O 95 24.04 21.58 -5.06
C SER O 95 25.03 22.23 -6.02
N TYR O 96 26.21 21.62 -6.12
CA TYR O 96 27.17 21.92 -7.17
C TYR O 96 26.71 21.32 -8.51
N LEU O 97 27.54 21.43 -9.55
CA LEU O 97 27.19 20.94 -10.89
C LEU O 97 28.09 19.79 -11.38
N ASN O 98 28.77 19.11 -10.47
CA ASN O 98 29.43 17.83 -10.79
C ASN O 98 28.32 16.79 -11.06
N ARG O 99 28.64 15.78 -11.87
CA ARG O 99 27.72 14.66 -12.10
C ARG O 99 27.24 14.07 -10.77
N ASP O 100 28.17 13.89 -9.83
CA ASP O 100 27.93 13.20 -8.56
C ASP O 100 27.51 14.13 -7.40
N SER O 101 27.22 15.40 -7.70
CA SER O 101 26.75 16.35 -6.69
C SER O 101 25.36 15.98 -6.20
N ALA O 102 25.24 15.87 -4.88
CA ALA O 102 23.97 15.55 -4.24
C ALA O 102 23.34 16.82 -3.70
N LEU O 103 22.01 16.85 -3.67
CA LEU O 103 21.29 17.96 -3.09
C LEU O 103 21.51 18.04 -1.58
N ASP O 104 21.54 19.26 -1.07
CA ASP O 104 21.63 19.54 0.35
C ASP O 104 20.33 20.27 0.70
N PHE O 105 19.51 19.67 1.55
CA PHE O 105 18.16 20.20 1.84
C PHE O 105 18.14 21.08 3.08
N GLY O 106 17.31 22.13 3.01
CA GLY O 106 17.06 23.00 4.16
C GLY O 106 16.13 22.31 5.15
N PRO O 107 15.99 22.89 6.36
CA PRO O 107 15.16 22.31 7.43
C PRO O 107 13.68 22.15 7.04
N GLY O 108 13.19 23.06 6.20
CA GLY O 108 11.86 22.91 5.61
C GLY O 108 10.86 23.89 6.20
N THR O 109 9.76 24.07 5.48
CA THR O 109 8.75 25.05 5.85
C THR O 109 7.38 24.40 5.76
N ARG O 110 6.73 24.25 6.90
CA ARG O 110 5.39 23.65 6.93
C ARG O 110 4.40 24.80 6.75
N LEU O 111 3.65 24.78 5.64
CA LEU O 111 2.69 25.84 5.35
C LEU O 111 1.30 25.24 5.35
N THR O 112 0.38 25.91 6.05
CA THR O 112 -1.04 25.57 6.04
C THR O 112 -1.84 26.77 5.58
N VAL O 113 -2.59 26.62 4.49
CA VAL O 113 -3.46 27.66 3.97
C VAL O 113 -4.91 27.28 4.28
N LEU O 114 -5.60 28.14 5.04
CA LEU O 114 -7.00 27.91 5.42
C LEU O 114 -7.94 28.91 4.76
N GLU O 115 -9.19 28.50 4.56
CA GLU O 115 -10.26 29.39 4.12
C GLU O 115 -10.61 30.42 5.20
N ASP O 116 -10.71 29.92 6.42
CA ASP O 116 -11.08 30.71 7.59
C ASP O 116 -10.17 30.31 8.74
N LEU O 117 -9.71 31.30 9.51
CA LEU O 117 -8.81 31.05 10.64
C LEU O 117 -9.50 30.59 11.94
N LYS O 118 -10.84 30.46 11.93
CA LYS O 118 -11.59 29.90 13.06
C LYS O 118 -11.28 28.43 13.42
N ASN O 119 -10.69 27.67 12.51
CA ASN O 119 -10.24 26.30 12.80
C ASN O 119 -8.91 26.21 13.57
N VAL O 120 -8.18 27.33 13.70
CA VAL O 120 -6.88 27.31 14.39
C VAL O 120 -7.11 27.26 15.91
N PHE O 121 -6.59 26.21 16.55
CA PHE O 121 -6.67 26.04 18.00
C PHE O 121 -5.29 25.65 18.54
N PRO O 122 -4.90 26.15 19.73
CA PRO O 122 -3.66 25.68 20.35
C PRO O 122 -3.90 24.34 21.07
N PRO O 123 -2.83 23.66 21.52
CA PRO O 123 -3.01 22.40 22.25
C PRO O 123 -3.31 22.60 23.72
N GLU O 124 -4.16 21.73 24.27
CA GLU O 124 -4.21 21.47 25.70
C GLU O 124 -3.15 20.41 25.97
N VAL O 125 -2.35 20.62 27.00
CA VAL O 125 -1.26 19.71 27.35
C VAL O 125 -1.46 19.16 28.75
N ALA O 126 -1.24 17.86 28.91
CA ALA O 126 -1.37 17.18 30.21
C ALA O 126 -0.30 16.11 30.35
N VAL O 127 0.32 16.06 31.54
CA VAL O 127 1.27 15.01 31.92
C VAL O 127 0.53 14.03 32.83
N PHE O 128 0.67 12.74 32.55
CA PHE O 128 0.11 11.67 33.36
C PHE O 128 1.25 10.92 34.04
N GLU O 129 1.18 10.79 35.36
CA GLU O 129 2.29 10.24 36.16
C GLU O 129 2.33 8.70 36.09
N PRO O 130 3.53 8.10 36.33
CA PRO O 130 3.71 6.65 36.19
C PRO O 130 2.86 5.78 37.12
N SER O 131 2.63 4.54 36.71
CA SER O 131 1.87 3.57 37.48
C SER O 131 2.71 3.01 38.63
N GLU O 132 2.10 2.86 39.80
CA GLU O 132 2.72 2.18 40.95
C GLU O 132 3.08 0.73 40.61
N ALA O 133 2.21 0.07 39.85
CA ALA O 133 2.42 -1.31 39.40
C ALA O 133 3.64 -1.46 38.47
N GLU O 134 3.83 -0.50 37.56
CA GLU O 134 5.01 -0.49 36.68
C GLU O 134 6.31 -0.42 37.48
N ILE O 135 6.32 0.44 38.50
CA ILE O 135 7.51 0.68 39.33
C ILE O 135 7.99 -0.59 40.02
N SER O 136 7.09 -1.30 40.69
CA SER O 136 7.44 -2.55 41.38
C SER O 136 7.76 -3.69 40.40
N HIS O 137 7.03 -3.75 39.28
CA HIS O 137 7.17 -4.84 38.29
C HIS O 137 8.43 -4.74 37.42
N THR O 138 8.84 -3.52 37.05
CA THR O 138 9.98 -3.32 36.14
C THR O 138 11.14 -2.46 36.68
N GLN O 139 10.98 -1.86 37.86
CA GLN O 139 11.91 -0.83 38.38
C GLN O 139 12.14 0.32 37.39
N LYS O 140 11.03 0.78 36.80
CA LYS O 140 11.02 1.88 35.84
C LYS O 140 9.72 2.69 35.97
N ALA O 141 9.76 3.91 35.44
CA ALA O 141 8.64 4.86 35.57
C ALA O 141 8.42 5.58 34.24
N THR O 142 7.28 5.32 33.60
CA THR O 142 6.91 5.95 32.33
C THR O 142 5.88 7.06 32.57
N LEU O 143 6.29 8.29 32.25
CA LEU O 143 5.38 9.44 32.16
C LEU O 143 4.90 9.51 30.73
N VAL O 144 3.60 9.74 30.52
CA VAL O 144 3.09 10.06 29.18
C VAL O 144 2.53 11.48 29.16
N CYS O 145 2.77 12.17 28.04
CA CYS O 145 2.26 13.51 27.82
C CYS O 145 1.29 13.46 26.65
N LEU O 146 0.11 14.05 26.83
CA LEU O 146 -0.87 14.19 25.75
C LEU O 146 -1.02 15.66 25.37
N ALA O 147 -0.86 15.94 24.07
CA ALA O 147 -1.13 17.24 23.49
C ALA O 147 -2.37 17.08 22.62
N THR O 148 -3.48 17.72 23.00
CA THR O 148 -4.80 17.44 22.41
C THR O 148 -5.51 18.68 21.90
N GLY O 149 -6.30 18.48 20.84
CA GLY O 149 -7.21 19.51 20.33
C GLY O 149 -6.58 20.67 19.57
N PHE O 150 -5.43 20.43 18.94
CA PHE O 150 -4.69 21.51 18.24
C PHE O 150 -4.86 21.41 16.73
N TYR O 151 -4.78 22.57 16.08
CA TYR O 151 -4.87 22.66 14.62
C TYR O 151 -4.26 23.98 14.19
N PRO O 152 -3.44 24.02 13.13
CA PRO O 152 -3.00 22.87 12.32
C PRO O 152 -1.92 22.03 12.98
N ASP O 153 -1.43 21.01 12.26
CA ASP O 153 -0.40 20.07 12.79
C ASP O 153 0.98 20.72 12.87
N HIS O 154 1.11 21.78 13.66
CA HIS O 154 2.32 22.60 13.73
C HIS O 154 2.78 22.60 15.20
N VAL O 155 3.41 21.52 15.61
CA VAL O 155 3.84 21.33 17.00
C VAL O 155 5.24 20.74 17.11
N GLU O 156 5.97 21.14 18.14
CA GLU O 156 7.24 20.54 18.53
C GLU O 156 7.19 20.19 20.02
N LEU O 157 7.13 18.89 20.33
CA LEU O 157 7.06 18.40 21.71
C LEU O 157 8.47 18.13 22.24
N SER O 158 8.72 18.52 23.49
CA SER O 158 10.00 18.25 24.15
C SER O 158 9.81 18.01 25.65
N TRP O 159 10.61 17.11 26.21
CA TRP O 159 10.62 16.84 27.65
C TRP O 159 11.78 17.57 28.32
N TRP O 160 11.53 18.17 29.47
CA TRP O 160 12.52 18.95 30.21
C TRP O 160 12.63 18.47 31.65
N VAL O 161 13.83 18.05 32.04
CA VAL O 161 14.11 17.50 33.37
C VAL O 161 15.03 18.45 34.13
N ASN O 162 14.53 19.02 35.23
CA ASN O 162 15.27 19.99 36.06
C ASN O 162 15.81 21.18 35.26
N GLY O 163 15.02 21.67 34.31
CA GLY O 163 15.40 22.78 33.44
C GLY O 163 16.24 22.46 32.21
N LYS O 164 16.69 21.20 32.07
CA LYS O 164 17.49 20.77 30.92
C LYS O 164 16.67 19.83 30.04
N GLU O 165 16.73 20.05 28.73
CA GLU O 165 16.03 19.22 27.76
C GLU O 165 16.65 17.83 27.70
N VAL O 166 15.81 16.79 27.61
CA VAL O 166 16.27 15.40 27.56
C VAL O 166 15.80 14.69 26.29
N HIS O 167 16.68 13.87 25.70
CA HIS O 167 16.35 12.99 24.58
C HIS O 167 16.44 11.49 24.94
N SER O 168 17.26 11.14 25.94
CA SER O 168 17.38 9.76 26.39
C SER O 168 16.07 9.31 27.06
N GLY O 169 15.56 8.17 26.63
CA GLY O 169 14.32 7.62 27.18
C GLY O 169 13.07 8.39 26.78
N VAL O 170 13.04 8.88 25.54
CA VAL O 170 11.90 9.66 25.04
C VAL O 170 11.37 9.01 23.76
N CYS O 171 10.05 8.84 23.68
CA CYS O 171 9.38 8.47 22.44
C CYS O 171 8.26 9.48 22.19
N THR O 172 8.24 10.07 21.00
CA THR O 172 7.14 10.90 20.55
C THR O 172 6.60 10.31 19.26
N ASP O 173 5.28 10.38 19.07
CA ASP O 173 4.63 9.81 17.88
C ASP O 173 5.15 10.52 16.63
N PRO O 174 5.41 9.77 15.54
CA PRO O 174 5.87 10.42 14.30
C PRO O 174 4.83 11.34 13.67
N GLN O 175 3.57 10.89 13.62
CA GLN O 175 2.43 11.74 13.23
C GLN O 175 1.40 11.79 14.36
N PRO O 176 0.60 12.86 14.42
CA PRO O 176 -0.53 12.90 15.37
C PRO O 176 -1.74 12.10 14.87
N LEU O 177 -2.70 11.91 15.77
CA LEU O 177 -3.99 11.31 15.44
C LEU O 177 -5.02 12.40 15.17
N LYS O 178 -5.90 12.17 14.20
CA LYS O 178 -7.07 13.02 13.99
C LYS O 178 -8.13 12.64 15.01
N GLU O 179 -8.60 13.63 15.77
CA GLU O 179 -9.63 13.41 16.79
C GLU O 179 -11.00 13.11 16.16
N GLN O 180 -11.30 13.76 15.04
CA GLN O 180 -12.50 13.48 14.24
C GLN O 180 -12.04 13.08 12.82
N PRO O 181 -11.66 11.80 12.62
CA PRO O 181 -11.05 11.40 11.33
C PRO O 181 -11.92 11.62 10.07
N ALA O 182 -13.25 11.61 10.23
CA ALA O 182 -14.20 11.88 9.14
C ALA O 182 -14.16 13.33 8.67
N LEU O 183 -14.21 14.27 9.63
CA LEU O 183 -14.19 15.71 9.35
C LEU O 183 -12.91 16.15 8.63
N ASN O 184 -13.06 17.09 7.71
CA ASN O 184 -11.96 17.52 6.83
C ASN O 184 -10.92 18.35 7.58
N ASP O 185 -11.39 19.33 8.34
CA ASP O 185 -10.53 20.23 9.11
C ASP O 185 -10.52 19.81 10.58
N SER O 186 -10.04 18.58 10.80
CA SER O 186 -10.07 17.94 12.12
C SER O 186 -8.90 18.36 13.00
N ARG O 187 -9.19 18.57 14.28
CA ARG O 187 -8.17 18.92 15.27
C ARG O 187 -7.37 17.67 15.63
N TYR O 188 -6.11 17.88 16.03
CA TYR O 188 -5.15 16.78 16.22
C TYR O 188 -4.87 16.47 17.69
N ALA O 189 -4.37 15.25 17.91
CA ALA O 189 -3.83 14.83 19.20
C ALA O 189 -2.46 14.17 18.99
N LEU O 190 -1.56 14.39 19.93
CA LEU O 190 -0.20 13.81 19.90
C LEU O 190 0.15 13.29 21.28
N SER O 191 0.91 12.20 21.34
CA SER O 191 1.40 11.66 22.62
C SER O 191 2.91 11.50 22.62
N SER O 192 3.48 11.53 23.82
CA SER O 192 4.90 11.27 24.02
C SER O 192 5.15 10.57 25.36
N ARG O 193 6.17 9.73 25.40
CA ARG O 193 6.58 9.00 26.61
C ARG O 193 7.95 9.50 27.05
N LEU O 194 8.13 9.60 28.38
CA LEU O 194 9.44 9.77 28.99
C LEU O 194 9.63 8.64 29.99
N ARG O 195 10.57 7.74 29.70
CA ARG O 195 10.87 6.64 30.61
C ARG O 195 12.18 6.87 31.34
N VAL O 196 12.12 6.73 32.66
CA VAL O 196 13.29 6.78 33.54
C VAL O 196 13.14 5.66 34.56
N SER O 197 14.22 5.39 35.29
CA SER O 197 14.19 4.39 36.35
C SER O 197 13.34 4.89 37.52
N ALA O 198 12.91 3.96 38.36
CA ALA O 198 12.11 4.30 39.54
C ALA O 198 12.90 5.17 40.52
N THR O 199 14.21 4.92 40.63
CA THR O 199 15.12 5.76 41.40
C THR O 199 15.04 7.24 41.07
N PHE O 200 14.94 7.56 39.78
CA PHE O 200 14.88 8.95 39.34
C PHE O 200 13.48 9.56 39.57
N TRP O 201 12.42 8.80 39.26
CA TRP O 201 11.05 9.27 39.45
C TRP O 201 10.70 9.50 40.92
N GLN O 202 10.96 8.50 41.77
CA GLN O 202 10.55 8.56 43.18
C GLN O 202 11.29 9.59 44.04
N ASP O 203 12.45 10.07 43.56
CA ASP O 203 13.14 11.20 44.19
C ASP O 203 12.32 12.49 44.00
N PRO O 204 11.77 13.07 45.10
CA PRO O 204 10.91 14.25 44.96
C PRO O 204 11.61 15.58 44.60
N ARG O 205 12.94 15.58 44.60
CA ARG O 205 13.73 16.71 44.09
C ARG O 205 13.60 16.91 42.57
N ASN O 206 13.42 15.81 41.83
CA ASN O 206 13.34 15.87 40.37
C ASN O 206 12.00 16.42 39.86
N HIS O 207 12.09 17.23 38.79
CA HIS O 207 10.96 18.00 38.24
C HIS O 207 10.89 17.77 36.72
N PHE O 208 9.73 17.30 36.25
CA PHE O 208 9.53 16.87 34.86
C PHE O 208 8.50 17.77 34.17
N ARG O 209 8.87 18.33 33.02
CA ARG O 209 7.98 19.20 32.26
C ARG O 209 7.88 18.75 30.81
N CYS O 210 6.64 18.56 30.35
CA CYS O 210 6.35 18.32 28.93
C CYS O 210 5.98 19.64 28.28
N GLN O 211 6.72 20.03 27.24
CA GLN O 211 6.58 21.33 26.58
C GLN O 211 6.15 21.14 25.13
N VAL O 212 5.10 21.85 24.72
CA VAL O 212 4.64 21.83 23.33
C VAL O 212 4.66 23.25 22.75
N GLN O 213 5.61 23.50 21.84
CA GLN O 213 5.65 24.73 21.07
C GLN O 213 4.64 24.62 19.94
N PHE O 214 3.63 25.49 19.96
CA PHE O 214 2.61 25.55 18.92
C PHE O 214 2.87 26.75 18.02
N TYR O 215 2.76 26.55 16.71
CA TYR O 215 2.88 27.61 15.71
C TYR O 215 1.51 27.86 15.08
N GLY O 216 0.98 29.05 15.30
CA GLY O 216 -0.31 29.43 14.74
C GLY O 216 -0.27 30.86 14.20
N LEU O 217 -1.21 31.69 14.65
CA LEU O 217 -1.32 33.07 14.20
C LEU O 217 -0.23 33.97 14.82
N SER O 218 -0.04 35.13 14.22
CA SER O 218 0.84 36.18 14.76
C SER O 218 -0.01 37.37 15.19
N GLU O 219 0.65 38.44 15.66
CA GLU O 219 -0.03 39.72 15.91
C GLU O 219 -0.53 40.37 14.60
N ASN O 220 0.14 40.08 13.47
CA ASN O 220 -0.24 40.59 12.14
C ASN O 220 -1.71 40.26 11.78
N ASP O 221 -2.13 39.03 12.07
CA ASP O 221 -3.45 38.53 11.65
C ASP O 221 -4.58 39.12 12.51
N GLU O 222 -5.78 39.16 11.93
CA GLU O 222 -6.97 39.63 12.64
C GLU O 222 -7.72 38.52 13.34
N TRP O 223 -8.49 38.90 14.37
CA TRP O 223 -9.23 37.97 15.20
C TRP O 223 -10.48 38.63 15.76
N THR O 224 -11.65 38.10 15.38
CA THR O 224 -12.94 38.63 15.85
C THR O 224 -13.71 37.70 16.82
N GLN O 225 -13.16 36.51 17.09
CA GLN O 225 -13.85 35.52 17.94
C GLN O 225 -13.76 35.87 19.42
N ASP O 226 -14.65 35.25 20.19
CA ASP O 226 -14.72 35.45 21.65
C ASP O 226 -13.54 34.82 22.38
N ARG O 227 -13.11 33.64 21.92
CA ARG O 227 -11.95 32.97 22.51
C ARG O 227 -10.65 33.72 22.22
N ALA O 228 -9.64 33.43 23.03
CA ALA O 228 -8.34 34.10 22.91
C ALA O 228 -7.72 33.77 21.56
N LYS O 229 -7.01 34.74 21.00
CA LYS O 229 -6.35 34.59 19.70
C LYS O 229 -5.35 33.44 19.77
N PRO O 230 -5.50 32.42 18.90
CA PRO O 230 -4.61 31.25 18.93
C PRO O 230 -3.26 31.56 18.30
N VAL O 231 -2.47 32.32 19.06
CA VAL O 231 -1.16 32.78 18.62
C VAL O 231 -0.14 31.65 18.74
N THR O 232 1.04 31.89 18.17
CA THR O 232 2.21 31.05 18.42
C THR O 232 2.51 31.12 19.92
N GLN O 233 2.72 29.95 20.54
CA GLN O 233 2.85 29.86 22.00
C GLN O 233 3.42 28.53 22.47
N ILE O 234 3.99 28.55 23.67
CA ILE O 234 4.52 27.36 24.34
C ILE O 234 3.53 26.96 25.43
N VAL O 235 3.01 25.74 25.34
CA VAL O 235 2.08 25.21 26.35
C VAL O 235 2.76 24.06 27.09
N SER O 236 2.89 24.19 28.41
CA SER O 236 3.60 23.20 29.24
C SER O 236 2.69 22.54 30.26
N ALA O 237 3.00 21.29 30.57
CA ALA O 237 2.43 20.57 31.71
C ALA O 237 3.57 20.03 32.56
N GLU O 238 3.35 19.96 33.87
CA GLU O 238 4.40 19.76 34.87
C GLU O 238 4.15 18.54 35.76
N ALA O 239 5.23 18.03 36.38
CA ALA O 239 5.14 16.96 37.38
C ALA O 239 6.38 16.93 38.29
N TRP O 240 6.18 16.56 39.56
CA TRP O 240 7.28 16.48 40.54
C TRP O 240 7.56 15.04 40.95
N GLY P 2 -29.24 37.79 -42.82
CA GLY P 2 -29.32 37.90 -41.34
C GLY P 2 -28.65 39.16 -40.82
N SER P 3 -29.26 39.77 -39.81
CA SER P 3 -28.74 41.00 -39.19
C SER P 3 -27.54 40.66 -38.30
N HIS P 4 -26.50 41.51 -38.33
CA HIS P 4 -25.29 41.32 -37.51
C HIS P 4 -24.84 42.61 -36.83
N SER P 5 -23.97 42.46 -35.83
CA SER P 5 -23.49 43.59 -35.03
C SER P 5 -22.08 43.35 -34.47
N MET P 6 -21.38 44.45 -34.17
CA MET P 6 -20.11 44.41 -33.44
C MET P 6 -20.19 45.45 -32.32
N ARG P 7 -19.85 45.04 -31.10
CA ARG P 7 -19.89 45.92 -29.94
C ARG P 7 -18.59 45.84 -29.18
N TYR P 8 -18.22 46.95 -28.55
CA TYR P 8 -17.12 46.99 -27.60
C TYR P 8 -17.65 47.52 -26.28
N PHE P 9 -17.17 46.95 -25.17
CA PHE P 9 -17.63 47.31 -23.83
C PHE P 9 -16.42 47.60 -22.96
N PHE P 10 -16.42 48.76 -22.33
CA PHE P 10 -15.29 49.25 -21.55
C PHE P 10 -15.75 49.55 -20.15
N THR P 11 -15.02 49.03 -19.17
CA THR P 11 -15.32 49.27 -17.77
C THR P 11 -14.07 49.84 -17.12
N SER P 12 -14.25 51.00 -16.47
CA SER P 12 -13.17 51.73 -15.86
C SER P 12 -13.57 52.01 -14.42
N VAL P 13 -12.77 51.55 -13.46
CA VAL P 13 -13.12 51.64 -12.05
C VAL P 13 -11.96 52.22 -11.25
N SER P 14 -12.24 53.23 -10.43
CA SER P 14 -11.22 53.85 -9.60
C SER P 14 -10.98 53.03 -8.34
N ARG P 15 -9.73 53.09 -7.85
CA ARG P 15 -9.30 52.33 -6.68
C ARG P 15 -8.52 53.24 -5.72
N PRO P 16 -9.23 54.03 -4.89
CA PRO P 16 -8.66 54.96 -3.91
C PRO P 16 -7.64 54.33 -2.96
N GLY P 17 -6.48 54.98 -2.81
CA GLY P 17 -5.40 54.46 -1.97
C GLY P 17 -4.84 53.10 -2.39
N ARG P 18 -5.11 52.69 -3.63
CA ARG P 18 -4.53 51.47 -4.24
C ARG P 18 -3.95 51.79 -5.63
N GLY P 19 -3.63 53.07 -5.87
CA GLY P 19 -3.03 53.50 -7.13
C GLY P 19 -3.90 53.32 -8.37
N GLU P 20 -3.31 52.74 -9.42
CA GLU P 20 -3.88 52.60 -10.76
C GLU P 20 -5.35 52.15 -10.77
N PRO P 21 -6.21 52.79 -11.59
CA PRO P 21 -7.58 52.30 -11.73
C PRO P 21 -7.65 51.04 -12.58
N ARG P 22 -8.75 50.30 -12.41
CA ARG P 22 -8.96 49.05 -13.14
C ARG P 22 -9.55 49.38 -14.48
N PHE P 23 -9.05 48.74 -15.53
CA PHE P 23 -9.60 48.91 -16.87
C PHE P 23 -9.79 47.56 -17.54
N ILE P 24 -11.02 47.29 -17.97
CA ILE P 24 -11.37 46.04 -18.64
C ILE P 24 -12.10 46.39 -19.93
N ALA P 25 -11.72 45.73 -21.01
CA ALA P 25 -12.35 45.96 -22.31
C ALA P 25 -12.61 44.64 -23.01
N VAL P 26 -13.79 44.52 -23.62
CA VAL P 26 -14.22 43.29 -24.27
C VAL P 26 -14.91 43.61 -25.59
N GLY P 27 -14.59 42.83 -26.63
CA GLY P 27 -15.20 42.97 -27.95
C GLY P 27 -16.04 41.77 -28.33
N TYR P 28 -17.25 42.03 -28.84
CA TYR P 28 -18.19 41.00 -29.29
C TYR P 28 -18.51 41.17 -30.77
N VAL P 29 -18.72 40.04 -31.46
CA VAL P 29 -19.44 40.02 -32.72
C VAL P 29 -20.71 39.19 -32.47
N ASP P 30 -21.87 39.83 -32.58
CA ASP P 30 -23.16 39.23 -32.21
C ASP P 30 -23.12 38.81 -30.73
N ASP P 31 -23.34 37.52 -30.40
CA ASP P 31 -23.25 37.04 -29.02
C ASP P 31 -21.93 36.29 -28.73
N THR P 32 -20.97 36.38 -29.65
CA THR P 32 -19.66 35.72 -29.51
C THR P 32 -18.58 36.75 -29.16
N GLN P 33 -18.00 36.63 -27.97
CA GLN P 33 -16.84 37.42 -27.57
C GLN P 33 -15.62 36.97 -28.38
N PHE P 34 -14.85 37.93 -28.87
CA PHE P 34 -13.65 37.64 -29.69
C PHE P 34 -12.32 38.27 -29.23
N VAL P 35 -12.37 39.35 -28.44
CA VAL P 35 -11.14 39.97 -27.89
C VAL P 35 -11.39 40.49 -26.50
N ARG P 36 -10.30 40.69 -25.76
CA ARG P 36 -10.37 41.33 -24.45
C ARG P 36 -9.06 42.02 -24.07
N PHE P 37 -9.17 42.99 -23.18
CA PHE P 37 -8.02 43.59 -22.51
C PHE P 37 -8.38 43.76 -21.04
N ASP P 38 -7.39 43.53 -20.18
CA ASP P 38 -7.54 43.69 -18.73
C ASP P 38 -6.25 44.35 -18.24
N SER P 39 -6.39 45.49 -17.56
CA SER P 39 -5.23 46.20 -17.02
C SER P 39 -4.50 45.40 -15.94
N ASP P 40 -5.23 44.54 -15.22
CA ASP P 40 -4.64 43.68 -14.18
C ASP P 40 -4.00 42.39 -14.70
N ALA P 41 -4.29 42.00 -15.94
CA ALA P 41 -3.66 40.81 -16.55
C ALA P 41 -2.16 41.01 -16.77
N ALA P 42 -1.45 39.90 -16.96
CA ALA P 42 0.01 39.91 -17.09
C ALA P 42 0.49 40.55 -18.39
N SER P 43 -0.16 40.22 -19.50
CA SER P 43 0.31 40.59 -20.85
C SER P 43 0.41 42.09 -21.15
N GLN P 44 -0.58 42.87 -20.71
CA GLN P 44 -0.75 44.27 -21.15
C GLN P 44 -0.96 44.38 -22.67
N ARG P 45 -1.66 43.40 -23.22
CA ARG P 45 -1.93 43.29 -24.66
C ARG P 45 -3.41 43.03 -24.84
N MET P 46 -3.94 43.42 -25.99
CA MET P 46 -5.26 42.95 -26.41
C MET P 46 -5.08 41.47 -26.77
N GLU P 47 -5.83 40.60 -26.09
CA GLU P 47 -5.69 39.15 -26.24
C GLU P 47 -6.86 38.57 -27.05
N PRO P 48 -6.62 37.46 -27.78
CA PRO P 48 -7.70 36.79 -28.49
C PRO P 48 -8.58 35.96 -27.55
N ARG P 49 -9.87 35.87 -27.87
CA ARG P 49 -10.84 35.08 -27.11
C ARG P 49 -11.73 34.25 -28.07
N ALA P 50 -11.16 33.84 -29.20
CA ALA P 50 -11.86 33.06 -30.21
C ALA P 50 -10.85 32.51 -31.22
N PRO P 51 -11.18 31.41 -31.92
CA PRO P 51 -10.22 30.83 -32.86
C PRO P 51 -9.99 31.68 -34.12
N TRP P 52 -11.08 32.15 -34.72
CA TRP P 52 -11.02 32.89 -36.00
C TRP P 52 -10.27 34.22 -35.97
N ILE P 53 -10.18 34.86 -34.80
CA ILE P 53 -9.41 36.12 -34.66
C ILE P 53 -7.89 35.89 -34.63
N GLU P 54 -7.46 34.71 -34.18
CA GLU P 54 -6.03 34.41 -34.03
C GLU P 54 -5.22 34.43 -35.33
N GLN P 55 -5.89 34.24 -36.47
CA GLN P 55 -5.23 34.36 -37.79
C GLN P 55 -4.84 35.79 -38.21
N GLU P 56 -5.27 36.82 -37.46
CA GLU P 56 -4.81 38.19 -37.67
C GLU P 56 -3.35 38.29 -37.22
N GLY P 57 -2.54 39.00 -38.01
CA GLY P 57 -1.10 39.06 -37.78
C GLY P 57 -0.66 40.01 -36.67
N PRO P 58 0.67 40.09 -36.39
CA PRO P 58 1.22 40.95 -35.34
C PRO P 58 0.85 42.42 -35.45
N GLU P 59 0.70 42.91 -36.68
CA GLU P 59 0.33 44.30 -36.95
C GLU P 59 -1.04 44.67 -36.37
N TYR P 60 -2.01 43.77 -36.51
CA TYR P 60 -3.33 43.92 -35.90
C TYR P 60 -3.25 44.04 -34.37
N TRP P 61 -2.49 43.15 -33.74
CA TRP P 61 -2.41 43.09 -32.28
C TRP P 61 -1.66 44.28 -31.68
N ASP P 62 -0.59 44.73 -32.32
CA ASP P 62 0.10 45.97 -31.89
C ASP P 62 -0.81 47.19 -32.01
N GLY P 63 -1.60 47.25 -33.08
CA GLY P 63 -2.52 48.35 -33.34
C GLY P 63 -3.65 48.43 -32.32
N GLU P 64 -4.29 47.30 -32.06
CA GLU P 64 -5.39 47.23 -31.08
C GLU P 64 -4.91 47.45 -29.65
N THR P 65 -3.75 46.89 -29.32
CA THR P 65 -3.13 47.09 -28.02
C THR P 65 -2.86 48.57 -27.78
N ARG P 66 -2.24 49.22 -28.76
CA ARG P 66 -1.97 50.66 -28.68
C ARG P 66 -3.27 51.46 -28.54
N LYS P 67 -4.29 51.10 -29.33
CA LYS P 67 -5.60 51.75 -29.24
C LYS P 67 -6.30 51.57 -27.90
N VAL P 68 -6.27 50.35 -27.35
CA VAL P 68 -6.93 50.08 -26.06
C VAL P 68 -6.18 50.75 -24.90
N LYS P 69 -4.85 50.76 -24.96
CA LYS P 69 -4.06 51.51 -23.97
C LYS P 69 -4.37 53.01 -24.01
N ALA P 70 -4.65 53.54 -25.20
CA ALA P 70 -5.10 54.93 -25.37
C ALA P 70 -6.50 55.17 -24.79
N HIS P 71 -7.39 54.18 -24.93
CA HIS P 71 -8.70 54.22 -24.27
C HIS P 71 -8.54 54.29 -22.75
N SER P 72 -7.64 53.48 -22.20
CA SER P 72 -7.47 53.42 -20.75
C SER P 72 -6.92 54.75 -20.19
N GLN P 73 -6.03 55.40 -20.95
CA GLN P 73 -5.49 56.70 -20.54
C GLN P 73 -6.55 57.80 -20.50
N THR P 74 -7.39 57.85 -21.55
CA THR P 74 -8.55 58.73 -21.58
C THR P 74 -9.47 58.50 -20.38
N HIS P 75 -9.75 57.23 -20.12
CA HIS P 75 -10.63 56.83 -19.02
C HIS P 75 -10.05 57.14 -17.64
N ARG P 76 -8.75 56.94 -17.48
CA ARG P 76 -8.03 57.32 -16.26
C ARG P 76 -8.21 58.80 -15.92
N VAL P 77 -8.12 59.67 -16.94
CA VAL P 77 -8.34 61.10 -16.77
C VAL P 77 -9.81 61.40 -16.48
N ASP P 78 -10.71 60.79 -17.27
CA ASP P 78 -12.17 60.98 -17.13
C ASP P 78 -12.67 60.77 -15.70
N LEU P 79 -12.16 59.74 -15.02
CA LEU P 79 -12.49 59.49 -13.61
C LEU P 79 -12.20 60.71 -12.73
N GLY P 80 -11.02 61.30 -12.91
CA GLY P 80 -10.64 62.51 -12.19
C GLY P 80 -11.49 63.73 -12.55
N THR P 81 -11.81 63.85 -13.83
CA THR P 81 -12.62 64.97 -14.32
C THR P 81 -14.06 64.88 -13.80
N LEU P 82 -14.65 63.69 -13.87
CA LEU P 82 -16.01 63.42 -13.38
C LEU P 82 -16.12 63.60 -11.86
N ARG P 83 -15.06 63.26 -11.15
CA ARG P 83 -14.96 63.52 -9.71
C ARG P 83 -15.10 65.02 -9.42
N GLY P 84 -14.42 65.84 -10.21
CA GLY P 84 -14.50 67.31 -10.12
C GLY P 84 -15.89 67.86 -10.41
N TYR P 85 -16.52 67.37 -11.47
CA TYR P 85 -17.85 67.84 -11.89
C TYR P 85 -18.91 67.65 -10.83
N TYR P 86 -18.94 66.45 -10.23
CA TYR P 86 -19.90 66.14 -9.16
C TYR P 86 -19.38 66.47 -7.75
N ASN P 87 -18.16 66.99 -7.64
CA ASN P 87 -17.54 67.39 -6.36
C ASN P 87 -17.53 66.26 -5.33
N GLN P 88 -17.04 65.10 -5.78
CA GLN P 88 -16.97 63.89 -4.95
C GLN P 88 -15.58 63.75 -4.33
N SER P 89 -15.51 62.97 -3.26
CA SER P 89 -14.29 62.75 -2.51
C SER P 89 -13.30 61.87 -3.28
N GLU P 90 -12.03 61.96 -2.91
CA GLU P 90 -10.98 61.10 -3.47
C GLU P 90 -11.06 59.66 -2.94
N ALA P 91 -11.63 59.49 -1.76
CA ALA P 91 -11.64 58.19 -1.05
C ALA P 91 -12.72 57.19 -1.51
N GLY P 92 -13.63 57.59 -2.39
CA GLY P 92 -14.70 56.71 -2.89
C GLY P 92 -14.40 56.16 -4.27
N SER P 93 -14.76 54.90 -4.49
CA SER P 93 -14.58 54.24 -5.78
C SER P 93 -15.75 54.56 -6.69
N HIS P 94 -15.45 54.91 -7.94
CA HIS P 94 -16.46 55.23 -8.95
C HIS P 94 -16.20 54.47 -10.24
N THR P 95 -17.26 54.28 -11.01
CA THR P 95 -17.23 53.45 -12.20
C THR P 95 -17.64 54.25 -13.41
N VAL P 96 -16.87 54.09 -14.49
CA VAL P 96 -17.22 54.64 -15.80
C VAL P 96 -17.37 53.46 -16.75
N GLN P 97 -18.38 53.54 -17.62
CA GLN P 97 -18.63 52.54 -18.63
C GLN P 97 -18.84 53.21 -19.99
N ARG P 98 -18.39 52.54 -21.04
CA ARG P 98 -18.57 53.01 -22.41
C ARG P 98 -18.89 51.81 -23.29
N MET P 99 -19.92 51.99 -24.13
CA MET P 99 -20.28 51.01 -25.15
C MET P 99 -20.35 51.73 -26.50
N TYR P 100 -19.71 51.15 -27.52
CA TYR P 100 -19.92 51.61 -28.90
C TYR P 100 -19.88 50.45 -29.89
N GLY P 101 -20.40 50.71 -31.08
CA GLY P 101 -20.48 49.68 -32.12
C GLY P 101 -21.45 50.01 -33.23
N CYS P 102 -21.60 49.06 -34.15
CA CYS P 102 -22.42 49.25 -35.34
C CYS P 102 -23.20 47.98 -35.70
N ASP P 103 -24.40 48.18 -36.25
CA ASP P 103 -25.22 47.09 -36.80
C ASP P 103 -25.10 47.07 -38.31
N VAL P 104 -25.34 45.90 -38.90
CA VAL P 104 -25.51 45.77 -40.36
C VAL P 104 -26.68 44.83 -40.67
N GLY P 105 -27.38 45.12 -41.76
CA GLY P 105 -28.54 44.32 -42.16
C GLY P 105 -28.14 43.05 -42.89
N SER P 106 -29.13 42.42 -43.54
CA SER P 106 -28.94 41.18 -44.31
C SER P 106 -27.91 41.33 -45.44
N ASP P 107 -27.90 42.50 -46.08
CA ASP P 107 -26.95 42.80 -47.16
C ASP P 107 -25.56 43.30 -46.70
N TRP P 108 -25.31 43.27 -45.38
CA TRP P 108 -24.03 43.71 -44.77
C TRP P 108 -23.72 45.21 -44.93
N ARG P 109 -24.75 46.01 -45.19
CA ARG P 109 -24.62 47.48 -45.25
C ARG P 109 -24.93 48.06 -43.88
N PHE P 110 -24.39 49.25 -43.61
CA PHE P 110 -24.62 49.97 -42.35
C PHE P 110 -26.11 50.15 -42.06
N LEU P 111 -26.50 49.88 -40.82
CA LEU P 111 -27.89 49.97 -40.37
C LEU P 111 -28.03 51.01 -39.26
N ARG P 112 -27.24 50.85 -38.20
CA ARG P 112 -27.26 51.75 -37.05
C ARG P 112 -25.90 51.75 -36.35
N GLY P 113 -25.65 52.82 -35.58
CA GLY P 113 -24.44 52.95 -34.78
C GLY P 113 -24.75 53.46 -33.39
N TYR P 114 -23.82 53.27 -32.48
CA TYR P 114 -24.03 53.52 -31.05
C TYR P 114 -22.76 54.07 -30.41
N HIS P 115 -22.93 55.05 -29.53
CA HIS P 115 -21.89 55.40 -28.57
C HIS P 115 -22.52 55.98 -27.31
N GLN P 116 -22.50 55.17 -26.24
CA GLN P 116 -23.07 55.53 -24.95
C GLN P 116 -21.99 55.55 -23.87
N TYR P 117 -22.23 56.36 -22.84
CA TYR P 117 -21.26 56.61 -21.78
C TYR P 117 -22.01 56.76 -20.46
N ALA P 118 -21.57 56.03 -19.44
CA ALA P 118 -22.22 56.06 -18.12
C ALA P 118 -21.23 56.38 -16.98
N TYR P 119 -21.76 56.99 -15.93
CA TYR P 119 -21.03 57.23 -14.69
C TYR P 119 -21.83 56.70 -13.51
N ASP P 120 -21.17 55.90 -12.67
CA ASP P 120 -21.79 55.23 -11.52
C ASP P 120 -23.15 54.59 -11.89
N GLY P 121 -23.13 53.80 -12.96
CA GLY P 121 -24.30 53.05 -13.43
C GLY P 121 -25.49 53.85 -13.95
N LYS P 122 -25.26 55.10 -14.34
CA LYS P 122 -26.33 55.97 -14.84
C LYS P 122 -25.88 56.59 -16.17
N ASP P 123 -26.83 56.77 -17.09
CA ASP P 123 -26.57 57.49 -18.33
C ASP P 123 -25.89 58.81 -18.04
N TYR P 124 -24.80 59.10 -18.76
CA TYR P 124 -24.11 60.38 -18.68
C TYR P 124 -24.32 61.14 -19.99
N ILE P 125 -23.80 60.58 -21.09
CA ILE P 125 -23.98 61.19 -22.41
C ILE P 125 -23.98 60.11 -23.50
N ALA P 126 -24.87 60.28 -24.48
CA ALA P 126 -25.05 59.31 -25.55
C ALA P 126 -25.23 59.99 -26.91
N LEU P 127 -24.77 59.32 -27.95
CA LEU P 127 -24.92 59.79 -29.32
C LEU P 127 -26.27 59.32 -29.84
N LYS P 128 -27.04 60.23 -30.46
CA LYS P 128 -28.35 59.88 -31.01
C LYS P 128 -28.22 59.06 -32.29
N GLU P 129 -29.33 58.50 -32.77
CA GLU P 129 -29.34 57.66 -33.98
C GLU P 129 -28.90 58.40 -35.25
N ASP P 130 -29.12 59.70 -35.32
CA ASP P 130 -28.59 60.54 -36.43
C ASP P 130 -27.06 60.60 -36.51
N LEU P 131 -26.40 60.33 -35.38
CA LEU P 131 -24.93 60.31 -35.23
C LEU P 131 -24.28 61.69 -35.37
N ARG P 132 -25.06 62.73 -35.10
CA ARG P 132 -24.64 64.13 -35.20
C ARG P 132 -24.95 64.95 -33.94
N SER P 133 -25.44 64.29 -32.89
CA SER P 133 -26.16 64.97 -31.83
C SER P 133 -26.07 64.16 -30.53
N TRP P 134 -26.11 64.87 -29.40
CA TRP P 134 -25.85 64.27 -28.10
C TRP P 134 -27.04 64.45 -27.15
N THR P 135 -27.37 63.38 -26.41
CA THR P 135 -28.28 63.46 -25.28
C THR P 135 -27.43 63.51 -24.01
N ALA P 136 -27.55 64.60 -23.26
CA ALA P 136 -26.90 64.74 -21.96
C ALA P 136 -27.92 64.48 -20.86
N ALA P 137 -27.56 63.65 -19.88
CA ALA P 137 -28.49 63.22 -18.83
C ALA P 137 -28.63 64.17 -17.64
N ASP P 138 -27.64 65.04 -17.41
CA ASP P 138 -27.69 66.05 -16.33
C ASP P 138 -26.80 67.28 -16.64
N MET P 139 -26.74 68.23 -15.70
CA MET P 139 -25.98 69.48 -15.89
C MET P 139 -24.49 69.25 -16.15
N ALA P 140 -23.91 68.25 -15.49
CA ALA P 140 -22.50 67.91 -15.69
C ALA P 140 -22.22 67.41 -17.11
N ALA P 141 -23.13 66.59 -17.65
CA ALA P 141 -22.97 66.06 -19.01
C ALA P 141 -23.21 67.10 -20.11
N GLN P 142 -23.92 68.19 -19.79
CA GLN P 142 -24.08 69.31 -20.72
C GLN P 142 -22.78 70.09 -20.91
N THR P 143 -21.93 70.13 -19.88
CA THR P 143 -20.57 70.66 -20.01
C THR P 143 -19.80 69.82 -21.05
N THR P 144 -19.87 68.50 -20.90
CA THR P 144 -19.27 67.55 -21.84
C THR P 144 -19.87 67.64 -23.24
N LYS P 145 -21.18 67.90 -23.32
CA LYS P 145 -21.88 68.11 -24.58
C LYS P 145 -21.25 69.28 -25.36
N HIS P 146 -21.19 70.45 -24.73
CA HIS P 146 -20.63 71.67 -25.36
C HIS P 146 -19.16 71.49 -25.73
N LYS P 147 -18.42 70.77 -24.90
CA LYS P 147 -17.02 70.46 -25.18
C LYS P 147 -16.86 69.52 -26.39
N TRP P 148 -17.74 68.55 -26.52
CA TRP P 148 -17.70 67.56 -27.62
C TRP P 148 -18.27 68.10 -28.93
N GLU P 149 -19.20 69.04 -28.84
CA GLU P 149 -19.68 69.80 -29.99
C GLU P 149 -18.57 70.68 -30.56
N ALA P 150 -17.82 71.33 -29.68
CA ALA P 150 -16.71 72.22 -30.07
C ALA P 150 -15.56 71.44 -30.72
N ALA P 151 -15.25 70.26 -30.20
CA ALA P 151 -14.18 69.41 -30.73
C ALA P 151 -14.63 68.44 -31.84
N HIS P 152 -15.86 68.60 -32.34
CA HIS P 152 -16.39 67.83 -33.47
C HIS P 152 -16.30 66.31 -33.28
N VAL P 153 -16.65 65.86 -32.08
CA VAL P 153 -16.52 64.45 -31.70
C VAL P 153 -17.49 63.58 -32.50
N ALA P 154 -18.74 64.02 -32.61
CA ALA P 154 -19.79 63.27 -33.32
C ALA P 154 -19.38 62.92 -34.74
N GLU P 155 -18.85 63.91 -35.45
CA GLU P 155 -18.32 63.76 -36.81
C GLU P 155 -17.25 62.66 -36.91
N GLN P 156 -16.32 62.65 -35.96
CA GLN P 156 -15.23 61.67 -35.92
C GLN P 156 -15.74 60.27 -35.59
N LEU P 157 -16.68 60.19 -34.66
CA LEU P 157 -17.35 58.91 -34.34
C LEU P 157 -18.16 58.40 -35.53
N ARG P 158 -18.92 59.29 -36.17
CA ARG P 158 -19.74 58.90 -37.31
C ARG P 158 -18.90 58.32 -38.46
N ALA P 159 -17.67 58.81 -38.60
CA ALA P 159 -16.73 58.29 -39.60
C ALA P 159 -16.32 56.86 -39.26
N TYR P 160 -15.99 56.61 -38.00
CA TYR P 160 -15.66 55.25 -37.52
C TYR P 160 -16.83 54.27 -37.63
N LEU P 161 -18.00 54.70 -37.15
CA LEU P 161 -19.19 53.84 -37.11
C LEU P 161 -19.71 53.45 -38.49
N GLU P 162 -19.70 54.37 -39.45
CA GLU P 162 -20.15 54.10 -40.83
C GLU P 162 -19.08 53.50 -41.74
N GLY P 163 -17.81 53.54 -41.33
CA GLY P 163 -16.68 53.16 -42.19
C GLY P 163 -15.87 52.01 -41.64
N THR P 164 -15.02 52.30 -40.66
CA THR P 164 -14.11 51.30 -40.06
C THR P 164 -14.88 50.16 -39.40
N CYS P 165 -15.86 50.51 -38.57
CA CYS P 165 -16.65 49.53 -37.83
C CYS P 165 -17.35 48.51 -38.75
N VAL P 166 -17.97 48.99 -39.83
CA VAL P 166 -18.66 48.09 -40.78
C VAL P 166 -17.71 47.26 -41.62
N GLU P 167 -16.55 47.83 -41.98
CA GLU P 167 -15.55 47.11 -42.79
C GLU P 167 -14.93 45.97 -42.02
N TRP P 168 -14.58 46.22 -40.76
CA TRP P 168 -14.00 45.18 -39.89
C TRP P 168 -15.01 44.12 -39.45
N LEU P 169 -16.27 44.52 -39.25
CA LEU P 169 -17.36 43.57 -38.96
C LEU P 169 -17.55 42.58 -40.12
N ARG P 170 -17.62 43.11 -41.35
CA ARG P 170 -17.68 42.26 -42.56
C ARG P 170 -16.46 41.34 -42.68
N ARG P 171 -15.28 41.85 -42.33
CA ARG P 171 -14.04 41.06 -42.35
C ARG P 171 -14.06 39.92 -41.34
N TYR P 172 -14.53 40.19 -40.11
CA TYR P 172 -14.65 39.17 -39.07
C TYR P 172 -15.69 38.12 -39.44
N LEU P 173 -16.82 38.57 -40.01
CA LEU P 173 -17.88 37.65 -40.48
C LEU P 173 -17.39 36.69 -41.57
N GLU P 174 -16.47 37.13 -42.43
CA GLU P 174 -15.88 36.27 -43.46
C GLU P 174 -14.79 35.34 -42.90
N ASN P 175 -14.03 35.81 -41.92
CA ASN P 175 -12.97 35.00 -41.27
C ASN P 175 -13.55 33.91 -40.36
N GLY P 176 -14.48 34.30 -39.49
CA GLY P 176 -15.16 33.37 -38.58
C GLY P 176 -16.52 32.97 -39.11
N LYS P 177 -16.56 32.50 -40.37
CA LYS P 177 -17.81 32.22 -41.07
C LYS P 177 -18.57 31.08 -40.41
N GLU P 178 -17.87 29.96 -40.19
CA GLU P 178 -18.48 28.77 -39.60
C GLU P 178 -18.87 28.92 -38.11
N THR P 179 -18.30 29.92 -37.43
CA THR P 179 -18.71 30.26 -36.05
C THR P 179 -19.85 31.29 -36.06
N LEU P 180 -19.66 32.40 -36.77
CA LEU P 180 -20.55 33.56 -36.66
C LEU P 180 -21.81 33.49 -37.52
N GLN P 181 -21.71 32.88 -38.71
CA GLN P 181 -22.86 32.71 -39.60
C GLN P 181 -23.59 31.38 -39.42
N ARG P 182 -23.31 30.65 -38.33
CA ARG P 182 -24.05 29.43 -37.99
C ARG P 182 -25.36 29.79 -37.27
N THR P 183 -26.26 28.83 -37.21
CA THR P 183 -27.50 28.97 -36.46
C THR P 183 -27.88 27.62 -35.84
N ASP P 184 -27.57 27.45 -34.55
CA ASP P 184 -27.89 26.22 -33.81
C ASP P 184 -29.30 26.31 -33.25
N ALA P 185 -30.18 25.41 -33.70
CA ALA P 185 -31.56 25.35 -33.20
C ALA P 185 -31.57 24.82 -31.76
N PRO P 186 -32.57 25.25 -30.96
CA PRO P 186 -32.67 24.74 -29.59
C PRO P 186 -33.13 23.28 -29.53
N LYS P 187 -32.46 22.48 -28.69
CA LYS P 187 -32.90 21.13 -28.36
C LYS P 187 -33.81 21.26 -27.16
N THR P 188 -35.03 20.74 -27.28
CA THR P 188 -36.08 21.01 -26.29
C THR P 188 -36.64 19.74 -25.64
N HIS P 189 -37.07 19.88 -24.39
CA HIS P 189 -37.81 18.84 -23.67
C HIS P 189 -38.61 19.46 -22.52
N MET P 190 -39.49 18.66 -21.92
CA MET P 190 -40.32 19.09 -20.79
C MET P 190 -40.11 18.19 -19.58
N THR P 191 -40.05 18.79 -18.40
CA THR P 191 -40.02 18.06 -17.13
C THR P 191 -41.28 18.36 -16.33
N HIS P 192 -41.68 17.39 -15.51
CA HIS P 192 -42.86 17.46 -14.66
C HIS P 192 -42.46 17.13 -13.21
N HIS P 193 -42.90 17.95 -12.27
CA HIS P 193 -42.70 17.67 -10.84
C HIS P 193 -43.93 18.12 -10.04
N ALA P 194 -44.36 17.29 -9.09
CA ALA P 194 -45.43 17.66 -8.17
C ALA P 194 -44.92 18.66 -7.14
N VAL P 195 -45.79 19.57 -6.72
CA VAL P 195 -45.50 20.50 -5.62
C VAL P 195 -46.54 20.42 -4.49
N SER P 196 -47.49 19.50 -4.62
CA SER P 196 -48.72 19.54 -3.85
C SER P 196 -49.58 18.34 -4.26
N ASP P 197 -50.66 18.12 -3.53
CA ASP P 197 -51.67 17.13 -3.93
C ASP P 197 -52.50 17.66 -5.12
N HIS P 198 -52.70 18.98 -5.16
CA HIS P 198 -53.59 19.63 -6.15
C HIS P 198 -52.86 20.37 -7.28
N GLU P 199 -51.53 20.48 -7.22
CA GLU P 199 -50.75 21.27 -8.18
C GLU P 199 -49.49 20.54 -8.67
N ALA P 200 -48.91 21.06 -9.74
CA ALA P 200 -47.73 20.47 -10.39
C ALA P 200 -47.07 21.47 -11.34
N THR P 201 -45.73 21.46 -11.39
CA THR P 201 -44.95 22.37 -12.23
C THR P 201 -44.60 21.70 -13.56
N LEU P 202 -44.88 22.39 -14.66
CA LEU P 202 -44.42 22.00 -15.99
C LEU P 202 -43.32 22.96 -16.38
N ARG P 203 -42.11 22.46 -16.59
CA ARG P 203 -40.98 23.27 -17.03
C ARG P 203 -40.62 22.90 -18.46
N CYS P 204 -40.38 23.91 -19.28
CA CYS P 204 -40.08 23.76 -20.69
C CYS P 204 -38.67 24.27 -20.97
N TRP P 205 -37.83 23.42 -21.57
CA TRP P 205 -36.41 23.71 -21.75
C TRP P 205 -36.06 24.01 -23.20
N ALA P 206 -35.13 24.95 -23.38
CA ALA P 206 -34.43 25.18 -24.65
C ALA P 206 -32.93 25.16 -24.35
N LEU P 207 -32.18 24.32 -25.06
CA LEU P 207 -30.74 24.11 -24.80
C LEU P 207 -29.94 24.11 -26.11
N SER P 208 -28.66 24.46 -25.99
CA SER P 208 -27.69 24.42 -27.10
C SER P 208 -28.08 25.25 -28.33
N PHE P 209 -28.58 26.47 -28.10
CA PHE P 209 -29.01 27.34 -29.21
C PHE P 209 -28.11 28.56 -29.37
N TYR P 210 -27.96 29.00 -30.63
CA TYR P 210 -27.26 30.23 -30.99
C TYR P 210 -27.96 30.84 -32.21
N PRO P 211 -28.24 32.16 -32.23
CA PRO P 211 -27.89 33.14 -31.19
C PRO P 211 -28.87 33.17 -30.00
N ALA P 212 -28.63 34.06 -29.04
CA ALA P 212 -29.38 34.09 -27.77
C ALA P 212 -30.85 34.57 -27.85
N GLU P 213 -31.23 35.23 -28.93
CA GLU P 213 -32.60 35.72 -29.10
C GLU P 213 -33.55 34.54 -29.24
N ILE P 214 -34.48 34.41 -28.30
CA ILE P 214 -35.40 33.27 -28.23
C ILE P 214 -36.67 33.64 -27.44
N THR P 215 -37.80 33.04 -27.83
CA THR P 215 -39.08 33.28 -27.17
C THR P 215 -39.69 31.96 -26.69
N LEU P 216 -39.92 31.86 -25.38
CA LEU P 216 -40.63 30.75 -24.74
C LEU P 216 -41.92 31.29 -24.14
N THR P 217 -43.06 30.76 -24.55
CA THR P 217 -44.36 31.20 -24.03
C THR P 217 -45.31 30.02 -23.84
N TRP P 218 -46.15 30.10 -22.81
CA TRP P 218 -47.16 29.08 -22.55
C TRP P 218 -48.51 29.45 -23.15
N GLN P 219 -49.34 28.43 -23.35
CA GLN P 219 -50.71 28.59 -23.81
C GLN P 219 -51.60 27.59 -23.10
N ARG P 220 -52.85 27.94 -22.87
CA ARG P 220 -53.87 27.02 -22.40
C ARG P 220 -54.92 26.94 -23.51
N ASP P 221 -55.22 25.72 -23.95
CA ASP P 221 -56.16 25.42 -25.05
C ASP P 221 -56.06 26.35 -26.28
N GLY P 222 -54.84 26.71 -26.66
CA GLY P 222 -54.59 27.63 -27.79
C GLY P 222 -54.53 29.12 -27.46
N GLU P 223 -55.02 29.52 -26.28
CA GLU P 223 -55.03 30.93 -25.85
C GLU P 223 -53.83 31.22 -24.94
N ASP P 224 -52.99 32.18 -25.31
CA ASP P 224 -51.83 32.55 -24.46
C ASP P 224 -52.25 33.03 -23.07
N THR P 229 -46.65 32.28 -14.52
CA THR P 229 -45.57 31.87 -15.40
C THR P 229 -44.23 32.38 -14.86
N GLU P 230 -43.25 31.47 -14.77
CA GLU P 230 -41.88 31.81 -14.38
C GLU P 230 -40.99 31.73 -15.60
N LEU P 231 -40.02 32.63 -15.70
CA LEU P 231 -39.14 32.73 -16.87
C LEU P 231 -37.77 33.23 -16.42
N VAL P 232 -36.75 32.39 -16.56
CA VAL P 232 -35.38 32.78 -16.21
C VAL P 232 -34.70 33.55 -17.34
N GLU P 233 -33.70 34.34 -16.95
CA GLU P 233 -32.87 35.10 -17.87
C GLU P 233 -32.08 34.13 -18.74
N THR P 234 -31.99 34.42 -20.03
CA THR P 234 -31.21 33.59 -20.95
C THR P 234 -29.75 33.57 -20.47
N ARG P 235 -29.13 32.40 -20.53
CA ARG P 235 -27.86 32.18 -19.85
C ARG P 235 -26.88 31.43 -20.75
N PRO P 236 -25.57 31.73 -20.62
CA PRO P 236 -24.55 31.07 -21.44
C PRO P 236 -24.27 29.66 -20.95
N ALA P 237 -24.20 28.72 -21.88
CA ALA P 237 -23.74 27.37 -21.57
C ALA P 237 -22.23 27.30 -21.27
N GLY P 238 -21.47 28.25 -21.82
CA GLY P 238 -20.01 28.30 -21.66
C GLY P 238 -19.23 27.73 -22.83
N ASP P 239 -19.94 27.18 -23.83
CA ASP P 239 -19.34 26.60 -25.04
C ASP P 239 -19.77 27.33 -26.33
N GLY P 240 -20.23 28.58 -26.19
CA GLY P 240 -20.77 29.34 -27.31
C GLY P 240 -22.28 29.38 -27.39
N THR P 241 -22.97 28.33 -26.93
CA THR P 241 -24.44 28.25 -27.01
C THR P 241 -25.12 28.80 -25.75
N PHE P 242 -26.45 28.93 -25.82
CA PHE P 242 -27.24 29.51 -24.73
C PHE P 242 -28.36 28.59 -24.30
N GLN P 243 -28.92 28.90 -23.12
CA GLN P 243 -29.99 28.12 -22.50
C GLN P 243 -31.09 29.02 -21.97
N LYS P 244 -32.30 28.48 -21.90
CA LYS P 244 -33.44 29.15 -21.26
C LYS P 244 -34.52 28.13 -20.92
N TRP P 245 -35.18 28.31 -19.76
CA TRP P 245 -36.38 27.56 -19.45
C TRP P 245 -37.53 28.47 -19.00
N ALA P 246 -38.75 27.95 -19.16
CA ALA P 246 -39.99 28.62 -18.76
C ALA P 246 -40.86 27.60 -18.05
N ALA P 247 -41.51 28.02 -16.96
CA ALA P 247 -42.34 27.11 -16.15
C ALA P 247 -43.70 27.70 -15.80
N VAL P 248 -44.66 26.82 -15.54
CA VAL P 248 -46.01 27.18 -15.06
C VAL P 248 -46.46 26.18 -14.00
N VAL P 249 -47.16 26.67 -12.98
CA VAL P 249 -47.78 25.83 -11.97
C VAL P 249 -49.23 25.60 -12.41
N VAL P 250 -49.59 24.34 -12.61
CA VAL P 250 -50.84 23.93 -13.24
C VAL P 250 -51.56 22.95 -12.30
N PRO P 251 -52.91 23.04 -12.21
CA PRO P 251 -53.64 22.01 -11.46
C PRO P 251 -53.43 20.60 -12.03
N SER P 252 -53.07 19.65 -11.15
CA SER P 252 -52.78 18.28 -11.58
C SER P 252 -54.04 17.60 -12.12
N GLY P 253 -53.86 16.76 -13.13
CA GLY P 253 -54.97 16.23 -13.93
C GLY P 253 -55.38 17.11 -15.10
N GLN P 254 -54.76 18.29 -15.25
CA GLN P 254 -55.06 19.21 -16.35
C GLN P 254 -53.79 19.70 -17.05
N GLU P 255 -52.72 18.90 -16.98
CA GLU P 255 -51.45 19.24 -17.62
C GLU P 255 -51.51 19.07 -19.14
N GLN P 256 -52.38 18.18 -19.63
CA GLN P 256 -52.54 17.92 -21.06
C GLN P 256 -53.02 19.11 -21.90
N ARG P 257 -53.75 20.06 -21.27
CA ARG P 257 -54.24 21.22 -22.01
C ARG P 257 -53.29 22.42 -22.10
N TYR P 258 -52.11 22.29 -21.50
CA TYR P 258 -51.07 23.33 -21.56
C TYR P 258 -49.99 22.98 -22.59
N THR P 259 -49.57 23.99 -23.37
CA THR P 259 -48.53 23.82 -24.39
C THR P 259 -47.45 24.90 -24.30
N CYS P 260 -46.20 24.49 -24.51
CA CYS P 260 -45.06 25.41 -24.55
C CYS P 260 -44.72 25.72 -26.01
N HIS P 261 -44.44 27.00 -26.31
CA HIS P 261 -44.17 27.48 -27.68
C HIS P 261 -42.78 28.08 -27.79
N VAL P 262 -41.99 27.60 -28.76
CA VAL P 262 -40.59 28.01 -28.92
C VAL P 262 -40.35 28.63 -30.30
N GLN P 263 -39.91 29.88 -30.31
CA GLN P 263 -39.54 30.61 -31.54
C GLN P 263 -38.05 30.91 -31.52
N HIS P 264 -37.36 30.59 -32.61
CA HIS P 264 -35.92 30.80 -32.74
C HIS P 264 -35.54 30.68 -34.22
N GLU P 265 -34.60 31.51 -34.68
CA GLU P 265 -34.29 31.59 -36.12
C GLU P 265 -33.70 30.29 -36.72
N GLY P 266 -33.06 29.48 -35.88
CA GLY P 266 -32.64 28.12 -36.23
C GLY P 266 -33.77 27.14 -36.56
N LEU P 267 -34.95 27.36 -35.97
CA LEU P 267 -36.12 26.53 -36.24
C LEU P 267 -36.84 27.04 -37.49
N PRO P 268 -37.02 26.17 -38.52
CA PRO P 268 -37.77 26.62 -39.70
C PRO P 268 -39.22 27.01 -39.39
N LYS P 269 -39.86 26.27 -38.49
CA LYS P 269 -41.17 26.63 -37.95
C LYS P 269 -41.13 26.52 -36.43
N PRO P 270 -41.91 27.37 -35.71
CA PRO P 270 -41.90 27.33 -34.25
C PRO P 270 -42.50 26.04 -33.68
N LEU P 271 -41.90 25.52 -32.61
CA LEU P 271 -42.30 24.23 -32.01
C LEU P 271 -43.40 24.40 -30.97
N THR P 272 -44.27 23.39 -30.87
CA THR P 272 -45.27 23.27 -29.82
C THR P 272 -44.99 21.98 -29.03
N LEU P 273 -44.81 22.11 -27.72
CA LEU P 273 -44.50 20.99 -26.82
C LEU P 273 -45.66 20.78 -25.86
N ARG P 274 -46.05 19.51 -25.67
CA ARG P 274 -47.16 19.14 -24.80
C ARG P 274 -46.76 17.93 -23.95
N TRP P 275 -47.17 17.94 -22.68
CA TRP P 275 -46.94 16.84 -21.74
C TRP P 275 -48.29 16.24 -21.36
N GLU P 276 -48.36 14.91 -21.27
CA GLU P 276 -49.60 14.20 -20.93
C GLU P 276 -49.38 13.13 -19.86
N MET Q 1 -26.01 57.52 -5.47
CA MET Q 1 -25.34 56.20 -5.64
C MET Q 1 -26.40 55.10 -5.72
N ILE Q 2 -26.68 54.63 -6.93
CA ILE Q 2 -27.60 53.49 -7.16
C ILE Q 2 -26.84 52.17 -7.12
N GLN Q 3 -27.48 51.15 -6.55
CA GLN Q 3 -26.92 49.80 -6.46
C GLN Q 3 -27.96 48.80 -6.90
N ARG Q 4 -27.52 47.76 -7.61
CA ARG Q 4 -28.40 46.68 -8.10
C ARG Q 4 -27.93 45.31 -7.58
N THR Q 5 -28.88 44.48 -7.16
CA THR Q 5 -28.59 43.17 -6.56
C THR Q 5 -28.36 42.12 -7.64
N PRO Q 6 -27.30 41.30 -7.49
CA PRO Q 6 -27.09 40.26 -8.51
C PRO Q 6 -28.19 39.19 -8.55
N LYS Q 7 -28.50 38.71 -9.75
CA LYS Q 7 -29.40 37.59 -9.97
C LYS Q 7 -28.51 36.40 -10.29
N ILE Q 8 -28.71 35.32 -9.54
CA ILE Q 8 -27.82 34.15 -9.57
C ILE Q 8 -28.55 32.97 -10.22
N GLN Q 9 -27.84 32.25 -11.08
CA GLN Q 9 -28.32 31.01 -11.69
C GLN Q 9 -27.20 29.99 -11.66
N VAL Q 10 -27.45 28.85 -11.01
CA VAL Q 10 -26.49 27.74 -10.95
C VAL Q 10 -27.01 26.62 -11.85
N TYR Q 11 -26.14 26.08 -12.68
CA TYR Q 11 -26.55 25.10 -13.69
C TYR Q 11 -25.33 24.43 -14.34
N SER Q 12 -25.60 23.42 -15.17
CA SER Q 12 -24.55 22.71 -15.89
C SER Q 12 -24.62 23.01 -17.38
N ARG Q 13 -23.50 22.83 -18.07
CA ARG Q 13 -23.38 23.09 -19.51
C ARG Q 13 -24.23 22.13 -20.32
N HIS Q 14 -24.13 20.85 -20.00
CA HIS Q 14 -24.93 19.80 -20.63
C HIS Q 14 -25.89 19.24 -19.59
N PRO Q 15 -26.98 18.56 -20.03
CA PRO Q 15 -27.85 17.89 -19.05
C PRO Q 15 -27.08 16.85 -18.24
N ALA Q 16 -27.21 16.91 -16.91
CA ALA Q 16 -26.36 16.14 -16.00
C ALA Q 16 -26.64 14.64 -16.04
N GLU Q 17 -25.57 13.86 -16.16
CA GLU Q 17 -25.63 12.40 -16.08
C GLU Q 17 -24.56 11.95 -15.08
N ASN Q 18 -24.96 11.13 -14.09
CA ASN Q 18 -24.08 10.76 -12.98
C ASN Q 18 -22.84 10.01 -13.46
N GLY Q 19 -21.68 10.40 -12.93
CA GLY Q 19 -20.39 9.82 -13.33
C GLY Q 19 -20.01 10.14 -14.78
N LYS Q 20 -20.29 11.37 -15.22
CA LYS Q 20 -20.00 11.79 -16.58
C LYS Q 20 -19.49 13.23 -16.60
N SER Q 21 -18.54 13.51 -17.48
CA SER Q 21 -17.85 14.81 -17.54
C SER Q 21 -18.78 15.95 -17.95
N ASN Q 22 -18.66 17.09 -17.27
CA ASN Q 22 -19.52 18.25 -17.51
C ASN Q 22 -18.83 19.54 -17.00
N PHE Q 23 -19.53 20.68 -17.08
CA PHE Q 23 -19.11 21.92 -16.43
C PHE Q 23 -20.22 22.45 -15.53
N LEU Q 24 -19.83 23.04 -14.40
CA LEU Q 24 -20.75 23.67 -13.45
C LEU Q 24 -20.64 25.19 -13.62
N ASN Q 25 -21.76 25.85 -13.87
CA ASN Q 25 -21.80 27.29 -14.14
C ASN Q 25 -22.54 28.03 -13.03
N CYS Q 26 -22.04 29.21 -12.70
CA CYS Q 26 -22.79 30.17 -11.89
C CYS Q 26 -22.80 31.50 -12.65
N TYR Q 27 -23.99 31.88 -13.14
CA TYR Q 27 -24.18 33.09 -13.92
C TYR Q 27 -24.77 34.20 -13.06
N VAL Q 28 -23.93 35.14 -12.66
CA VAL Q 28 -24.37 36.33 -11.92
C VAL Q 28 -24.60 37.47 -12.93
N SER Q 29 -25.71 38.19 -12.77
CA SER Q 29 -26.10 39.27 -13.67
C SER Q 29 -26.99 40.31 -13.01
N GLY Q 30 -27.06 41.49 -13.64
CA GLY Q 30 -27.91 42.59 -13.19
C GLY Q 30 -27.39 43.33 -11.97
N PHE Q 31 -26.08 43.30 -11.72
CA PHE Q 31 -25.52 43.89 -10.49
C PHE Q 31 -24.72 45.17 -10.71
N HIS Q 32 -24.60 45.96 -9.65
CA HIS Q 32 -23.85 47.21 -9.67
C HIS Q 32 -23.58 47.67 -8.24
N PRO Q 33 -22.34 47.97 -7.84
CA PRO Q 33 -21.16 48.07 -8.73
C PRO Q 33 -20.57 46.74 -9.19
N SER Q 34 -19.47 46.78 -9.93
CA SER Q 34 -18.82 45.57 -10.48
C SER Q 34 -18.13 44.68 -9.45
N ASP Q 35 -17.75 45.26 -8.30
CA ASP Q 35 -17.08 44.54 -7.21
C ASP Q 35 -17.98 43.42 -6.63
N ILE Q 36 -17.58 42.17 -6.85
CA ILE Q 36 -18.38 40.99 -6.48
C ILE Q 36 -17.47 39.79 -6.17
N GLU Q 37 -17.92 38.92 -5.24
CA GLU Q 37 -17.22 37.68 -4.89
C GLU Q 37 -18.11 36.49 -5.21
N VAL Q 38 -17.61 35.58 -6.04
CA VAL Q 38 -18.37 34.38 -6.44
C VAL Q 38 -17.49 33.14 -6.25
N ASP Q 39 -17.96 32.23 -5.40
CA ASP Q 39 -17.33 30.93 -5.19
C ASP Q 39 -18.28 29.82 -5.60
N LEU Q 40 -17.71 28.73 -6.11
CA LEU Q 40 -18.46 27.50 -6.40
C LEU Q 40 -18.10 26.45 -5.34
N LEU Q 41 -19.14 25.84 -4.75
CA LEU Q 41 -18.96 24.95 -3.59
C LEU Q 41 -19.31 23.50 -3.91
N LYS Q 42 -18.48 22.57 -3.42
CA LYS Q 42 -18.78 21.12 -3.45
C LYS Q 42 -18.89 20.61 -2.01
N ASN Q 43 -20.12 20.28 -1.62
CA ASN Q 43 -20.45 19.85 -0.24
C ASN Q 43 -20.06 20.89 0.82
N GLY Q 44 -20.24 22.16 0.48
CA GLY Q 44 -19.91 23.29 1.36
C GLY Q 44 -18.47 23.78 1.32
N GLU Q 45 -17.61 23.12 0.55
CA GLU Q 45 -16.19 23.49 0.42
C GLU Q 45 -15.93 24.26 -0.88
N ARG Q 46 -15.17 25.35 -0.79
CA ARG Q 46 -14.79 26.17 -1.94
C ARG Q 46 -13.97 25.37 -2.95
N ILE Q 47 -14.42 25.32 -4.21
CA ILE Q 47 -13.66 24.72 -5.31
C ILE Q 47 -12.59 25.74 -5.74
N GLU Q 48 -11.37 25.27 -5.97
CA GLU Q 48 -10.23 26.17 -6.18
C GLU Q 48 -10.03 26.62 -7.63
N LYS Q 49 -10.02 25.69 -8.58
CA LYS Q 49 -9.73 25.99 -9.98
C LYS Q 49 -11.00 26.46 -10.71
N VAL Q 50 -11.44 27.68 -10.39
CA VAL Q 50 -12.67 28.27 -10.94
C VAL Q 50 -12.32 29.41 -11.89
N GLU Q 51 -12.71 29.26 -13.15
CA GLU Q 51 -12.49 30.28 -14.18
C GLU Q 51 -13.68 31.26 -14.16
N HIS Q 52 -13.47 32.44 -14.74
CA HIS Q 52 -14.57 33.38 -14.99
C HIS Q 52 -14.41 34.13 -16.30
N SER Q 53 -15.54 34.55 -16.86
CA SER Q 53 -15.57 35.32 -18.11
C SER Q 53 -15.14 36.75 -17.87
N ASP Q 54 -14.83 37.44 -18.97
CA ASP Q 54 -14.33 38.83 -18.91
C ASP Q 54 -15.51 39.78 -18.70
N LEU Q 55 -15.38 40.67 -17.71
CA LEU Q 55 -16.49 41.54 -17.28
C LEU Q 55 -17.07 42.35 -18.45
N SER Q 56 -18.37 42.20 -18.65
CA SER Q 56 -19.13 42.96 -19.64
C SER Q 56 -20.42 43.45 -18.98
N PHE Q 57 -21.22 44.20 -19.72
CA PHE Q 57 -22.49 44.68 -19.19
C PHE Q 57 -23.58 44.71 -20.27
N SER Q 58 -24.81 44.87 -19.79
CA SER Q 58 -26.02 44.87 -20.63
C SER Q 58 -26.42 46.30 -20.97
N LYS Q 59 -27.47 46.45 -21.76
CA LYS Q 59 -27.91 47.78 -22.23
C LYS Q 59 -28.37 48.73 -21.10
N ASP Q 60 -28.73 48.19 -19.93
CA ASP Q 60 -29.04 49.01 -18.75
C ASP Q 60 -27.83 49.32 -17.84
N TRP Q 61 -26.61 49.00 -18.30
CA TRP Q 61 -25.33 49.25 -17.58
C TRP Q 61 -25.00 48.28 -16.44
N SER Q 62 -25.85 47.29 -16.20
CA SER Q 62 -25.60 46.32 -15.12
C SER Q 62 -24.68 45.21 -15.62
N PHE Q 63 -23.82 44.74 -14.73
CA PHE Q 63 -22.76 43.79 -15.10
C PHE Q 63 -23.26 42.35 -15.10
N TYR Q 64 -22.61 41.52 -15.93
CA TYR Q 64 -22.87 40.08 -15.95
C TYR Q 64 -21.55 39.31 -16.08
N LEU Q 65 -21.52 38.11 -15.48
CA LEU Q 65 -20.29 37.35 -15.29
C LEU Q 65 -20.64 35.86 -15.18
N LEU Q 66 -19.93 35.02 -15.94
CA LEU Q 66 -20.07 33.57 -15.84
C LEU Q 66 -18.86 33.02 -15.09
N TYR Q 67 -19.11 32.38 -13.95
CA TYR Q 67 -18.12 31.60 -13.22
C TYR Q 67 -18.35 30.14 -13.54
N TYR Q 68 -17.29 29.43 -13.91
CA TYR Q 68 -17.39 28.03 -14.28
C TYR Q 68 -16.19 27.18 -13.85
N THR Q 69 -16.44 25.87 -13.75
CA THR Q 69 -15.41 24.89 -13.43
C THR Q 69 -15.80 23.52 -13.95
N GLU Q 70 -14.81 22.66 -14.13
CA GLU Q 70 -15.02 21.30 -14.62
C GLU Q 70 -15.43 20.40 -13.47
N PHE Q 71 -16.39 19.51 -13.69
CA PHE Q 71 -16.87 18.61 -12.64
C PHE Q 71 -17.55 17.35 -13.18
N THR Q 72 -17.59 16.33 -12.32
CA THR Q 72 -18.32 15.09 -12.58
C THR Q 72 -19.38 14.95 -11.48
N PRO Q 73 -20.66 15.21 -11.81
CA PRO Q 73 -21.71 15.14 -10.79
C PRO Q 73 -22.07 13.69 -10.47
N THR Q 74 -22.47 13.46 -9.22
CA THR Q 74 -22.87 12.14 -8.74
C THR Q 74 -24.23 12.28 -8.06
N GLU Q 75 -24.82 11.16 -7.67
CA GLU Q 75 -26.13 11.15 -7.01
C GLU Q 75 -26.14 11.95 -5.69
N LYS Q 76 -25.06 11.84 -4.91
CA LYS Q 76 -25.02 12.35 -3.53
C LYS Q 76 -24.25 13.65 -3.31
N ASP Q 77 -23.31 13.99 -4.20
CA ASP Q 77 -22.56 15.25 -4.08
C ASP Q 77 -23.46 16.46 -4.32
N GLU Q 78 -23.33 17.47 -3.45
CA GLU Q 78 -24.11 18.72 -3.52
C GLU Q 78 -23.23 19.85 -4.02
N TYR Q 79 -23.67 20.54 -5.06
CA TYR Q 79 -22.95 21.70 -5.61
C TYR Q 79 -23.76 22.97 -5.39
N ALA Q 80 -23.08 24.06 -5.04
CA ALA Q 80 -23.73 25.36 -4.84
C ALA Q 80 -22.91 26.51 -5.43
N CYS Q 81 -23.50 27.70 -5.44
CA CYS Q 81 -22.80 28.95 -5.77
C CYS Q 81 -23.03 29.94 -4.64
N ARG Q 82 -21.93 30.41 -4.04
CA ARG Q 82 -21.98 31.43 -2.99
C ARG Q 82 -21.52 32.79 -3.55
N VAL Q 83 -22.35 33.82 -3.35
CA VAL Q 83 -22.13 35.15 -3.96
C VAL Q 83 -22.26 36.26 -2.90
N ASN Q 84 -21.26 37.15 -2.84
CA ASN Q 84 -21.31 38.32 -1.95
C ASN Q 84 -21.11 39.64 -2.73
N HIS Q 85 -21.77 40.69 -2.23
CA HIS Q 85 -21.90 41.97 -2.93
C HIS Q 85 -22.33 43.01 -1.88
N VAL Q 86 -22.15 44.30 -2.17
CA VAL Q 86 -22.58 45.36 -1.23
C VAL Q 86 -24.10 45.39 -0.97
N THR Q 87 -24.89 44.95 -1.95
CA THR Q 87 -26.34 44.86 -1.82
C THR Q 87 -26.79 43.76 -0.86
N LEU Q 88 -25.99 42.70 -0.75
CA LEU Q 88 -26.27 41.59 0.17
C LEU Q 88 -25.53 41.77 1.49
N SER Q 89 -26.29 41.74 2.60
CA SER Q 89 -25.70 41.81 3.94
C SER Q 89 -24.96 40.52 4.33
N GLN Q 90 -25.42 39.37 3.83
CA GLN Q 90 -24.75 38.08 4.01
C GLN Q 90 -24.51 37.43 2.67
N PRO Q 91 -23.42 36.63 2.54
CA PRO Q 91 -23.24 35.86 1.31
C PRO Q 91 -24.42 34.93 1.04
N LYS Q 92 -24.88 34.90 -0.20
CA LYS Q 92 -26.06 34.13 -0.59
C LYS Q 92 -25.63 32.84 -1.28
N ILE Q 93 -26.08 31.70 -0.75
CA ILE Q 93 -25.82 30.39 -1.36
C ILE Q 93 -27.03 30.00 -2.20
N VAL Q 94 -26.78 29.52 -3.42
CA VAL Q 94 -27.82 28.96 -4.30
C VAL Q 94 -27.40 27.54 -4.65
N LYS Q 95 -28.19 26.56 -4.22
CA LYS Q 95 -27.87 25.15 -4.49
C LYS Q 95 -28.14 24.80 -5.95
N TRP Q 96 -27.30 23.93 -6.50
CA TRP Q 96 -27.50 23.41 -7.85
C TRP Q 96 -28.62 22.38 -7.86
N ASP Q 97 -29.77 22.78 -8.37
CA ASP Q 97 -30.87 21.86 -8.69
C ASP Q 97 -30.64 21.45 -10.14
N ARG Q 98 -30.50 20.14 -10.37
CA ARG Q 98 -30.25 19.61 -11.73
C ARG Q 98 -31.44 19.71 -12.71
N ASP Q 99 -32.61 20.12 -12.23
CA ASP Q 99 -33.73 20.50 -13.11
C ASP Q 99 -34.04 22.02 -13.06
N MET Q 100 -33.00 22.85 -12.91
CA MET Q 100 -33.13 24.32 -13.01
C MET Q 100 -31.84 24.96 -13.58
N SER R 1 -12.23 45.99 -34.75
CA SER R 1 -11.19 47.03 -34.60
C SER R 1 -11.73 48.22 -33.82
N LEU R 2 -11.04 48.60 -32.74
CA LEU R 2 -11.45 49.72 -31.89
C LEU R 2 -11.29 51.04 -32.63
N LEU R 3 -11.93 52.10 -32.14
CA LEU R 3 -11.78 53.44 -32.73
C LEU R 3 -10.44 54.09 -32.36
N MET R 4 -10.08 55.11 -33.14
CA MET R 4 -8.81 55.80 -33.00
C MET R 4 -8.96 57.03 -32.11
N TRP R 5 -9.82 57.96 -32.50
CA TRP R 5 -9.88 59.28 -31.84
C TRP R 5 -10.79 59.26 -30.62
N ILE R 6 -10.22 59.66 -29.48
CA ILE R 6 -10.90 59.62 -28.20
C ILE R 6 -10.75 60.97 -27.54
N THR R 7 -11.88 61.58 -27.22
CA THR R 7 -11.91 62.91 -26.63
C THR R 7 -12.45 62.80 -25.22
N GLN R 8 -11.81 63.53 -24.31
CA GLN R 8 -12.09 63.43 -22.88
C GLN R 8 -13.40 64.12 -22.54
N VAL R 9 -14.01 63.72 -21.43
CA VAL R 9 -15.27 64.33 -20.96
C VAL R 9 -15.00 65.69 -20.32
N GLU S 4 6.03 61.29 -47.96
CA GLU S 4 4.72 61.36 -47.24
C GLU S 4 4.17 62.81 -47.25
N VAL S 5 4.94 63.76 -46.69
CA VAL S 5 4.52 65.15 -46.56
C VAL S 5 5.66 66.09 -47.00
N GLU S 6 5.47 66.78 -48.13
CA GLU S 6 6.53 67.55 -48.79
C GLU S 6 6.32 69.06 -48.72
N GLN S 7 7.43 69.77 -48.56
CA GLN S 7 7.44 71.21 -48.32
C GLN S 7 8.77 71.75 -48.87
N ASN S 8 8.72 72.80 -49.70
CA ASN S 8 9.96 73.44 -50.16
C ASN S 8 10.59 74.23 -49.02
N SER S 9 11.91 74.13 -48.89
CA SER S 9 12.64 74.69 -47.74
C SER S 9 12.76 76.21 -47.75
N GLY S 10 12.79 76.80 -48.95
CA GLY S 10 12.97 78.25 -49.10
C GLY S 10 14.46 78.59 -49.13
N PRO S 11 14.87 79.76 -48.62
CA PRO S 11 13.97 80.78 -48.04
C PRO S 11 13.01 81.43 -49.05
N LEU S 12 11.86 81.89 -48.54
CA LEU S 12 10.87 82.60 -49.33
C LEU S 12 10.91 84.06 -48.87
N SER S 13 11.06 84.98 -49.82
CA SER S 13 11.12 86.42 -49.53
C SER S 13 9.80 87.07 -49.90
N VAL S 14 9.28 87.88 -49.00
CA VAL S 14 8.04 88.61 -49.20
C VAL S 14 8.25 90.03 -48.68
N PRO S 15 7.81 91.05 -49.45
CA PRO S 15 7.88 92.39 -48.90
C PRO S 15 6.79 92.65 -47.86
N GLU S 16 7.14 93.39 -46.82
CA GLU S 16 6.18 93.80 -45.78
C GLU S 16 4.88 94.34 -46.39
N GLY S 17 3.76 93.78 -45.96
CA GLY S 17 2.44 94.15 -46.48
C GLY S 17 1.85 93.17 -47.47
N ALA S 18 2.70 92.39 -48.15
CA ALA S 18 2.26 91.46 -49.18
C ALA S 18 1.82 90.12 -48.60
N ILE S 19 1.19 89.31 -49.46
CA ILE S 19 0.67 88.01 -49.07
C ILE S 19 1.78 86.97 -49.16
N ALA S 20 2.00 86.25 -48.06
CA ALA S 20 2.94 85.11 -47.98
C ALA S 20 2.16 83.83 -48.28
N SER S 21 2.66 83.03 -49.21
CA SER S 21 1.97 81.85 -49.70
C SER S 21 2.87 80.65 -49.48
N LEU S 22 2.49 79.81 -48.51
CA LEU S 22 3.24 78.61 -48.13
C LEU S 22 2.42 77.39 -48.56
N ASN S 23 3.07 76.44 -49.24
CA ASN S 23 2.41 75.23 -49.70
C ASN S 23 2.97 73.95 -49.08
N CYS S 24 2.17 72.90 -49.15
CA CYS S 24 2.52 71.61 -48.54
C CYS S 24 1.67 70.51 -49.19
N THR S 25 2.32 69.55 -49.85
CA THR S 25 1.62 68.41 -50.45
C THR S 25 1.69 67.19 -49.53
N TYR S 26 0.80 66.22 -49.78
CA TYR S 26 0.78 64.96 -49.04
C TYR S 26 0.34 63.81 -49.95
N SER S 27 0.91 62.62 -49.72
CA SER S 27 0.65 61.45 -50.56
C SER S 27 -0.54 60.57 -50.12
N ASP S 28 -0.84 60.56 -48.82
CA ASP S 28 -1.89 59.69 -48.26
C ASP S 28 -3.27 60.35 -48.32
N ARG S 29 -4.15 59.83 -49.19
CA ARG S 29 -5.55 60.27 -49.27
C ARG S 29 -6.33 60.04 -47.98
N GLY S 30 -5.94 59.03 -47.21
CA GLY S 30 -6.51 58.81 -45.88
C GLY S 30 -6.13 59.81 -44.80
N SER S 31 -5.47 60.91 -45.17
CA SER S 31 -5.16 61.99 -44.25
C SER S 31 -6.42 62.72 -43.79
N GLN S 32 -6.51 63.00 -42.50
CA GLN S 32 -7.75 63.49 -41.88
C GLN S 32 -7.67 64.94 -41.40
N SER S 33 -6.59 65.30 -40.73
CA SER S 33 -6.39 66.68 -40.26
C SER S 33 -4.99 67.18 -40.60
N PHE S 34 -4.90 68.49 -40.79
CA PHE S 34 -3.72 69.15 -41.34
C PHE S 34 -3.41 70.37 -40.48
N PHE S 35 -2.13 70.55 -40.14
CA PHE S 35 -1.69 71.52 -39.14
C PHE S 35 -0.59 72.44 -39.68
N TRP S 36 -0.60 73.70 -39.24
CA TRP S 36 0.49 74.65 -39.50
C TRP S 36 1.08 75.11 -38.17
N TYR S 37 2.37 74.80 -37.96
CA TYR S 37 3.13 75.30 -36.82
C TYR S 37 4.14 76.35 -37.29
N ARG S 38 4.41 77.35 -36.44
CA ARG S 38 5.44 78.37 -36.69
C ARG S 38 6.58 78.22 -35.70
N GLN S 39 7.81 78.17 -36.20
CA GLN S 39 9.02 78.07 -35.37
C GLN S 39 9.96 79.24 -35.65
N TYR S 40 10.11 80.13 -34.66
CA TYR S 40 11.14 81.17 -34.71
C TYR S 40 12.51 80.55 -34.49
N SER S 41 13.54 81.25 -34.94
CA SER S 41 14.91 80.76 -34.82
C SER S 41 15.29 80.64 -33.35
N GLY S 42 15.74 79.44 -32.96
CA GLY S 42 16.10 79.15 -31.57
C GLY S 42 14.96 78.96 -30.60
N LYS S 43 13.73 78.79 -31.11
CA LYS S 43 12.52 78.61 -30.29
C LYS S 43 11.81 77.30 -30.66
N SER S 44 10.68 77.04 -30.01
CA SER S 44 9.91 75.80 -30.23
C SER S 44 8.81 76.03 -31.28
N PRO S 45 8.48 74.99 -32.08
CA PRO S 45 7.32 75.12 -32.96
C PRO S 45 6.05 75.36 -32.16
N GLU S 46 5.21 76.29 -32.63
CA GLU S 46 3.98 76.65 -31.96
C GLU S 46 2.84 76.60 -32.98
N LEU S 47 1.69 76.06 -32.58
CA LEU S 47 0.55 75.92 -33.47
C LEU S 47 0.03 77.28 -33.89
N ILE S 48 -0.26 77.43 -35.18
CA ILE S 48 -1.01 78.57 -35.68
C ILE S 48 -2.45 78.13 -35.85
N MET S 49 -2.67 77.14 -36.73
CA MET S 49 -4.01 76.63 -36.97
C MET S 49 -4.03 75.26 -37.63
N PHE S 50 -5.18 74.62 -37.53
CA PHE S 50 -5.44 73.32 -38.11
C PHE S 50 -6.63 73.43 -39.05
N ILE S 51 -6.72 72.47 -39.97
CA ILE S 51 -7.85 72.39 -40.89
C ILE S 51 -8.10 70.92 -41.22
N TYR S 52 -9.37 70.52 -41.25
CA TYR S 52 -9.79 69.16 -41.63
C TYR S 52 -10.74 69.09 -42.82
N SER S 53 -11.62 70.08 -42.97
CA SER S 53 -12.59 70.11 -44.07
C SER S 53 -12.07 70.92 -45.26
N ASP S 54 -12.44 70.44 -46.45
CA ASP S 54 -11.99 70.99 -47.73
C ASP S 54 -12.51 72.43 -47.88
N GLY S 55 -11.63 73.36 -48.27
CA GLY S 55 -11.98 74.77 -48.45
C GLY S 55 -11.05 75.70 -47.70
N ASP S 56 -11.54 76.90 -47.39
CA ASP S 56 -10.77 77.93 -46.68
C ASP S 56 -11.18 78.02 -45.21
N LYS S 57 -10.23 78.43 -44.37
CA LYS S 57 -10.50 78.71 -42.96
C LYS S 57 -9.70 79.93 -42.56
N GLU S 58 -10.39 81.00 -42.17
CA GLU S 58 -9.76 82.27 -41.82
C GLU S 58 -9.61 82.42 -40.30
N ASP S 59 -8.48 82.96 -39.87
CA ASP S 59 -8.21 83.28 -38.45
C ASP S 59 -7.27 84.48 -38.39
N GLY S 60 -7.85 85.68 -38.30
CA GLY S 60 -7.09 86.92 -38.33
C GLY S 60 -6.42 87.11 -39.68
N ARG S 61 -5.11 87.33 -39.67
CA ARG S 61 -4.32 87.50 -40.90
C ARG S 61 -4.01 86.17 -41.62
N PHE S 62 -4.19 85.04 -40.92
CA PHE S 62 -3.90 83.72 -41.49
C PHE S 62 -5.11 83.11 -42.16
N THR S 63 -4.88 82.39 -43.25
CA THR S 63 -5.91 81.59 -43.91
C THR S 63 -5.32 80.26 -44.34
N ALA S 64 -5.80 79.18 -43.72
CA ALA S 64 -5.49 77.84 -44.17
C ALA S 64 -6.43 77.46 -45.31
N GLN S 65 -5.89 76.75 -46.30
CA GLN S 65 -6.65 76.28 -47.46
C GLN S 65 -6.33 74.82 -47.70
N LEU S 66 -7.37 73.98 -47.75
CA LEU S 66 -7.20 72.54 -47.99
C LEU S 66 -7.89 72.15 -49.28
N ASN S 67 -7.19 71.39 -50.12
CA ASN S 67 -7.73 70.86 -51.38
C ASN S 67 -7.41 69.37 -51.45
N ARG S 68 -8.41 68.55 -51.14
CA ARG S 68 -8.23 67.09 -51.09
C ARG S 68 -8.15 66.44 -52.48
N ALA S 69 -8.70 67.09 -53.50
CA ALA S 69 -8.67 66.57 -54.87
C ALA S 69 -7.27 66.66 -55.48
N SER S 70 -6.59 67.79 -55.26
CA SER S 70 -5.21 68.00 -55.71
C SER S 70 -4.15 67.64 -54.64
N GLN S 71 -4.61 67.32 -53.43
CA GLN S 71 -3.77 66.86 -52.31
C GLN S 71 -2.69 67.87 -51.90
N TYR S 72 -3.14 69.02 -51.40
CA TYR S 72 -2.25 70.03 -50.84
C TYR S 72 -2.94 70.82 -49.73
N VAL S 73 -2.14 71.39 -48.85
CA VAL S 73 -2.60 72.36 -47.87
C VAL S 73 -1.78 73.64 -48.04
N SER S 74 -2.44 74.78 -47.87
CA SER S 74 -1.77 76.07 -47.99
C SER S 74 -1.99 76.92 -46.75
N LEU S 75 -1.06 77.84 -46.51
CA LEU S 75 -1.18 78.90 -45.51
C LEU S 75 -0.89 80.23 -46.20
N LEU S 76 -1.90 81.10 -46.28
CA LEU S 76 -1.75 82.47 -46.78
C LEU S 76 -1.68 83.41 -45.58
N ILE S 77 -0.74 84.36 -45.62
CA ILE S 77 -0.59 85.36 -44.55
C ILE S 77 -0.78 86.75 -45.17
N ARG S 78 -1.97 87.32 -44.97
CA ARG S 78 -2.26 88.69 -45.43
C ARG S 78 -1.53 89.72 -44.57
N ASP S 79 -1.09 90.80 -45.20
CA ASP S 79 -0.44 91.92 -44.52
C ASP S 79 0.78 91.46 -43.70
N SER S 80 1.67 90.71 -44.36
CA SER S 80 2.85 90.13 -43.72
C SER S 80 3.72 91.17 -43.06
N GLN S 81 4.19 90.88 -41.86
CA GLN S 81 5.07 91.78 -41.11
C GLN S 81 6.42 91.11 -40.90
N PRO S 82 7.47 91.87 -40.53
CA PRO S 82 8.77 91.25 -40.26
C PRO S 82 8.78 90.20 -39.13
N SER S 83 7.91 90.38 -38.14
CA SER S 83 7.75 89.40 -37.05
C SER S 83 7.14 88.05 -37.49
N ASP S 84 6.59 87.97 -38.70
CA ASP S 84 6.18 86.70 -39.30
C ASP S 84 7.36 85.89 -39.86
N SER S 85 8.56 86.48 -39.91
CA SER S 85 9.76 85.75 -40.34
C SER S 85 10.03 84.59 -39.40
N ALA S 86 9.99 83.37 -39.94
CA ALA S 86 10.09 82.12 -39.17
C ALA S 86 10.08 80.92 -40.10
N THR S 87 10.27 79.73 -39.54
CA THR S 87 10.10 78.48 -40.28
C THR S 87 8.70 77.96 -40.01
N TYR S 88 7.98 77.63 -41.08
CA TYR S 88 6.58 77.22 -41.00
C TYR S 88 6.49 75.73 -41.32
N LEU S 89 6.06 74.96 -40.31
CA LEU S 89 6.02 73.50 -40.37
C LEU S 89 4.60 72.99 -40.62
N CYS S 90 4.48 72.15 -41.64
CA CYS S 90 3.25 71.49 -42.02
C CYS S 90 3.23 70.07 -41.42
N ALA S 91 2.13 69.67 -40.80
CA ALA S 91 1.99 68.33 -40.23
C ALA S 91 0.64 67.71 -40.58
N VAL S 92 0.64 66.40 -40.83
CA VAL S 92 -0.56 65.67 -41.26
C VAL S 92 -0.81 64.43 -40.39
N LYS S 93 -2.02 64.36 -39.81
CA LYS S 93 -2.48 63.18 -39.09
C LYS S 93 -3.37 62.35 -40.00
N SER S 94 -3.23 61.02 -39.88
CA SER S 94 -3.85 60.07 -40.80
C SER S 94 -4.54 58.93 -40.05
N GLY S 95 -5.20 58.05 -40.82
CA GLY S 95 -6.06 57.01 -40.26
C GLY S 95 -5.37 55.89 -39.51
N GLY S 96 -4.18 55.48 -39.93
CA GLY S 96 -3.50 54.32 -39.35
C GLY S 96 -2.44 54.58 -38.30
N SER S 97 -2.41 55.78 -37.70
CA SER S 97 -1.38 56.11 -36.72
C SER S 97 -1.74 57.36 -35.90
N TYR S 98 -1.21 57.42 -34.68
CA TYR S 98 -1.31 58.62 -33.82
C TYR S 98 -0.18 59.62 -34.07
N ILE S 99 0.86 59.18 -34.78
CA ILE S 99 2.03 60.02 -35.09
C ILE S 99 1.70 60.96 -36.26
N PRO S 100 1.75 62.29 -36.04
CA PRO S 100 1.65 63.21 -37.19
C PRO S 100 2.90 63.18 -38.06
N THR S 101 2.70 63.22 -39.38
CA THR S 101 3.81 63.24 -40.33
C THR S 101 4.17 64.71 -40.66
N PHE S 102 5.41 65.09 -40.36
CA PHE S 102 5.88 66.45 -40.56
C PHE S 102 6.60 66.62 -41.90
N GLY S 103 6.42 67.79 -42.52
CA GLY S 103 7.29 68.24 -43.59
C GLY S 103 8.52 68.89 -42.97
N ARG S 104 9.55 69.08 -43.78
CA ARG S 104 10.83 69.63 -43.28
C ARG S 104 10.79 71.12 -42.92
N GLY S 105 9.73 71.81 -43.33
CA GLY S 105 9.51 73.21 -42.97
C GLY S 105 9.98 74.16 -44.05
N THR S 106 9.28 75.29 -44.19
CA THR S 106 9.61 76.33 -45.16
C THR S 106 9.99 77.59 -44.42
N SER S 107 11.20 78.09 -44.70
CA SER S 107 11.69 79.32 -44.08
C SER S 107 11.13 80.54 -44.81
N LEU S 108 10.47 81.45 -44.08
CA LEU S 108 9.91 82.68 -44.61
C LEU S 108 10.65 83.87 -44.02
N ILE S 109 11.08 84.79 -44.87
CA ILE S 109 11.64 86.07 -44.44
C ILE S 109 10.74 87.16 -45.00
N VAL S 110 10.28 88.06 -44.12
CA VAL S 110 9.49 89.21 -44.53
C VAL S 110 10.37 90.46 -44.37
N HIS S 111 10.79 91.01 -45.50
CA HIS S 111 11.69 92.16 -45.51
C HIS S 111 10.90 93.42 -45.17
N PRO S 112 11.43 94.25 -44.25
CA PRO S 112 10.69 95.46 -43.86
C PRO S 112 10.74 96.56 -44.92
N TYR S 113 9.70 97.40 -44.96
CA TYR S 113 9.67 98.56 -45.84
C TYR S 113 10.37 99.73 -45.14
N ILE S 114 11.55 100.10 -45.64
CA ILE S 114 12.27 101.26 -45.13
C ILE S 114 11.70 102.50 -45.83
N GLN S 115 11.15 103.43 -45.06
CA GLN S 115 10.50 104.65 -45.58
C GLN S 115 11.53 105.56 -46.24
N ASN S 116 12.51 106.00 -45.45
CA ASN S 116 13.54 106.94 -45.90
C ASN S 116 14.91 106.28 -45.74
N PRO S 117 15.35 105.48 -46.74
CA PRO S 117 16.69 104.90 -46.72
C PRO S 117 17.77 105.95 -46.49
N ASP S 118 18.69 105.67 -45.57
CA ASP S 118 19.80 106.57 -45.25
C ASP S 118 21.11 105.78 -45.14
N PRO S 119 21.44 104.97 -46.18
CA PRO S 119 22.60 104.07 -46.13
C PRO S 119 23.87 104.73 -45.63
N ALA S 120 24.50 104.13 -44.61
CA ALA S 120 25.69 104.69 -43.99
C ALA S 120 26.56 103.61 -43.36
N VAL S 121 27.86 103.90 -43.26
CA VAL S 121 28.86 102.98 -42.68
C VAL S 121 29.63 103.76 -41.62
N TYR S 122 29.35 103.46 -40.35
CA TYR S 122 29.97 104.15 -39.21
C TYR S 122 31.04 103.28 -38.53
N GLN S 123 31.94 103.93 -37.80
CA GLN S 123 32.96 103.25 -36.99
C GLN S 123 32.67 103.45 -35.51
N LEU S 124 32.70 102.35 -34.74
CA LEU S 124 32.44 102.35 -33.29
C LEU S 124 33.75 102.13 -32.50
N ARG S 125 33.68 102.29 -31.18
CA ARG S 125 34.82 102.01 -30.29
C ARG S 125 34.35 101.55 -28.91
N SER S 133 38.43 96.82 -33.96
CA SER S 133 37.43 97.82 -34.26
C SER S 133 36.23 97.20 -34.97
N VAL S 134 35.07 97.85 -34.84
CA VAL S 134 33.80 97.37 -35.39
C VAL S 134 33.16 98.42 -36.29
N CYS S 135 32.75 98.02 -37.49
CA CYS S 135 32.06 98.90 -38.45
C CYS S 135 30.61 98.48 -38.62
N LEU S 136 29.71 99.46 -38.60
CA LEU S 136 28.26 99.24 -38.67
C LEU S 136 27.70 99.78 -39.97
N PHE S 137 27.25 98.88 -40.85
CA PHE S 137 26.54 99.26 -42.08
C PHE S 137 25.05 99.25 -41.77
N THR S 138 24.42 100.42 -41.78
CA THR S 138 23.05 100.58 -41.25
C THR S 138 22.16 101.50 -42.07
N ASP S 139 20.87 101.47 -41.73
CA ASP S 139 19.82 102.28 -42.38
C ASP S 139 19.60 102.02 -43.88
N PHE S 140 20.09 100.89 -44.37
CA PHE S 140 20.05 100.62 -45.81
C PHE S 140 18.71 100.02 -46.21
N ASP S 141 18.48 100.03 -47.53
CA ASP S 141 17.27 99.54 -48.16
C ASP S 141 17.18 98.01 -48.08
N SER S 142 15.97 97.48 -48.01
CA SER S 142 15.77 96.01 -47.88
C SER S 142 16.19 95.18 -49.10
N GLN S 143 16.33 95.83 -50.26
CA GLN S 143 16.79 95.16 -51.47
C GLN S 143 18.32 95.01 -51.53
N THR S 144 19.04 95.65 -50.61
CA THR S 144 20.47 95.46 -50.42
C THR S 144 20.77 94.13 -49.73
N ASN S 145 21.57 93.29 -50.40
CA ASN S 145 22.01 92.00 -49.85
C ASN S 145 23.46 92.13 -49.38
N VAL S 146 23.69 91.94 -48.09
CA VAL S 146 25.06 91.98 -47.54
C VAL S 146 25.71 90.63 -47.81
N SER S 147 26.95 90.66 -48.30
CA SER S 147 27.69 89.44 -48.66
C SER S 147 28.76 89.14 -47.62
N GLN S 148 29.15 87.87 -47.53
CA GLN S 148 30.19 87.43 -46.63
C GLN S 148 31.56 87.91 -47.12
N SER S 149 32.52 87.93 -46.21
CA SER S 149 33.85 88.50 -46.49
C SER S 149 34.68 87.67 -47.48
N LYS S 150 35.52 88.36 -48.24
CA LYS S 150 36.55 87.72 -49.05
C LYS S 150 37.61 87.15 -48.12
N ASP S 151 38.18 88.03 -47.30
CA ASP S 151 39.21 87.64 -46.32
C ASP S 151 38.58 86.86 -45.15
N SER S 152 39.35 85.90 -44.60
CA SER S 152 38.87 85.04 -43.52
C SER S 152 39.07 85.66 -42.13
N ASP S 153 40.06 86.56 -41.99
CA ASP S 153 40.24 87.34 -40.75
C ASP S 153 39.22 88.47 -40.55
N VAL S 154 38.43 88.78 -41.59
CA VAL S 154 37.33 89.74 -41.51
C VAL S 154 36.02 88.98 -41.38
N TYR S 155 35.22 89.31 -40.36
CA TYR S 155 33.94 88.65 -40.10
C TYR S 155 32.82 89.63 -40.39
N ILE S 156 31.81 89.18 -41.12
CA ILE S 156 30.66 90.02 -41.47
C ILE S 156 29.37 89.26 -41.19
N THR S 157 28.51 89.84 -40.35
CA THR S 157 27.20 89.25 -40.04
C THR S 157 26.22 89.58 -41.15
N ASP S 158 25.17 88.78 -41.26
CA ASP S 158 24.09 89.03 -42.21
C ASP S 158 23.25 90.20 -41.70
N LYS S 159 22.45 90.77 -42.61
CA LYS S 159 21.56 91.88 -42.26
C LYS S 159 20.54 91.45 -41.21
N CYS S 160 20.22 92.38 -40.31
CA CYS S 160 19.40 92.14 -39.15
C CYS S 160 18.38 93.29 -38.98
N VAL S 161 17.11 92.94 -38.81
CA VAL S 161 16.00 93.88 -38.71
C VAL S 161 15.65 94.20 -37.24
N LEU S 162 15.88 95.43 -36.81
CA LEU S 162 15.42 95.89 -35.48
C LEU S 162 14.18 96.78 -35.61
N ASP S 163 13.39 96.81 -34.54
CA ASP S 163 12.06 97.46 -34.56
C ASP S 163 11.85 98.25 -33.26
N MET S 164 12.00 99.57 -33.34
CA MET S 164 11.80 100.46 -32.19
C MET S 164 10.31 100.75 -32.01
N MET S 167 8.26 104.24 -31.57
CA MET S 167 8.46 105.25 -32.62
C MET S 167 8.15 104.75 -34.05
N ASP S 168 7.72 103.49 -34.18
CA ASP S 168 7.29 102.91 -35.47
C ASP S 168 8.39 102.96 -36.54
N PHE S 169 9.63 102.69 -36.13
CA PHE S 169 10.81 102.82 -36.98
C PHE S 169 11.57 101.51 -37.10
N LYS S 170 11.50 100.88 -38.28
CA LYS S 170 12.31 99.70 -38.59
C LYS S 170 13.67 100.15 -39.10
N SER S 171 14.64 99.24 -39.08
CA SER S 171 16.01 99.56 -39.49
C SER S 171 16.82 98.28 -39.75
N ASN S 172 17.36 98.16 -40.96
CA ASN S 172 18.32 97.10 -41.28
C ASN S 172 19.70 97.51 -40.77
N SER S 173 20.51 96.52 -40.40
CA SER S 173 21.89 96.74 -39.95
C SER S 173 22.76 95.52 -40.19
N ALA S 174 24.05 95.73 -40.42
CA ALA S 174 25.04 94.66 -40.55
C ALA S 174 26.34 95.10 -39.88
N VAL S 175 26.97 94.17 -39.17
CA VAL S 175 28.19 94.45 -38.42
C VAL S 175 29.35 93.76 -39.10
N ALA S 176 30.54 94.36 -39.00
CA ALA S 176 31.77 93.73 -39.46
C ALA S 176 32.93 94.12 -38.56
N TRP S 177 33.89 93.20 -38.41
CA TRP S 177 35.06 93.46 -37.57
C TRP S 177 36.26 92.63 -37.98
N SER S 178 37.43 93.08 -37.53
CA SER S 178 38.70 92.39 -37.76
C SER S 178 39.76 92.98 -36.84
N ASN S 179 40.65 92.14 -36.34
CA ASN S 179 41.82 92.60 -35.55
C ASN S 179 42.98 93.12 -36.42
N LYS S 180 42.94 92.86 -37.72
CA LYS S 180 43.97 93.33 -38.67
C LYS S 180 44.00 94.85 -38.79
N SER S 181 45.21 95.43 -38.77
CA SER S 181 45.39 96.88 -38.99
C SER S 181 45.26 97.31 -40.47
N ASP S 182 45.16 96.35 -41.39
CA ASP S 182 44.78 96.61 -42.78
C ASP S 182 43.31 97.07 -42.87
N PHE S 183 42.47 96.46 -42.02
CA PHE S 183 41.02 96.65 -42.04
C PHE S 183 40.59 98.07 -41.68
N ALA S 184 39.76 98.66 -42.55
CA ALA S 184 39.12 99.95 -42.30
C ALA S 184 37.66 99.88 -42.78
N CYS S 185 36.82 100.79 -42.30
CA CYS S 185 35.38 100.75 -42.61
C CYS S 185 35.06 101.00 -44.09
N ALA S 186 35.95 101.68 -44.81
CA ALA S 186 35.85 101.79 -46.27
C ALA S 186 36.02 100.43 -46.96
N ASN S 187 36.93 99.59 -46.46
CA ASN S 187 37.17 98.25 -47.02
C ASN S 187 36.05 97.27 -46.71
N ALA S 188 35.47 97.39 -45.51
CA ALA S 188 34.60 96.38 -44.92
C ALA S 188 33.65 95.65 -45.87
N PHE S 189 32.89 96.41 -46.64
CA PHE S 189 31.79 95.86 -47.44
C PHE S 189 32.01 95.91 -48.96
N ASN S 190 33.28 95.86 -49.39
CA ASN S 190 33.64 95.88 -50.83
C ASN S 190 33.03 94.74 -51.64
N ASN S 191 32.91 93.57 -51.03
CA ASN S 191 32.35 92.39 -51.69
C ASN S 191 30.82 92.47 -51.86
N SER S 192 30.17 93.25 -50.98
CA SER S 192 28.74 93.54 -51.12
C SER S 192 28.49 94.63 -52.16
N ILE S 193 27.35 94.54 -52.84
CA ILE S 193 26.87 95.60 -53.73
C ILE S 193 26.14 96.63 -52.87
N ILE S 194 26.87 97.67 -52.50
CA ILE S 194 26.41 98.74 -51.60
C ILE S 194 25.63 99.75 -52.45
N PRO S 195 24.70 100.54 -51.84
CA PRO S 195 24.11 101.66 -52.59
C PRO S 195 25.15 102.72 -52.98
N GLU S 196 24.95 103.35 -54.14
CA GLU S 196 25.89 104.32 -54.69
C GLU S 196 26.17 105.53 -53.78
N ASP S 197 25.10 106.09 -53.20
CA ASP S 197 25.19 107.30 -52.36
C ASP S 197 25.29 107.00 -50.84
N THR S 198 26.03 105.94 -50.49
CA THR S 198 26.20 105.56 -49.08
C THR S 198 27.16 106.52 -48.38
N PHE S 199 26.79 106.93 -47.17
CA PHE S 199 27.55 107.91 -46.39
C PHE S 199 28.78 107.25 -45.74
N PHE S 200 29.96 107.84 -45.97
CA PHE S 200 31.23 107.38 -45.37
C PHE S 200 31.94 108.55 -44.68
N PRO S 201 31.62 108.83 -43.40
CA PRO S 201 32.26 109.97 -42.72
C PRO S 201 33.74 109.77 -42.42
N ALA T 3 1.31 75.20 -16.51
CA ALA T 3 0.29 75.41 -17.57
C ALA T 3 0.59 74.67 -18.89
N GLY T 4 1.87 74.49 -19.24
CA GLY T 4 2.29 73.82 -20.49
C GLY T 4 3.30 72.71 -20.28
N VAL T 5 4.05 72.38 -21.35
CA VAL T 5 5.08 71.35 -21.32
C VAL T 5 6.40 71.96 -20.84
N THR T 6 6.95 71.41 -19.76
CA THR T 6 8.28 71.82 -19.27
C THR T 6 9.30 70.73 -19.56
N GLN T 7 10.53 71.11 -19.89
CA GLN T 7 11.64 70.14 -19.98
C GLN T 7 12.96 70.73 -19.46
N THR T 8 13.73 69.88 -18.77
CA THR T 8 15.03 70.27 -18.23
C THR T 8 16.10 69.21 -18.55
N PRO T 9 17.37 69.59 -18.67
CA PRO T 9 17.82 70.99 -18.69
C PRO T 9 17.61 71.61 -20.06
N LYS T 10 17.81 72.92 -20.17
CA LYS T 10 17.67 73.63 -21.45
C LYS T 10 18.94 73.56 -22.31
N PHE T 11 20.09 73.54 -21.65
CA PHE T 11 21.38 73.30 -22.32
C PHE T 11 22.15 72.20 -21.58
N GLN T 12 23.00 71.48 -22.32
CA GLN T 12 23.82 70.43 -21.72
C GLN T 12 25.05 70.13 -22.57
N VAL T 13 26.20 70.00 -21.92
CA VAL T 13 27.41 69.48 -22.54
C VAL T 13 27.69 68.09 -21.92
N LEU T 14 27.99 67.11 -22.76
CA LEU T 14 28.41 65.78 -22.32
C LEU T 14 29.68 65.37 -23.04
N LYS T 15 30.48 64.52 -22.39
CA LYS T 15 31.60 63.84 -23.05
C LYS T 15 31.06 62.51 -23.60
N THR T 16 31.67 62.04 -24.69
CA THR T 16 31.29 60.78 -25.32
C THR T 16 31.32 59.64 -24.29
N GLY T 17 30.22 58.90 -24.22
CA GLY T 17 30.09 57.77 -23.29
C GLY T 17 29.28 58.03 -22.03
N GLN T 18 29.06 59.30 -21.67
CA GLN T 18 28.27 59.63 -20.49
C GLN T 18 26.78 59.39 -20.71
N SER T 19 26.07 59.18 -19.61
CA SER T 19 24.63 59.04 -19.58
C SER T 19 24.00 60.34 -19.13
N MET T 20 22.73 60.52 -19.51
CA MET T 20 21.93 61.64 -19.05
C MET T 20 20.46 61.33 -19.32
N THR T 21 19.59 61.97 -18.55
CA THR T 21 18.16 61.86 -18.71
C THR T 21 17.59 63.25 -18.97
N LEU T 22 16.88 63.41 -20.09
CA LEU T 22 16.15 64.64 -20.37
C LEU T 22 14.75 64.51 -19.78
N GLN T 23 14.40 65.40 -18.86
CA GLN T 23 13.09 65.39 -18.22
C GLN T 23 12.06 66.04 -19.13
N CYS T 24 10.83 65.50 -19.13
CA CYS T 24 9.70 66.17 -19.76
C CYS T 24 8.45 65.93 -18.96
N ALA T 25 7.79 67.00 -18.51
CA ALA T 25 6.56 66.90 -17.72
C ALA T 25 5.48 67.83 -18.30
N GLN T 26 4.22 67.37 -18.25
CA GLN T 26 3.08 68.18 -18.68
C GLN T 26 1.93 68.03 -17.69
N ASP T 27 1.20 69.12 -17.48
CA ASP T 27 0.13 69.16 -16.47
C ASP T 27 -1.25 69.35 -17.10
N MET T 28 -1.40 68.89 -18.34
CA MET T 28 -2.62 69.09 -19.12
C MET T 28 -3.41 67.81 -19.36
N ASN T 29 -3.00 66.71 -18.73
CA ASN T 29 -3.58 65.39 -18.94
C ASN T 29 -3.63 64.95 -20.41
N HIS T 30 -2.57 65.29 -21.14
CA HIS T 30 -2.38 64.77 -22.50
C HIS T 30 -2.12 63.28 -22.41
N GLU T 31 -2.74 62.52 -23.31
CA GLU T 31 -2.50 61.09 -23.40
C GLU T 31 -1.23 60.83 -24.21
N TYR T 32 -1.12 61.51 -25.35
CA TYR T 32 0.01 61.35 -26.28
C TYR T 32 1.20 62.19 -25.83
N MET T 33 2.39 61.59 -25.86
CA MET T 33 3.65 62.29 -25.56
C MET T 33 4.75 61.75 -26.48
N SER T 34 5.60 62.64 -27.00
CA SER T 34 6.64 62.28 -27.97
C SER T 34 7.96 63.00 -27.71
N TRP T 35 9.03 62.46 -28.29
CA TRP T 35 10.37 63.07 -28.27
C TRP T 35 10.86 63.22 -29.71
N TYR T 36 11.14 64.48 -30.09
CA TYR T 36 11.70 64.82 -31.39
C TYR T 36 13.15 65.30 -31.22
N ARG T 37 13.97 65.04 -32.24
CA ARG T 37 15.24 65.76 -32.40
C ARG T 37 15.16 66.61 -33.69
N GLN T 38 15.76 67.79 -33.64
CA GLN T 38 15.78 68.72 -34.80
C GLN T 38 17.21 69.08 -35.18
N ASP T 39 17.62 68.72 -36.40
CA ASP T 39 18.96 69.00 -36.91
C ASP T 39 18.88 69.82 -38.20
N PRO T 40 19.83 70.77 -38.40
CA PRO T 40 19.85 71.71 -39.53
C PRO T 40 19.24 71.22 -40.86
N GLY T 41 19.73 70.11 -41.40
CA GLY T 41 19.28 69.62 -42.70
C GLY T 41 18.01 68.78 -42.75
N MET T 42 17.58 68.25 -41.60
CA MET T 42 16.65 67.11 -41.59
C MET T 42 15.28 67.33 -40.92
N GLY T 43 15.01 68.55 -40.45
CA GLY T 43 13.75 68.86 -39.77
C GLY T 43 13.53 68.07 -38.48
N LEU T 44 12.26 67.95 -38.07
CA LEU T 44 11.90 67.16 -36.89
C LEU T 44 11.87 65.68 -37.23
N ARG T 45 12.58 64.87 -36.45
CA ARG T 45 12.55 63.41 -36.57
C ARG T 45 12.13 62.79 -35.25
N LEU T 46 11.22 61.82 -35.31
CA LEU T 46 10.64 61.19 -34.11
C LEU T 46 11.56 60.13 -33.52
N ILE T 47 11.80 60.22 -32.21
CA ILE T 47 12.64 59.27 -31.48
C ILE T 47 11.77 58.15 -30.84
N HIS T 48 10.90 58.54 -29.91
CA HIS T 48 9.94 57.65 -29.26
C HIS T 48 8.63 58.39 -29.04
N TYR T 49 7.54 57.63 -28.90
CA TYR T 49 6.26 58.18 -28.47
C TYR T 49 5.55 57.23 -27.52
N SER T 50 4.48 57.74 -26.91
CA SER T 50 3.68 57.00 -25.96
C SER T 50 2.25 57.51 -25.97
N VAL T 51 1.29 56.63 -26.30
CA VAL T 51 -0.13 57.00 -26.29
C VAL T 51 -0.76 57.01 -24.89
N GLY T 52 0.00 56.61 -23.87
CA GLY T 52 -0.50 56.63 -22.49
C GLY T 52 0.39 55.86 -21.53
N ALA T 53 0.07 55.92 -20.24
CA ALA T 53 0.83 55.19 -19.22
C ALA T 53 0.91 53.70 -19.55
N GLY T 54 2.11 53.13 -19.38
CA GLY T 54 2.34 51.70 -19.57
C GLY T 54 2.59 51.23 -21.00
N ILE T 55 2.81 52.18 -21.92
CA ILE T 55 3.19 51.84 -23.29
C ILE T 55 4.13 52.90 -23.87
N THR T 56 5.20 52.43 -24.51
CA THR T 56 6.07 53.27 -25.31
C THR T 56 6.30 52.58 -26.65
N ASP T 57 6.59 53.37 -27.68
CA ASP T 57 6.81 52.85 -29.03
C ASP T 57 7.96 53.56 -29.72
N LYS T 58 8.64 52.85 -30.62
CA LYS T 58 9.74 53.42 -31.39
C LYS T 58 9.24 54.34 -32.50
N GLY T 59 10.04 55.36 -32.81
CA GLY T 59 9.77 56.30 -33.90
C GLY T 59 10.70 56.04 -35.08
N GLU T 60 11.13 57.12 -35.74
CA GLU T 60 12.01 57.02 -36.90
C GLU T 60 13.45 56.73 -36.51
N VAL T 61 13.93 57.37 -35.44
CA VAL T 61 15.34 57.27 -34.99
C VAL T 61 15.47 56.89 -33.50
N PRO T 62 14.95 55.71 -33.11
CA PRO T 62 14.95 55.30 -31.71
C PRO T 62 16.31 54.87 -31.14
N ASN T 63 17.20 54.36 -31.99
CA ASN T 63 18.47 53.75 -31.56
C ASN T 63 19.33 54.71 -30.74
N GLY T 64 19.87 54.19 -29.62
CA GLY T 64 20.66 55.00 -28.68
C GLY T 64 19.86 55.69 -27.57
N TYR T 65 18.53 55.64 -27.65
CA TYR T 65 17.65 56.31 -26.69
C TYR T 65 16.68 55.33 -26.02
N ASN T 66 16.35 55.59 -24.76
CA ASN T 66 15.27 54.87 -24.06
C ASN T 66 14.25 55.85 -23.51
N VAL T 67 13.01 55.39 -23.36
CA VAL T 67 11.94 56.12 -22.69
C VAL T 67 11.15 55.22 -21.75
N SER T 68 10.43 55.86 -20.83
CA SER T 68 9.50 55.17 -19.94
C SER T 68 8.29 56.08 -19.70
N ARG T 69 7.11 55.46 -19.61
CA ARG T 69 5.86 56.16 -19.29
C ARG T 69 5.12 55.37 -18.20
N SER T 70 5.52 55.62 -16.95
CA SER T 70 4.86 55.05 -15.78
C SER T 70 3.78 55.97 -15.17
N THR T 71 3.71 57.21 -15.65
CA THR T 71 2.72 58.20 -15.19
C THR T 71 2.12 58.95 -16.39
N THR T 72 1.03 59.66 -16.13
CA THR T 72 0.39 60.52 -17.14
C THR T 72 1.28 61.71 -17.51
N GLU T 73 1.96 62.28 -16.52
CA GLU T 73 2.64 63.58 -16.66
C GLU T 73 4.02 63.49 -17.31
N ASP T 74 4.84 62.53 -16.86
CA ASP T 74 6.28 62.52 -17.17
C ASP T 74 6.64 61.52 -18.27
N PHE T 75 7.62 61.88 -19.10
CA PHE T 75 8.05 61.03 -20.22
C PHE T 75 9.55 61.23 -20.48
N PRO T 76 10.40 60.82 -19.52
CA PRO T 76 11.85 61.08 -19.64
C PRO T 76 12.55 60.32 -20.78
N LEU T 77 13.52 60.99 -21.39
CA LEU T 77 14.35 60.41 -22.45
C LEU T 77 15.75 60.17 -21.88
N ARG T 78 16.18 58.92 -21.86
CA ARG T 78 17.52 58.55 -21.41
C ARG T 78 18.46 58.38 -22.61
N LEU T 79 19.64 59.00 -22.53
CA LEU T 79 20.73 58.72 -23.45
C LEU T 79 21.63 57.74 -22.73
N LEU T 80 21.78 56.54 -23.30
CA LEU T 80 22.50 55.44 -22.63
C LEU T 80 24.00 55.68 -22.67
N SER T 81 24.52 55.90 -23.88
CA SER T 81 25.95 56.15 -24.11
C SER T 81 26.07 57.27 -25.14
N ALA T 82 26.35 58.48 -24.65
CA ALA T 82 26.33 59.69 -25.50
C ALA T 82 27.34 59.63 -26.66
N ALA T 83 26.86 59.90 -27.87
CA ALA T 83 27.69 59.92 -29.08
C ALA T 83 27.67 61.32 -29.71
N PRO T 84 28.74 61.71 -30.45
CA PRO T 84 28.75 63.03 -31.12
C PRO T 84 27.57 63.28 -32.07
N SER T 85 27.07 62.24 -32.74
CA SER T 85 25.92 62.36 -33.64
C SER T 85 24.58 62.62 -32.93
N GLN T 86 24.55 62.47 -31.60
CA GLN T 86 23.39 62.86 -30.79
C GLN T 86 23.40 64.35 -30.39
N THR T 87 24.45 65.07 -30.77
CA THR T 87 24.45 66.54 -30.69
C THR T 87 23.28 67.08 -31.49
N SER T 88 22.31 67.69 -30.80
CA SER T 88 21.08 68.19 -31.44
C SER T 88 20.25 69.02 -30.46
N VAL T 89 19.11 69.49 -30.97
CA VAL T 89 18.09 70.15 -30.17
C VAL T 89 16.96 69.15 -30.00
N TYR T 90 16.57 68.90 -28.74
CA TYR T 90 15.56 67.89 -28.40
C TYR T 90 14.28 68.53 -27.89
N PHE T 91 13.15 68.19 -28.52
CA PHE T 91 11.86 68.73 -28.15
C PHE T 91 10.93 67.64 -27.66
N CYS T 92 10.27 67.92 -26.55
CA CYS T 92 9.19 67.10 -26.05
C CYS T 92 7.88 67.67 -26.57
N ALA T 93 6.99 66.80 -27.08
CA ALA T 93 5.72 67.23 -27.65
C ALA T 93 4.60 66.29 -27.19
N SER T 94 3.51 66.88 -26.69
CA SER T 94 2.36 66.14 -26.17
C SER T 94 1.05 66.71 -26.72
N SER T 95 0.02 65.88 -26.75
CA SER T 95 -1.32 66.28 -27.20
C SER T 95 -2.40 65.36 -26.69
N TYR T 96 -3.65 65.79 -26.87
CA TYR T 96 -4.83 64.93 -26.71
C TYR T 96 -4.95 63.97 -27.89
N LEU T 97 -6.01 63.17 -27.92
CA LEU T 97 -6.23 62.18 -28.97
C LEU T 97 -7.47 62.47 -29.84
N ASN T 98 -7.94 63.71 -29.85
CA ASN T 98 -8.93 64.15 -30.87
C ASN T 98 -8.22 64.17 -32.22
N ARG T 99 -8.99 64.01 -33.30
CA ARG T 99 -8.47 64.15 -34.67
C ARG T 99 -7.70 65.47 -34.82
N ASP T 100 -8.27 66.56 -34.30
CA ASP T 100 -7.75 67.92 -34.48
C ASP T 100 -6.78 68.40 -33.40
N SER T 101 -6.36 67.49 -32.52
CA SER T 101 -5.40 67.82 -31.46
C SER T 101 -4.03 68.12 -32.04
N ALA T 102 -3.50 69.29 -31.66
CA ALA T 102 -2.19 69.73 -32.13
C ALA T 102 -1.18 69.49 -31.03
N LEU T 103 0.06 69.24 -31.42
CA LEU T 103 1.17 69.08 -30.47
C LEU T 103 1.46 70.40 -29.76
N ASP T 104 1.84 70.29 -28.50
CA ASP T 104 2.26 71.42 -27.68
C ASP T 104 3.72 71.12 -27.31
N PHE T 105 4.64 71.97 -27.77
CA PHE T 105 6.08 71.70 -27.64
C PHE T 105 6.68 72.35 -26.41
N GLY T 106 7.62 71.66 -25.79
CA GLY T 106 8.41 72.22 -24.67
C GLY T 106 9.45 73.18 -25.20
N PRO T 107 10.09 73.95 -24.27
CA PRO T 107 11.09 74.97 -24.65
C PRO T 107 12.30 74.40 -25.40
N GLY T 108 12.66 73.17 -25.09
CA GLY T 108 13.67 72.44 -25.86
C GLY T 108 14.98 72.31 -25.11
N THR T 109 15.81 71.38 -25.57
CA THR T 109 17.06 71.04 -24.89
C THR T 109 18.17 70.97 -25.92
N ARG T 110 19.13 71.90 -25.84
CA ARG T 110 20.27 71.92 -26.77
C ARG T 110 21.34 71.03 -26.14
N LEU T 111 21.67 69.94 -26.81
CA LEU T 111 22.68 69.02 -26.32
C LEU T 111 23.87 69.01 -27.28
N THR T 112 25.07 69.11 -26.71
CA THR T 112 26.31 68.97 -27.45
C THR T 112 27.14 67.85 -26.83
N VAL T 113 27.45 66.82 -27.62
CA VAL T 113 28.32 65.74 -27.18
C VAL T 113 29.68 65.89 -27.85
N LEU T 114 30.72 66.01 -27.02
CA LEU T 114 32.10 66.18 -27.48
C LEU T 114 32.97 64.96 -27.16
N GLU T 115 34.00 64.74 -27.96
CA GLU T 115 35.02 63.75 -27.68
C GLU T 115 35.87 64.14 -26.47
N ASP T 116 36.26 65.41 -26.43
CA ASP T 116 37.11 65.97 -25.38
C ASP T 116 36.55 67.32 -24.96
N LEU T 117 36.58 67.60 -23.65
CA LEU T 117 36.09 68.88 -23.13
C LEU T 117 37.08 70.07 -23.23
N LYS T 118 38.27 69.83 -23.79
CA LYS T 118 39.26 70.90 -24.03
C LYS T 118 38.84 71.95 -25.07
N ASN T 119 37.87 71.65 -25.91
CA ASN T 119 37.33 72.62 -26.87
C ASN T 119 36.30 73.59 -26.26
N VAL T 120 35.86 73.35 -25.02
CA VAL T 120 34.85 74.21 -24.39
C VAL T 120 35.53 75.51 -23.91
N PHE T 121 35.04 76.64 -24.41
CA PHE T 121 35.53 77.98 -24.04
C PHE T 121 34.33 78.90 -23.77
N PRO T 122 34.43 79.77 -22.75
CA PRO T 122 33.37 80.78 -22.57
C PRO T 122 33.58 81.97 -23.52
N PRO T 123 32.59 82.88 -23.62
CA PRO T 123 32.76 84.04 -24.49
C PRO T 123 33.51 85.18 -23.84
N GLU T 124 34.32 85.88 -24.63
CA GLU T 124 34.75 87.25 -24.31
C GLU T 124 33.66 88.16 -24.83
N VAL T 125 33.25 89.13 -24.01
CA VAL T 125 32.17 90.04 -24.36
C VAL T 125 32.67 91.48 -24.32
N ALA T 126 32.27 92.24 -25.35
CA ALA T 126 32.65 93.65 -25.47
C ALA T 126 31.49 94.47 -26.05
N VAL T 127 31.26 95.64 -25.45
CA VAL T 127 30.30 96.63 -25.95
C VAL T 127 31.10 97.71 -26.67
N PHE T 128 30.65 98.06 -27.87
CA PHE T 128 31.23 99.14 -28.67
C PHE T 128 30.22 100.30 -28.73
N GLU T 129 30.68 101.49 -28.35
CA GLU T 129 29.80 102.66 -28.20
C GLU T 129 29.46 103.29 -29.56
N PRO T 130 28.30 104.00 -29.64
CA PRO T 130 27.83 104.58 -30.92
C PRO T 130 28.76 105.61 -31.56
N SER T 131 28.63 105.75 -32.88
CA SER T 131 29.41 106.72 -33.65
C SER T 131 28.87 108.13 -33.45
N GLU T 132 29.78 109.10 -33.31
CA GLU T 132 29.41 110.52 -33.29
C GLU T 132 28.73 110.95 -34.59
N ALA T 133 29.20 110.41 -35.71
CA ALA T 133 28.60 110.68 -37.03
C ALA T 133 27.17 110.18 -37.16
N GLU T 134 26.88 108.99 -36.62
CA GLU T 134 25.50 108.46 -36.61
C GLU T 134 24.55 109.38 -35.87
N ILE T 135 25.00 109.88 -34.70
CA ILE T 135 24.19 110.73 -33.82
C ILE T 135 23.72 112.00 -34.53
N SER T 136 24.65 112.72 -35.16
CA SER T 136 24.30 113.96 -35.87
C SER T 136 23.50 113.69 -37.16
N HIS T 137 23.82 112.61 -37.86
CA HIS T 137 23.19 112.27 -39.15
C HIS T 137 21.77 111.70 -39.03
N THR T 138 21.49 110.92 -37.99
CA THR T 138 20.19 110.25 -37.84
C THR T 138 19.42 110.56 -36.53
N GLN T 139 20.04 111.29 -35.59
CA GLN T 139 19.50 111.47 -34.23
C GLN T 139 19.20 110.12 -33.54
N LYS T 140 20.13 109.18 -33.69
CA LYS T 140 20.04 107.84 -33.10
C LYS T 140 21.43 107.34 -32.73
N ALA T 141 21.47 106.35 -31.83
CA ALA T 141 22.71 105.80 -31.28
C ALA T 141 22.63 104.29 -31.24
N THR T 142 23.47 103.61 -32.04
CA THR T 142 23.53 102.15 -32.08
C THR T 142 24.76 101.65 -31.33
N LEU T 143 24.51 100.91 -30.23
CA LEU T 143 25.53 100.14 -29.53
C LEU T 143 25.56 98.76 -30.17
N VAL T 144 26.75 98.22 -30.43
CA VAL T 144 26.88 96.81 -30.80
C VAL T 144 27.66 96.05 -29.74
N CYS T 145 27.22 94.81 -29.49
CA CYS T 145 27.86 93.91 -28.55
C CYS T 145 28.41 92.73 -29.33
N LEU T 146 29.68 92.39 -29.09
CA LEU T 146 30.31 91.21 -29.66
C LEU T 146 30.59 90.18 -28.57
N ALA T 147 30.11 88.95 -28.77
CA ALA T 147 30.44 87.80 -27.94
C ALA T 147 31.32 86.89 -28.80
N THR T 148 32.59 86.73 -28.42
CA THR T 148 33.58 86.07 -29.29
C THR T 148 34.32 84.93 -28.62
N GLY T 149 34.71 83.94 -29.43
CA GLY T 149 35.58 82.86 -28.99
C GLY T 149 34.98 81.79 -28.09
N PHE T 150 33.67 81.57 -28.19
CA PHE T 150 32.96 80.62 -27.33
C PHE T 150 32.64 79.32 -28.04
N TYR T 151 32.56 78.24 -27.26
CA TYR T 151 32.20 76.91 -27.76
C TYR T 151 31.73 76.04 -26.59
N PRO T 152 30.66 75.26 -26.74
CA PRO T 152 29.81 75.17 -27.93
C PRO T 152 28.84 76.35 -28.09
N ASP T 153 27.98 76.29 -29.11
CA ASP T 153 27.02 77.37 -29.41
C ASP T 153 25.86 77.41 -28.41
N HIS T 154 26.18 77.66 -27.14
CA HIS T 154 25.20 77.62 -26.04
C HIS T 154 25.24 78.97 -25.35
N VAL T 155 24.59 79.96 -25.96
CA VAL T 155 24.58 81.33 -25.44
C VAL T 155 23.18 81.96 -25.52
N GLU T 156 22.89 82.82 -24.55
CA GLU T 156 21.70 83.66 -24.55
C GLU T 156 22.13 85.10 -24.29
N LEU T 157 22.04 85.94 -25.33
CA LEU T 157 22.43 87.35 -25.24
C LEU T 157 21.22 88.21 -24.87
N SER T 158 21.43 89.17 -23.96
CA SER T 158 20.38 90.10 -23.57
C SER T 158 20.97 91.49 -23.25
N TRP T 159 20.21 92.53 -23.58
CA TRP T 159 20.59 93.92 -23.27
C TRP T 159 19.83 94.39 -22.04
N TRP T 160 20.53 95.09 -21.15
CA TRP T 160 19.95 95.56 -19.88
C TRP T 160 20.19 97.05 -19.71
N VAL T 161 19.11 97.81 -19.58
CA VAL T 161 19.16 99.27 -19.47
C VAL T 161 18.69 99.70 -18.08
N ASN T 162 19.58 100.30 -17.30
CA ASN T 162 19.32 100.73 -15.91
C ASN T 162 18.77 99.61 -15.03
N GLY T 163 19.33 98.41 -15.20
CA GLY T 163 18.91 97.22 -14.45
C GLY T 163 17.70 96.46 -14.97
N LYS T 164 17.01 96.99 -15.98
CA LYS T 164 15.84 96.33 -16.57
C LYS T 164 16.17 95.82 -17.97
N GLU T 165 15.76 94.60 -18.26
CA GLU T 165 15.98 93.99 -19.58
C GLU T 165 15.13 94.68 -20.65
N VAL T 166 15.70 94.90 -21.82
CA VAL T 166 15.01 95.58 -22.92
C VAL T 166 14.94 94.71 -24.17
N HIS T 167 13.80 94.73 -24.86
CA HIS T 167 13.61 94.09 -26.17
C HIS T 167 13.36 95.09 -27.31
N SER T 168 12.83 96.27 -27.00
CA SER T 168 12.61 97.31 -28.01
C SER T 168 13.95 97.84 -28.51
N GLY T 169 14.11 97.87 -29.83
CA GLY T 169 15.34 98.36 -30.47
C GLY T 169 16.53 97.43 -30.32
N VAL T 170 16.28 96.12 -30.36
CA VAL T 170 17.31 95.11 -30.20
C VAL T 170 17.30 94.18 -31.41
N CYS T 171 18.50 93.92 -31.96
CA CYS T 171 18.68 92.86 -32.96
C CYS T 171 19.83 91.97 -32.51
N THR T 172 19.59 90.67 -32.44
CA THR T 172 20.65 89.69 -32.20
C THR T 172 20.65 88.71 -33.37
N ASP T 173 21.84 88.27 -33.77
CA ASP T 173 21.99 87.36 -34.90
C ASP T 173 21.26 86.04 -34.60
N PRO T 174 20.54 85.47 -35.60
CA PRO T 174 19.86 84.19 -35.35
C PRO T 174 20.85 83.03 -35.09
N GLN T 175 21.90 82.95 -35.91
CA GLN T 175 23.03 82.03 -35.68
C GLN T 175 24.34 82.80 -35.52
N PRO T 176 25.31 82.23 -34.80
CA PRO T 176 26.65 82.83 -34.74
C PRO T 176 27.49 82.51 -35.97
N LEU T 177 28.63 83.19 -36.07
CA LEU T 177 29.63 82.93 -37.11
C LEU T 177 30.70 82.00 -36.56
N LYS T 178 31.19 81.09 -37.41
CA LYS T 178 32.37 80.30 -37.08
C LYS T 178 33.61 81.14 -37.32
N GLU T 179 34.46 81.26 -36.30
CA GLU T 179 35.69 82.05 -36.40
C GLU T 179 36.72 81.38 -37.30
N GLN T 180 36.79 80.04 -37.26
CA GLN T 180 37.62 79.24 -38.17
C GLN T 180 36.70 78.27 -38.94
N PRO T 181 36.04 78.75 -40.02
CA PRO T 181 35.02 77.93 -40.69
C PRO T 181 35.50 76.56 -41.24
N ALA T 182 36.79 76.46 -41.57
CA ALA T 182 37.41 75.20 -42.03
C ALA T 182 37.49 74.14 -40.93
N LEU T 183 37.99 74.55 -39.77
CA LEU T 183 38.16 73.66 -38.61
C LEU T 183 36.81 73.08 -38.14
N ASN T 184 36.85 71.82 -37.71
CA ASN T 184 35.64 71.07 -37.37
C ASN T 184 35.02 71.55 -36.06
N ASP T 185 35.86 71.68 -35.03
CA ASP T 185 35.43 72.10 -33.69
C ASP T 185 35.77 73.57 -33.48
N SER T 186 35.18 74.42 -34.33
CA SER T 186 35.50 75.84 -34.38
C SER T 186 34.74 76.66 -33.34
N ARG T 187 35.43 77.61 -32.73
CA ARG T 187 34.85 78.52 -31.76
C ARG T 187 33.99 79.56 -32.47
N TYR T 188 32.97 80.07 -31.76
CA TYR T 188 31.94 80.91 -32.36
C TYR T 188 32.05 82.38 -31.98
N ALA T 189 31.44 83.23 -32.81
CA ALA T 189 31.25 84.64 -32.52
C ALA T 189 29.79 85.02 -32.78
N LEU T 190 29.25 85.92 -31.95
CA LEU T 190 27.87 86.40 -32.07
C LEU T 190 27.85 87.91 -31.88
N SER T 191 26.96 88.60 -32.60
CA SER T 191 26.79 90.04 -32.43
C SER T 191 25.34 90.41 -32.12
N SER T 192 25.16 91.55 -31.47
CA SER T 192 23.85 92.12 -31.21
C SER T 192 23.90 93.65 -31.23
N ARG T 193 22.80 94.27 -31.65
CA ARG T 193 22.65 95.73 -31.71
C ARG T 193 21.60 96.17 -30.71
N LEU T 194 21.85 97.30 -30.06
CA LEU T 194 20.82 98.01 -29.29
C LEU T 194 20.76 99.44 -29.84
N ARG T 195 19.63 99.78 -30.47
CA ARG T 195 19.44 101.12 -31.00
C ARG T 195 18.46 101.92 -30.13
N VAL T 196 18.89 103.12 -29.76
CA VAL T 196 18.08 104.09 -29.04
C VAL T 196 18.32 105.46 -29.67
N SER T 197 17.49 106.44 -29.31
CA SER T 197 17.67 107.81 -29.78
C SER T 197 18.93 108.42 -29.13
N ALA T 198 19.43 109.48 -29.76
CA ALA T 198 20.61 110.19 -29.24
C ALA T 198 20.32 110.81 -27.87
N THR T 199 19.09 111.28 -27.68
CA THR T 199 18.62 111.79 -26.38
C THR T 199 18.85 110.81 -25.22
N PHE T 200 18.58 109.52 -25.47
CA PHE T 200 18.75 108.49 -24.44
C PHE T 200 20.22 108.12 -24.23
N TRP T 201 20.99 107.99 -25.31
CA TRP T 201 22.42 107.66 -25.21
C TRP T 201 23.23 108.76 -24.54
N GLN T 202 23.08 110.00 -25.02
CA GLN T 202 23.91 111.12 -24.55
C GLN T 202 23.65 111.55 -23.10
N ASP T 203 22.51 111.16 -22.53
CA ASP T 203 22.25 111.34 -21.09
C ASP T 203 23.18 110.42 -20.27
N PRO T 204 24.13 111.01 -19.49
CA PRO T 204 25.11 110.18 -18.77
C PRO T 204 24.56 109.42 -17.55
N ARG T 205 23.31 109.68 -17.15
CA ARG T 205 22.61 108.89 -16.13
C ARG T 205 22.30 107.46 -16.58
N ASN T 206 22.06 107.26 -17.88
CA ASN T 206 21.70 105.95 -18.42
C ASN T 206 22.90 104.99 -18.52
N HIS T 207 22.64 103.72 -18.20
CA HIS T 207 23.65 102.67 -18.06
C HIS T 207 23.22 101.44 -18.88
N PHE T 208 24.08 101.03 -19.81
CA PHE T 208 23.79 99.96 -20.77
C PHE T 208 24.70 98.77 -20.53
N ARG T 209 24.11 97.57 -20.38
CA ARG T 209 24.86 96.35 -20.17
C ARG T 209 24.45 95.28 -21.18
N CYS T 210 25.44 94.72 -21.87
CA CYS T 210 25.24 93.54 -22.72
C CYS T 210 25.63 92.31 -21.93
N GLN T 211 24.69 91.37 -21.77
CA GLN T 211 24.87 90.18 -20.93
C GLN T 211 24.81 88.92 -21.79
N VAL T 212 25.80 88.04 -21.63
CA VAL T 212 25.82 86.74 -22.33
C VAL T 212 25.87 85.62 -21.29
N GLN T 213 24.76 84.90 -21.16
CA GLN T 213 24.71 83.66 -20.36
C GLN T 213 25.31 82.54 -21.19
N PHE T 214 26.41 81.98 -20.72
CA PHE T 214 27.07 80.84 -21.37
C PHE T 214 26.77 79.56 -20.58
N TYR T 215 26.41 78.50 -21.30
CA TYR T 215 26.20 77.18 -20.71
C TYR T 215 27.32 76.24 -21.15
N GLY T 216 28.12 75.79 -20.18
CA GLY T 216 29.22 74.88 -20.44
C GLY T 216 29.29 73.77 -19.41
N LEU T 217 30.45 73.62 -18.78
CA LEU T 217 30.68 72.57 -17.77
C LEU T 217 30.01 72.95 -16.43
N SER T 218 29.88 71.95 -15.57
CA SER T 218 29.40 72.15 -14.20
C SER T 218 30.53 71.85 -13.21
N GLU T 219 30.26 71.95 -11.92
CA GLU T 219 31.19 71.48 -10.88
C GLU T 219 31.36 69.95 -10.91
N ASN T 220 30.34 69.23 -11.38
CA ASN T 220 30.38 67.75 -11.53
C ASN T 220 31.58 67.26 -12.35
N ASP T 221 31.85 67.95 -13.47
CA ASP T 221 32.88 67.52 -14.42
C ASP T 221 34.29 67.79 -13.92
N GLU T 222 35.26 67.02 -14.42
CA GLU T 222 36.68 67.19 -14.09
C GLU T 222 37.39 68.13 -15.04
N TRP T 223 38.47 68.73 -14.56
CA TRP T 223 39.25 69.69 -15.33
C TRP T 223 40.71 69.65 -14.90
N THR T 224 41.60 69.28 -15.83
CA THR T 224 43.04 69.20 -15.57
C THR T 224 43.88 70.26 -16.31
N GLN T 225 43.24 71.11 -17.11
CA GLN T 225 43.95 72.13 -17.90
C GLN T 225 44.42 73.31 -17.04
N ASP T 226 45.36 74.07 -17.59
CA ASP T 226 45.93 75.23 -16.89
C ASP T 226 44.95 76.40 -16.82
N ARG T 227 44.19 76.62 -17.87
CA ARG T 227 43.18 77.68 -17.89
C ARG T 227 42.01 77.37 -16.95
N ALA T 228 41.27 78.41 -16.58
CA ALA T 228 40.13 78.29 -15.69
C ALA T 228 39.07 77.38 -16.29
N LYS T 229 38.41 76.62 -15.43
CA LYS T 229 37.37 75.68 -15.84
C LYS T 229 36.24 76.46 -16.52
N PRO T 230 35.91 76.11 -17.79
CA PRO T 230 34.89 76.84 -18.54
C PRO T 230 33.48 76.45 -18.10
N VAL T 231 33.11 76.92 -16.92
CA VAL T 231 31.83 76.61 -16.30
C VAL T 231 30.71 77.41 -16.92
N THR T 232 29.48 77.04 -16.59
CA THR T 232 28.31 77.86 -16.88
C THR T 232 28.48 79.19 -16.15
N GLN T 233 28.27 80.30 -16.86
CA GLN T 233 28.56 81.63 -16.35
C GLN T 233 27.92 82.76 -17.15
N ILE T 234 27.75 83.90 -16.50
CA ILE T 234 27.23 85.11 -17.13
C ILE T 234 28.40 86.07 -17.35
N VAL T 235 28.65 86.44 -18.60
CA VAL T 235 29.73 87.37 -18.96
C VAL T 235 29.10 88.66 -19.48
N SER T 236 29.40 89.77 -18.81
CA SER T 236 28.79 91.07 -19.13
C SER T 236 29.83 92.10 -19.57
N ALA T 237 29.42 92.99 -20.47
CA ALA T 237 30.16 94.21 -20.81
C ALA T 237 29.24 95.40 -20.62
N GLU T 238 29.84 96.54 -20.24
CA GLU T 238 29.11 97.70 -19.72
C GLU T 238 29.38 98.97 -20.52
N ALA T 239 28.47 99.95 -20.40
CA ALA T 239 28.66 101.27 -21.00
C ALA T 239 27.76 102.33 -20.33
N TRP T 240 28.23 103.57 -20.29
CA TRP T 240 27.47 104.73 -19.79
C TRP T 240 27.35 105.80 -20.87
N GLY T 241 26.38 106.70 -20.68
CA GLY T 241 26.14 107.79 -21.62
C GLY T 241 27.22 108.85 -21.62
N ARG T 242 27.19 109.71 -22.65
CA ARG T 242 28.16 110.81 -22.80
C ARG T 242 27.46 112.15 -22.65
#